data_6PTJ
#
_entry.id   6PTJ
#
loop_
_entity.id
_entity.type
_entity.pdbx_description
1 polymer 'DNA replication complex GINS protein PSF1'
2 polymer 'DNA replication complex GINS protein PSF2'
3 polymer 'DNA replication complex GINS protein PSF3'
4 polymer 'DNA replication complex GINS protein SLD5'
5 polymer 'Cell division control protein 45'
6 polymer 'DNA replication licensing factor MCM2'
7 polymer 'DNA replication licensing factor MCM3'
8 polymer 'DNA replication licensing factor MCM4'
9 polymer 'Minichromosome maintenance protein 5'
10 polymer 'DNA replication licensing factor MCM6'
11 polymer 'DNA replication licensing factor MCM7'
12 polymer 'DNA polymerase alpha-binding protein'
#
loop_
_entity_poly.entity_id
_entity_poly.type
_entity_poly.pdbx_seq_one_letter_code
_entity_poly.pdbx_strand_id
1 'polypeptide(L)'
;MYGDLGNKLVLEAKRTKQLYARSNQDVNLPMYHEDIIRNILKEVSNLRKNTEYLKEQQQLGMLDDKVAKCQYFVTLLCME
RNKRCLLAYQRLRTDILDSMAWNNNGLDLMSSITFSQQDTNNLSHQEQEYLKEYCDLITDLKSGDLVDIDLSGSLVPPSD
VFIDVRVLKDAGEIQTEYGVFNLIKDSQFFVRQSDVERLIQQGYLQKI
;
A
2 'polypeptide(L)'
;MSLPAHLQQTFSPEEIQFIVENEPIKIFPRITTRQKIRGDDRGTGNHTRWQLITTDDKALNNMVAMRSTEVVLWIALLLK
QQSKCSIVAPQWLTTKELDRKIQYEKTHPDRFSELPWNWLVLARILFNKAKDDFHDPIHELRGKIQDLREIRQIKVLKGL
KYLNESHLQLDNLSLLEINELRPFITEIMDKLREIHTASLTAGTENDEEEFNI
;
B
3 'polypeptide(L)'
;MGYYDIDDVLADGTEFPCKFQYDIPGLGYLENNPGRPITKNTKLSLPLWLARILAIVGGDEALVDEEPVPFVELLPPDMF
STKVMNAIKTDPVALDLHSINSHFFSLAIKWIMLFSEKELANVVSELLLQRAQELNHHASSLSIDLNADSTGKNSANTNI
ATSTFLLKLEEMEKEIYKKSHESYKDTKRWMFKK
;
C
4 'polypeptide(L)'
;MDINIDDILAELDKETTAVDSTKITQGSSSTTHRDANTIVGSSLDLNDKTQIYVSPQQDFSDLMKSWKNERCSPELLPYP
HQLMKRLLNRISMQSQLIENISMGFLDMQNASNANPPMPNESKLPLLCMETELERLKFVIRSYIRCRLSKIDKFSLYLRQ
LNEDENSLISLTDLLSKDEIKYHDTHSLIWLKLVNDSILKYMPEELQAINDTEGSVNMIDEPDWNKFVFIHVNGPPDGKW
NEDPLLQENEFGKPCYTVTIPDLKEEVELTIGSIYVMRYEVIRDLLRDDKVALI
;
D
5 'polypeptide(L)'
;MYYGISQFSEAYNKILRNSSSHSSCQLVIFVSCLNIDALCATKMLSLLFKKQLVQSQIVPIFGYSELRRHYSQLDDNINS
LLLVGFGGVIDLEAFLEIDPQEYVIDTDEKSGEQSFRRDIYVLDAHRPWNLDNIFGSQIIQCFDDGTVDDTLGEQKEAYY
KLLELDEESGDDELSGDENDNNGGDDEATDADEVTDEDEEDEDETISNKRGNSSIGPNDLSKRKQRKKQIHEYEGVLEEY
YSQGTTVVNSISAQIYSLLSAIGETNLSNLWLNILGTTSLDIAYAQVYNRLYPLLQDEVKRLTPSSRNSVKTPDTLTLNI
QPDYYLFLLRHSSLYDSFYYSNYVNAKLSLWNENGKKRLHKMFARMGIPLSTAQETWLYMDHSIKRELGIIFDKNLDRYG
LQDIIRDGFVRTLGYRGSISASEFVEALTALLEVGNSTDKDSVKINNDNNDDTDGEEEEDNSAQKLTNLRKRWVSNFWLS
WDALDDRKVELLNRGIQLAQDLQRAIFNTGVAILEKKLIKHLRIYRLCVLQDGPDLDLYRNPLTLLRLGNWLIECCAESE
DKQLLPMVLASIDENTDTYLVAGLTPRYPRGLDTIHTKKPILNNFSMAFQQITAETDAKVRIDNFESSIIEIRREDLSPF
LEKLTLSGLL
;
c
6 'polypeptide(L)'
;MSDNRRRRREEDDSDSENELPPSSPQQHFRGGMNPVSSPIGSPDMINPEGDDNEVDDVPDIDEVEEQMNEVDLMDDNMYE
DYAADHNRDRYDPDQVDDREQQELSLSERRRIDAQLNERDRLLRNVAYIDDEDEEQEGAAQLDEMGLPVQRRRRRRQYED
LENSDDDLLSDMDIDPLREELTLESLSNVKANSYSEWITQPNVSRTIARELKSFLLEYTDETGRSVYGARIRTLGEMNSE
SLEVNYRHLAESKAILALFLAKCPEEMLKIFDLVAMEATELHYPDYARIHSEIHVRISDFPTIYSLRELRESNLSSLVRV
TGVVTRRTGVFPQLKYVKFNCLKCGSILGPFFQDSNEEIRISFCTNCKSKGPFRVNGEKTVYRNYQRVTLQEAPGTVPPG
RLPRHREVILLADLVDVSKPGEEVEVTGIYKNNYDGNLNAKNGFPVFATIIEANSIKRREGNTANEGEEGLDVFSWTEEE
EREFRKISRDRGIIDKIISSMAPSIYGHRDIKTAVACSLFGGVPKNVNGKHSIRGDINVLLLGDPGTAKSQILKYVEKTA
HRAVFATGQGASAVGLTASVRKDPITKEWTLEGGALVLADKGVCLIDEFDKMNDQDRTSIHEAMEQQSISISKAGIVTTL
QARCSIIAAANPNGGRYNSTLPLAQNVSLTEPILSRFDILCVVRDLVDEEADERLATFVVDSHVRSHPENDEDREGEELK
NNGESAIEQGEDEINEQLNARQRRLQRQRKKEEEISPIPQELLMKYIHYARTKIYPKLHQMDMDKVSRVYADLRRESIST
GSFPITVRHLESILRIAESFAKMRLSEFVSSYDLDRAIKVVVDSFVDAQKVSVRRQLRRSFAIYTLGH
;
2
7 'polypeptide(L)'
;MEGSTGFDGDATTFFAPDAVFGDRVRRFQEFLDTFTSYRDSVRSIQVYNSNNAANYNDDQDDADERDLLGDDDGDDLEKE
KKAASSTSLNILPHRIIISLDDLREFDRSFWSGILVEPAYFIPPAEKALTDLADSMDDVPHPNASAVSSRHPWKLSFKGS
FGAHALSPRTLTAQHLNKLVSVEGIVTKTSLVRPKLIRSVHYAAKTGRFHYRDYTDATTTLTTRIPTPAIYPTEDTEGNK
LTTEYGYSTFIDHQRITVQEMPEMAPAGQLPRSIDVILDDDLVDKTKPGDRVNVVGVFKSLGAGGMNQSNSNTLIGFKTL
ILGNTVYPLHARSTGVAARQMLTDFDIRNINKLSKKKDIFDILSQSLAPSIYGHDHIKKAILLMLMGGVEKNLENGSHLR
GDINILMVGDPSTAKSQLLRFVLNTASLAIATTGRGSSGVGLTAAVTTDRETGERRLEAGAMVLADRGVVCIDEFDKMTD
VDRVAIHEVMEQQTVTIAKAGIHTTLNARCSVIAAANPVFGQYDVNRDPHQNIALPDSLLSRFDLLFVVTDDINEIRDRS
ISEHVLRTHRYLPPGYLEGEPVRERLNLSLAVGEDADINPEEHSNSGAGVENEGEDDEDHVFEKFNPLLQAGAKLAKNKG
NYNGTEIPKLVTIPFLRKYVQYAKERVIPQLTQEAINVIVKNYTDLRNDDNTKKSPITARTLETLIRLATAHAKVRLSKT
VNKVDAKVAANLLRFALLGEDIGNDIDEEESEYEEALSKRSPQKSPKKRQRVRQPASNSGSPIKSTPRRSTASSVNATPS
SARRILRFQDDEQNAGEDDNDIMSPLPADEEAELQRRLQLGLRVSPRRREHLHAPEEGSSGPLTEVGTPRLPNVSSAGQD
DEQQQSVISFDNVEPGTISTGRLSLISGIIARLMQTEIFEEESYPVASLFERINEELPEEEKFSAQEYLAGLKIMSDRNN
LMVADDKVWRV
;
3
8 'polypeptide(L)'
;MSQQSSSPTKEDNNSSSPVVPNPDSVPPQLSSPALFYSSSSSQGDIYGRNNSQNLSQGEGNIRAAIGSSPLNFPSSSQRQ
NSDVFQSQGRQGRIRSSASASGRSRYHSDLRSDRALPTSSSSLGRNGQNRVHMRRNDIHTSDLSSPRRIVDFDTRSGVNT
LDTSSSSAPPSEASEPLRIIWGTNVSIQECTTNFRNFLMSFKYKFRKILDEREEFINNTTDEELYYIKQLNEMRELGTSN
LNLDARNLLAYKQTEDLYHQLLNYPQEVISIMDQTIKDCMVSLIVDNNLDYDLDEIETKFYKVRPYNVGSCKGMRELNPN
DIDKLINLKGLVLRSTPVIPDMKVAFFKCNVCDHTMAVEIDRGVIQEPARCERIDCNEPNSMSLIHNRCSFADKQVIKLQ
ETPDFVPDGQTPHSISLCVYDELVDSCRAGDRIEVTGTFRSIPIRANSRQRVLKSLYKTYVDVVHVKKVSDKRLDVDTST
IEQELMQNKVDHNEVEEVRQITDQDLAKIREVAAREDLYSLLARSIAPSIYELEDVKKGILLQLFGGTNKTFTKGGRYRG
DINILLCGDPSTSKSQILQYVHKITPRGVYTSGKGSSAVGLTAYITRDVDTKQLVLESGALVLSDGGVCCIDEFDKMSDS
TRSVLHEVMEQQTISIAKAGIITTLNARSSILASANPIGSRYNPNLPVTENIDLPPPLLSRFDLVYLVLDKVDEKNDREL
AKHLTNLYLEDKPEHISQDDVLPVEFLTMYISYAKEHIHPIITEAAKTELVRAYVGMRKMGDDSRSDEKRITATTRQLES
MIRLAEAHAKMKLKNVVELEDVQEAVRLIRSAIKDYATDPKTGKIDMNLVQTGKSVIQRKLQEDLSREIMNVLKDQASDS
MSFNELIKQINEHSQDRVESSDIQEALSRLQQEDKVIVLGEGVRRSVRLNNRV
;
4
9 'polypeptide(L)'
;MSFDRPEIYSAPVLQGESPNDDDNTEIIKSFKNFILEFRLDSQFIYRDQLRNNILVKNYSLTVNMEHLIGYNEDIYKKLS
DEPSDIIPLFETAITQVAKRISILSRAQSANNNDKDPENTSMDTDSLLLNSLPTFQLILNSNANQIPLRDLDSEHVSKIV
RLSGIIISTSVLSSRATYLSIMCRNCRHTTSITINNFNSITGNTVSLPRSCLSTIESESSMANESNIGDESTKKNCGPDP
YIIIHESSKFIDQQFLKLQEIPELVPVGEMPRNLTMTCDRYLTNKVIPGTRVTIVGIYSIYNSKNGAGSGRSGGGNGGSG
VAIRTPYIKILGIQSDVETSSIWNSVTMFTEEEEEEFLQLSRNPKLYEILTNSIAPSIFGNEDIKKAIVCLLMGGSKKIL
PDGMRLRGDINVLLLGDPGTAKSQLLKFVEKVSPIAVYTSGKGSSAAGLTASVQRDPMTREFYLEGGAMVLADGGVVCID
EFDKMRDEDRVAIHEAMEQQTISIAKAGITTVLNSRTSVLAAANPIYGRYDDLKSPGDNIDFQTTILSRFDMIFIVKDDH
NEERDISIANHVINIHTGNANAMQNQQEENGSEISIEKMKRYITYCRLKCAPRLSPQAAEKLSSNFVTIRKQLLINELES
TERSSIPITIRQLEAIIRITESLAKLELSPIAQERHVDEAIRLFQASTMDAASQDPIGGLNQASGTSLSEIRRFEQELKR
RLPIGWSTSYQTLRREFVDTHRFSQLALDKALYALEKHETIQLRHQGQNIYRSGV
;
5
10 'polypeptide(L)'
;MSSPFPADTPSSNRPSNSSPPPSSIGAGFGSSSGLDSQIGSRLHFPSSSQPHVSNSQTGPFVNDSTQFSSQRLQTDGSAT
NDMEGNEPARSFKSRALNHVKKVDDVTGEKVREAFEQFLEDFSVQSTDTGEVEKVYRAQIEFMKIYDLNTIYIDYQHLSM
RENGALAMAISEQYYRFLPFLQKGLRRVVRKYAPELLNTSDSLKRSEGDEGQADEDEQQDDDMNGSSLPRDSGSSAAPGN
GTSAMATRSITTSTSPEQTERVFQISFFNLPTVHRIRDIRSEKIGSLLSISGTVTRTSEVRPELYKASFTCDMCRAIVDN
VEQSFKYTEPTFCPNPSCENRAFWTLNVTRSRFLDWQKVRIQENANEIPTGSMPRTLDVILRGDSVERAKPGDRCKFTGV
EIVVPDVTQLGLPGVKPSSTLDTRGISKTTEGLNSGVTGLRSLGVRDLTYKISFLACHVISIGSNIGASSPDANSNNRET
ELQMAANLQANNVYQDNERDQEVFLNSLSSDEINELKEMVKDEHIYDKLVRSIAPAVFGHEAVKKGILLQMLGGVHKSTV
EGIKLRGDINICVVGDPSTSKSQFLKYVVGFAPRSVYTSGKASSAAGLTAAVVRDEEGGDYTIEAGALMLADNGICCIDE
FDKMDISDQVAIHEAMEQQTISIAKAGIHATLNARTSILAAANPVGGRYNRKLSLRGNLNMTAPIMSRFDLFFVILDDCN
EKIDTELASHIVDLHMKRDEAIEPPFSAEQLRRYIKYARTFKPILTKEARSYLVEKYKELRKDDAQGFSRSSYRITVRQL
ESMIRLSEAIARANCVDEITPSFIAEAYDLLRQSIIRVDVDDVEMDEEFDNIESQSHAASGNNDDNDDGTGSGVITSEPP
ADIEEGQSEATARPGTSEKKKTTVTYDKYVSMMNMIVRKIAEVDREGAEELTAVDIVDWYLLQKENDLGSLAEYWEERRL
AFKVIKRLVKDRILMEIHGTRHNLRDLENEENENNKTVYVIHPNCEVLDQLEPQDSS
;
6
11 'polypeptide(L)'
;MSAALPSIQLPVDYNNLFNEITDFLVTFKQDTLSSDATRNENEDENLDAENIEQHLLEKGPKYMAMLQKVANRELNSVII
DLDDILQYQNEKFLQGTQADDLVSAIQQNANHFTELFCRAIDNNMPLPTKEIDYKDDVLDVILNQRRLRNERMLSDRTNE
IRSENLMDTTMDPPSSMNDALREVVEDETELFPPNLTRRYFLYFKPLSQNCARRYRKKAISSKPLSVRQIKGDFLGQLIT
VRGIITRVSDVKPAVEVIAYTCDQCGYEVFQEVNSRTFTPLSECTSEECSQNQTKGQLFMSTRASKFSAFQECKIQELSQ
QVPVGHIPRSLNIHVNGTLVRSLSPGDIVDVTGIFLPAPYTGFKALKAGLLTETYLEAQFVRQHKKKFASFSLTSDVEER
VMELITSGDVYNRLAKSIAPEIYGNLDVKKALLLLLVGGVDKRVGDGMKIRGDINVCLMGDPGVAKSQLLKAICKISPRG
VYTTGKGSSGVGLTAAVMKDPVTDEMILEGGALVLADNGICCIDEFDKMDESDRTAIHEVMEQQTISISKAGINTTLNAR
TSILAAANPLYGRYNPRLSPLDNINLPAALLSRFDILFLMLDIPSRDDDEKLAEHVTYVHMHNKQPDLDFTPVEPSKMRE
YIAYAKTKRPVMSEAVNDYVVQAYIRLRQDSKREMDSKFSFGQATPRTLLGIIRLSQALAKLRLADMVDIDDVEEALRLV
RVSKESLYQETNKSKEDESPTTKIFTIIKKMLQETGKNTLSYENIVKTVRLRGFTMLQLSNCIQEYSYLNVWHLINEGNT
LKFVDDGTMDTDQEDSLVSTPKLAPQTTASANVSAQDSDIDLQDA
;
7
12 'polypeptide(L)'
;MVSVIDKLVFDFGGKTLVSLAPDNNTLCVANKNGLTKILKTNNPEEEPETLDSSKLVSSIKCYSNSHFLMTTMQGDALRY
NIDSSQEELLARFALPLRDCCVIHSGKMAVFGGDDLELILLELDDETHKKHAIKIDEQVSQISYNSQMNILAVSMINGKV
QIFSLTSTIPNKVHELNDYIVANSYDDTHRDKILSNMMDDIDKDNDNDLSETADPDENNVADPEFCAANRICTRVAWHPK
GLHFALPCADDTVKIFSIKGYSLQKTLSTNLSSTKAHFIDLQFDPLRGTYIAAVDLNNKLTVWNWETSEIHYTREFKRKI
TNIAWKIQADSKTLDLVLGTWSGSIAIVQNLAESVVSNIPDQSVAESSTKHGLFVDSESDLENLEGNDDINKSDKLFSDI
TQEANAEDVFTQTHDGPSGLSEKRKYNFEDEEDFIDDDDGAGYISGKKPHNEHSYSRVHKTHSFPISLANTGKFRYMPFS
PAGTPFGFTDRRYLTMNEVGYVSTVKNSEQYSITVSFFDVGRFREYHFEDLFGYDLCFLNEKGTLFGQSKTGQIQYRPHD
SIHSNWTKIIPLQAGERITSVAATPVRVIVGTSLGYFRSFNQFGVPFAVEKTSPIVALTAQNYRVFSVHYSQFHGLSYSL
SELGTSSKRYYKRECPLPMSLPNINSDMKKDANLDYYNFNPMGIKSLFFSSYGDPCIFGSDNTLLLLSKWRSPEESKWLP
ILDSNMEIWKMSGGKETTDIHVWPLALAYDTLNCILVKGKHIWPEFPLPLPSEMEIRMPVFVKSKLLEENKAILNKKNEI
GADTEAEEGEEDKEIQIPVSMAAEEEYLRSKVLSELLTDTLENDGEMYGNENEVLAALNGAYDKALLRLFASACSDQNVE
KALSLAHELKQDRALTAAVKISERAELPSLVKKINNIREARYEQQLK
;
E,F,G
#
# COMPACT_ATOMS: atom_id res chain seq x y z
N MET A 1 49.19 -39.00 26.94
CA MET A 1 50.14 -38.30 27.80
C MET A 1 51.54 -38.42 27.22
N TYR A 2 51.64 -38.25 25.91
CA TYR A 2 52.92 -38.30 25.23
C TYR A 2 53.18 -37.07 24.38
N GLY A 3 52.14 -36.50 23.78
CA GLY A 3 52.24 -35.24 23.09
C GLY A 3 51.06 -34.36 23.46
N ASP A 4 50.52 -34.59 24.66
CA ASP A 4 49.37 -33.84 25.18
C ASP A 4 49.67 -32.37 25.35
N LEU A 5 50.93 -32.00 25.60
CA LEU A 5 51.26 -30.60 25.78
C LEU A 5 51.23 -29.84 24.46
N GLY A 6 51.27 -30.55 23.34
CA GLY A 6 51.00 -29.92 22.06
C GLY A 6 49.56 -29.50 21.90
N ASN A 7 48.63 -30.25 22.49
CA ASN A 7 47.21 -29.94 22.34
C ASN A 7 46.73 -28.97 23.40
N LYS A 8 47.61 -28.54 24.31
CA LYS A 8 47.22 -27.51 25.25
C LYS A 8 47.82 -26.16 24.90
N LEU A 9 48.90 -26.14 24.13
CA LEU A 9 49.44 -24.88 23.68
C LEU A 9 48.70 -24.36 22.45
N VAL A 10 48.28 -25.25 21.56
CA VAL A 10 47.61 -24.86 20.33
C VAL A 10 46.23 -24.30 20.61
N LEU A 11 45.43 -25.01 21.42
CA LEU A 11 44.10 -24.54 21.78
C LEU A 11 44.16 -23.29 22.64
N GLU A 12 45.29 -23.05 23.31
CA GLU A 12 45.51 -21.76 23.95
C GLU A 12 45.70 -20.65 22.94
N ALA A 13 46.33 -20.93 21.80
CA ALA A 13 46.59 -19.92 20.79
C ALA A 13 45.37 -19.59 19.96
N LYS A 14 44.41 -20.51 19.85
CA LYS A 14 43.22 -20.28 19.04
C LYS A 14 42.30 -19.22 19.63
N ARG A 15 42.42 -18.95 20.93
CA ARG A 15 41.68 -17.86 21.53
C ARG A 15 42.11 -16.50 21.02
N THR A 16 43.41 -16.28 20.83
CA THR A 16 43.88 -14.97 20.41
C THR A 16 43.57 -14.67 18.96
N LYS A 17 43.42 -15.71 18.13
CA LYS A 17 43.01 -15.48 16.75
C LYS A 17 41.56 -15.04 16.68
N GLN A 18 40.74 -15.43 17.66
CA GLN A 18 39.33 -15.07 17.64
C GLN A 18 39.01 -13.89 18.54
N LEU A 19 40.01 -13.23 19.09
CA LEU A 19 39.81 -11.89 19.60
C LEU A 19 40.21 -10.84 18.57
N TYR A 20 40.98 -11.23 17.57
CA TYR A 20 41.35 -10.34 16.49
C TYR A 20 40.34 -10.34 15.36
N ALA A 21 39.47 -11.35 15.29
CA ALA A 21 38.79 -11.66 14.04
C ALA A 21 37.60 -10.76 13.78
N ARG A 22 36.66 -10.71 14.73
CA ARG A 22 35.32 -10.24 14.37
C ARG A 22 35.24 -8.71 14.30
N SER A 23 35.33 -8.03 15.42
CA SER A 23 35.13 -6.59 15.38
C SER A 23 36.20 -5.82 16.12
N ASN A 24 36.84 -6.43 17.10
CA ASN A 24 37.68 -5.70 18.03
C ASN A 24 39.15 -5.83 17.65
N GLN A 25 39.94 -4.94 18.21
CA GLN A 25 41.39 -4.98 18.05
C GLN A 25 41.98 -5.98 19.03
N ASP A 26 43.29 -6.23 18.89
CA ASP A 26 43.98 -6.98 19.93
C ASP A 26 44.98 -6.09 20.62
N VAL A 27 44.55 -4.86 20.92
CA VAL A 27 45.12 -4.15 22.06
C VAL A 27 44.94 -5.04 23.29
N ASN A 28 45.98 -5.06 24.13
CA ASN A 28 46.13 -5.99 25.24
C ASN A 28 46.14 -7.45 24.75
N LEU A 29 47.22 -7.79 24.04
CA LEU A 29 47.65 -9.17 23.93
C LEU A 29 47.70 -9.81 25.31
N PRO A 30 47.16 -11.03 25.48
CA PRO A 30 46.87 -11.55 26.82
C PRO A 30 48.06 -11.73 27.75
N MET A 31 48.98 -12.61 27.39
CA MET A 31 50.12 -12.96 28.22
C MET A 31 51.01 -13.90 27.44
N TYR A 32 52.29 -13.90 27.76
CA TYR A 32 53.17 -14.95 27.26
C TYR A 32 53.04 -16.15 28.18
N HIS A 33 52.41 -17.21 27.70
CA HIS A 33 52.25 -18.42 28.51
C HIS A 33 53.56 -19.17 28.54
N GLU A 34 54.22 -19.20 29.68
CA GLU A 34 55.57 -19.72 29.78
C GLU A 34 55.66 -21.00 30.58
N ASP A 35 54.68 -21.28 31.44
CA ASP A 35 54.76 -22.47 32.28
C ASP A 35 54.44 -23.73 31.48
N ILE A 36 53.69 -23.59 30.41
CA ILE A 36 53.48 -24.72 29.52
C ILE A 36 54.65 -24.86 28.56
N ILE A 37 55.44 -23.79 28.38
CA ILE A 37 56.63 -23.90 27.55
C ILE A 37 57.71 -24.71 28.26
N ARG A 38 57.93 -24.44 29.55
CA ARG A 38 58.95 -25.16 30.31
C ARG A 38 58.62 -26.64 30.46
N ASN A 39 57.34 -26.98 30.45
CA ASN A 39 56.93 -28.38 30.49
C ASN A 39 57.14 -29.06 29.14
N ILE A 40 57.06 -28.31 28.04
CA ILE A 40 57.40 -28.89 26.74
C ILE A 40 58.91 -29.00 26.61
N LEU A 41 59.64 -27.98 27.06
CA LEU A 41 61.08 -27.97 26.89
C LEU A 41 61.77 -28.99 27.79
N LYS A 42 61.11 -29.41 28.87
CA LYS A 42 61.65 -30.48 29.68
C LYS A 42 61.59 -31.82 28.96
N GLU A 43 60.59 -32.04 28.12
CA GLU A 43 60.44 -33.36 27.51
C GLU A 43 61.36 -33.52 26.30
N VAL A 44 61.65 -32.43 25.59
CA VAL A 44 62.61 -32.56 24.49
C VAL A 44 64.04 -32.66 24.99
N SER A 45 64.31 -32.28 26.23
CA SER A 45 65.58 -32.66 26.83
C SER A 45 65.57 -34.14 27.21
N ASN A 46 64.42 -34.67 27.62
CA ASN A 46 64.34 -36.07 27.98
C ASN A 46 64.34 -36.96 26.76
N LEU A 47 63.79 -36.49 25.64
CA LEU A 47 63.79 -37.35 24.46
C LEU A 47 65.11 -37.29 23.72
N ARG A 48 65.94 -36.30 24.02
CA ARG A 48 67.32 -36.40 23.58
C ARG A 48 68.09 -37.39 24.45
N LYS A 49 67.66 -37.58 25.70
CA LYS A 49 68.40 -38.42 26.63
C LYS A 49 68.33 -39.89 26.25
N ASN A 50 67.31 -40.28 25.46
CA ASN A 50 67.19 -41.65 25.03
C ASN A 50 67.88 -41.92 23.70
N THR A 51 67.95 -40.94 22.80
CA THR A 51 68.53 -41.20 21.49
C THR A 51 70.05 -41.22 21.54
N GLU A 52 70.65 -40.62 22.56
CA GLU A 52 72.07 -40.85 22.78
C GLU A 52 72.31 -42.08 23.65
N TYR A 53 71.31 -42.44 24.46
CA TYR A 53 71.38 -43.67 25.24
C TYR A 53 71.42 -44.90 24.35
N LEU A 54 70.62 -44.92 23.29
CA LEU A 54 70.63 -46.06 22.39
C LEU A 54 71.81 -46.01 21.42
N LYS A 55 72.54 -44.90 21.35
CA LYS A 55 73.62 -44.80 20.38
C LYS A 55 74.84 -45.58 20.84
N GLU A 56 75.13 -45.58 22.13
CA GLU A 56 76.18 -46.45 22.65
C GLU A 56 75.76 -47.90 22.65
N GLN A 57 74.49 -48.19 22.90
CA GLN A 57 74.06 -49.56 23.11
C GLN A 57 73.84 -50.29 21.79
N GLN A 58 73.61 -49.55 20.71
CA GLN A 58 73.53 -50.17 19.39
C GLN A 58 74.90 -50.52 18.83
N GLN A 59 75.97 -50.07 19.47
CA GLN A 59 77.30 -50.47 19.03
C GLN A 59 77.87 -51.56 19.92
N LEU A 60 77.19 -51.89 21.02
CA LEU A 60 77.63 -52.95 21.90
C LEU A 60 76.68 -54.13 21.96
N GLY A 61 75.41 -53.90 22.29
CA GLY A 61 74.48 -54.99 22.50
C GLY A 61 73.52 -55.26 21.37
N MET A 62 72.95 -54.20 20.79
CA MET A 62 71.99 -54.38 19.71
C MET A 62 72.64 -54.75 18.39
N LEU A 63 73.73 -54.06 18.02
CA LEU A 63 74.53 -54.31 16.81
C LEU A 63 73.69 -54.22 15.53
N ASP A 64 73.18 -53.00 15.26
CA ASP A 64 72.49 -52.64 14.02
C ASP A 64 71.24 -53.49 13.80
N ASP A 65 70.30 -53.40 14.74
CA ASP A 65 69.07 -54.16 14.68
C ASP A 65 67.95 -53.32 14.06
N LYS A 66 67.16 -53.97 13.20
CA LYS A 66 66.09 -53.28 12.50
C LYS A 66 64.93 -52.92 13.42
N VAL A 67 64.62 -53.79 14.39
CA VAL A 67 63.61 -53.46 15.39
C VAL A 67 64.11 -52.33 16.29
N ALA A 68 65.41 -52.30 16.56
CA ALA A 68 66.00 -51.18 17.28
C ALA A 68 66.07 -49.91 16.44
N LYS A 69 65.93 -50.02 15.12
CA LYS A 69 65.89 -48.83 14.29
C LYS A 69 64.52 -48.16 14.35
N CYS A 70 63.52 -48.85 14.88
CA CYS A 70 62.20 -48.23 15.05
C CYS A 70 62.20 -47.17 16.12
N GLN A 71 63.01 -47.32 17.17
CA GLN A 71 63.03 -46.32 18.23
C GLN A 71 63.69 -45.04 17.76
N TYR A 72 64.64 -45.13 16.84
CA TYR A 72 65.15 -43.94 16.16
C TYR A 72 64.12 -43.34 15.22
N PHE A 73 63.13 -44.14 14.82
CA PHE A 73 62.11 -43.67 13.89
C PHE A 73 60.85 -43.23 14.62
N VAL A 74 60.73 -43.53 15.91
CA VAL A 74 59.58 -43.05 16.67
C VAL A 74 59.97 -41.83 17.48
N THR A 75 61.10 -41.89 18.18
CA THR A 75 61.52 -40.76 18.99
C THR A 75 62.00 -39.58 18.15
N LEU A 76 62.24 -39.78 16.86
CA LEU A 76 62.42 -38.65 15.97
C LEU A 76 61.12 -37.88 15.80
N LEU A 77 59.99 -38.59 15.79
CA LEU A 77 58.73 -37.96 15.42
C LEU A 77 58.21 -37.03 16.50
N CYS A 78 58.35 -37.40 17.77
CA CYS A 78 57.81 -36.56 18.82
C CYS A 78 58.66 -35.30 19.01
N MET A 79 59.86 -35.28 18.45
CA MET A 79 60.59 -34.02 18.33
C MET A 79 59.94 -33.12 17.29
N GLU A 80 59.38 -33.71 16.23
CA GLU A 80 58.74 -32.90 15.20
C GLU A 80 57.41 -32.33 15.67
N ARG A 81 56.61 -33.16 16.35
CA ARG A 81 55.27 -32.77 16.76
C ARG A 81 55.32 -31.65 17.79
N ASN A 82 56.33 -31.63 18.64
CA ASN A 82 56.44 -30.52 19.57
C ASN A 82 57.18 -29.35 18.96
N LYS A 83 57.88 -29.57 17.85
CA LYS A 83 58.45 -28.44 17.13
C LYS A 83 57.36 -27.66 16.42
N ARG A 84 56.38 -28.36 15.86
CA ARG A 84 55.35 -27.70 15.08
C ARG A 84 54.36 -26.96 15.95
N CYS A 85 54.10 -27.46 17.16
CA CYS A 85 53.22 -26.72 18.06
C CYS A 85 53.94 -25.52 18.68
N LEU A 86 55.27 -25.50 18.59
CA LEU A 86 56.02 -24.38 19.15
C LEU A 86 56.36 -23.35 18.10
N LEU A 87 56.13 -23.63 16.83
CA LEU A 87 56.29 -22.61 15.81
C LEU A 87 54.95 -22.03 15.38
N ALA A 88 53.89 -22.80 15.51
CA ALA A 88 52.57 -22.25 15.22
C ALA A 88 52.15 -21.23 16.25
N TYR A 89 52.66 -21.35 17.47
CA TYR A 89 52.29 -20.40 18.50
C TYR A 89 53.07 -19.11 18.37
N GLN A 90 54.35 -19.19 18.01
CA GLN A 90 55.15 -17.98 18.03
C GLN A 90 55.25 -17.33 16.67
N ARG A 91 54.52 -17.84 15.68
CA ARG A 91 54.29 -17.06 14.49
C ARG A 91 53.00 -16.28 14.60
N LEU A 92 51.99 -16.88 15.23
CA LEU A 92 50.72 -16.21 15.46
C LEU A 92 50.87 -15.02 16.39
N ARG A 93 51.72 -15.12 17.41
CA ARG A 93 51.97 -13.98 18.26
C ARG A 93 52.87 -12.95 17.57
N THR A 94 53.46 -13.29 16.44
CA THR A 94 54.35 -12.34 15.79
C THR A 94 53.57 -11.37 14.91
N ASP A 95 52.60 -11.86 14.15
CA ASP A 95 51.93 -11.00 13.17
C ASP A 95 51.04 -9.96 13.84
N ILE A 96 50.52 -10.24 15.03
CA ILE A 96 49.77 -9.22 15.74
C ILE A 96 50.71 -8.15 16.24
N LEU A 97 51.94 -8.53 16.59
CA LEU A 97 52.97 -7.55 16.87
C LEU A 97 53.52 -6.95 15.60
N ASP A 98 53.23 -7.56 14.45
CA ASP A 98 53.55 -6.92 13.19
C ASP A 98 52.50 -5.90 12.80
N SER A 99 51.23 -6.18 13.07
CA SER A 99 50.19 -5.23 12.70
C SER A 99 50.16 -4.03 13.65
N MET A 100 50.43 -4.25 14.94
CA MET A 100 50.37 -3.16 15.91
C MET A 100 51.49 -2.15 15.71
N ALA A 101 52.60 -2.56 15.13
CA ALA A 101 53.65 -1.62 14.76
C ALA A 101 53.42 -1.01 13.40
N TRP A 102 52.29 -1.32 12.79
CA TRP A 102 51.99 -0.94 11.42
C TRP A 102 50.74 -0.09 11.34
N ASN A 103 50.00 0.08 12.43
CA ASN A 103 48.81 0.91 12.49
C ASN A 103 48.92 2.09 13.42
N ASN A 104 49.44 1.90 14.62
CA ASN A 104 49.40 2.96 15.62
C ASN A 104 50.75 3.10 16.31
N ASN A 105 51.83 3.17 15.53
CA ASN A 105 53.15 3.47 16.05
C ASN A 105 53.94 4.09 14.91
N GLY A 106 54.37 5.33 15.11
CA GLY A 106 55.07 6.06 14.08
C GLY A 106 54.12 6.86 13.22
N LEU A 107 52.98 7.25 13.78
CA LEU A 107 51.94 7.97 13.05
C LEU A 107 51.61 9.27 13.75
N ASP A 108 52.16 10.37 13.22
CA ASP A 108 52.19 11.70 13.86
C ASP A 108 52.78 11.65 15.27
N LEU A 109 53.71 10.73 15.49
CA LEU A 109 54.43 10.66 16.75
C LEU A 109 55.92 10.75 16.43
N MET A 110 56.34 10.00 15.41
CA MET A 110 57.68 9.95 14.77
C MET A 110 58.78 9.42 15.68
N SER A 111 58.50 9.25 16.98
CA SER A 111 59.31 8.45 17.90
C SER A 111 58.36 8.06 19.03
N SER A 112 57.75 6.89 18.93
CA SER A 112 56.78 6.45 19.92
C SER A 112 57.28 5.16 20.53
N ILE A 113 58.17 5.28 21.51
CA ILE A 113 58.64 4.15 22.30
C ILE A 113 57.63 3.79 23.38
N THR A 114 57.33 4.74 24.26
CA THR A 114 56.26 4.62 25.23
C THR A 114 54.97 5.14 24.60
N PHE A 115 53.94 5.35 25.44
CA PHE A 115 52.64 5.97 25.15
C PHE A 115 51.74 5.10 24.27
N SER A 116 52.25 3.99 23.73
CA SER A 116 51.48 3.05 22.94
C SER A 116 51.91 1.65 23.34
N GLN A 117 51.02 0.69 23.09
CA GLN A 117 51.13 -0.71 23.54
C GLN A 117 51.38 -0.76 25.05
N GLN A 118 50.36 -0.35 25.79
CA GLN A 118 50.50 0.01 27.19
C GLN A 118 50.73 -1.16 28.16
N ASP A 119 50.83 -2.38 27.64
CA ASP A 119 51.13 -3.51 28.51
C ASP A 119 52.59 -3.49 28.92
N THR A 120 53.47 -3.70 27.93
CA THR A 120 54.92 -3.89 28.08
C THR A 120 55.31 -4.95 29.11
N ASN A 121 54.41 -5.87 29.43
CA ASN A 121 54.65 -6.94 30.38
C ASN A 121 54.24 -8.30 29.86
N ASN A 122 53.28 -8.37 28.95
CA ASN A 122 52.82 -9.65 28.43
C ASN A 122 53.76 -10.23 27.38
N LEU A 123 54.78 -9.48 26.99
CA LEU A 123 55.76 -9.95 26.04
C LEU A 123 56.98 -10.47 26.78
N SER A 124 57.66 -11.43 26.19
CA SER A 124 58.88 -11.95 26.78
C SER A 124 60.04 -10.97 26.56
N HIS A 125 61.20 -11.33 27.11
CA HIS A 125 62.41 -10.54 26.85
C HIS A 125 62.85 -10.60 25.40
N GLN A 126 62.56 -11.71 24.71
CA GLN A 126 62.97 -11.83 23.32
C GLN A 126 61.97 -11.18 22.39
N GLU A 127 60.67 -11.26 22.71
CA GLU A 127 59.67 -10.62 21.88
C GLU A 127 59.59 -9.12 22.13
N GLN A 128 60.25 -8.61 23.15
CA GLN A 128 60.23 -7.17 23.36
C GLN A 128 61.42 -6.50 22.71
N GLU A 129 62.42 -7.27 22.30
CA GLU A 129 63.52 -6.69 21.55
C GLU A 129 63.36 -6.90 20.06
N TYR A 130 62.57 -7.90 19.66
CA TYR A 130 62.24 -8.06 18.25
C TYR A 130 61.41 -6.90 17.75
N LEU A 131 60.44 -6.46 18.53
CA LEU A 131 59.54 -5.39 18.13
C LEU A 131 60.26 -4.07 17.97
N LYS A 132 61.12 -3.73 18.94
CA LYS A 132 61.76 -2.42 18.95
C LYS A 132 62.74 -2.23 17.81
N GLU A 133 63.30 -3.31 17.28
CA GLU A 133 64.14 -3.15 16.10
C GLU A 133 63.32 -3.11 14.84
N TYR A 134 62.15 -3.75 14.86
CA TYR A 134 61.33 -3.81 13.66
C TYR A 134 60.75 -2.45 13.31
N CYS A 135 60.50 -1.60 14.30
CA CYS A 135 60.01 -0.25 14.00
C CYS A 135 61.08 0.63 13.37
N ASP A 136 62.36 0.29 13.54
CA ASP A 136 63.40 1.00 12.82
C ASP A 136 63.60 0.45 11.42
N LEU A 137 63.00 -0.70 11.11
CA LEU A 137 63.05 -1.20 9.75
C LEU A 137 62.04 -0.50 8.87
N ILE A 138 60.90 -0.12 9.43
CA ILE A 138 59.89 0.67 8.73
C ILE A 138 60.42 2.00 8.24
N THR A 139 61.10 2.77 9.09
CA THR A 139 61.51 4.12 8.76
C THR A 139 62.62 4.17 7.71
N ASP A 140 63.23 3.03 7.38
CA ASP A 140 64.07 2.98 6.20
C ASP A 140 63.25 3.09 4.92
N LEU A 141 62.07 2.49 4.89
CA LEU A 141 61.23 2.48 3.70
C LEU A 141 60.63 3.84 3.40
N LYS A 142 60.18 4.57 4.41
CA LYS A 142 59.55 5.87 4.23
C LYS A 142 60.55 6.98 3.93
N SER A 143 61.84 6.66 3.82
CA SER A 143 62.85 7.64 3.47
C SER A 143 63.34 7.51 2.04
N GLY A 144 62.90 6.49 1.30
CA GLY A 144 63.36 6.31 -0.06
C GLY A 144 62.25 6.32 -1.09
N ASP A 145 61.01 6.58 -0.63
CA ASP A 145 59.87 6.74 -1.51
C ASP A 145 59.55 8.20 -1.80
N LEU A 146 59.28 8.97 -0.73
CA LEU A 146 58.84 10.37 -0.79
C LEU A 146 57.54 10.54 -1.59
N VAL A 147 56.73 9.48 -1.62
CA VAL A 147 55.33 9.55 -2.02
C VAL A 147 54.66 10.35 -0.92
N ASP A 148 54.83 9.87 0.30
CA ASP A 148 54.48 10.61 1.49
C ASP A 148 55.37 10.10 2.62
N ILE A 149 55.87 11.04 3.42
CA ILE A 149 56.64 10.72 4.61
C ILE A 149 55.72 10.01 5.58
N ASP A 150 56.11 8.79 5.97
CA ASP A 150 55.28 7.85 6.71
C ASP A 150 54.00 7.52 5.95
N LEU A 151 54.18 6.68 4.92
CA LEU A 151 53.12 6.14 4.06
C LEU A 151 52.20 5.16 4.79
N SER A 152 52.26 5.07 6.11
CA SER A 152 51.67 3.95 6.84
C SER A 152 50.15 3.95 6.80
N GLY A 153 49.53 4.93 7.44
CA GLY A 153 48.10 4.86 7.70
C GLY A 153 47.23 5.15 6.50
N SER A 154 45.92 5.27 6.77
CA SER A 154 44.88 5.69 5.82
C SER A 154 44.78 4.77 4.59
N LEU A 155 44.35 3.53 4.83
CA LEU A 155 43.96 2.68 3.72
C LEU A 155 42.48 2.82 3.38
N VAL A 156 41.82 3.87 3.85
CA VAL A 156 40.48 4.21 3.37
C VAL A 156 40.60 5.11 2.15
N PRO A 157 39.83 4.89 1.08
CA PRO A 157 39.96 5.72 -0.09
C PRO A 157 39.47 7.12 0.17
N PRO A 158 40.05 8.13 -0.47
CA PRO A 158 39.70 9.52 -0.17
C PRO A 158 38.41 9.91 -0.85
N SER A 159 37.58 10.68 -0.14
CA SER A 159 36.36 11.26 -0.68
C SER A 159 36.00 12.42 0.23
N ASP A 160 35.28 13.41 -0.32
CA ASP A 160 34.66 14.51 0.43
C ASP A 160 35.74 15.32 1.17
N VAL A 161 36.50 16.06 0.37
CA VAL A 161 37.73 16.76 0.73
C VAL A 161 37.59 17.68 1.95
N PHE A 162 36.43 18.29 2.14
CA PHE A 162 36.21 19.16 3.29
C PHE A 162 35.24 18.49 4.26
N ILE A 163 35.68 18.23 5.49
CA ILE A 163 34.89 17.48 6.46
C ILE A 163 34.64 18.32 7.69
N ASP A 164 33.74 17.85 8.54
CA ASP A 164 33.41 18.50 9.80
C ASP A 164 33.99 17.72 10.98
N VAL A 165 34.79 18.39 11.79
CA VAL A 165 35.57 17.74 12.83
C VAL A 165 35.20 18.35 14.16
N ARG A 166 34.65 17.54 15.06
CA ARG A 166 34.18 17.98 16.36
C ARG A 166 35.14 17.53 17.44
N VAL A 167 35.60 18.44 18.27
CA VAL A 167 36.58 18.14 19.31
C VAL A 167 35.90 17.40 20.43
N LEU A 168 36.45 16.25 20.81
CA LEU A 168 35.94 15.48 21.93
C LEU A 168 36.90 15.61 23.10
N LYS A 169 36.74 16.69 23.88
CA LYS A 169 37.11 16.76 25.29
C LYS A 169 38.61 16.61 25.53
N ASP A 170 39.41 17.12 24.61
CA ASP A 170 40.85 17.02 24.75
C ASP A 170 41.49 18.37 24.43
N ALA A 171 41.77 19.17 25.45
CA ALA A 171 42.33 20.49 25.24
C ALA A 171 43.84 20.36 25.06
N GLY A 172 44.50 21.50 24.90
CA GLY A 172 45.94 21.48 24.79
C GLY A 172 46.54 22.43 23.77
N GLU A 173 45.74 22.81 22.75
CA GLU A 173 46.15 23.52 21.53
C GLU A 173 47.50 23.04 20.99
N ILE A 174 47.55 21.74 20.73
CA ILE A 174 48.81 21.02 20.69
C ILE A 174 49.54 21.19 19.37
N GLN A 175 48.81 21.33 18.27
CA GLN A 175 49.40 21.11 16.95
C GLN A 175 50.20 22.33 16.55
N THR A 176 51.37 22.09 15.94
CA THR A 176 52.20 23.16 15.38
C THR A 176 52.37 23.04 13.88
N GLU A 177 52.45 21.82 13.34
CA GLU A 177 52.58 21.61 11.90
C GLU A 177 51.33 22.08 11.17
N TYR A 178 51.54 22.75 10.04
CA TYR A 178 50.50 23.40 9.23
C TYR A 178 49.64 24.36 10.03
N GLY A 179 50.23 25.08 10.96
CA GLY A 179 49.51 26.08 11.72
C GLY A 179 49.03 25.56 13.06
N VAL A 180 48.88 26.47 14.01
CA VAL A 180 48.32 26.12 15.30
C VAL A 180 46.82 25.90 15.14
N PHE A 181 46.21 25.12 16.03
CA PHE A 181 44.78 24.92 15.99
C PHE A 181 43.98 25.63 17.07
N ASN A 182 44.61 26.02 18.19
CA ASN A 182 43.98 26.73 19.30
C ASN A 182 42.80 25.94 19.86
N LEU A 183 43.10 24.70 20.20
CA LEU A 183 42.08 23.68 20.38
C LEU A 183 41.36 23.87 21.71
N ILE A 184 40.05 24.11 21.65
CA ILE A 184 39.21 24.21 22.83
C ILE A 184 38.20 23.07 22.78
N LYS A 185 37.64 22.72 23.93
CA LYS A 185 36.72 21.60 23.98
C LYS A 185 35.37 21.97 23.40
N ASP A 186 34.79 21.04 22.62
CA ASP A 186 33.44 21.09 22.07
C ASP A 186 33.23 22.30 21.16
N SER A 187 33.92 22.28 20.02
CA SER A 187 33.88 23.36 19.06
C SER A 187 34.27 22.80 17.70
N GLN A 188 33.33 22.77 16.75
CA GLN A 188 33.63 21.99 15.56
C GLN A 188 34.17 22.86 14.44
N PHE A 189 34.76 22.20 13.45
CA PHE A 189 35.63 22.82 12.45
C PHE A 189 35.06 22.65 11.06
N PHE A 190 35.79 23.10 10.05
CA PHE A 190 35.47 22.82 8.65
C PHE A 190 36.70 22.54 7.80
N VAL A 191 37.70 21.83 8.33
CA VAL A 191 39.00 21.80 7.67
C VAL A 191 39.12 20.58 6.77
N ARG A 192 40.15 20.62 5.91
CA ARG A 192 40.37 19.56 4.93
C ARG A 192 40.98 18.33 5.57
N GLN A 193 40.82 17.21 4.88
CA GLN A 193 41.07 15.91 5.47
C GLN A 193 42.56 15.58 5.56
N SER A 194 43.43 16.45 5.04
CA SER A 194 44.86 16.17 5.06
C SER A 194 45.49 16.40 6.42
N ASP A 195 44.98 17.34 7.20
CA ASP A 195 45.63 17.72 8.45
C ASP A 195 45.00 17.09 9.68
N VAL A 196 43.95 16.29 9.52
CA VAL A 196 43.26 15.76 10.68
C VAL A 196 43.46 14.26 10.81
N GLU A 197 43.87 13.61 9.72
CA GLU A 197 44.11 12.17 9.76
C GLU A 197 45.28 11.81 10.65
N ARG A 198 46.18 12.76 10.89
CA ARG A 198 47.24 12.61 11.86
C ARG A 198 46.74 12.79 13.29
N LEU A 199 45.51 13.28 13.48
CA LEU A 199 44.92 13.42 14.80
C LEU A 199 43.62 12.66 14.98
N ILE A 200 42.96 12.25 13.89
CA ILE A 200 41.73 11.47 14.05
C ILE A 200 42.04 10.04 14.51
N GLN A 201 43.28 9.60 14.40
CA GLN A 201 43.70 8.28 14.83
C GLN A 201 44.13 8.24 16.29
N GLN A 202 44.34 9.39 16.91
CA GLN A 202 44.83 9.41 18.28
C GLN A 202 43.70 9.28 19.29
N GLY A 203 42.46 9.18 18.83
CA GLY A 203 41.33 9.11 19.73
C GLY A 203 41.02 10.48 20.26
N TYR A 204 41.21 11.48 19.40
CA TYR A 204 41.40 12.84 19.83
C TYR A 204 40.37 13.79 19.24
N LEU A 205 39.89 13.50 18.02
CA LEU A 205 38.80 14.21 17.36
C LEU A 205 37.84 13.17 16.80
N GLN A 206 36.59 13.20 17.25
CA GLN A 206 35.76 12.01 17.12
C GLN A 206 35.06 11.88 15.77
N LYS A 207 34.68 12.97 15.14
CA LYS A 207 33.76 12.86 14.02
C LYS A 207 34.52 12.81 12.71
N ILE A 208 33.95 12.15 11.72
CA ILE A 208 34.53 12.13 10.39
C ILE A 208 34.01 13.29 9.60
N LEU B 3 50.79 -4.84 5.35
CA LEU B 3 49.81 -5.78 5.87
C LEU B 3 48.45 -5.13 6.00
N PRO B 4 47.57 -5.36 5.02
CA PRO B 4 46.21 -4.80 5.13
C PRO B 4 45.39 -5.48 6.21
N ALA B 5 45.32 -6.81 6.12
CA ALA B 5 44.86 -7.72 7.18
C ALA B 5 43.39 -7.58 7.53
N HIS B 6 42.66 -6.64 6.94
CA HIS B 6 41.22 -6.58 7.15
C HIS B 6 40.53 -7.64 6.33
N LEU B 7 40.63 -7.55 5.01
CA LEU B 7 40.05 -8.52 4.11
C LEU B 7 41.07 -9.10 3.14
N GLN B 8 41.94 -8.28 2.57
CA GLN B 8 43.21 -8.64 1.92
C GLN B 8 43.11 -9.57 0.71
N GLN B 9 41.91 -9.95 0.31
CA GLN B 9 41.73 -10.80 -0.85
C GLN B 9 40.59 -10.36 -1.74
N THR B 10 39.74 -9.45 -1.27
CA THR B 10 38.64 -8.91 -2.05
C THR B 10 38.78 -7.40 -2.13
N PHE B 11 37.82 -6.77 -2.80
CA PHE B 11 37.70 -5.34 -2.75
C PHE B 11 36.66 -4.94 -1.71
N SER B 12 37.03 -4.08 -0.88
CA SER B 12 36.00 -3.58 0.02
C SER B 12 35.12 -2.59 -0.71
N PRO B 13 33.83 -2.49 -0.37
CA PRO B 13 32.93 -1.68 -1.20
C PRO B 13 33.06 -0.19 -1.03
N GLU B 14 34.14 0.31 -0.44
CA GLU B 14 34.53 1.69 -0.65
C GLU B 14 35.62 1.80 -1.70
N GLU B 15 36.21 0.69 -2.10
CA GLU B 15 37.12 0.66 -3.24
C GLU B 15 36.41 0.25 -4.51
N ILE B 16 35.09 0.21 -4.51
CA ILE B 16 34.35 0.03 -5.76
C ILE B 16 33.74 1.35 -6.21
N GLN B 17 33.41 2.23 -5.27
CA GLN B 17 33.11 3.58 -5.71
C GLN B 17 34.35 4.36 -6.10
N PHE B 18 35.54 3.80 -5.95
CA PHE B 18 36.73 4.48 -6.46
C PHE B 18 37.01 4.10 -7.90
N ILE B 19 36.57 2.93 -8.35
CA ILE B 19 36.84 2.58 -9.73
C ILE B 19 35.80 3.18 -10.67
N VAL B 20 34.52 3.19 -10.27
CA VAL B 20 33.46 3.70 -11.13
C VAL B 20 33.56 5.21 -11.31
N GLU B 21 34.25 5.88 -10.41
CA GLU B 21 34.47 7.31 -10.57
C GLU B 21 35.60 7.66 -11.53
N ASN B 22 35.96 6.78 -12.44
CA ASN B 22 36.90 7.15 -13.49
C ASN B 22 36.30 7.03 -14.88
N GLU B 23 35.00 7.00 -15.00
CA GLU B 23 34.35 6.86 -16.29
C GLU B 23 33.56 8.12 -16.64
N PRO B 24 33.65 8.59 -17.88
CA PRO B 24 33.12 9.92 -18.21
C PRO B 24 31.62 9.93 -18.39
N ILE B 25 31.01 11.06 -18.05
CA ILE B 25 29.62 11.38 -18.35
C ILE B 25 29.56 12.79 -18.91
N LYS B 26 28.34 13.28 -19.13
CA LYS B 26 28.11 14.59 -19.72
C LYS B 26 27.57 15.54 -18.65
N ILE B 27 27.88 16.82 -18.76
CA ILE B 27 27.32 17.81 -17.85
C ILE B 27 26.75 18.98 -18.62
N PHE B 28 25.94 19.80 -17.97
CA PHE B 28 25.49 21.08 -18.51
C PHE B 28 26.05 22.15 -17.59
N PRO B 29 27.17 22.76 -17.95
CA PRO B 29 27.90 23.59 -17.00
C PRO B 29 27.21 24.92 -16.79
N ARG B 30 27.67 25.63 -15.76
CA ARG B 30 27.10 26.93 -15.42
C ARG B 30 28.18 27.97 -15.16
N ILE B 31 29.44 27.65 -15.45
CA ILE B 31 30.51 28.62 -15.42
C ILE B 31 31.28 28.47 -16.73
N THR B 32 31.45 29.57 -17.45
CA THR B 32 31.96 29.45 -18.80
C THR B 32 33.46 29.21 -18.81
N THR B 33 34.24 30.21 -18.41
CA THR B 33 35.69 30.25 -18.48
C THR B 33 36.27 29.78 -19.81
N ARG B 34 35.64 30.09 -20.95
CA ARG B 34 36.25 29.64 -22.19
C ARG B 34 37.41 30.53 -22.61
N GLN B 35 37.10 31.69 -23.19
CA GLN B 35 37.89 32.92 -23.32
C GLN B 35 37.06 33.84 -24.20
N LYS B 36 37.50 35.07 -24.39
CA LYS B 36 36.96 35.90 -25.46
C LYS B 36 38.11 36.65 -26.13
N ILE B 37 38.07 36.68 -27.45
CA ILE B 37 39.12 37.32 -28.22
C ILE B 37 38.53 37.94 -29.48
N TRP B 50 45.59 29.62 -13.52
CA TRP B 50 44.16 29.88 -13.54
C TRP B 50 43.38 28.72 -14.19
N GLN B 51 44.03 28.00 -15.10
CA GLN B 51 43.38 26.97 -15.88
C GLN B 51 43.53 25.63 -15.19
N LEU B 52 42.53 24.77 -15.30
CA LEU B 52 42.63 23.42 -14.79
C LEU B 52 43.66 22.63 -15.59
N ILE B 53 44.76 22.25 -14.93
CA ILE B 53 45.90 21.62 -15.60
C ILE B 53 46.22 20.26 -15.00
N THR B 54 45.18 19.51 -14.61
CA THR B 54 45.35 18.19 -13.99
C THR B 54 46.03 17.20 -14.92
N THR B 55 46.50 16.09 -14.35
CA THR B 55 47.34 15.16 -15.12
C THR B 55 46.50 14.24 -16.00
N ASP B 56 45.35 13.77 -15.52
CA ASP B 56 44.71 12.62 -16.15
C ASP B 56 43.65 13.04 -17.17
N ASP B 57 43.24 14.29 -17.18
CA ASP B 57 42.20 14.71 -18.12
C ASP B 57 42.66 15.84 -19.03
N LYS B 58 43.19 16.91 -18.42
CA LYS B 58 43.94 18.03 -19.00
C LYS B 58 43.34 18.68 -20.23
N ALA B 59 42.03 18.60 -20.41
CA ALA B 59 41.36 19.39 -21.43
C ALA B 59 40.10 19.95 -20.79
N LEU B 60 39.28 20.58 -21.64
CA LEU B 60 38.00 21.18 -21.27
C LEU B 60 38.17 22.22 -20.16
N ASN B 61 39.15 23.08 -20.37
CA ASN B 61 39.14 24.40 -19.77
C ASN B 61 38.05 25.25 -20.40
N ASN B 62 37.77 24.99 -21.68
CA ASN B 62 36.88 25.81 -22.49
C ASN B 62 35.45 25.27 -22.44
N MET B 63 34.62 25.88 -21.61
CA MET B 63 33.22 25.51 -21.47
C MET B 63 32.37 26.72 -21.77
N VAL B 64 31.13 26.50 -22.20
CA VAL B 64 30.18 27.56 -22.43
C VAL B 64 29.00 27.30 -21.51
N ALA B 65 28.31 28.35 -21.09
CA ALA B 65 27.11 28.18 -20.27
C ALA B 65 26.02 27.48 -21.05
N MET B 66 25.54 26.36 -20.49
CA MET B 66 24.54 25.47 -21.09
C MET B 66 24.95 24.99 -22.48
N ARG B 67 26.07 24.30 -22.54
CA ARG B 67 26.48 23.57 -23.73
C ARG B 67 27.25 22.34 -23.26
N SER B 68 26.79 21.16 -23.69
CA SER B 68 27.23 19.91 -23.09
C SER B 68 28.68 19.61 -23.40
N THR B 69 29.38 19.05 -22.40
CA THR B 69 30.76 18.60 -22.53
C THR B 69 30.89 17.31 -21.75
N GLU B 70 32.06 16.69 -21.80
CA GLU B 70 32.24 15.36 -21.21
C GLU B 70 33.43 15.37 -20.26
N VAL B 71 33.15 15.31 -18.97
CA VAL B 71 34.22 15.27 -17.98
C VAL B 71 34.19 13.93 -17.25
N VAL B 72 35.25 13.65 -16.51
CA VAL B 72 35.33 12.46 -15.70
C VAL B 72 34.46 12.67 -14.46
N LEU B 73 34.09 11.57 -13.80
CA LEU B 73 32.99 11.64 -12.85
C LEU B 73 33.41 12.22 -11.52
N TRP B 74 34.68 12.09 -11.15
CA TRP B 74 35.03 12.60 -9.82
C TRP B 74 35.15 14.11 -9.78
N ILE B 75 35.30 14.78 -10.93
CA ILE B 75 35.23 16.25 -10.91
C ILE B 75 33.79 16.69 -10.87
N ALA B 76 32.90 15.98 -11.55
CA ALA B 76 31.52 16.43 -11.65
C ALA B 76 30.72 16.15 -10.39
N LEU B 77 31.36 15.65 -9.34
CA LEU B 77 30.72 15.62 -8.03
C LEU B 77 31.28 16.73 -7.14
N LEU B 78 32.45 17.24 -7.47
CA LEU B 78 32.94 18.45 -6.84
C LEU B 78 32.12 19.66 -7.24
N LEU B 79 31.72 19.74 -8.49
CA LEU B 79 31.01 20.92 -8.96
C LEU B 79 29.52 20.88 -8.66
N LYS B 80 28.97 19.72 -8.33
CA LYS B 80 27.57 19.70 -7.95
C LYS B 80 27.37 20.19 -6.53
N GLN B 81 28.36 19.98 -5.65
CA GLN B 81 28.26 20.42 -4.27
C GLN B 81 28.21 21.94 -4.14
N GLN B 82 28.74 22.67 -5.11
CA GLN B 82 28.67 24.11 -5.13
C GLN B 82 27.59 24.61 -6.06
N SER B 83 26.92 23.69 -6.76
CA SER B 83 25.95 23.96 -7.82
C SER B 83 26.55 24.86 -8.90
N LYS B 84 27.61 24.35 -9.52
CA LYS B 84 28.12 24.92 -10.76
C LYS B 84 28.07 23.92 -11.89
N CYS B 85 27.27 22.86 -11.77
CA CYS B 85 27.06 21.89 -12.83
C CYS B 85 25.67 21.30 -12.67
N SER B 86 25.36 20.33 -13.52
CA SER B 86 24.13 19.55 -13.43
C SER B 86 24.35 18.24 -14.15
N ILE B 87 24.36 17.16 -13.39
CA ILE B 87 24.59 15.83 -13.94
C ILE B 87 23.44 15.43 -14.84
N VAL B 88 23.74 15.10 -16.08
CA VAL B 88 22.72 14.63 -17.00
C VAL B 88 22.44 13.18 -16.68
N ALA B 89 21.33 12.70 -17.15
CA ALA B 89 21.03 11.30 -16.97
C ALA B 89 21.80 10.49 -18.01
N PRO B 90 22.13 9.24 -17.73
CA PRO B 90 22.62 8.33 -18.76
C PRO B 90 21.45 7.82 -19.59
N GLN B 91 21.75 6.87 -20.48
CA GLN B 91 20.71 6.34 -21.35
C GLN B 91 19.78 5.36 -20.65
N TRP B 92 20.16 4.85 -19.48
CA TRP B 92 19.40 3.79 -18.84
C TRP B 92 18.46 4.32 -17.77
N LEU B 93 18.73 5.49 -17.22
CA LEU B 93 17.81 6.04 -16.24
C LEU B 93 16.67 6.70 -17.00
N THR B 94 15.74 5.84 -17.42
CA THR B 94 14.61 6.21 -18.24
C THR B 94 13.49 5.24 -17.94
N THR B 95 12.29 5.75 -17.68
CA THR B 95 11.18 4.86 -17.39
C THR B 95 10.67 4.17 -18.64
N LYS B 96 11.09 4.62 -19.82
CA LYS B 96 10.77 3.91 -21.04
C LYS B 96 11.81 2.86 -21.41
N GLU B 97 13.05 3.05 -20.97
CA GLU B 97 14.13 2.12 -21.31
C GLU B 97 14.26 0.97 -20.34
N LEU B 98 14.05 1.18 -19.05
CA LEU B 98 14.16 0.09 -18.10
C LEU B 98 13.02 -0.89 -18.15
N ASP B 99 11.95 -0.60 -18.90
CA ASP B 99 10.87 -1.57 -18.98
C ASP B 99 11.13 -2.66 -20.00
N ARG B 100 11.94 -2.38 -21.02
CA ARG B 100 12.38 -3.46 -21.88
C ARG B 100 13.38 -4.38 -21.17
N LYS B 101 14.22 -3.82 -20.32
CA LYS B 101 15.21 -4.65 -19.64
C LYS B 101 14.62 -5.40 -18.46
N ILE B 102 13.33 -5.18 -18.16
CA ILE B 102 12.64 -6.05 -17.21
C ILE B 102 11.91 -7.16 -17.96
N GLN B 103 11.20 -6.80 -19.03
CA GLN B 103 10.44 -7.81 -19.76
C GLN B 103 11.33 -8.74 -20.56
N TYR B 104 12.60 -8.40 -20.73
CA TYR B 104 13.55 -9.41 -21.17
C TYR B 104 13.77 -10.46 -20.11
N GLU B 105 13.73 -10.09 -18.84
CA GLU B 105 14.16 -11.03 -17.80
C GLU B 105 13.12 -12.09 -17.52
N LYS B 106 11.84 -11.80 -17.71
CA LYS B 106 10.84 -12.81 -17.43
C LYS B 106 10.77 -13.88 -18.51
N THR B 107 10.97 -13.51 -19.77
CA THR B 107 10.79 -14.46 -20.86
C THR B 107 12.05 -15.23 -21.21
N HIS B 108 13.12 -15.10 -20.42
CA HIS B 108 14.36 -15.83 -20.64
C HIS B 108 14.93 -16.21 -19.28
N PRO B 109 14.51 -17.34 -18.73
CA PRO B 109 14.90 -17.67 -17.35
C PRO B 109 16.31 -18.21 -17.20
N ASP B 110 17.17 -18.09 -18.22
CA ASP B 110 18.52 -18.59 -18.09
C ASP B 110 19.55 -17.48 -18.18
N ARG B 111 19.17 -16.33 -18.71
CA ARG B 111 20.15 -15.31 -19.03
C ARG B 111 20.19 -14.20 -18.00
N PHE B 112 21.03 -13.22 -18.33
CA PHE B 112 21.15 -11.96 -17.64
C PHE B 112 20.94 -11.05 -18.84
N SER B 113 19.95 -10.16 -18.73
CA SER B 113 19.54 -9.29 -19.83
C SER B 113 20.49 -8.26 -20.44
N GLU B 114 21.26 -7.61 -19.60
CA GLU B 114 22.12 -6.51 -20.02
C GLU B 114 22.17 -5.46 -18.93
N LEU B 115 23.39 -5.12 -18.50
CA LEU B 115 23.65 -4.14 -17.49
C LEU B 115 24.88 -3.42 -17.97
N PRO B 116 24.92 -2.09 -17.88
CA PRO B 116 26.07 -1.34 -18.39
C PRO B 116 27.29 -1.36 -17.50
N TRP B 117 27.40 -2.31 -16.56
CA TRP B 117 28.57 -2.66 -15.76
C TRP B 117 28.87 -1.62 -14.68
N ASN B 118 28.21 -0.47 -14.69
CA ASN B 118 28.11 0.45 -13.57
C ASN B 118 26.69 0.45 -13.07
N TRP B 119 26.10 -0.75 -13.03
CA TRP B 119 24.67 -0.92 -12.85
C TRP B 119 24.18 -0.37 -11.52
N LEU B 120 24.67 -0.91 -10.41
CA LEU B 120 24.25 -0.46 -9.09
C LEU B 120 24.96 0.79 -8.62
N VAL B 121 26.21 0.99 -9.03
CA VAL B 121 26.99 2.08 -8.44
C VAL B 121 26.54 3.42 -8.99
N LEU B 122 26.21 3.49 -10.27
CA LEU B 122 25.72 4.74 -10.81
C LEU B 122 24.27 4.99 -10.47
N ALA B 123 23.59 4.06 -9.82
CA ALA B 123 22.27 4.34 -9.30
C ALA B 123 22.32 4.81 -7.86
N ARG B 124 23.50 4.89 -7.27
CA ARG B 124 23.60 5.40 -5.91
C ARG B 124 24.14 6.81 -5.88
N ILE B 125 25.22 7.07 -6.61
CA ILE B 125 25.89 8.36 -6.51
C ILE B 125 25.09 9.43 -7.26
N LEU B 126 24.16 9.02 -8.11
CA LEU B 126 23.32 9.99 -8.80
C LEU B 126 22.07 10.33 -8.02
N PHE B 127 21.45 9.36 -7.34
CA PHE B 127 20.21 9.63 -6.66
C PHE B 127 20.41 10.40 -5.36
N ASN B 128 21.51 10.20 -4.64
CA ASN B 128 21.71 10.95 -3.40
C ASN B 128 22.11 12.38 -3.67
N LYS B 129 22.96 12.60 -4.68
CA LYS B 129 23.52 13.92 -4.93
C LYS B 129 22.79 14.74 -5.97
N ALA B 130 22.26 14.13 -7.02
CA ALA B 130 21.77 14.87 -8.19
C ALA B 130 20.29 14.65 -8.44
N LYS B 131 19.45 14.78 -7.42
CA LYS B 131 18.06 14.38 -7.55
C LYS B 131 17.14 15.48 -8.03
N ASP B 132 17.63 16.40 -8.87
CA ASP B 132 16.79 17.43 -9.46
C ASP B 132 16.78 17.39 -10.98
N ASP B 133 17.49 16.44 -11.60
CA ASP B 133 17.73 16.48 -13.04
C ASP B 133 17.10 15.34 -13.82
N PHE B 134 16.39 14.44 -13.18
CA PHE B 134 15.73 13.37 -13.90
C PHE B 134 14.31 13.76 -14.25
N HIS B 135 13.53 12.77 -14.61
CA HIS B 135 12.10 12.94 -14.81
C HIS B 135 11.36 12.09 -13.77
N ASP B 136 11.12 12.69 -12.59
CA ASP B 136 10.32 12.17 -11.48
C ASP B 136 10.85 10.87 -10.88
N PRO B 137 11.92 10.92 -10.07
CA PRO B 137 12.47 9.68 -9.48
C PRO B 137 11.55 9.00 -8.49
N ILE B 138 10.55 9.69 -7.96
CA ILE B 138 9.63 9.12 -7.01
C ILE B 138 8.75 8.09 -7.71
N HIS B 139 8.80 6.85 -7.21
CA HIS B 139 8.10 5.64 -7.70
C HIS B 139 8.14 5.47 -9.22
N GLU B 140 9.22 5.90 -9.85
CA GLU B 140 9.45 5.61 -11.26
C GLU B 140 10.83 5.06 -11.53
N LEU B 141 11.84 5.43 -10.78
CA LEU B 141 13.17 4.88 -10.98
C LEU B 141 13.67 4.09 -9.79
N ARG B 142 13.33 4.50 -8.57
CA ARG B 142 13.62 3.64 -7.44
C ARG B 142 12.59 2.54 -7.34
N GLY B 143 11.52 2.63 -8.10
CA GLY B 143 10.61 1.50 -8.21
C GLY B 143 11.12 0.42 -9.13
N LYS B 144 11.81 0.80 -10.20
CA LYS B 144 12.29 -0.21 -11.14
C LYS B 144 13.63 -0.81 -10.71
N ILE B 145 14.51 0.01 -10.14
CA ILE B 145 15.86 -0.46 -9.87
C ILE B 145 15.87 -1.43 -8.70
N GLN B 146 14.96 -1.25 -7.75
CA GLN B 146 14.81 -2.29 -6.74
C GLN B 146 14.05 -3.49 -7.29
N ASP B 147 13.24 -3.28 -8.32
CA ASP B 147 12.57 -4.43 -8.94
C ASP B 147 13.52 -5.23 -9.79
N LEU B 148 14.52 -4.58 -10.36
CA LEU B 148 15.44 -5.27 -11.23
C LEU B 148 16.60 -5.88 -10.44
N ARG B 149 16.65 -5.62 -9.14
CA ARG B 149 17.67 -6.28 -8.33
C ARG B 149 17.10 -7.51 -7.64
N GLU B 150 15.79 -7.69 -7.66
CA GLU B 150 15.22 -8.85 -6.99
C GLU B 150 14.85 -9.92 -7.99
N ILE B 151 14.62 -9.55 -9.26
CA ILE B 151 14.57 -10.54 -10.32
C ILE B 151 15.95 -11.14 -10.55
N ARG B 152 16.96 -10.28 -10.59
CA ARG B 152 18.32 -10.72 -10.86
C ARG B 152 18.88 -11.55 -9.72
N GLN B 153 18.42 -11.34 -8.48
CA GLN B 153 18.99 -12.11 -7.39
C GLN B 153 18.22 -13.40 -7.14
N ILE B 154 17.36 -13.79 -8.07
CA ILE B 154 16.82 -15.13 -8.06
C ILE B 154 17.70 -16.06 -8.89
N LYS B 155 18.09 -15.59 -10.07
CA LYS B 155 18.85 -16.44 -10.99
C LYS B 155 20.26 -16.70 -10.49
N VAL B 156 20.79 -15.83 -9.64
CA VAL B 156 22.06 -16.14 -8.99
C VAL B 156 21.87 -17.25 -7.97
N LEU B 157 20.73 -17.26 -7.29
CA LEU B 157 20.49 -18.27 -6.28
C LEU B 157 20.16 -19.63 -6.90
N LYS B 158 19.55 -19.64 -8.07
CA LYS B 158 19.36 -20.90 -8.78
C LYS B 158 20.58 -21.30 -9.58
N GLY B 159 21.53 -20.41 -9.78
CA GLY B 159 22.73 -20.75 -10.49
C GLY B 159 23.84 -21.28 -9.63
N LEU B 160 23.55 -21.66 -8.39
CA LEU B 160 24.60 -22.23 -7.55
C LEU B 160 24.31 -23.66 -7.14
N LYS B 161 23.16 -24.20 -7.53
CA LYS B 161 22.93 -25.64 -7.38
C LYS B 161 23.65 -26.43 -8.46
N TYR B 162 24.27 -25.74 -9.41
CA TYR B 162 24.79 -26.40 -10.58
C TYR B 162 26.31 -26.22 -10.68
N LEU B 163 26.98 -25.96 -9.57
CA LEU B 163 28.40 -25.71 -9.66
C LEU B 163 29.20 -27.01 -9.65
N ASN B 164 30.35 -26.98 -10.30
CA ASN B 164 31.19 -28.15 -10.51
C ASN B 164 32.62 -27.82 -10.11
N GLU B 165 33.55 -28.70 -10.48
CA GLU B 165 34.95 -28.54 -10.12
C GLU B 165 35.85 -28.34 -11.34
N SER B 166 35.30 -27.84 -12.43
CA SER B 166 36.16 -27.51 -13.56
C SER B 166 35.85 -26.19 -14.25
N HIS B 167 34.63 -25.67 -14.14
CA HIS B 167 34.19 -24.69 -15.11
C HIS B 167 32.90 -24.05 -14.64
N LEU B 168 32.68 -22.79 -14.99
CA LEU B 168 31.45 -22.08 -14.70
C LEU B 168 31.32 -20.91 -15.66
N GLN B 169 30.09 -20.51 -15.95
CA GLN B 169 29.81 -19.39 -16.85
C GLN B 169 28.87 -18.42 -16.16
N LEU B 170 29.20 -17.13 -16.18
CA LEU B 170 28.48 -16.09 -15.46
C LEU B 170 28.29 -14.85 -16.33
N ASP B 171 27.73 -15.05 -17.52
CA ASP B 171 27.91 -14.21 -18.71
C ASP B 171 27.85 -12.68 -18.53
N ASN B 172 26.87 -12.17 -17.80
CA ASN B 172 26.73 -10.71 -17.68
C ASN B 172 26.30 -10.34 -16.27
N LEU B 173 27.27 -10.09 -15.41
CA LEU B 173 26.99 -9.66 -14.04
C LEU B 173 27.72 -8.36 -13.77
N SER B 174 27.18 -7.59 -12.82
CA SER B 174 27.74 -6.30 -12.49
C SER B 174 29.02 -6.43 -11.68
N LEU B 175 29.50 -5.30 -11.19
CA LEU B 175 30.73 -5.33 -10.40
C LEU B 175 30.42 -5.38 -8.91
N LEU B 176 29.22 -4.99 -8.51
CA LEU B 176 28.89 -5.09 -7.09
C LEU B 176 28.18 -6.38 -6.76
N GLU B 177 27.57 -7.03 -7.75
CA GLU B 177 27.02 -8.36 -7.49
C GLU B 177 28.08 -9.44 -7.53
N ILE B 178 29.35 -9.08 -7.71
CA ILE B 178 30.43 -10.04 -7.67
C ILE B 178 31.25 -9.87 -6.41
N ASN B 179 31.50 -8.61 -5.99
CA ASN B 179 32.25 -8.37 -4.77
C ASN B 179 31.46 -8.62 -3.50
N GLU B 180 30.30 -9.24 -3.59
CA GLU B 180 29.71 -9.85 -2.43
C GLU B 180 29.68 -11.36 -2.54
N LEU B 181 30.20 -11.92 -3.63
CA LEU B 181 30.02 -13.33 -3.93
C LEU B 181 31.34 -14.08 -4.13
N ARG B 182 32.47 -13.38 -4.16
CA ARG B 182 33.75 -14.07 -4.22
C ARG B 182 34.04 -14.97 -3.02
N PRO B 183 33.97 -14.51 -1.75
CA PRO B 183 34.47 -15.40 -0.68
C PRO B 183 33.55 -16.55 -0.35
N PHE B 184 32.38 -16.63 -1.00
CA PHE B 184 31.57 -17.83 -0.86
C PHE B 184 31.98 -18.88 -1.87
N ILE B 185 32.16 -18.49 -3.13
CA ILE B 185 32.40 -19.46 -4.19
C ILE B 185 33.84 -19.97 -4.15
N THR B 186 34.80 -19.07 -4.02
CA THR B 186 36.18 -19.49 -4.15
C THR B 186 36.71 -20.13 -2.86
N GLU B 187 35.88 -20.20 -1.82
CA GLU B 187 36.27 -21.01 -0.67
C GLU B 187 35.56 -22.36 -0.67
N ILE B 188 34.48 -22.49 -1.43
CA ILE B 188 33.83 -23.79 -1.55
C ILE B 188 34.38 -24.56 -2.74
N MET B 189 34.59 -23.86 -3.86
CA MET B 189 35.14 -24.54 -5.03
C MET B 189 36.61 -24.88 -4.85
N ASP B 190 37.25 -24.36 -3.81
CA ASP B 190 38.57 -24.86 -3.46
C ASP B 190 38.48 -26.06 -2.51
N LYS B 191 37.28 -26.49 -2.14
CA LYS B 191 37.16 -27.75 -1.42
C LYS B 191 36.54 -28.83 -2.27
N LEU B 192 35.99 -28.47 -3.43
CA LEU B 192 35.61 -29.48 -4.40
C LEU B 192 36.73 -29.83 -5.34
N ARG B 193 37.75 -28.99 -5.42
CA ARG B 193 38.94 -29.36 -6.16
C ARG B 193 39.81 -30.31 -5.36
N GLU B 194 39.89 -30.13 -4.05
CA GLU B 194 40.80 -30.94 -3.25
C GLU B 194 40.17 -32.25 -2.81
N ILE B 195 39.03 -32.61 -3.38
CA ILE B 195 38.48 -33.93 -3.17
C ILE B 195 38.59 -34.76 -4.45
N HIS B 196 38.26 -34.15 -5.59
CA HIS B 196 38.34 -34.86 -6.85
C HIS B 196 39.78 -35.15 -7.25
N THR B 197 40.72 -34.27 -6.91
CA THR B 197 42.11 -34.56 -7.26
C THR B 197 42.84 -35.26 -6.13
N ALA B 198 42.28 -35.30 -4.93
CA ALA B 198 42.88 -36.15 -3.91
C ALA B 198 42.46 -37.59 -4.06
N SER B 199 41.41 -37.86 -4.83
CA SER B 199 40.96 -39.22 -5.11
C SER B 199 41.51 -39.73 -6.43
N LEU B 200 42.72 -39.34 -6.80
CA LEU B 200 43.26 -39.68 -8.10
C LEU B 200 44.77 -39.60 -8.08
N TYR C 3 53.06 -26.76 8.27
CA TYR C 3 52.01 -26.31 9.17
C TYR C 3 52.33 -24.92 9.69
N TYR C 4 51.76 -23.87 9.13
CA TYR C 4 51.64 -22.66 9.92
C TYR C 4 50.20 -22.36 10.27
N ASP C 5 49.27 -23.17 9.76
CA ASP C 5 47.86 -22.93 10.01
C ASP C 5 47.43 -23.71 11.24
N ILE C 6 46.58 -23.09 12.06
CA ILE C 6 46.19 -23.71 13.31
C ILE C 6 45.11 -24.75 13.09
N ASP C 7 44.38 -24.67 11.99
CA ASP C 7 43.39 -25.71 11.68
C ASP C 7 44.07 -26.99 11.21
N ASP C 8 45.32 -26.90 10.76
CA ASP C 8 46.00 -28.09 10.28
C ASP C 8 46.65 -28.85 11.41
N VAL C 9 47.15 -28.13 12.42
CA VAL C 9 47.80 -28.77 13.56
C VAL C 9 46.79 -29.51 14.42
N LEU C 10 45.61 -28.91 14.62
CA LEU C 10 44.64 -29.52 15.52
C LEU C 10 43.99 -30.76 14.93
N ALA C 11 44.06 -30.92 13.61
CA ALA C 11 43.46 -32.09 12.99
C ALA C 11 44.24 -33.37 13.24
N ASP C 12 45.52 -33.27 13.57
CA ASP C 12 46.32 -34.47 13.75
C ASP C 12 46.06 -35.17 15.07
N GLY C 13 45.46 -34.49 16.04
CA GLY C 13 45.33 -35.06 17.35
C GLY C 13 44.25 -36.11 17.54
N THR C 14 43.51 -36.46 16.50
CA THR C 14 42.43 -37.41 16.63
C THR C 14 42.97 -38.83 16.72
N GLU C 15 42.15 -39.74 17.24
CA GLU C 15 42.58 -41.10 17.51
C GLU C 15 41.95 -42.08 16.52
N PHE C 16 42.73 -43.11 16.16
CA PHE C 16 42.28 -44.09 15.18
C PHE C 16 42.57 -45.51 15.68
N PRO C 17 41.57 -46.39 15.65
CA PRO C 17 41.72 -47.75 16.20
C PRO C 17 42.54 -48.70 15.31
N CYS C 18 43.85 -48.66 15.48
CA CYS C 18 44.75 -49.39 14.59
C CYS C 18 45.63 -50.36 15.38
N LYS C 19 45.83 -51.55 14.81
CA LYS C 19 46.51 -52.64 15.48
C LYS C 19 47.89 -52.90 14.87
N PHE C 20 48.68 -53.68 15.59
CA PHE C 20 50.07 -53.94 15.26
C PHE C 20 50.24 -55.21 14.44
N GLN C 21 51.45 -55.40 13.94
CA GLN C 21 51.83 -56.59 13.19
C GLN C 21 53.12 -57.23 13.68
N TYR C 22 54.02 -56.46 14.27
CA TYR C 22 55.31 -56.95 14.74
C TYR C 22 55.35 -56.89 16.26
N ASP C 23 56.55 -57.13 16.81
CA ASP C 23 56.74 -57.04 18.25
C ASP C 23 57.81 -56.00 18.58
N ILE C 24 57.50 -55.13 19.52
CA ILE C 24 58.39 -54.02 19.87
C ILE C 24 58.70 -54.07 21.35
N PRO C 25 59.96 -54.08 21.76
CA PRO C 25 60.32 -54.08 23.21
C PRO C 25 60.45 -52.67 23.78
N GLY C 26 59.36 -51.91 23.72
CA GLY C 26 59.34 -50.58 24.31
C GLY C 26 58.09 -49.80 23.99
N LEU C 27 57.51 -49.15 25.00
CA LEU C 27 56.31 -48.34 24.83
C LEU C 27 56.48 -47.04 25.61
N GLY C 28 56.54 -45.92 24.89
CA GLY C 28 56.59 -44.63 25.55
C GLY C 28 55.30 -44.24 26.24
N TYR C 29 54.19 -44.89 25.90
CA TYR C 29 52.92 -44.65 26.56
C TYR C 29 52.93 -45.29 27.94
N ASN C 33 52.32 -48.42 28.98
CA ASN C 33 53.12 -48.65 30.18
C ASN C 33 53.35 -50.14 30.58
N PRO C 34 52.32 -51.01 30.67
CA PRO C 34 52.59 -52.35 31.20
C PRO C 34 53.24 -53.25 30.16
N GLY C 35 54.34 -53.89 30.55
CA GLY C 35 54.94 -54.91 29.72
C GLY C 35 55.59 -54.41 28.45
N ARG C 36 56.74 -53.72 28.57
CA ARG C 36 57.52 -53.09 27.48
C ARG C 36 57.64 -53.89 26.19
N PRO C 37 57.73 -55.23 26.17
CA PRO C 37 57.50 -55.92 24.91
C PRO C 37 56.04 -55.86 24.51
N ILE C 38 55.75 -55.04 23.51
CA ILE C 38 54.39 -54.94 22.98
C ILE C 38 54.12 -56.16 22.11
N THR C 39 53.21 -57.01 22.55
CA THR C 39 52.87 -58.20 21.78
C THR C 39 52.13 -57.83 20.50
N LYS C 40 52.30 -58.66 19.49
CA LYS C 40 51.62 -58.43 18.23
C LYS C 40 50.14 -58.76 18.36
N ASN C 41 49.37 -58.29 17.37
CA ASN C 41 47.91 -58.34 17.35
C ASN C 41 47.33 -57.68 18.59
N THR C 42 47.88 -56.51 18.93
CA THR C 42 47.37 -55.66 20.01
C THR C 42 46.78 -54.43 19.35
N LYS C 43 45.62 -54.01 19.84
CA LYS C 43 44.92 -52.89 19.22
C LYS C 43 45.08 -51.64 20.09
N LEU C 44 45.52 -50.55 19.46
CA LEU C 44 45.70 -49.27 20.14
C LEU C 44 45.03 -48.17 19.34
N SER C 45 44.85 -47.03 20.01
CA SER C 45 44.37 -45.83 19.35
C SER C 45 45.54 -44.86 19.19
N LEU C 46 45.84 -44.48 17.95
CA LEU C 46 47.02 -43.69 17.70
C LEU C 46 46.65 -42.30 17.20
N PRO C 47 47.45 -41.30 17.50
CA PRO C 47 47.27 -40.00 16.87
C PRO C 47 47.62 -40.05 15.39
N LEU C 48 46.98 -39.18 14.63
CA LEU C 48 47.16 -39.22 13.18
C LEU C 48 48.47 -38.58 12.75
N TRP C 49 49.20 -37.95 13.67
CA TRP C 49 50.56 -37.59 13.30
C TRP C 49 51.48 -38.78 13.35
N LEU C 50 51.10 -39.84 14.06
CA LEU C 50 51.95 -40.99 14.28
C LEU C 50 51.61 -42.18 13.40
N ALA C 51 50.33 -42.46 13.20
CA ALA C 51 49.87 -43.60 12.43
C ALA C 51 49.74 -43.26 10.96
N ARG C 52 50.49 -42.26 10.50
CA ARG C 52 50.45 -41.79 9.13
C ARG C 52 51.75 -42.07 8.42
N ILE C 53 52.80 -42.37 9.19
CA ILE C 53 54.08 -42.69 8.58
C ILE C 53 54.43 -44.14 8.95
N LEU C 54 53.69 -44.72 9.88
CA LEU C 54 53.91 -46.11 10.21
C LEU C 54 53.10 -47.04 9.33
N ALA C 55 52.13 -46.50 8.60
CA ALA C 55 51.39 -47.32 7.64
C ALA C 55 52.15 -47.52 6.35
N ILE C 56 53.24 -46.77 6.13
CA ILE C 56 54.01 -46.93 4.91
C ILE C 56 55.33 -47.61 5.19
N VAL C 57 56.11 -47.05 6.13
CA VAL C 57 57.44 -47.57 6.43
C VAL C 57 57.30 -48.83 7.28
N GLY C 58 57.88 -49.93 6.80
CA GLY C 58 57.84 -51.19 7.53
C GLY C 58 58.90 -52.17 7.08
N PRO C 68 58.06 -56.11 3.04
CA PRO C 68 57.05 -55.27 2.40
C PRO C 68 55.91 -54.96 3.35
N VAL C 69 55.86 -55.66 4.47
CA VAL C 69 54.78 -55.51 5.44
C VAL C 69 55.04 -54.31 6.34
N PRO C 70 54.10 -53.39 6.47
CA PRO C 70 54.27 -52.28 7.40
C PRO C 70 53.90 -52.67 8.82
N PHE C 71 54.20 -51.77 9.74
CA PHE C 71 53.99 -52.03 11.16
C PHE C 71 52.52 -52.11 11.54
N VAL C 72 51.70 -51.20 11.03
CA VAL C 72 50.38 -50.91 11.57
C VAL C 72 49.34 -51.28 10.52
N GLU C 73 48.27 -51.95 10.98
CA GLU C 73 47.26 -52.45 10.04
C GLU C 73 46.24 -51.39 9.63
N LEU C 74 45.98 -50.43 10.52
CA LEU C 74 45.12 -49.26 10.26
C LEU C 74 43.68 -49.67 9.91
N LEU C 75 43.03 -50.23 10.92
CA LEU C 75 41.65 -50.67 10.81
C LEU C 75 40.71 -49.47 10.68
N PRO C 76 39.58 -49.63 9.98
CA PRO C 76 38.69 -48.48 9.71
C PRO C 76 37.93 -48.07 10.96
N PRO C 77 37.64 -46.77 11.10
CA PRO C 77 36.97 -46.31 12.31
C PRO C 77 35.46 -46.32 12.19
N ASP C 78 34.78 -45.85 13.24
CA ASP C 78 33.34 -45.65 13.21
C ASP C 78 32.93 -44.34 12.56
N MET C 79 33.88 -43.42 12.39
CA MET C 79 33.63 -42.16 11.72
C MET C 79 33.25 -42.37 10.26
N PHE C 80 33.74 -43.43 9.63
CA PHE C 80 33.38 -43.79 8.26
C PHE C 80 32.67 -45.12 8.19
N SER C 81 31.97 -45.51 9.25
CA SER C 81 31.21 -46.74 9.25
C SER C 81 29.95 -46.60 8.40
N THR C 82 29.22 -47.70 8.29
CA THR C 82 28.07 -47.73 7.40
C THR C 82 26.90 -46.96 8.00
N LYS C 83 26.88 -46.74 9.31
CA LYS C 83 25.87 -45.89 9.93
C LYS C 83 25.98 -44.45 9.45
N VAL C 84 27.18 -43.88 9.53
CA VAL C 84 27.37 -42.49 9.12
C VAL C 84 27.24 -42.36 7.61
N MET C 85 27.66 -43.37 6.86
CA MET C 85 27.56 -43.29 5.40
C MET C 85 26.14 -43.50 4.92
N ASN C 86 25.24 -43.97 5.78
CA ASN C 86 23.85 -44.04 5.39
C ASN C 86 23.06 -42.85 5.90
N ALA C 87 23.53 -42.22 6.98
CA ALA C 87 22.79 -41.10 7.53
C ALA C 87 22.99 -39.83 6.71
N ILE C 88 24.07 -39.76 5.93
CA ILE C 88 24.31 -38.56 5.13
C ILE C 88 23.86 -38.70 3.69
N LYS C 89 23.21 -39.80 3.34
CA LYS C 89 22.57 -39.87 2.03
C LYS C 89 21.08 -39.53 2.13
N THR C 90 20.53 -39.54 3.34
CA THR C 90 19.11 -39.26 3.51
C THR C 90 18.84 -37.76 3.56
N ASP C 91 19.42 -37.08 4.54
CA ASP C 91 19.18 -35.66 4.67
C ASP C 91 20.45 -34.93 5.09
N PRO C 92 21.19 -34.33 4.15
CA PRO C 92 22.48 -33.72 4.51
C PRO C 92 22.35 -32.41 5.25
N VAL C 93 21.16 -31.80 5.28
CA VAL C 93 21.02 -30.50 5.91
C VAL C 93 20.96 -30.65 7.43
N ALA C 94 19.97 -31.38 7.93
CA ALA C 94 19.69 -31.41 9.35
C ALA C 94 20.44 -32.51 10.09
N LEU C 95 21.59 -32.94 9.58
CA LEU C 95 22.44 -33.91 10.25
C LEU C 95 23.55 -33.21 11.00
N ASP C 96 23.84 -33.68 12.21
CA ASP C 96 24.90 -33.10 13.04
C ASP C 96 26.26 -33.42 12.46
N LEU C 97 27.16 -32.45 12.51
CA LEU C 97 28.57 -32.69 12.24
C LEU C 97 29.45 -32.18 13.36
N HIS C 98 28.86 -31.51 14.35
CA HIS C 98 29.62 -31.10 15.51
C HIS C 98 29.60 -32.13 16.62
N SER C 99 28.93 -33.27 16.39
CA SER C 99 28.87 -34.31 17.40
C SER C 99 29.79 -35.50 17.16
N ILE C 100 30.18 -35.73 15.91
CA ILE C 100 31.03 -36.88 15.57
C ILE C 100 32.41 -36.85 16.22
N ASN C 101 33.02 -35.68 16.19
CA ASN C 101 34.33 -35.41 16.78
C ASN C 101 34.20 -33.92 16.78
N SER C 102 34.81 -33.30 15.77
CA SER C 102 34.57 -31.88 15.57
C SER C 102 34.91 -31.51 14.14
N HIS C 103 35.83 -32.25 13.55
CA HIS C 103 36.37 -31.93 12.23
C HIS C 103 35.98 -33.04 11.28
N PHE C 104 35.58 -32.66 10.10
CA PHE C 104 35.21 -33.69 9.14
C PHE C 104 35.93 -33.56 7.82
N PHE C 105 36.12 -32.34 7.32
CA PHE C 105 36.61 -32.21 5.96
C PHE C 105 38.12 -32.20 5.93
N SER C 106 38.74 -31.70 6.98
CA SER C 106 40.18 -31.80 7.07
C SER C 106 40.64 -33.22 7.38
N LEU C 107 39.75 -34.08 7.84
CA LEU C 107 40.12 -35.47 8.11
C LEU C 107 39.81 -36.37 6.93
N ALA C 108 38.62 -36.24 6.35
CA ALA C 108 38.23 -37.10 5.24
C ALA C 108 38.98 -36.80 3.96
N ILE C 109 39.75 -35.72 3.90
CA ILE C 109 40.70 -35.57 2.82
C ILE C 109 41.95 -36.39 3.10
N LYS C 110 42.43 -36.36 4.34
CA LYS C 110 43.59 -37.15 4.74
C LYS C 110 43.34 -38.64 4.64
N TRP C 111 42.14 -39.11 4.94
CA TRP C 111 41.82 -40.52 4.85
C TRP C 111 41.76 -41.00 3.41
N ILE C 112 41.43 -40.13 2.47
CA ILE C 112 41.34 -40.56 1.08
C ILE C 112 42.72 -40.80 0.49
N MET C 113 43.69 -39.93 0.79
CA MET C 113 45.03 -40.06 0.24
C MET C 113 45.76 -41.31 0.71
N LEU C 114 45.57 -41.73 1.95
CA LEU C 114 46.20 -42.95 2.46
C LEU C 114 45.41 -44.21 2.15
N PHE C 115 44.33 -44.11 1.39
CA PHE C 115 43.54 -45.29 1.12
C PHE C 115 43.13 -45.39 -0.36
N SER C 116 43.01 -44.25 -1.04
CA SER C 116 42.64 -44.13 -2.46
C SER C 116 41.32 -44.84 -2.78
N GLU C 117 40.26 -44.41 -2.10
CA GLU C 117 38.93 -44.96 -2.30
C GLU C 117 38.10 -44.01 -3.15
N LYS C 118 37.59 -44.50 -4.27
CA LYS C 118 36.79 -43.71 -5.19
C LYS C 118 35.31 -43.71 -4.81
N GLU C 119 34.92 -44.37 -3.73
CA GLU C 119 33.52 -44.43 -3.36
C GLU C 119 33.17 -43.49 -2.22
N LEU C 120 34.16 -42.98 -1.50
CA LEU C 120 33.94 -41.93 -0.52
C LEU C 120 33.91 -40.54 -1.13
N ALA C 121 34.67 -40.32 -2.20
CA ALA C 121 34.74 -39.01 -2.82
C ALA C 121 33.50 -38.67 -3.63
N ASN C 122 32.61 -39.63 -3.84
CA ASN C 122 31.31 -39.31 -4.43
C ASN C 122 30.23 -39.14 -3.38
N VAL C 123 30.59 -39.19 -2.11
CA VAL C 123 29.62 -38.95 -1.06
C VAL C 123 29.90 -37.64 -0.37
N VAL C 124 31.17 -37.35 -0.07
CA VAL C 124 31.52 -36.07 0.54
C VAL C 124 31.32 -34.94 -0.46
N SER C 125 31.42 -35.24 -1.76
CA SER C 125 31.19 -34.20 -2.74
C SER C 125 29.71 -33.92 -2.95
N GLU C 126 28.82 -34.68 -2.32
CA GLU C 126 27.41 -34.34 -2.37
C GLU C 126 26.93 -33.77 -1.05
N LEU C 127 27.51 -34.21 0.07
CA LEU C 127 27.27 -33.56 1.34
C LEU C 127 27.74 -32.12 1.33
N LEU C 128 28.88 -31.85 0.68
CA LEU C 128 29.41 -30.50 0.67
C LEU C 128 28.57 -29.55 -0.16
N LEU C 129 27.95 -30.03 -1.23
CA LEU C 129 27.06 -29.16 -1.99
C LEU C 129 25.77 -28.85 -1.25
N GLN C 130 25.26 -29.77 -0.43
CA GLN C 130 23.96 -29.53 0.16
C GLN C 130 24.07 -28.63 1.38
N ARG C 131 25.20 -28.64 2.06
CA ARG C 131 25.39 -27.64 3.09
C ARG C 131 25.91 -26.34 2.53
N ALA C 132 26.36 -26.33 1.28
CA ALA C 132 26.77 -25.08 0.66
C ALA C 132 25.57 -24.23 0.30
N GLN C 133 24.48 -24.85 -0.10
CA GLN C 133 23.33 -24.09 -0.56
C GLN C 133 22.55 -23.49 0.60
N GLU C 134 22.83 -23.89 1.83
CA GLU C 134 22.13 -23.34 2.97
C GLU C 134 23.02 -22.55 3.89
N LEU C 135 24.21 -22.19 3.43
CA LEU C 135 24.94 -21.11 4.08
C LEU C 135 24.89 -19.85 3.24
N ASN C 136 24.23 -19.90 2.09
CA ASN C 136 23.96 -18.70 1.33
C ASN C 136 22.56 -18.19 1.62
N HIS C 137 21.65 -19.05 2.03
CA HIS C 137 20.34 -18.58 2.46
C HIS C 137 20.42 -17.91 3.81
N HIS C 138 21.05 -18.54 4.80
CA HIS C 138 21.13 -17.98 6.13
C HIS C 138 22.15 -16.86 6.25
N ALA C 139 22.84 -16.50 5.16
CA ALA C 139 23.66 -15.30 5.18
C ALA C 139 22.96 -14.13 4.53
N SER C 140 21.65 -14.01 4.72
CA SER C 140 20.89 -12.84 4.30
C SER C 140 20.37 -12.12 5.54
N SER C 141 20.92 -10.95 5.82
CA SER C 141 20.62 -10.20 7.03
C SER C 141 19.24 -9.53 6.98
N THR C 162 18.18 -15.79 15.48
CA THR C 162 17.04 -16.69 15.46
C THR C 162 17.37 -18.01 14.76
N SER C 163 18.59 -18.53 14.99
CA SER C 163 19.08 -19.68 14.25
C SER C 163 19.74 -20.70 15.17
N THR C 164 19.55 -21.97 14.83
CA THR C 164 20.24 -23.10 15.44
C THR C 164 21.44 -23.54 14.60
N PHE C 165 21.64 -22.94 13.44
CA PHE C 165 22.75 -23.33 12.57
C PHE C 165 24.09 -22.80 13.03
N LEU C 166 24.17 -22.13 14.17
CA LEU C 166 25.47 -21.93 14.75
C LEU C 166 25.89 -23.11 15.60
N LEU C 167 24.99 -24.04 15.87
CA LEU C 167 25.34 -25.15 16.76
C LEU C 167 25.66 -26.43 16.00
N LYS C 168 25.08 -26.64 14.83
CA LYS C 168 25.30 -27.87 14.10
C LYS C 168 26.12 -27.66 12.85
N LEU C 169 26.96 -26.65 12.78
CA LEU C 169 27.90 -26.55 11.68
C LEU C 169 29.23 -27.21 11.99
N GLU C 170 29.91 -27.58 10.93
CA GLU C 170 31.26 -28.11 10.94
C GLU C 170 32.25 -26.97 11.15
N GLU C 171 33.34 -27.28 11.88
CA GLU C 171 34.32 -26.26 12.24
C GLU C 171 35.15 -25.81 11.03
N MET C 172 35.04 -26.52 9.90
CA MET C 172 35.62 -25.99 8.67
C MET C 172 34.65 -25.06 7.95
N GLU C 173 33.37 -25.09 8.31
CA GLU C 173 32.40 -24.21 7.66
C GLU C 173 32.19 -22.92 8.44
N LYS C 174 32.57 -22.90 9.71
CA LYS C 174 32.42 -21.67 10.48
C LYS C 174 33.43 -20.60 10.09
N GLU C 175 34.41 -20.93 9.26
CA GLU C 175 35.26 -19.88 8.74
C GLU C 175 34.59 -19.17 7.57
N ILE C 176 33.98 -19.92 6.65
CA ILE C 176 33.39 -19.25 5.51
C ILE C 176 32.03 -18.66 5.84
N TYR C 177 31.43 -19.04 6.96
CA TYR C 177 30.23 -18.36 7.37
C TYR C 177 30.53 -16.99 7.94
N LYS C 178 31.64 -16.84 8.65
CA LYS C 178 32.02 -15.52 9.13
C LYS C 178 32.75 -14.73 8.07
N LYS C 179 33.13 -15.37 6.97
CA LYS C 179 33.70 -14.63 5.86
C LYS C 179 32.62 -14.17 4.89
N SER C 180 31.47 -14.83 4.90
CA SER C 180 30.40 -14.40 4.01
C SER C 180 29.47 -13.41 4.68
N HIS C 181 29.12 -13.65 5.93
CA HIS C 181 28.15 -12.79 6.61
C HIS C 181 28.76 -11.44 6.94
N GLU C 182 30.07 -11.35 6.98
CA GLU C 182 30.67 -10.03 7.10
C GLU C 182 31.07 -9.46 5.76
N SER C 183 30.46 -9.93 4.67
CA SER C 183 30.62 -9.26 3.38
C SER C 183 29.29 -8.73 2.89
N TYR C 184 28.21 -9.46 3.10
CA TYR C 184 26.89 -8.91 2.84
C TYR C 184 26.55 -7.77 3.77
N LYS C 185 27.09 -7.77 4.98
CA LYS C 185 26.81 -6.70 5.92
C LYS C 185 27.51 -5.42 5.49
N ASP C 186 28.70 -5.53 4.91
CA ASP C 186 29.41 -4.33 4.49
C ASP C 186 29.01 -3.85 3.11
N THR C 187 28.08 -4.52 2.45
CA THR C 187 27.50 -3.98 1.24
C THR C 187 26.16 -3.32 1.54
N LYS C 188 25.34 -3.97 2.37
CA LYS C 188 24.08 -3.38 2.81
C LYS C 188 24.32 -2.18 3.72
N ARG C 189 25.48 -2.09 4.35
CA ARG C 189 25.78 -0.86 5.07
C ARG C 189 26.06 0.28 4.12
N TRP C 190 26.77 0.02 3.02
CA TRP C 190 27.24 1.10 2.17
C TRP C 190 26.15 1.66 1.29
N MET C 191 25.17 0.84 0.92
CA MET C 191 24.14 1.30 -0.01
C MET C 191 23.18 2.30 0.62
N PHE C 192 23.09 2.36 1.94
CA PHE C 192 22.12 3.24 2.59
C PHE C 192 22.88 4.13 3.57
N LYS C 193 23.27 5.31 3.09
CA LYS C 193 24.14 6.28 3.77
C LYS C 193 25.48 5.68 4.18
N ILE D 3 32.87 -1.13 -51.44
CA ILE D 3 33.45 0.20 -51.53
C ILE D 3 33.80 0.70 -50.14
N ASN D 4 35.09 0.74 -49.82
CA ASN D 4 35.57 1.18 -48.53
C ASN D 4 36.42 2.44 -48.67
N ILE D 5 35.97 3.52 -48.04
CA ILE D 5 36.56 4.85 -48.19
C ILE D 5 37.41 5.22 -46.99
N ASP D 6 37.44 4.35 -45.95
CA ASP D 6 38.04 4.70 -44.68
C ASP D 6 39.56 4.80 -44.79
N ASP D 7 40.19 3.93 -45.57
CA ASP D 7 41.62 4.06 -45.82
C ASP D 7 41.93 5.30 -46.64
N ILE D 8 41.07 5.64 -47.59
CA ILE D 8 41.25 6.87 -48.37
C ILE D 8 40.94 8.09 -47.52
N LEU D 9 40.11 7.92 -46.47
CA LEU D 9 39.91 8.99 -45.52
C LEU D 9 41.04 9.05 -44.51
N ALA D 10 41.71 7.92 -44.26
CA ALA D 10 42.76 7.88 -43.25
C ALA D 10 44.02 8.59 -43.70
N GLU D 11 44.20 8.76 -45.01
CA GLU D 11 45.33 9.55 -45.49
C GLU D 11 44.96 11.01 -45.65
N LEU D 12 43.67 11.34 -45.64
CA LEU D 12 43.21 12.69 -45.91
C LEU D 12 43.57 13.65 -44.78
N ASP D 13 43.54 13.17 -43.54
CA ASP D 13 43.75 14.04 -42.39
C ASP D 13 45.22 14.19 -42.00
N LYS D 14 46.07 13.19 -42.28
CA LYS D 14 47.48 13.28 -41.89
C LYS D 14 48.28 14.25 -42.75
N GLU D 15 47.78 14.60 -43.93
CA GLU D 15 48.54 15.49 -44.82
C GLU D 15 48.22 16.94 -44.53
N VAL D 54 53.14 6.41 -23.48
CA VAL D 54 53.90 7.64 -23.24
C VAL D 54 52.95 8.73 -22.77
N SER D 55 51.72 8.69 -23.28
CA SER D 55 50.69 9.67 -22.94
C SER D 55 50.29 9.54 -21.47
N PRO D 56 50.06 10.67 -20.79
CA PRO D 56 49.85 10.62 -19.33
C PRO D 56 48.53 9.97 -18.91
N GLN D 57 47.54 9.88 -19.79
CA GLN D 57 46.35 9.12 -19.43
C GLN D 57 46.60 7.63 -19.51
N GLN D 58 47.42 7.20 -20.46
CA GLN D 58 47.65 5.78 -20.65
C GLN D 58 48.52 5.18 -19.56
N ASP D 59 49.34 5.99 -18.90
CA ASP D 59 50.07 5.47 -17.76
C ASP D 59 49.15 5.22 -16.57
N PHE D 60 48.15 6.06 -16.38
CA PHE D 60 47.24 5.84 -15.26
C PHE D 60 46.29 4.69 -15.53
N SER D 61 46.01 4.38 -16.79
CA SER D 61 45.18 3.20 -17.04
C SER D 61 45.97 1.92 -16.86
N ASP D 62 47.30 1.99 -16.93
CA ASP D 62 48.11 0.81 -16.65
C ASP D 62 48.42 0.64 -15.18
N LEU D 63 48.48 1.72 -14.42
CA LEU D 63 48.61 1.55 -12.98
C LEU D 63 47.32 1.02 -12.39
N MET D 64 46.18 1.44 -12.92
CA MET D 64 44.91 0.91 -12.44
C MET D 64 44.70 -0.53 -12.88
N LYS D 65 45.29 -0.92 -14.00
CA LYS D 65 45.14 -2.31 -14.46
C LYS D 65 46.10 -3.21 -13.71
N SER D 66 47.29 -2.72 -13.39
CA SER D 66 48.24 -3.55 -12.67
C SER D 66 47.90 -3.63 -11.19
N TRP D 67 47.02 -2.77 -10.70
CA TRP D 67 46.63 -2.84 -9.30
C TRP D 67 45.54 -3.86 -9.08
N LYS D 68 44.60 -3.96 -10.01
CA LYS D 68 43.55 -4.97 -9.87
C LYS D 68 44.08 -6.37 -10.06
N ASN D 69 45.09 -6.53 -10.91
CA ASN D 69 45.69 -7.85 -11.11
C ASN D 69 46.50 -8.28 -9.91
N GLU D 70 46.90 -7.34 -9.06
CA GLU D 70 47.74 -7.67 -7.93
C GLU D 70 46.95 -8.35 -6.82
N ARG D 71 45.82 -7.76 -6.43
CA ARG D 71 45.16 -8.14 -5.20
C ARG D 71 44.45 -9.48 -5.29
N CYS D 72 44.28 -10.05 -6.48
CA CYS D 72 43.54 -11.31 -6.56
C CYS D 72 44.39 -12.49 -7.00
N SER D 73 45.61 -12.26 -7.45
CA SER D 73 46.41 -13.38 -7.89
C SER D 73 47.18 -13.98 -6.71
N PRO D 74 47.39 -15.30 -6.69
CA PRO D 74 48.14 -15.90 -5.59
C PRO D 74 49.64 -15.71 -5.69
N GLU D 75 50.22 -15.79 -6.88
CA GLU D 75 51.66 -15.67 -6.98
C GLU D 75 52.05 -14.20 -6.99
N LEU D 76 53.35 -13.94 -7.05
CA LEU D 76 53.85 -12.58 -7.09
C LEU D 76 54.25 -12.22 -8.51
N LEU D 77 53.51 -11.35 -9.09
CA LEU D 77 53.63 -10.90 -10.46
C LEU D 77 54.87 -10.04 -10.65
N PRO D 78 55.45 -10.03 -11.85
CA PRO D 78 56.62 -9.20 -12.10
C PRO D 78 56.33 -7.70 -12.04
N TYR D 79 57.21 -6.99 -11.37
CA TYR D 79 57.00 -5.59 -11.04
C TYR D 79 57.17 -4.72 -12.28
N PRO D 80 56.32 -3.70 -12.48
CA PRO D 80 56.45 -2.76 -13.62
C PRO D 80 57.58 -1.78 -13.39
N HIS D 81 58.79 -2.19 -13.77
CA HIS D 81 59.98 -1.45 -13.36
C HIS D 81 60.21 -0.19 -14.17
N GLN D 82 59.59 -0.05 -15.33
CA GLN D 82 59.91 1.06 -16.21
C GLN D 82 58.93 2.23 -16.12
N LEU D 83 57.63 1.97 -15.96
CA LEU D 83 56.70 3.08 -15.88
C LEU D 83 56.70 3.71 -14.50
N MET D 84 56.95 2.93 -13.45
CA MET D 84 56.87 3.48 -12.11
C MET D 84 58.12 4.24 -11.71
N LYS D 85 59.04 4.46 -12.63
CA LYS D 85 60.03 5.50 -12.40
C LYS D 85 59.51 6.84 -12.90
N ARG D 86 58.58 6.82 -13.85
CA ARG D 86 58.03 8.07 -14.36
C ARG D 86 57.09 8.71 -13.36
N LEU D 87 56.22 7.91 -12.73
CA LEU D 87 55.20 8.48 -11.86
C LEU D 87 55.77 9.08 -10.59
N LEU D 88 56.83 8.48 -10.04
CA LEU D 88 57.45 9.09 -8.87
C LEU D 88 58.30 10.29 -9.27
N ASN D 89 58.63 10.41 -10.56
CA ASN D 89 59.21 11.64 -11.07
C ASN D 89 58.14 12.59 -11.61
N ARG D 90 56.88 12.17 -11.61
CA ARG D 90 55.82 13.08 -12.02
C ARG D 90 55.10 13.66 -10.82
N ILE D 91 55.10 12.93 -9.70
CA ILE D 91 54.44 13.42 -8.50
C ILE D 91 55.21 14.58 -7.90
N SER D 92 56.52 14.42 -7.74
CA SER D 92 57.33 15.42 -7.06
C SER D 92 57.48 16.69 -7.90
N MET D 93 57.26 16.57 -9.21
CA MET D 93 57.25 17.76 -10.05
C MET D 93 56.05 18.64 -9.77
N GLN D 94 54.84 18.07 -9.78
CA GLN D 94 53.66 18.90 -9.66
C GLN D 94 53.41 19.36 -8.23
N SER D 95 53.90 18.62 -7.23
CA SER D 95 53.67 19.01 -5.85
C SER D 95 54.43 20.27 -5.47
N GLN D 96 55.49 20.60 -6.20
CA GLN D 96 56.07 21.93 -6.07
C GLN D 96 55.24 22.97 -6.78
N LEU D 97 54.60 22.61 -7.88
CA LEU D 97 53.86 23.57 -8.68
C LEU D 97 52.56 23.98 -8.00
N ILE D 98 52.04 23.14 -7.11
CA ILE D 98 50.90 23.56 -6.29
C ILE D 98 51.36 24.58 -5.28
N GLU D 99 52.49 24.32 -4.61
CA GLU D 99 53.03 25.28 -3.67
C GLU D 99 53.52 26.55 -4.37
N ASN D 100 53.97 26.42 -5.61
CA ASN D 100 54.44 27.60 -6.34
C ASN D 100 53.29 28.47 -6.82
N ILE D 101 52.16 27.88 -7.21
CA ILE D 101 51.01 28.71 -7.57
C ILE D 101 50.37 29.30 -6.33
N SER D 102 50.05 28.46 -5.34
CA SER D 102 49.24 28.89 -4.21
C SER D 102 49.95 29.89 -3.32
N MET D 103 51.28 29.82 -3.26
CA MET D 103 52.03 30.89 -2.60
C MET D 103 52.31 32.03 -3.58
N GLY D 104 52.57 31.71 -4.84
CA GLY D 104 52.85 32.73 -5.83
C GLY D 104 51.65 33.49 -6.33
N PHE D 105 50.44 33.12 -5.91
CA PHE D 105 49.26 33.88 -6.30
C PHE D 105 49.08 35.11 -5.41
N LEU D 106 49.32 34.96 -4.12
CA LEU D 106 49.03 36.02 -3.15
C LEU D 106 50.00 37.19 -3.26
N GLU D 121 40.44 35.22 -6.76
CA GLU D 121 39.00 35.09 -6.95
C GLU D 121 38.63 33.67 -7.35
N SER D 122 39.63 32.91 -7.80
CA SER D 122 39.42 31.56 -8.32
C SER D 122 40.06 30.56 -7.37
N LYS D 123 39.30 30.15 -6.36
CA LYS D 123 39.72 29.07 -5.48
C LYS D 123 39.29 27.71 -5.98
N LEU D 124 38.61 27.65 -7.13
CA LEU D 124 38.15 26.37 -7.64
C LEU D 124 39.23 25.56 -8.35
N PRO D 125 40.10 26.11 -9.21
CA PRO D 125 41.18 25.26 -9.75
C PRO D 125 42.19 24.79 -8.73
N LEU D 126 42.40 25.52 -7.64
CA LEU D 126 43.40 25.07 -6.67
C LEU D 126 42.88 23.96 -5.78
N LEU D 127 41.58 23.68 -5.83
CA LEU D 127 41.07 22.56 -5.05
C LEU D 127 40.67 21.39 -5.93
N CYS D 128 40.94 21.46 -7.23
CA CYS D 128 40.81 20.27 -8.04
C CYS D 128 42.15 19.54 -8.11
N MET D 129 43.23 20.27 -8.31
CA MET D 129 44.55 19.66 -8.36
C MET D 129 44.99 19.14 -7.00
N GLU D 130 44.52 19.76 -5.92
CA GLU D 130 44.80 19.23 -4.60
C GLU D 130 44.02 17.95 -4.35
N THR D 131 42.85 17.81 -4.98
CA THR D 131 42.09 16.58 -4.78
C THR D 131 42.68 15.44 -5.58
N GLU D 132 43.10 15.70 -6.81
CA GLU D 132 43.58 14.64 -7.69
C GLU D 132 44.91 14.07 -7.23
N LEU D 133 45.80 14.90 -6.70
CA LEU D 133 47.10 14.43 -6.25
C LEU D 133 46.96 13.53 -5.04
N GLU D 134 46.04 13.83 -4.14
CA GLU D 134 45.74 12.94 -3.03
C GLU D 134 44.78 11.82 -3.43
N ARG D 135 44.60 11.59 -4.71
CA ARG D 135 43.83 10.45 -5.18
C ARG D 135 44.71 9.53 -6.01
N LEU D 136 45.70 10.09 -6.71
CA LEU D 136 46.73 9.27 -7.32
C LEU D 136 47.69 8.75 -6.28
N LYS D 137 47.82 9.44 -5.15
CA LYS D 137 48.69 8.98 -4.08
C LYS D 137 48.13 7.73 -3.42
N PHE D 138 46.82 7.53 -3.47
CA PHE D 138 46.23 6.41 -2.74
C PHE D 138 46.39 5.11 -3.51
N VAL D 139 46.50 5.17 -4.83
CA VAL D 139 46.69 3.95 -5.60
C VAL D 139 48.06 3.37 -5.34
N ILE D 140 49.09 4.21 -5.30
CA ILE D 140 50.44 3.74 -5.04
C ILE D 140 50.57 3.25 -3.60
N ARG D 141 49.95 3.96 -2.66
CA ARG D 141 50.07 3.59 -1.25
C ARG D 141 49.29 2.33 -0.93
N SER D 142 48.41 1.90 -1.84
CA SER D 142 47.77 0.61 -1.65
C SER D 142 48.20 -0.40 -2.70
N TYR D 143 49.24 -0.08 -3.47
CA TYR D 143 49.81 -1.07 -4.37
C TYR D 143 51.13 -1.59 -3.81
N ILE D 144 51.99 -0.68 -3.36
CA ILE D 144 53.24 -1.09 -2.73
C ILE D 144 52.95 -1.82 -1.42
N ARG D 145 51.94 -1.38 -0.71
CA ARG D 145 51.64 -1.99 0.58
C ARG D 145 50.80 -3.24 0.41
N CYS D 146 50.53 -3.66 -0.81
CA CYS D 146 49.90 -4.96 -1.00
C CYS D 146 50.92 -6.03 -1.33
N ARG D 147 52.02 -5.66 -1.97
CA ARG D 147 53.09 -6.61 -2.23
C ARG D 147 53.80 -7.02 -0.95
N LEU D 148 53.90 -6.11 0.01
CA LEU D 148 54.60 -6.42 1.25
C LEU D 148 53.78 -7.30 2.18
N SER D 149 52.58 -7.69 1.80
CA SER D 149 51.89 -8.78 2.47
C SER D 149 52.10 -10.10 1.75
N LYS D 150 52.78 -10.10 0.63
CA LYS D 150 53.10 -11.34 -0.06
C LYS D 150 54.59 -11.66 -0.03
N ILE D 151 55.42 -10.75 0.46
CA ILE D 151 56.76 -11.13 0.85
C ILE D 151 56.70 -11.83 2.20
N ASP D 152 55.77 -11.42 3.06
CA ASP D 152 55.69 -12.01 4.39
C ASP D 152 54.85 -13.28 4.43
N LYS D 153 54.66 -13.96 3.30
CA LYS D 153 54.23 -15.34 3.32
C LYS D 153 55.19 -16.24 2.58
N PHE D 154 55.80 -15.73 1.51
CA PHE D 154 56.71 -16.50 0.69
C PHE D 154 58.13 -16.01 0.88
N SER D 155 58.45 -15.62 2.12
CA SER D 155 59.79 -15.15 2.43
C SER D 155 60.81 -16.27 2.34
N LEU D 156 60.35 -17.50 2.54
CA LEU D 156 61.25 -18.64 2.55
C LEU D 156 61.27 -19.33 1.19
N TYR D 157 60.17 -19.29 0.47
CA TYR D 157 60.12 -19.91 -0.85
C TYR D 157 60.95 -19.14 -1.85
N LEU D 158 61.10 -17.84 -1.65
CA LEU D 158 61.87 -17.04 -2.60
C LEU D 158 63.37 -17.23 -2.44
N ARG D 159 63.83 -17.66 -1.27
CA ARG D 159 65.26 -17.93 -1.13
C ARG D 159 65.64 -19.20 -1.84
N GLN D 160 64.69 -20.12 -1.99
CA GLN D 160 64.87 -21.29 -2.85
C GLN D 160 65.10 -20.90 -4.31
N LEU D 161 64.47 -19.82 -4.76
CA LEU D 161 64.57 -19.45 -6.15
C LEU D 161 65.89 -18.73 -6.47
N ASN D 162 66.68 -18.41 -5.45
CA ASN D 162 67.98 -17.83 -5.72
C ASN D 162 69.12 -18.84 -5.61
N GLU D 163 69.00 -19.80 -4.70
CA GLU D 163 69.99 -20.87 -4.63
C GLU D 163 69.86 -21.84 -5.79
N ASP D 164 68.67 -21.98 -6.35
CA ASP D 164 68.57 -22.68 -7.63
C ASP D 164 69.14 -21.81 -8.73
N GLU D 165 69.74 -22.46 -9.73
CA GLU D 165 70.46 -21.74 -10.76
C GLU D 165 69.52 -21.25 -11.84
N ASN D 166 68.62 -22.11 -12.32
CA ASN D 166 67.84 -21.81 -13.52
C ASN D 166 66.38 -22.24 -13.40
N SER D 167 65.55 -21.36 -12.86
CA SER D 167 64.13 -21.34 -13.20
C SER D 167 63.71 -19.99 -13.75
N LEU D 168 63.86 -18.94 -12.94
CA LEU D 168 63.75 -17.54 -13.37
C LEU D 168 64.48 -16.69 -12.34
N ILE D 169 65.67 -16.21 -12.69
CA ILE D 169 66.44 -15.36 -11.80
C ILE D 169 66.14 -13.94 -12.23
N SER D 170 65.07 -13.37 -11.69
CA SER D 170 64.80 -11.98 -12.01
C SER D 170 65.36 -11.05 -10.95
N LEU D 171 64.72 -11.04 -9.77
CA LEU D 171 65.15 -10.33 -8.56
C LEU D 171 65.33 -8.81 -8.70
N THR D 172 65.09 -8.29 -9.89
CA THR D 172 65.07 -6.87 -10.20
C THR D 172 63.85 -6.50 -11.02
N ASP D 173 63.22 -7.46 -11.71
CA ASP D 173 61.91 -7.27 -12.29
C ASP D 173 60.85 -8.08 -11.58
N LEU D 174 61.26 -9.07 -10.77
CA LEU D 174 60.32 -9.69 -9.85
C LEU D 174 60.13 -8.85 -8.59
N LEU D 175 61.19 -8.17 -8.15
CA LEU D 175 61.11 -7.28 -7.01
C LEU D 175 61.62 -5.91 -7.39
N SER D 176 61.35 -4.94 -6.53
CA SER D 176 61.76 -3.56 -6.76
C SER D 176 63.12 -3.32 -6.12
N LYS D 177 63.50 -2.05 -6.04
CA LYS D 177 64.77 -1.69 -5.43
C LYS D 177 64.76 -1.83 -3.92
N ASP D 178 63.74 -1.31 -3.24
CA ASP D 178 63.78 -1.24 -1.79
C ASP D 178 63.06 -2.39 -1.11
N GLU D 179 62.35 -3.23 -1.85
CA GLU D 179 61.80 -4.44 -1.24
C GLU D 179 62.89 -5.43 -0.90
N ILE D 180 64.01 -5.42 -1.60
CA ILE D 180 65.10 -6.31 -1.21
C ILE D 180 65.88 -5.77 -0.03
N LYS D 181 65.70 -4.49 0.32
CA LYS D 181 66.16 -4.05 1.63
C LYS D 181 65.17 -4.43 2.70
N TYR D 182 63.94 -4.77 2.30
CA TYR D 182 62.99 -5.31 3.25
C TYR D 182 63.14 -6.83 3.39
N HIS D 183 63.51 -7.50 2.30
CA HIS D 183 63.45 -8.96 2.33
C HIS D 183 64.62 -9.56 3.08
N ASP D 184 65.82 -9.00 2.92
CA ASP D 184 66.97 -9.53 3.63
C ASP D 184 66.87 -9.25 5.12
N THR D 185 66.44 -8.04 5.48
CA THR D 185 66.47 -7.65 6.87
C THR D 185 65.24 -8.14 7.62
N HIS D 186 64.33 -8.85 6.97
CA HIS D 186 63.21 -9.41 7.71
C HIS D 186 63.48 -10.85 8.11
N SER D 187 64.01 -11.67 7.19
CA SER D 187 64.30 -13.05 7.52
C SER D 187 65.45 -13.16 8.50
N LEU D 188 66.34 -12.19 8.50
CA LEU D 188 67.37 -12.12 9.53
C LEU D 188 66.77 -11.83 10.90
N ILE D 189 65.86 -10.85 10.98
CA ILE D 189 65.34 -10.44 12.27
C ILE D 189 64.28 -11.42 12.78
N TRP D 190 63.77 -12.30 11.92
CA TRP D 190 62.83 -13.29 12.43
C TRP D 190 63.56 -14.54 12.88
N LEU D 191 64.70 -14.86 12.26
CA LEU D 191 65.46 -16.03 12.67
C LEU D 191 66.12 -15.80 14.02
N LYS D 192 66.44 -14.57 14.37
CA LYS D 192 67.03 -14.30 15.66
C LYS D 192 66.01 -14.33 16.79
N LEU D 193 64.71 -14.39 16.46
CA LEU D 193 63.71 -14.61 17.50
C LEU D 193 63.50 -16.08 17.78
N VAL D 194 63.42 -16.90 16.72
CA VAL D 194 63.22 -18.32 16.90
C VAL D 194 64.46 -19.02 17.45
N ASN D 195 65.64 -18.41 17.32
CA ASN D 195 66.87 -19.12 17.63
C ASN D 195 67.12 -19.15 19.13
N ASP D 196 66.62 -18.14 19.84
CA ASP D 196 66.82 -18.06 21.29
C ASP D 196 65.59 -18.51 22.06
N SER D 197 64.56 -18.92 21.36
CA SER D 197 63.36 -19.34 22.06
C SER D 197 63.00 -20.79 21.80
N ILE D 198 63.41 -21.35 20.66
CA ILE D 198 63.18 -22.76 20.38
C ILE D 198 64.52 -23.47 20.25
N LEU D 199 65.41 -22.90 19.45
CA LEU D 199 66.61 -23.60 19.00
C LEU D 199 67.77 -23.46 19.97
N LYS D 200 67.51 -23.00 21.19
CA LYS D 200 68.43 -23.22 22.29
C LYS D 200 68.46 -24.66 22.72
N TYR D 201 67.37 -25.37 22.48
CA TYR D 201 67.16 -26.75 22.93
C TYR D 201 67.02 -27.65 21.72
N MET D 202 67.85 -27.36 20.75
CA MET D 202 67.87 -27.90 19.41
C MET D 202 68.75 -29.15 19.32
N PRO D 203 68.24 -30.28 18.84
CA PRO D 203 69.12 -31.41 18.50
C PRO D 203 69.80 -31.17 17.17
N GLU D 204 70.63 -32.13 16.77
CA GLU D 204 71.44 -31.94 15.56
C GLU D 204 70.62 -32.05 14.28
N GLU D 205 69.48 -32.72 14.31
CA GLU D 205 68.72 -32.93 13.09
C GLU D 205 67.90 -31.71 12.70
N LEU D 206 67.34 -30.99 13.69
CA LEU D 206 66.26 -30.05 13.46
C LEU D 206 66.72 -28.60 13.62
N GLN D 207 67.90 -28.29 13.12
CA GLN D 207 68.46 -26.97 13.34
C GLN D 207 67.87 -25.94 12.38
N ALA D 208 67.97 -26.20 11.09
CA ALA D 208 67.56 -25.22 10.08
C ALA D 208 66.17 -25.54 9.56
N ILE D 209 65.51 -24.52 9.01
CA ILE D 209 64.19 -24.64 8.41
C ILE D 209 64.29 -24.10 6.98
N ASN D 210 64.62 -24.97 6.04
CA ASN D 210 64.56 -24.63 4.63
C ASN D 210 63.64 -25.55 3.85
N ASP D 211 63.88 -26.86 3.91
CA ASP D 211 62.99 -27.83 3.29
C ASP D 211 62.98 -29.04 4.23
N THR D 212 62.07 -29.03 5.18
CA THR D 212 62.00 -30.09 6.17
C THR D 212 61.06 -31.18 5.67
N GLU D 213 61.56 -31.94 4.70
CA GLU D 213 60.79 -33.05 4.18
C GLU D 213 60.78 -34.20 5.19
N GLY D 214 59.77 -35.05 5.06
CA GLY D 214 59.32 -35.86 6.17
C GLY D 214 58.00 -35.38 6.74
N SER D 215 57.47 -34.29 6.20
CA SER D 215 56.14 -33.78 6.46
C SER D 215 55.79 -32.89 5.29
N VAL D 216 54.63 -32.25 5.37
CA VAL D 216 54.19 -31.38 4.28
C VAL D 216 54.95 -30.05 4.25
N ASN D 217 55.59 -29.68 5.34
CA ASN D 217 55.83 -28.28 5.64
C ASN D 217 57.06 -27.70 4.95
N MET D 218 57.17 -26.37 5.04
CA MET D 218 58.34 -25.52 4.78
C MET D 218 58.65 -25.33 3.30
N ILE D 219 57.66 -25.49 2.42
CA ILE D 219 57.84 -25.04 1.04
C ILE D 219 57.02 -23.78 0.79
N ASP D 220 55.84 -23.68 1.40
CA ASP D 220 54.98 -22.47 1.26
C ASP D 220 53.90 -22.44 0.18
N GLU D 221 53.96 -23.33 -0.81
CA GLU D 221 52.91 -23.50 -1.83
C GLU D 221 52.29 -22.31 -2.64
N PRO D 222 53.09 -21.39 -3.17
CA PRO D 222 52.30 -20.40 -3.92
C PRO D 222 51.28 -21.14 -4.77
N ASP D 223 50.03 -21.09 -4.33
CA ASP D 223 49.03 -22.08 -4.71
C ASP D 223 48.58 -21.90 -6.14
N TRP D 224 48.74 -22.94 -6.94
CA TRP D 224 48.52 -22.87 -8.37
C TRP D 224 47.14 -23.32 -8.81
N ASN D 225 46.19 -23.45 -7.89
CA ASN D 225 44.86 -23.88 -8.28
C ASN D 225 43.76 -23.14 -7.52
N LYS D 226 44.01 -21.90 -7.15
CA LYS D 226 42.94 -21.06 -6.64
C LYS D 226 42.02 -20.66 -7.78
N PHE D 227 40.72 -20.77 -7.56
CA PHE D 227 39.76 -20.34 -8.57
C PHE D 227 39.69 -18.82 -8.59
N VAL D 228 39.83 -18.21 -9.76
CA VAL D 228 39.80 -16.76 -9.88
C VAL D 228 38.64 -16.36 -10.78
N PHE D 229 38.35 -15.06 -10.78
CA PHE D 229 37.28 -14.47 -11.58
C PHE D 229 37.90 -13.67 -12.72
N ILE D 230 37.75 -14.13 -13.95
CA ILE D 230 38.33 -13.40 -15.06
C ILE D 230 37.24 -12.86 -15.97
N HIS D 231 37.52 -11.70 -16.53
CA HIS D 231 36.67 -11.04 -17.50
C HIS D 231 37.51 -10.93 -18.76
N VAL D 232 37.24 -11.80 -19.73
CA VAL D 232 38.13 -11.96 -20.86
C VAL D 232 37.86 -10.85 -21.87
N ASN D 233 38.93 -10.17 -22.29
CA ASN D 233 38.85 -9.03 -23.18
C ASN D 233 40.08 -9.06 -24.07
N GLY D 234 39.96 -9.70 -25.22
CA GLY D 234 41.08 -9.87 -26.12
C GLY D 234 40.84 -9.16 -27.43
N PRO D 235 41.89 -8.56 -27.98
CA PRO D 235 41.74 -7.84 -29.24
C PRO D 235 41.69 -8.81 -30.40
N PRO D 236 40.68 -8.72 -31.26
CA PRO D 236 40.64 -9.56 -32.46
C PRO D 236 41.54 -9.00 -33.56
N ASP D 237 41.46 -9.63 -34.73
CA ASP D 237 42.23 -9.20 -35.89
C ASP D 237 41.71 -7.90 -36.49
N GLY D 238 40.59 -7.38 -36.00
CA GLY D 238 40.00 -6.15 -36.49
C GLY D 238 38.53 -6.10 -36.11
N GLU D 248 45.16 -13.87 -33.63
CA GLU D 248 46.40 -14.61 -33.83
C GLU D 248 46.27 -16.05 -33.34
N ASN D 249 45.52 -16.24 -32.26
CA ASN D 249 45.25 -17.57 -31.72
C ASN D 249 43.76 -17.80 -31.53
N GLU D 250 42.93 -17.24 -32.41
CA GLU D 250 41.49 -17.30 -32.22
C GLU D 250 40.84 -18.27 -33.18
N PHE D 251 40.17 -19.27 -32.61
CA PHE D 251 39.56 -20.37 -33.35
C PHE D 251 38.07 -20.17 -33.58
N GLY D 252 37.70 -19.38 -34.57
CA GLY D 252 36.29 -19.13 -34.84
C GLY D 252 36.04 -17.65 -34.96
N LYS D 253 34.77 -17.30 -35.20
CA LYS D 253 34.43 -15.88 -35.28
C LYS D 253 34.34 -15.17 -33.93
N PRO D 254 33.56 -15.60 -32.94
CA PRO D 254 33.41 -14.72 -31.77
C PRO D 254 34.39 -14.98 -30.64
N CYS D 255 35.27 -15.98 -30.77
CA CYS D 255 35.78 -16.68 -29.61
C CYS D 255 37.23 -17.03 -29.82
N TYR D 256 37.82 -17.22 -28.64
CA TYR D 256 39.19 -17.52 -28.28
C TYR D 256 39.46 -19.01 -28.14
N THR D 257 40.74 -19.32 -28.04
CA THR D 257 41.23 -20.69 -27.92
C THR D 257 41.09 -21.48 -26.61
N VAL D 258 40.98 -22.78 -26.81
CA VAL D 258 40.95 -23.83 -25.82
C VAL D 258 41.99 -23.55 -24.75
N THR D 259 41.62 -23.79 -23.50
CA THR D 259 42.60 -23.58 -22.45
C THR D 259 43.20 -24.89 -21.97
N ILE D 260 42.65 -26.03 -22.42
CA ILE D 260 43.12 -27.41 -22.29
C ILE D 260 43.62 -27.77 -20.89
N PRO D 261 42.74 -28.05 -19.94
CA PRO D 261 43.18 -28.63 -18.68
C PRO D 261 43.54 -30.10 -18.85
N ASP D 262 43.88 -30.73 -17.73
CA ASP D 262 44.53 -32.02 -17.79
C ASP D 262 43.56 -33.15 -18.15
N LEU D 263 42.31 -33.05 -17.70
CA LEU D 263 41.41 -34.18 -17.72
C LEU D 263 40.21 -33.97 -18.63
N LYS D 264 40.05 -32.80 -19.21
CA LYS D 264 38.77 -32.37 -19.76
C LYS D 264 38.89 -32.10 -21.25
N GLU D 265 37.82 -31.55 -21.79
CA GLU D 265 37.72 -31.20 -23.21
C GLU D 265 38.18 -29.76 -23.37
N GLU D 266 37.89 -29.16 -24.52
CA GLU D 266 38.01 -27.71 -24.69
C GLU D 266 37.07 -27.03 -23.71
N VAL D 267 37.49 -25.89 -23.17
CA VAL D 267 36.70 -25.17 -22.19
C VAL D 267 36.51 -23.76 -22.78
N GLU D 268 36.33 -23.74 -24.10
CA GLU D 268 36.51 -22.59 -24.99
C GLU D 268 35.95 -21.25 -24.56
N LEU D 269 36.85 -20.29 -24.39
CA LEU D 269 36.56 -18.92 -24.03
C LEU D 269 35.85 -18.21 -25.18
N THR D 270 35.15 -17.12 -24.85
CA THR D 270 34.68 -16.16 -25.84
C THR D 270 35.34 -14.82 -25.54
N ILE D 271 34.83 -13.75 -26.14
CA ILE D 271 35.37 -12.43 -25.82
C ILE D 271 34.36 -11.62 -25.00
N GLY D 272 33.10 -12.04 -25.00
CA GLY D 272 32.10 -11.28 -24.26
C GLY D 272 31.97 -11.65 -22.80
N SER D 273 31.68 -12.92 -22.51
CA SER D 273 31.23 -13.37 -21.19
C SER D 273 32.40 -13.46 -20.23
N ILE D 274 32.10 -13.50 -18.93
CA ILE D 274 33.11 -13.68 -17.91
C ILE D 274 33.02 -15.10 -17.37
N TYR D 275 34.09 -15.56 -16.74
CA TYR D 275 34.24 -16.96 -16.43
C TYR D 275 34.84 -17.11 -15.04
N VAL D 276 34.79 -18.35 -14.54
CA VAL D 276 35.45 -18.73 -13.30
C VAL D 276 36.24 -20.00 -13.59
N MET D 277 37.56 -19.91 -13.57
CA MET D 277 38.36 -21.09 -13.88
C MET D 277 39.69 -20.99 -13.15
N ARG D 278 40.43 -22.10 -13.15
CA ARG D 278 41.65 -22.28 -12.37
C ARG D 278 42.71 -21.26 -12.77
N TYR D 279 43.63 -20.99 -11.86
CA TYR D 279 44.69 -20.05 -12.15
C TYR D 279 45.79 -20.67 -12.99
N GLU D 280 45.96 -21.98 -12.95
CA GLU D 280 47.06 -22.61 -13.66
C GLU D 280 46.90 -22.56 -15.17
N VAL D 281 45.68 -22.72 -15.66
CA VAL D 281 45.48 -22.84 -17.10
C VAL D 281 45.53 -21.51 -17.82
N ILE D 282 45.35 -20.40 -17.13
CA ILE D 282 45.34 -19.10 -17.79
C ILE D 282 46.54 -18.28 -17.39
N ARG D 283 47.59 -18.96 -16.91
CA ARG D 283 48.80 -18.26 -16.50
C ARG D 283 49.53 -17.65 -17.69
N ASP D 284 49.30 -18.20 -18.88
CA ASP D 284 49.90 -17.63 -20.08
C ASP D 284 49.22 -16.35 -20.51
N LEU D 285 47.90 -16.28 -20.46
CA LEU D 285 47.17 -15.16 -21.05
C LEU D 285 47.15 -13.94 -20.16
N LEU D 286 47.71 -14.01 -18.96
CA LEU D 286 47.85 -12.81 -18.15
C LEU D 286 49.12 -12.05 -18.46
N ARG D 287 50.13 -12.73 -18.98
CA ARG D 287 51.31 -12.02 -19.46
C ARG D 287 51.02 -11.27 -20.74
N ASP D 288 50.07 -11.77 -21.53
CA ASP D 288 49.82 -11.25 -22.87
C ASP D 288 48.62 -10.32 -22.96
N ASP D 289 48.02 -9.96 -21.83
CA ASP D 289 47.03 -8.88 -21.71
C ASP D 289 45.80 -9.13 -22.56
N LYS D 290 45.25 -10.34 -22.44
CA LYS D 290 44.03 -10.68 -23.16
C LYS D 290 42.90 -11.05 -22.21
N VAL D 291 43.19 -11.08 -20.90
CA VAL D 291 42.18 -11.29 -19.87
C VAL D 291 42.43 -10.28 -18.77
N ALA D 292 41.45 -10.12 -17.90
CA ALA D 292 41.57 -9.20 -16.78
C ALA D 292 40.82 -9.76 -15.59
N LEU D 293 41.30 -9.42 -14.40
CA LEU D 293 40.71 -9.94 -13.17
C LEU D 293 39.82 -8.89 -12.53
N ILE E 5 24.41 52.77 8.44
CA ILE E 5 25.62 53.32 7.85
C ILE E 5 26.35 52.22 7.07
N SER E 6 26.60 51.08 7.71
CA SER E 6 27.13 49.93 7.00
C SER E 6 26.01 48.98 6.61
N GLN E 7 25.86 48.76 5.30
CA GLN E 7 24.95 47.73 4.80
C GLN E 7 25.72 46.42 4.63
N PHE E 8 25.06 45.44 4.02
CA PHE E 8 25.53 44.08 4.15
C PHE E 8 26.50 43.65 3.07
N SER E 9 26.17 43.91 1.80
CA SER E 9 26.94 43.35 0.71
C SER E 9 28.32 43.97 0.59
N GLU E 10 28.46 45.23 1.02
CA GLU E 10 29.80 45.79 1.08
C GLU E 10 30.57 45.25 2.27
N ALA E 11 29.87 44.75 3.29
CA ALA E 11 30.53 44.13 4.42
C ALA E 11 30.68 42.64 4.26
N TYR E 12 29.90 42.03 3.37
CA TYR E 12 30.12 40.62 3.08
C TYR E 12 31.41 40.40 2.30
N ASN E 13 31.69 41.22 1.29
CA ASN E 13 32.93 41.07 0.57
C ASN E 13 34.13 41.45 1.41
N LYS E 14 33.93 42.27 2.44
CA LYS E 14 35.00 42.60 3.37
C LYS E 14 35.40 41.42 4.23
N ILE E 15 34.57 40.37 4.29
CA ILE E 15 34.97 39.20 5.04
C ILE E 15 35.56 38.12 4.14
N LEU E 16 35.32 38.19 2.83
CA LEU E 16 35.88 37.18 1.93
C LEU E 16 37.25 37.55 1.41
N ARG E 17 37.61 38.84 1.42
CA ARG E 17 38.93 39.22 0.96
C ARG E 17 40.03 38.80 1.92
N ASN E 18 39.72 38.56 3.18
CA ASN E 18 40.73 38.27 4.18
C ASN E 18 40.48 36.93 4.86
N SER E 19 39.81 36.00 4.19
CA SER E 19 39.58 34.71 4.82
C SER E 19 39.77 33.54 3.87
N SER E 20 39.69 33.79 2.57
CA SER E 20 39.88 32.75 1.57
C SER E 20 41.38 32.56 1.36
N SER E 21 41.96 31.56 2.02
CA SER E 21 43.39 31.29 1.95
C SER E 21 43.63 29.83 2.31
N HIS E 22 44.88 29.52 2.63
CA HIS E 22 45.29 28.14 2.88
C HIS E 22 45.17 27.70 4.33
N SER E 23 45.39 28.60 5.28
CA SER E 23 45.37 28.24 6.69
C SER E 23 43.93 28.06 7.14
N SER E 24 43.74 27.33 8.24
CA SER E 24 42.40 26.92 8.64
C SER E 24 41.71 27.98 9.49
N CYS E 25 42.37 28.43 10.55
CA CYS E 25 41.68 29.26 11.54
C CYS E 25 41.64 30.71 11.10
N GLN E 26 41.00 31.00 9.98
CA GLN E 26 41.00 32.34 9.42
C GLN E 26 39.89 33.15 10.09
N LEU E 27 38.70 32.61 10.30
CA LEU E 27 37.72 33.32 11.11
C LEU E 27 37.15 32.42 12.19
N VAL E 28 36.71 33.05 13.27
CA VAL E 28 36.22 32.38 14.46
C VAL E 28 34.91 33.04 14.84
N ILE E 29 33.87 32.27 15.04
CA ILE E 29 32.62 32.86 15.48
C ILE E 29 32.34 32.41 16.91
N PHE E 30 31.58 33.21 17.65
CA PHE E 30 31.22 32.90 19.03
C PHE E 30 29.70 32.89 19.14
N VAL E 31 29.15 31.89 19.80
CA VAL E 31 27.71 31.74 19.92
C VAL E 31 27.35 31.75 21.39
N SER E 32 26.31 32.49 21.76
CA SER E 32 25.75 32.36 23.09
C SER E 32 24.94 31.09 23.18
N CYS E 33 25.04 30.37 24.30
CA CYS E 33 24.45 29.05 24.38
C CYS E 33 22.97 29.08 24.76
N LEU E 34 22.37 30.25 24.90
CA LEU E 34 21.03 30.27 25.48
C LEU E 34 19.96 30.70 24.49
N ASN E 35 20.20 31.77 23.74
CA ASN E 35 19.22 32.25 22.78
C ASN E 35 19.06 31.24 21.67
N ILE E 36 17.86 30.68 21.55
CA ILE E 36 17.51 29.80 20.44
C ILE E 36 17.56 30.59 19.14
N ASP E 37 17.22 31.87 19.21
CA ASP E 37 17.42 32.80 18.11
C ASP E 37 18.89 32.89 17.71
N ALA E 38 19.81 32.71 18.64
CA ALA E 38 21.21 32.69 18.28
C ALA E 38 21.70 31.31 17.89
N LEU E 39 20.83 30.31 17.93
CA LEU E 39 21.20 28.99 17.43
C LEU E 39 20.87 28.84 15.96
N CYS E 40 19.68 29.24 15.53
CA CYS E 40 19.35 29.18 14.11
C CYS E 40 20.12 30.20 13.30
N ALA E 41 20.60 31.26 13.93
CA ALA E 41 21.33 32.27 13.17
C ALA E 41 22.75 31.83 12.85
N THR E 42 23.24 30.80 13.52
CA THR E 42 24.55 30.28 13.12
C THR E 42 24.44 28.99 12.35
N LYS E 43 23.31 28.29 12.47
CA LYS E 43 23.12 27.10 11.66
C LYS E 43 23.04 27.43 10.18
N MET E 44 22.43 28.56 9.84
CA MET E 44 22.45 28.99 8.45
C MET E 44 23.58 29.96 8.17
N LEU E 45 24.49 30.16 9.12
CA LEU E 45 25.73 30.85 8.82
C LEU E 45 26.87 29.86 8.61
N SER E 46 26.59 28.57 8.74
CA SER E 46 27.57 27.59 8.29
C SER E 46 27.31 27.17 6.86
N LEU E 47 26.03 27.12 6.46
CA LEU E 47 25.69 26.80 5.08
C LEU E 47 26.17 27.86 4.11
N LEU E 48 26.18 29.11 4.52
CA LEU E 48 26.72 30.16 3.68
C LEU E 48 28.24 30.07 3.58
N PHE E 49 28.90 29.52 4.60
CA PHE E 49 30.34 29.40 4.52
C PHE E 49 30.76 27.99 4.11
N LYS E 50 29.81 27.13 3.77
CA LYS E 50 30.16 25.84 3.22
C LYS E 50 30.13 25.82 1.70
N LYS E 51 29.37 26.71 1.08
CA LYS E 51 29.29 26.72 -0.38
C LYS E 51 30.36 27.62 -0.98
N GLN E 52 31.07 28.37 -0.14
CA GLN E 52 32.14 29.24 -0.59
C GLN E 52 33.48 28.83 -0.02
N LEU E 53 33.52 27.74 0.76
CA LEU E 53 34.74 27.04 1.15
C LEU E 53 35.69 27.92 1.98
N VAL E 54 35.20 28.36 3.13
CA VAL E 54 36.01 29.10 4.09
C VAL E 54 36.09 28.27 5.37
N GLN E 55 37.28 28.18 5.96
CA GLN E 55 37.49 27.33 7.12
C GLN E 55 37.39 28.13 8.41
N SER E 56 36.83 27.52 9.45
CA SER E 56 36.38 28.30 10.59
C SER E 56 36.39 27.48 11.87
N GLN E 57 35.82 28.08 12.92
CA GLN E 57 35.60 27.51 14.24
C GLN E 57 34.15 27.80 14.54
N ILE E 58 33.52 27.04 15.42
CA ILE E 58 32.27 27.47 16.05
C ILE E 58 32.42 27.22 17.54
N VAL E 59 32.66 28.27 18.31
CA VAL E 59 32.94 28.13 19.73
C VAL E 59 31.72 28.61 20.50
N PRO E 60 31.11 27.80 21.36
CA PRO E 60 30.04 28.31 22.20
C PRO E 60 30.58 28.98 23.45
N ILE E 61 29.91 30.06 23.85
CA ILE E 61 30.27 30.84 25.03
C ILE E 61 29.06 30.89 25.93
N PHE E 62 29.23 30.52 27.19
CA PHE E 62 28.12 30.66 28.14
C PHE E 62 28.18 31.98 28.90
N GLY E 63 29.21 32.17 29.68
CA GLY E 63 29.23 33.22 30.68
C GLY E 63 29.58 34.56 30.10
N TYR E 64 29.86 35.50 30.98
CA TYR E 64 30.48 36.73 30.54
C TYR E 64 31.95 36.76 30.89
N SER E 65 32.36 35.99 31.90
CA SER E 65 33.78 35.87 32.22
C SER E 65 34.47 34.86 31.33
N GLU E 66 33.74 33.91 30.76
CA GLU E 66 34.33 32.93 29.86
C GLU E 66 34.67 33.53 28.50
N LEU E 67 34.11 34.68 28.17
CA LEU E 67 34.53 35.36 26.96
C LEU E 67 35.91 35.94 27.11
N ARG E 68 36.30 36.31 28.34
CA ARG E 68 37.60 36.92 28.53
C ARG E 68 38.74 35.89 28.49
N ARG E 69 38.51 34.68 29.00
CA ARG E 69 39.54 33.66 28.94
C ARG E 69 39.74 33.16 27.52
N HIS E 70 38.65 32.93 26.79
CA HIS E 70 38.76 32.44 25.42
C HIS E 70 39.33 33.48 24.47
N TYR E 71 39.01 34.75 24.65
CA TYR E 71 39.54 35.76 23.74
C TYR E 71 40.97 36.15 24.07
N SER E 72 41.30 36.40 25.33
CA SER E 72 42.60 36.94 25.67
C SER E 72 43.69 35.89 25.73
N GLN E 73 43.46 34.71 25.17
CA GLN E 73 44.45 33.66 25.17
C GLN E 73 44.86 33.20 23.78
N LEU E 74 43.93 33.16 22.83
CA LEU E 74 44.17 32.49 21.56
C LEU E 74 44.09 33.54 20.46
N ASP E 75 45.19 34.27 20.26
CA ASP E 75 45.26 35.37 19.28
C ASP E 75 46.52 35.19 18.44
N ASP E 76 46.43 34.36 17.41
CA ASP E 76 47.47 34.30 16.39
C ASP E 76 46.94 34.60 15.00
N ASN E 77 46.00 33.79 14.50
CA ASN E 77 45.32 34.02 13.23
C ASN E 77 43.91 34.57 13.45
N ILE E 78 43.85 35.81 13.90
CA ILE E 78 42.61 36.55 13.82
C ILE E 78 42.73 37.43 12.60
N ASN E 79 42.36 36.91 11.45
CA ASN E 79 42.17 37.76 10.30
C ASN E 79 40.74 38.24 10.20
N SER E 80 39.86 37.66 11.01
CA SER E 80 38.54 38.18 11.29
C SER E 80 38.03 37.58 12.58
N LEU E 81 36.95 38.14 13.08
CA LEU E 81 36.25 37.61 14.23
C LEU E 81 34.78 37.84 13.97
N LEU E 82 33.93 37.18 14.75
CA LEU E 82 32.51 37.33 14.55
C LEU E 82 31.86 36.96 15.88
N LEU E 83 30.70 37.54 16.13
CA LEU E 83 30.15 37.45 17.47
C LEU E 83 28.65 37.62 17.39
N VAL E 84 27.93 36.60 17.85
CA VAL E 84 26.49 36.51 17.62
C VAL E 84 25.77 36.43 18.96
N GLY E 85 24.86 37.37 19.18
CA GLY E 85 24.09 37.37 20.41
C GLY E 85 24.63 38.28 21.49
N PHE E 86 25.93 38.21 21.75
CA PHE E 86 26.53 39.04 22.78
C PHE E 86 26.78 40.45 22.26
N GLY E 87 27.54 41.21 23.04
CA GLY E 87 28.17 42.42 22.57
C GLY E 87 27.26 43.62 22.34
N GLY E 88 25.99 43.55 22.72
CA GLY E 88 25.08 44.64 22.43
C GLY E 88 25.23 45.80 23.40
N VAL E 89 25.39 45.51 24.69
CA VAL E 89 25.16 46.48 25.74
C VAL E 89 26.44 46.94 26.41
N ILE E 90 27.47 46.10 26.49
CA ILE E 90 28.64 46.36 27.31
C ILE E 90 29.79 46.77 26.41
N ASP E 91 30.51 47.82 26.82
CA ASP E 91 31.51 48.45 25.97
C ASP E 91 32.72 47.55 25.76
N LEU E 92 32.96 47.17 24.52
CA LEU E 92 33.94 46.13 24.22
C LEU E 92 35.38 46.62 24.25
N GLU E 93 35.66 47.86 23.85
CA GLU E 93 37.03 48.35 23.98
C GLU E 93 37.41 48.55 25.43
N ALA E 94 36.44 48.87 26.28
CA ALA E 94 36.70 49.05 27.70
C ALA E 94 36.64 47.74 28.46
N PHE E 95 36.22 46.64 27.84
CA PHE E 95 36.13 45.37 28.53
C PHE E 95 37.18 44.37 28.09
N LEU E 96 37.48 44.30 26.81
CA LEU E 96 38.56 43.45 26.34
C LEU E 96 39.91 44.14 26.34
N GLU E 97 39.93 45.45 26.62
CA GLU E 97 41.13 46.28 26.67
C GLU E 97 41.90 46.24 25.36
N ILE E 98 41.25 46.68 24.29
CA ILE E 98 41.86 46.66 22.96
C ILE E 98 42.39 48.06 22.67
N ASP E 99 43.62 48.10 22.16
CA ASP E 99 44.30 49.32 21.80
C ASP E 99 44.51 49.38 20.29
N PRO E 100 44.93 50.54 19.75
CA PRO E 100 45.29 50.59 18.32
C PRO E 100 46.40 49.63 17.93
N GLN E 101 46.05 48.70 17.03
CA GLN E 101 46.96 47.75 16.41
C GLN E 101 47.01 48.06 14.93
N GLU E 102 47.89 48.99 14.54
CA GLU E 102 47.95 49.61 13.21
C GLU E 102 46.61 50.18 12.78
N GLN E 114 43.06 52.84 9.75
CA GLN E 114 42.94 52.13 8.49
C GLN E 114 43.82 50.90 8.48
N SER E 115 43.31 49.84 7.84
CA SER E 115 43.97 48.55 7.67
C SER E 115 44.36 47.92 9.01
N PHE E 116 43.37 47.77 9.87
CA PHE E 116 43.58 47.09 11.13
C PHE E 116 43.65 45.58 10.89
N ARG E 117 44.31 44.88 11.80
CA ARG E 117 44.56 43.45 11.63
C ARG E 117 43.38 42.60 12.05
N ARG E 118 42.34 43.19 12.61
CA ARG E 118 41.31 42.42 13.29
C ARG E 118 40.01 43.18 13.24
N ASP E 119 38.96 42.51 12.77
CA ASP E 119 37.63 43.10 12.68
C ASP E 119 36.71 42.32 13.60
N ILE E 120 35.75 43.01 14.19
CA ILE E 120 34.73 42.39 15.03
C ILE E 120 33.39 42.85 14.48
N TYR E 121 32.49 41.91 14.23
CA TYR E 121 31.17 42.23 13.69
C TYR E 121 30.13 41.74 14.67
N VAL E 122 29.65 42.62 15.53
CA VAL E 122 28.67 42.22 16.55
C VAL E 122 27.31 42.06 15.89
N LEU E 123 26.48 41.21 16.47
CA LEU E 123 25.08 41.06 16.06
C LEU E 123 24.25 41.06 17.33
N ASP E 124 23.34 42.03 17.44
CA ASP E 124 22.63 42.20 18.69
C ASP E 124 21.14 42.29 18.45
N ALA E 125 20.38 42.08 19.52
CA ALA E 125 18.94 42.29 19.51
C ALA E 125 18.47 43.02 20.76
N HIS E 126 19.13 44.12 21.14
CA HIS E 126 18.80 44.75 22.41
C HIS E 126 18.69 46.27 22.27
N ARG E 127 18.08 46.89 23.27
CA ARG E 127 17.70 48.30 23.14
C ARG E 127 18.86 49.29 23.24
N PRO E 128 19.64 49.40 24.32
CA PRO E 128 20.60 50.49 24.38
C PRO E 128 21.81 50.22 23.51
N TRP E 129 22.06 51.16 22.62
CA TRP E 129 22.97 50.93 21.50
C TRP E 129 24.41 50.95 21.96
N ASN E 130 24.65 51.57 23.13
CA ASN E 130 25.96 51.70 23.77
C ASN E 130 26.95 52.44 22.87
N LEU E 131 26.68 53.74 22.75
CA LEU E 131 27.24 54.69 21.79
C LEU E 131 28.75 54.64 21.58
N ASP E 132 29.51 54.13 22.55
CA ASP E 132 30.94 53.96 22.38
C ASP E 132 31.31 52.67 21.65
N ASN E 133 30.33 51.98 21.08
CA ASN E 133 30.63 50.86 20.19
C ASN E 133 30.30 51.28 18.77
N ILE E 134 29.13 51.88 18.58
CA ILE E 134 28.70 52.35 17.27
C ILE E 134 29.57 53.51 16.80
N PHE E 135 29.76 54.52 17.64
CA PHE E 135 30.64 55.62 17.33
C PHE E 135 32.02 55.34 17.91
N GLY E 136 33.04 55.89 17.27
CA GLY E 136 34.40 55.51 17.63
C GLY E 136 34.75 54.14 17.10
N SER E 137 34.21 53.77 15.93
CA SER E 137 34.39 52.45 15.35
C SER E 137 35.75 52.37 14.68
N GLN E 138 36.79 52.32 15.50
CA GLN E 138 38.12 52.09 14.98
C GLN E 138 38.24 50.67 14.43
N ILE E 139 38.01 49.68 15.28
CA ILE E 139 38.09 48.28 14.87
C ILE E 139 36.75 47.56 14.95
N ILE E 140 35.86 47.94 15.86
CA ILE E 140 34.60 47.25 16.04
C ILE E 140 33.65 47.71 14.95
N GLN E 141 33.51 46.89 13.92
CA GLN E 141 32.50 47.17 12.92
C GLN E 141 31.12 47.05 13.55
N CYS E 142 30.28 48.02 13.24
CA CYS E 142 29.01 48.21 13.90
C CYS E 142 27.99 47.28 13.29
N PHE E 143 26.72 47.54 13.59
CA PHE E 143 25.69 46.99 12.74
C PHE E 143 24.67 48.07 12.42
N ASP E 144 25.18 49.21 11.95
CA ASP E 144 24.53 50.50 12.05
C ASP E 144 23.61 50.86 10.89
N ASP E 145 22.95 49.88 10.27
CA ASP E 145 21.80 50.21 9.44
C ASP E 145 20.65 50.67 10.33
N GLY E 146 19.71 51.42 9.76
CA GLY E 146 18.65 52.08 10.51
C GLY E 146 17.56 51.17 11.05
N THR E 147 17.76 49.85 11.03
CA THR E 147 16.84 48.91 11.67
C THR E 147 16.72 49.15 13.16
N VAL E 148 17.79 48.93 13.92
CA VAL E 148 17.84 49.28 15.33
C VAL E 148 18.21 50.75 15.51
N ASP E 149 18.95 51.31 14.56
CA ASP E 149 19.45 52.67 14.68
C ASP E 149 18.33 53.70 14.60
N ASP E 150 17.42 53.54 13.62
CA ASP E 150 16.23 54.40 13.40
C ASP E 150 16.60 55.84 13.04
N THR E 151 17.89 56.10 12.79
CA THR E 151 18.45 57.39 12.41
C THR E 151 18.04 58.50 13.38
N LEU E 152 18.50 58.38 14.62
CA LEU E 152 18.25 59.40 15.64
C LEU E 152 19.45 60.33 15.68
N GLY E 153 19.20 61.64 15.67
CA GLY E 153 20.28 62.60 15.56
C GLY E 153 20.69 63.24 16.87
N GLU E 154 19.78 63.28 17.85
CA GLU E 154 20.10 63.92 19.13
C GLU E 154 21.17 63.17 19.88
N GLN E 155 21.22 61.86 19.74
CA GLN E 155 22.33 61.09 20.28
C GLN E 155 23.64 61.45 19.59
N LYS E 156 23.56 61.73 18.29
CA LYS E 156 24.76 61.84 17.47
C LYS E 156 25.52 63.12 17.75
N GLU E 157 24.84 64.26 17.69
CA GLU E 157 25.51 65.54 17.84
C GLU E 157 25.99 65.77 19.26
N ALA E 158 25.24 65.28 20.25
CA ALA E 158 25.68 65.36 21.63
C ALA E 158 26.95 64.56 21.87
N TYR E 159 27.15 63.47 21.15
CA TYR E 159 28.41 62.75 21.21
C TYR E 159 29.51 63.49 20.49
N TYR E 160 29.16 64.32 19.51
CA TYR E 160 30.18 65.07 18.78
C TYR E 160 30.49 66.39 19.46
N LYS E 161 29.50 67.00 20.13
CA LYS E 161 29.69 68.23 20.87
C LYS E 161 30.16 67.99 22.30
N LEU E 162 30.74 66.83 22.56
CA LEU E 162 31.33 66.54 23.84
C LEU E 162 32.81 66.26 23.77
N LEU E 163 33.27 65.63 22.68
CA LEU E 163 34.64 65.14 22.60
C LEU E 163 35.53 66.19 21.93
N GLU E 164 35.53 67.38 22.53
CA GLU E 164 36.37 68.49 22.11
C GLU E 164 37.14 69.12 23.25
N LEU E 165 37.02 68.60 24.48
CA LEU E 165 37.52 69.15 25.75
C LEU E 165 37.28 70.65 25.90
N ASN E 218 36.79 87.15 30.33
CA ASN E 218 35.68 86.72 29.49
C ASN E 218 35.74 85.20 29.29
N ASP E 219 36.88 84.61 29.62
CA ASP E 219 37.02 83.16 29.50
C ASP E 219 36.18 82.40 30.52
N LEU E 220 35.88 82.98 31.69
CA LEU E 220 34.96 82.32 32.62
C LEU E 220 33.53 82.34 32.10
N SER E 221 33.19 83.34 31.27
CA SER E 221 31.82 83.46 30.79
C SER E 221 31.48 82.37 29.78
N LYS E 222 32.36 82.15 28.81
CA LYS E 222 32.08 81.12 27.81
C LYS E 222 32.32 79.71 28.36
N ARG E 223 33.30 79.53 29.24
CA ARG E 223 33.60 78.19 29.74
C ARG E 223 32.52 77.71 30.70
N LYS E 224 31.93 78.63 31.48
CA LYS E 224 30.77 78.25 32.27
C LYS E 224 29.56 78.00 31.39
N GLN E 225 29.42 78.79 30.32
CA GLN E 225 28.47 78.48 29.26
C GLN E 225 28.83 77.17 28.58
N ARG E 226 30.12 76.90 28.41
CA ARG E 226 30.55 75.57 27.99
C ARG E 226 30.28 74.54 29.08
N LYS E 227 30.46 74.93 30.35
CA LYS E 227 30.14 74.03 31.46
C LYS E 227 28.65 73.78 31.60
N LYS E 228 27.82 74.79 31.32
CA LYS E 228 26.39 74.55 31.21
C LYS E 228 26.09 73.68 30.00
N GLN E 229 26.83 73.88 28.90
CA GLN E 229 26.70 72.99 27.75
C GLN E 229 27.26 71.61 28.06
N ILE E 230 28.26 71.52 28.93
CA ILE E 230 28.64 70.22 29.47
C ILE E 230 27.52 69.69 30.37
N HIS E 231 26.85 70.57 31.10
CA HIS E 231 25.81 70.13 32.02
C HIS E 231 24.55 69.66 31.30
N GLU E 232 24.18 70.31 30.20
CA GLU E 232 22.94 69.92 29.54
C GLU E 232 23.13 68.72 28.62
N TYR E 233 24.32 68.52 28.08
CA TYR E 233 24.49 67.48 27.08
C TYR E 233 24.58 66.10 27.71
N GLU E 234 25.19 66.00 28.88
CA GLU E 234 25.15 64.74 29.61
C GLU E 234 23.77 64.45 30.17
N GLY E 235 22.91 65.46 30.29
CA GLY E 235 21.52 65.23 30.58
C GLY E 235 20.84 64.51 29.44
N VAL E 236 21.23 64.83 28.20
CA VAL E 236 20.72 64.09 27.05
C VAL E 236 21.29 62.69 27.02
N LEU E 237 22.56 62.53 27.42
CA LEU E 237 23.16 61.21 27.51
C LEU E 237 22.70 60.43 28.72
N GLU E 238 21.88 61.04 29.59
CA GLU E 238 21.20 60.27 30.63
C GLU E 238 19.75 60.03 30.28
N GLU E 239 19.31 60.47 29.10
CA GLU E 239 18.01 60.04 28.59
C GLU E 239 18.14 58.79 27.74
N TYR E 240 19.16 58.74 26.89
CA TYR E 240 19.70 57.46 26.48
C TYR E 240 20.55 56.93 27.62
N TYR E 241 20.90 55.65 27.55
CA TYR E 241 21.60 54.88 28.59
C TYR E 241 20.81 54.87 29.90
N SER E 242 19.51 55.16 29.84
CA SER E 242 18.61 54.97 30.97
C SER E 242 17.31 54.43 30.40
N GLN E 243 17.25 53.10 30.26
CA GLN E 243 16.21 52.48 29.47
C GLN E 243 16.24 50.98 29.73
N GLY E 244 15.18 50.28 29.33
CA GLY E 244 15.11 48.86 29.57
C GLY E 244 15.59 48.07 28.38
N THR E 245 16.13 46.88 28.64
CA THR E 245 16.67 46.05 27.58
C THR E 245 15.60 45.07 27.11
N THR E 246 15.03 45.32 25.94
CA THR E 246 14.22 44.32 25.28
C THR E 246 14.64 44.19 23.83
N VAL E 247 13.88 43.42 23.07
CA VAL E 247 14.26 42.98 21.74
C VAL E 247 13.58 43.87 20.71
N VAL E 248 14.34 44.33 19.72
CA VAL E 248 13.75 45.07 18.61
C VAL E 248 13.45 44.12 17.45
N ASN E 249 14.50 43.58 16.85
CA ASN E 249 14.36 42.62 15.77
C ASN E 249 14.99 41.31 16.20
N SER E 250 14.52 40.22 15.60
CA SER E 250 15.20 38.96 15.81
C SER E 250 16.50 38.95 15.03
N ILE E 251 17.44 38.12 15.47
CA ILE E 251 18.68 37.98 14.73
C ILE E 251 18.46 37.16 13.48
N SER E 252 17.68 36.09 13.58
CA SER E 252 17.51 35.18 12.46
C SER E 252 16.59 35.72 11.37
N ALA E 253 16.10 36.95 11.49
CA ALA E 253 15.52 37.58 10.31
C ALA E 253 16.52 38.50 9.66
N GLN E 254 17.51 38.97 10.41
CA GLN E 254 18.50 39.88 9.87
C GLN E 254 19.48 39.19 8.94
N ILE E 255 19.88 37.97 9.26
CA ILE E 255 20.80 37.24 8.41
C ILE E 255 20.11 36.81 7.12
N TYR E 256 18.80 36.57 7.19
CA TYR E 256 18.06 36.26 5.97
C TYR E 256 17.98 37.45 5.03
N SER E 257 18.05 38.67 5.57
CA SER E 257 18.14 39.83 4.69
C SER E 257 19.52 39.94 4.06
N LEU E 258 20.51 39.28 4.63
CA LEU E 258 21.81 39.19 3.96
C LEU E 258 21.80 38.09 2.92
N LEU E 259 21.04 37.03 3.17
CA LEU E 259 20.99 35.93 2.19
C LEU E 259 20.08 36.26 1.03
N SER E 260 19.23 37.27 1.15
CA SER E 260 18.42 37.64 0.01
C SER E 260 19.22 38.42 -1.00
N ALA E 261 20.23 39.17 -0.56
CA ALA E 261 20.99 40.00 -1.50
C ALA E 261 22.05 39.21 -2.23
N ILE E 262 22.68 38.24 -1.57
CA ILE E 262 23.73 37.45 -2.21
C ILE E 262 23.12 36.51 -3.25
N GLY E 263 22.04 35.82 -2.90
CA GLY E 263 21.33 35.03 -3.88
C GLY E 263 21.23 33.56 -3.56
N GLU E 264 21.33 33.20 -2.29
CA GLU E 264 21.14 31.82 -1.87
C GLU E 264 19.99 31.78 -0.88
N THR E 265 18.81 31.39 -1.36
CA THR E 265 17.64 31.18 -0.52
C THR E 265 17.00 29.87 -0.96
N ASN E 266 17.37 28.79 -0.30
CA ASN E 266 16.80 27.49 -0.59
C ASN E 266 15.46 27.34 0.10
N LEU E 267 14.96 26.12 0.16
CA LEU E 267 13.84 25.85 1.03
C LEU E 267 14.26 25.57 2.46
N SER E 268 15.45 25.02 2.67
CA SER E 268 15.92 24.81 4.04
C SER E 268 16.33 26.10 4.71
N ASN E 269 16.88 27.05 3.94
CA ASN E 269 17.24 28.34 4.51
C ASN E 269 16.04 29.24 4.77
N LEU E 270 14.84 28.77 4.48
CA LEU E 270 13.65 29.44 4.98
C LEU E 270 13.20 28.83 6.29
N TRP E 271 13.46 27.54 6.47
CA TRP E 271 13.00 26.85 7.67
C TRP E 271 13.83 27.23 8.89
N LEU E 272 14.92 27.97 8.69
CA LEU E 272 15.63 28.49 9.85
C LEU E 272 15.29 29.96 10.11
N ASN E 273 14.15 30.44 9.60
CA ASN E 273 13.62 31.68 10.13
C ASN E 273 12.30 31.44 10.82
N ILE E 274 11.55 30.46 10.37
CA ILE E 274 10.33 30.11 11.05
C ILE E 274 10.65 29.50 12.41
N LEU E 275 11.80 28.85 12.53
CA LEU E 275 12.28 28.50 13.87
C LEU E 275 13.03 29.66 14.51
N GLY E 276 13.38 30.68 13.73
CA GLY E 276 14.05 31.83 14.31
C GLY E 276 13.07 32.76 14.99
N THR E 277 12.04 33.20 14.26
CA THR E 277 11.08 34.13 14.82
C THR E 277 9.80 33.45 15.26
N THR E 278 9.88 32.28 15.86
CA THR E 278 8.78 31.77 16.66
C THR E 278 9.24 31.54 18.08
N SER E 279 10.56 31.54 18.28
CA SER E 279 11.10 31.44 19.64
C SER E 279 10.79 32.67 20.45
N LEU E 280 10.68 33.84 19.80
CA LEU E 280 10.30 35.03 20.53
C LEU E 280 8.85 35.41 20.35
N ASP E 281 7.97 34.45 20.09
CA ASP E 281 6.55 34.74 20.14
C ASP E 281 5.94 34.43 21.48
N ILE E 282 6.20 33.23 22.01
CA ILE E 282 5.49 32.77 23.19
C ILE E 282 5.95 33.53 24.42
N ALA E 283 7.23 33.41 24.74
CA ALA E 283 7.79 34.01 25.95
C ALA E 283 8.84 35.01 25.51
N TYR E 284 8.37 36.18 25.09
CA TYR E 284 9.15 37.39 24.83
C TYR E 284 8.13 38.46 24.48
N ALA E 285 8.64 39.64 24.19
CA ALA E 285 7.82 40.68 23.58
C ALA E 285 7.42 40.20 22.19
N GLN E 286 6.27 40.66 21.74
CA GLN E 286 5.82 40.31 20.40
C GLN E 286 6.06 41.47 19.44
N VAL E 287 7.21 41.40 18.79
CA VAL E 287 7.41 41.96 17.47
C VAL E 287 7.03 40.95 16.40
N TYR E 288 6.54 39.78 16.82
CA TYR E 288 6.12 38.74 15.90
C TYR E 288 4.91 39.16 15.09
N ASN E 289 4.13 40.11 15.58
CA ASN E 289 3.04 40.62 14.77
C ASN E 289 3.54 41.54 13.66
N ARG E 290 4.74 42.07 13.79
CA ARG E 290 5.27 42.90 12.73
C ARG E 290 6.27 42.17 11.86
N LEU E 291 6.69 40.98 12.24
CA LEU E 291 7.58 40.19 11.39
C LEU E 291 6.85 39.09 10.66
N TYR E 292 5.55 39.00 10.82
CA TYR E 292 4.75 37.98 10.17
C TYR E 292 4.38 38.23 8.71
N PRO E 293 4.02 39.44 8.24
CA PRO E 293 3.75 39.58 6.81
C PRO E 293 4.97 39.51 5.93
N LEU E 294 6.18 39.51 6.49
CA LEU E 294 7.35 39.35 5.65
C LEU E 294 7.67 37.89 5.39
N LEU E 295 7.20 36.98 6.24
CA LEU E 295 7.44 35.56 6.05
C LEU E 295 6.23 34.84 5.50
N GLN E 296 5.10 35.51 5.35
CA GLN E 296 3.98 34.88 4.67
C GLN E 296 4.07 35.07 3.18
N ASP E 297 5.08 35.80 2.71
CA ASP E 297 5.28 35.99 1.29
C ASP E 297 6.47 35.22 0.76
N GLU E 298 7.46 34.95 1.59
CA GLU E 298 8.59 34.13 1.14
C GLU E 298 8.24 32.66 1.13
N VAL E 299 7.08 32.28 1.65
CA VAL E 299 6.60 30.91 1.53
C VAL E 299 5.81 30.74 0.24
N LYS E 300 5.03 31.76 -0.13
CA LYS E 300 4.29 31.72 -1.38
C LYS E 300 5.22 31.79 -2.57
N ARG E 301 6.40 32.38 -2.40
CA ARG E 301 7.30 32.56 -3.52
C ARG E 301 7.97 31.26 -3.93
N LEU E 302 8.35 30.43 -2.97
CA LEU E 302 9.05 29.19 -3.26
C LEU E 302 8.08 28.04 -3.06
N THR E 303 7.29 27.75 -4.09
CA THR E 303 6.23 26.78 -4.01
C THR E 303 6.25 25.97 -5.30
N PRO E 304 6.22 24.63 -5.20
CA PRO E 304 6.39 23.81 -6.42
C PRO E 304 5.23 23.91 -7.40
N SER E 305 4.00 23.74 -6.93
CA SER E 305 2.84 23.84 -7.80
C SER E 305 1.62 24.15 -6.95
N SER E 306 0.50 24.45 -7.62
CA SER E 306 -0.74 24.70 -6.89
C SER E 306 -1.36 23.42 -6.40
N ARG E 307 -1.63 22.47 -7.30
CA ARG E 307 -2.16 21.17 -6.93
C ARG E 307 -1.00 20.20 -6.78
N ASN E 308 -1.05 19.40 -5.72
CA ASN E 308 0.05 18.53 -5.42
C ASN E 308 -0.20 17.10 -5.91
N SER E 309 0.89 16.36 -6.06
CA SER E 309 0.80 14.93 -6.16
C SER E 309 0.32 14.35 -4.83
N VAL E 310 -0.17 13.12 -4.88
CA VAL E 310 -0.76 12.53 -3.69
C VAL E 310 0.32 11.87 -2.83
N LYS E 311 1.04 12.70 -2.07
CA LYS E 311 1.88 12.27 -0.94
C LYS E 311 2.98 11.31 -1.38
N THR E 312 3.96 11.84 -2.11
CA THR E 312 5.09 11.03 -2.52
C THR E 312 6.13 10.99 -1.41
N PRO E 313 6.99 9.97 -1.36
CA PRO E 313 7.95 9.90 -0.24
C PRO E 313 9.06 10.92 -0.28
N ASP E 314 9.20 11.69 -1.35
CA ASP E 314 10.00 12.91 -1.36
C ASP E 314 9.10 14.13 -1.13
N THR E 315 9.59 15.28 -1.60
CA THR E 315 8.85 16.55 -1.68
C THR E 315 8.41 17.08 -0.32
N LEU E 316 9.38 17.59 0.45
CA LEU E 316 9.03 18.42 1.59
C LEU E 316 8.24 19.63 1.15
N THR E 317 7.07 19.80 1.75
CA THR E 317 6.20 20.92 1.44
C THR E 317 5.85 21.62 2.73
N LEU E 318 6.34 22.84 2.90
CA LEU E 318 5.89 23.67 3.99
C LEU E 318 4.88 24.66 3.46
N ASN E 319 3.77 24.78 4.15
CA ASN E 319 2.67 25.60 3.70
C ASN E 319 1.86 26.03 4.90
N ILE E 320 1.30 27.24 4.83
CA ILE E 320 0.64 27.83 5.98
C ILE E 320 -0.68 27.11 6.21
N GLN E 321 -1.05 26.98 7.48
CA GLN E 321 -2.24 26.25 7.87
C GLN E 321 -2.81 26.88 9.12
N PRO E 322 -4.12 26.78 9.33
CA PRO E 322 -4.72 27.23 10.59
C PRO E 322 -4.27 26.34 11.73
N ASP E 323 -3.47 26.91 12.63
CA ASP E 323 -2.88 26.19 13.74
C ASP E 323 -3.33 26.84 15.04
N TYR E 324 -3.46 26.01 16.07
CA TYR E 324 -4.01 26.43 17.34
C TYR E 324 -2.90 26.73 18.33
N TYR E 325 -3.30 27.21 19.50
CA TYR E 325 -2.35 27.73 20.48
C TYR E 325 -2.04 26.72 21.59
N LEU E 326 -2.52 25.49 21.49
CA LEU E 326 -2.28 24.52 22.54
C LEU E 326 -0.83 24.05 22.50
N PHE E 327 -0.37 23.41 23.58
CA PHE E 327 0.99 22.90 23.58
C PHE E 327 1.03 21.44 23.16
N LEU E 328 1.65 21.23 21.99
CA LEU E 328 1.96 19.92 21.42
C LEU E 328 0.69 19.10 21.16
N LEU E 329 -0.12 19.59 20.24
CA LEU E 329 -1.26 18.83 19.77
C LEU E 329 -0.88 17.57 19.01
N ARG E 330 0.07 17.65 18.08
CA ARG E 330 0.32 16.56 17.17
C ARG E 330 0.97 15.35 17.82
N HIS E 331 1.52 15.47 19.02
CA HIS E 331 2.25 14.38 19.64
C HIS E 331 1.76 14.06 21.03
N SER E 332 0.64 14.63 21.45
CA SER E 332 -0.01 14.23 22.68
C SER E 332 -1.50 14.19 22.44
N SER E 333 -2.29 13.95 23.48
CA SER E 333 -3.72 13.80 23.31
C SER E 333 -4.37 15.18 23.26
N LEU E 334 -5.69 15.24 23.11
CA LEU E 334 -6.40 16.50 23.30
C LEU E 334 -6.45 16.97 24.73
N TYR E 335 -6.84 16.11 25.67
CA TYR E 335 -7.02 16.53 27.06
C TYR E 335 -5.69 16.92 27.70
N ASP E 336 -4.60 16.25 27.33
CA ASP E 336 -3.34 16.57 27.96
C ASP E 336 -2.70 17.82 27.38
N SER E 337 -3.27 18.38 26.31
CA SER E 337 -2.81 19.66 25.84
C SER E 337 -3.60 20.79 26.47
N PHE E 338 -4.84 20.55 26.88
CA PHE E 338 -5.60 21.62 27.50
C PHE E 338 -5.18 21.90 28.93
N TYR E 339 -4.60 20.93 29.62
CA TYR E 339 -4.00 21.26 30.91
C TYR E 339 -2.80 22.15 30.79
N TYR E 340 -1.76 21.69 30.14
CA TYR E 340 -0.43 22.28 30.30
C TYR E 340 -0.26 23.38 29.27
N SER E 341 -1.22 24.29 29.19
CA SER E 341 -1.16 25.41 28.28
C SER E 341 -0.99 26.67 29.10
N ASN E 342 -1.05 27.81 28.44
CA ASN E 342 -1.05 29.07 29.18
C ASN E 342 -2.33 29.85 28.95
N TYR E 343 -2.71 30.09 27.70
CA TYR E 343 -3.91 30.87 27.45
C TYR E 343 -5.18 30.08 27.63
N VAL E 344 -5.10 28.83 28.07
CA VAL E 344 -6.27 28.17 28.61
C VAL E 344 -6.24 28.23 30.13
N ASN E 345 -5.05 28.12 30.71
CA ASN E 345 -4.92 28.21 32.16
C ASN E 345 -5.16 29.63 32.65
N ALA E 346 -4.88 30.61 31.82
CA ALA E 346 -5.08 32.00 32.21
C ALA E 346 -6.54 32.42 32.19
N LYS E 347 -7.40 31.66 31.53
CA LYS E 347 -8.79 32.06 31.38
C LYS E 347 -9.75 31.13 32.08
N LEU E 348 -9.32 29.94 32.48
CA LEU E 348 -10.17 29.02 33.21
C LEU E 348 -9.67 28.72 34.61
N SER E 349 -8.47 29.18 34.96
CA SER E 349 -7.84 29.04 36.28
C SER E 349 -7.81 27.59 36.75
N LEU E 350 -7.08 26.76 36.01
CA LEU E 350 -7.11 25.32 36.21
C LEU E 350 -6.30 24.85 37.40
N TRP E 351 -5.59 25.72 38.11
CA TRP E 351 -4.80 25.25 39.23
C TRP E 351 -5.66 24.86 40.41
N ASN E 352 -6.84 25.45 40.55
CA ASN E 352 -7.78 25.13 41.61
C ASN E 352 -8.56 23.88 41.25
N GLU E 353 -9.60 23.62 42.02
CA GLU E 353 -10.54 22.57 41.69
C GLU E 353 -11.79 23.12 41.01
N ASN E 354 -12.07 24.41 41.20
CA ASN E 354 -13.30 24.98 40.68
C ASN E 354 -13.26 25.20 39.18
N GLY E 355 -12.07 25.13 38.59
CA GLY E 355 -11.95 25.27 37.15
C GLY E 355 -11.86 23.98 36.39
N LYS E 356 -11.45 22.90 37.05
CA LYS E 356 -11.33 21.61 36.36
C LYS E 356 -12.70 21.02 36.04
N LYS E 357 -13.73 21.43 36.76
CA LYS E 357 -15.08 21.05 36.38
C LYS E 357 -15.52 21.74 35.10
N ARG E 358 -14.99 22.92 34.81
CA ARG E 358 -15.41 23.62 33.60
C ARG E 358 -14.77 23.04 32.36
N LEU E 359 -13.68 22.29 32.52
CA LEU E 359 -12.99 21.75 31.36
C LEU E 359 -13.77 20.61 30.72
N HIS E 360 -14.27 19.67 31.52
CA HIS E 360 -15.14 18.63 31.00
C HIS E 360 -16.46 19.20 30.49
N LYS E 361 -16.84 20.37 30.98
CA LYS E 361 -18.06 21.02 30.53
C LYS E 361 -17.93 21.51 29.09
N MET E 362 -16.71 21.68 28.60
CA MET E 362 -16.52 21.96 27.18
C MET E 362 -16.76 20.73 26.33
N PHE E 363 -16.19 19.59 26.71
CA PHE E 363 -16.23 18.42 25.85
C PHE E 363 -17.62 17.79 25.81
N ALA E 364 -18.48 18.15 26.75
CA ALA E 364 -19.89 17.82 26.61
C ALA E 364 -20.49 18.49 25.39
N ARG E 365 -20.30 19.80 25.25
CA ARG E 365 -20.87 20.54 24.13
C ARG E 365 -20.24 20.19 22.80
N MET E 366 -18.94 19.91 22.78
CA MET E 366 -18.25 19.67 21.53
C MET E 366 -18.57 18.31 20.94
N GLY E 367 -19.13 17.40 21.72
CA GLY E 367 -19.44 16.08 21.22
C GLY E 367 -18.26 15.15 21.20
N ILE E 368 -17.40 15.21 22.20
CA ILE E 368 -16.23 14.35 22.28
C ILE E 368 -16.32 13.56 23.58
N PRO E 369 -16.28 12.24 23.55
CA PRO E 369 -16.30 11.45 24.78
C PRO E 369 -15.00 11.62 25.55
N LEU E 370 -15.00 11.13 26.78
CA LEU E 370 -13.80 11.28 27.60
C LEU E 370 -12.93 10.04 27.57
N SER E 371 -13.23 9.11 26.66
CA SER E 371 -12.27 8.07 26.32
C SER E 371 -11.46 8.45 25.09
N THR E 372 -12.14 8.95 24.05
CA THR E 372 -11.49 9.45 22.85
C THR E 372 -10.54 10.61 23.14
N ALA E 373 -10.92 11.50 24.04
CA ALA E 373 -10.15 12.73 24.24
C ALA E 373 -8.86 12.51 25.02
N GLN E 374 -8.54 11.28 25.38
CA GLN E 374 -7.20 11.01 25.91
C GLN E 374 -6.41 10.03 25.07
N GLU E 375 -6.98 9.53 23.97
CA GLU E 375 -6.17 8.80 23.01
C GLU E 375 -5.23 9.77 22.31
N THR E 376 -4.05 9.28 21.96
CA THR E 376 -3.06 10.14 21.32
C THR E 376 -3.49 10.49 19.90
N TRP E 377 -2.97 11.62 19.40
CA TRP E 377 -3.64 12.33 18.32
C TRP E 377 -3.52 11.62 16.98
N LEU E 378 -2.64 10.64 16.89
CA LEU E 378 -2.66 9.77 15.72
C LEU E 378 -3.90 8.90 15.69
N TYR E 379 -4.21 8.24 16.79
CA TYR E 379 -5.29 7.27 16.82
C TYR E 379 -6.59 7.92 17.29
N MET E 380 -6.94 9.02 16.66
CA MET E 380 -8.31 9.50 16.81
C MET E 380 -8.99 9.18 15.49
N ASP E 381 -10.30 9.34 15.43
CA ASP E 381 -11.04 8.83 14.28
C ASP E 381 -10.82 9.75 13.08
N HIS E 382 -11.19 9.27 11.91
CA HIS E 382 -11.06 10.05 10.69
C HIS E 382 -12.06 11.19 10.63
N SER E 383 -13.25 11.01 11.18
CA SER E 383 -14.27 12.04 11.14
C SER E 383 -14.28 12.94 12.36
N ILE E 384 -13.19 13.06 13.08
CA ILE E 384 -13.06 14.05 14.14
C ILE E 384 -11.94 15.04 13.83
N LYS E 385 -10.80 14.56 13.35
CA LYS E 385 -9.75 15.46 12.90
C LYS E 385 -10.11 16.14 11.59
N ARG E 386 -11.11 15.60 10.88
CA ARG E 386 -11.71 16.32 9.77
C ARG E 386 -12.47 17.54 10.24
N GLU E 387 -13.14 17.45 11.39
CA GLU E 387 -14.06 18.48 11.86
C GLU E 387 -13.52 19.23 13.06
N LEU E 388 -12.22 19.49 13.11
CA LEU E 388 -11.71 20.24 14.25
C LEU E 388 -11.72 21.73 13.98
N GLY E 389 -11.57 22.13 12.72
CA GLY E 389 -11.71 23.52 12.38
C GLY E 389 -13.14 24.04 12.43
N ILE E 390 -14.12 23.15 12.57
CA ILE E 390 -15.51 23.59 12.58
C ILE E 390 -16.06 23.65 13.99
N ILE E 391 -15.72 22.67 14.82
CA ILE E 391 -16.24 22.67 16.18
C ILE E 391 -15.58 23.76 17.03
N PHE E 392 -14.35 24.14 16.70
CA PHE E 392 -13.65 25.18 17.44
C PHE E 392 -14.18 26.60 17.20
N ASP E 393 -15.26 26.78 16.47
CA ASP E 393 -15.81 28.13 16.29
C ASP E 393 -17.29 28.25 16.64
N LYS E 394 -17.98 27.14 16.90
CA LYS E 394 -19.35 27.24 17.34
C LYS E 394 -19.43 27.25 18.86
N ASN E 395 -18.54 26.51 19.51
CA ASN E 395 -18.64 26.29 20.94
C ASN E 395 -17.54 26.99 21.73
N LEU E 396 -16.56 27.59 21.07
CA LEU E 396 -15.45 28.19 21.79
C LEU E 396 -15.71 29.64 22.19
N ASP E 397 -16.83 30.21 21.78
CA ASP E 397 -17.07 31.62 22.08
C ASP E 397 -17.45 31.86 23.53
N ARG E 398 -18.16 30.90 24.13
CA ARG E 398 -18.81 31.14 25.41
C ARG E 398 -17.82 31.16 26.56
N TYR E 399 -16.69 30.51 26.42
CA TYR E 399 -15.70 30.50 27.47
C TYR E 399 -14.62 31.55 27.26
N GLY E 400 -14.81 32.45 26.30
CA GLY E 400 -13.87 33.51 26.05
C GLY E 400 -12.71 33.14 25.15
N LEU E 401 -12.44 31.86 24.97
CA LEU E 401 -11.31 31.41 24.17
C LEU E 401 -11.66 31.57 22.70
N GLN E 402 -11.45 32.78 22.20
CA GLN E 402 -11.55 33.00 20.76
C GLN E 402 -10.22 33.39 20.14
N ASP E 403 -9.21 33.69 20.95
CA ASP E 403 -7.87 33.93 20.43
C ASP E 403 -7.05 32.63 20.46
N ILE E 404 -7.64 31.57 19.92
CA ILE E 404 -6.99 30.29 19.83
C ILE E 404 -6.56 29.99 18.40
N ILE E 405 -7.43 30.22 17.43
CA ILE E 405 -7.12 29.89 16.05
C ILE E 405 -6.21 30.97 15.47
N ARG E 406 -4.99 30.59 15.12
CA ARG E 406 -4.06 31.46 14.44
C ARG E 406 -3.66 30.80 13.13
N ASP E 407 -2.70 31.41 12.44
CA ASP E 407 -2.13 30.81 11.23
C ASP E 407 -0.68 30.43 11.49
N GLY E 408 -0.35 29.16 11.21
CA GLY E 408 0.96 28.63 11.49
C GLY E 408 1.47 27.82 10.32
N PHE E 409 2.65 27.25 10.50
CA PHE E 409 3.40 26.63 9.42
C PHE E 409 3.55 25.16 9.74
N VAL E 410 3.65 24.32 8.72
CA VAL E 410 3.66 22.87 8.88
C VAL E 410 4.65 22.29 7.89
N ARG E 411 5.63 21.54 8.37
CA ARG E 411 6.66 20.98 7.51
C ARG E 411 6.59 19.47 7.52
N THR E 412 6.10 18.88 6.44
CA THR E 412 6.01 17.43 6.30
C THR E 412 7.12 16.98 5.36
N LEU E 413 7.87 15.97 5.78
CA LEU E 413 8.97 15.45 4.98
C LEU E 413 8.59 14.18 4.23
N GLY E 414 7.35 14.07 3.75
CA GLY E 414 6.99 12.91 2.97
C GLY E 414 6.02 12.01 3.71
N TYR E 415 6.47 10.80 4.04
CA TYR E 415 5.63 9.87 4.77
C TYR E 415 5.80 9.91 6.27
N ARG E 416 6.62 10.82 6.79
CA ARG E 416 6.86 10.83 8.23
C ARG E 416 5.68 11.40 8.99
N GLY E 417 5.28 12.62 8.65
CA GLY E 417 4.20 13.25 9.37
C GLY E 417 4.49 14.69 9.71
N SER E 418 3.50 15.42 10.18
CA SER E 418 3.53 16.88 10.25
C SER E 418 4.09 17.31 11.59
N ILE E 419 4.89 18.37 11.59
CA ILE E 419 5.39 19.02 12.78
C ILE E 419 5.29 20.51 12.56
N SER E 420 4.57 21.22 13.41
CA SER E 420 4.39 22.62 13.16
C SER E 420 5.62 23.42 13.60
N ALA E 421 5.46 24.73 13.64
CA ALA E 421 6.59 25.56 14.01
C ALA E 421 6.74 25.68 15.52
N SER E 422 5.63 25.89 16.22
CA SER E 422 5.70 26.04 17.66
C SER E 422 6.06 24.74 18.36
N GLU E 423 5.65 23.61 17.78
CA GLU E 423 5.93 22.27 18.29
C GLU E 423 7.32 21.79 17.96
N PHE E 424 8.15 22.65 17.40
CA PHE E 424 9.55 22.36 17.17
C PHE E 424 10.44 23.11 18.12
N VAL E 425 10.02 24.31 18.51
CA VAL E 425 10.86 25.12 19.37
C VAL E 425 10.68 24.70 20.83
N GLU E 426 9.63 23.96 21.14
CA GLU E 426 9.56 23.34 22.46
C GLU E 426 10.49 22.16 22.56
N ALA E 427 10.70 21.45 21.45
CA ALA E 427 11.62 20.32 21.48
C ALA E 427 13.07 20.75 21.36
N LEU E 428 13.33 22.05 21.26
CA LEU E 428 14.70 22.54 21.34
C LEU E 428 14.95 23.31 22.61
N THR E 429 13.91 23.86 23.24
CA THR E 429 14.07 24.39 24.57
C THR E 429 14.08 23.30 25.63
N ALA E 430 13.72 22.07 25.26
CA ALA E 430 13.77 20.97 26.19
C ALA E 430 14.88 19.99 25.88
N LEU E 431 15.70 20.27 24.88
CA LEU E 431 16.91 19.50 24.62
C LEU E 431 18.14 20.28 25.02
N LEU E 432 17.95 21.40 25.68
CA LEU E 432 19.07 22.25 26.05
C LEU E 432 19.41 22.21 27.53
N GLU E 433 18.70 21.42 28.34
CA GLU E 433 19.06 21.24 29.74
C GLU E 433 19.01 19.80 30.23
N VAL E 434 18.32 18.91 29.54
CA VAL E 434 18.22 17.52 29.98
C VAL E 434 18.80 16.64 28.90
N GLY E 435 18.84 15.34 29.18
CA GLY E 435 19.13 14.35 28.16
C GLY E 435 20.58 14.26 27.76
N ASN E 436 21.47 14.67 28.66
CA ASN E 436 22.92 14.67 28.45
C ASN E 436 23.52 13.31 28.09
N SER E 462 33.06 23.26 45.42
CA SER E 462 32.58 24.62 45.57
C SER E 462 32.59 25.35 44.23
N ALA E 463 33.62 26.17 44.00
CA ALA E 463 33.76 26.88 42.74
C ALA E 463 34.09 25.95 41.58
N GLN E 464 34.73 24.81 41.85
CA GLN E 464 34.93 23.83 40.80
C GLN E 464 33.80 22.81 40.77
N LYS E 465 32.80 22.99 41.61
CA LYS E 465 31.53 22.31 41.37
C LYS E 465 30.63 23.14 40.46
N LEU E 466 30.96 24.42 40.28
CA LEU E 466 30.17 25.27 39.40
C LEU E 466 30.52 25.01 37.94
N THR E 467 31.82 25.06 37.61
CA THR E 467 32.23 24.95 36.21
C THR E 467 32.10 23.53 35.68
N ASN E 468 31.86 22.56 36.56
CA ASN E 468 31.52 21.23 36.10
C ASN E 468 30.06 21.14 35.68
N LEU E 469 29.24 22.14 36.05
CA LEU E 469 27.91 22.25 35.47
C LEU E 469 27.91 22.97 34.14
N ARG E 470 28.76 23.99 34.00
CA ARG E 470 28.73 24.77 32.77
C ARG E 470 29.31 24.01 31.59
N LYS E 471 30.09 22.97 31.85
CA LYS E 471 30.48 22.08 30.77
C LYS E 471 29.40 21.05 30.49
N ARG E 472 28.37 20.97 31.33
CA ARG E 472 27.24 20.12 31.00
C ARG E 472 26.19 20.88 30.20
N TRP E 473 26.33 22.21 30.09
CA TRP E 473 25.45 22.94 29.20
C TRP E 473 26.08 23.19 27.85
N VAL E 474 27.37 23.50 27.82
CA VAL E 474 28.08 23.70 26.56
C VAL E 474 28.14 22.40 25.76
N SER E 475 28.31 21.27 26.43
CA SER E 475 28.24 20.00 25.72
C SER E 475 26.82 19.61 25.39
N ASN E 476 25.83 20.27 25.99
CA ASN E 476 24.45 19.98 25.63
C ASN E 476 24.02 20.77 24.42
N PHE E 477 24.81 21.76 24.02
CA PHE E 477 24.42 22.63 22.93
C PHE E 477 24.49 21.91 21.59
N TRP E 478 25.47 21.04 21.41
CA TRP E 478 25.57 20.25 20.19
C TRP E 478 24.54 19.15 20.11
N LEU E 479 23.76 18.95 21.15
CA LEU E 479 22.71 17.94 21.11
C LEU E 479 21.46 18.47 20.46
N SER E 480 21.36 19.79 20.27
CA SER E 480 20.27 20.34 19.49
C SER E 480 20.74 20.78 18.12
N TRP E 481 22.01 21.17 18.00
CA TRP E 481 22.61 21.56 16.73
C TRP E 481 22.56 20.45 15.70
N ASP E 482 22.68 19.20 16.14
CA ASP E 482 22.52 18.09 15.22
C ASP E 482 21.05 17.81 14.92
N ALA E 483 20.19 17.93 15.92
CA ALA E 483 18.78 17.60 15.76
C ALA E 483 18.01 18.57 14.89
N LEU E 484 18.61 19.71 14.55
CA LEU E 484 17.94 20.71 13.74
C LEU E 484 17.77 20.25 12.30
N ASP E 485 18.57 19.29 11.86
CA ASP E 485 18.59 18.88 10.47
C ASP E 485 17.41 17.96 10.15
N ASP E 486 17.51 17.31 8.99
CA ASP E 486 16.43 16.48 8.48
C ASP E 486 16.85 15.02 8.32
N ARG E 487 18.03 14.65 8.82
CA ARG E 487 18.48 13.27 8.73
C ARG E 487 18.25 12.47 10.00
N LYS E 488 18.25 13.10 11.16
CA LYS E 488 18.19 12.41 12.43
C LYS E 488 16.86 12.73 13.09
N VAL E 489 15.89 11.84 12.92
CA VAL E 489 14.60 11.99 13.57
C VAL E 489 14.51 11.16 14.85
N GLU E 490 15.38 10.17 15.01
CA GLU E 490 15.46 9.47 16.29
C GLU E 490 16.07 10.33 17.38
N LEU E 491 16.72 11.44 17.04
CA LEU E 491 17.16 12.41 18.03
C LEU E 491 16.07 13.41 18.37
N LEU E 492 15.18 13.70 17.44
CA LEU E 492 14.08 14.61 17.75
C LEU E 492 13.05 13.96 18.66
N ASN E 493 12.69 12.70 18.43
CA ASN E 493 11.65 12.08 19.24
C ASN E 493 12.14 11.66 20.61
N ARG E 494 13.42 11.84 20.89
CA ARG E 494 13.85 11.91 22.29
C ARG E 494 13.50 13.25 22.88
N GLY E 495 13.40 14.29 22.06
CA GLY E 495 13.18 15.62 22.60
C GLY E 495 11.76 15.84 23.06
N ILE E 496 10.78 15.33 22.31
CA ILE E 496 9.38 15.58 22.65
C ILE E 496 9.01 14.84 23.93
N GLN E 497 9.49 13.61 24.10
CA GLN E 497 9.22 12.91 25.35
C GLN E 497 10.12 13.39 26.49
N LEU E 498 11.07 14.27 26.20
CA LEU E 498 11.72 15.01 27.24
C LEU E 498 11.08 16.37 27.46
N ALA E 499 10.09 16.74 26.64
CA ALA E 499 9.46 18.03 26.81
C ALA E 499 8.20 17.93 27.64
N GLN E 500 7.48 16.82 27.55
CA GLN E 500 6.26 16.68 28.33
C GLN E 500 6.56 16.43 29.80
N ASP E 501 7.74 15.91 30.11
CA ASP E 501 8.11 15.75 31.51
C ASP E 501 8.86 16.96 32.02
N LEU E 502 8.97 18.00 31.21
CA LEU E 502 9.33 19.30 31.75
C LEU E 502 8.09 20.05 32.23
N GLN E 503 7.09 20.18 31.36
CA GLN E 503 5.88 20.88 31.75
C GLN E 503 4.88 20.01 32.48
N ARG E 504 5.33 18.90 33.06
CA ARG E 504 4.55 18.23 34.09
C ARG E 504 5.18 18.48 35.45
N ALA E 505 6.46 18.79 35.48
CA ALA E 505 7.11 19.13 36.74
C ALA E 505 6.97 20.60 37.06
N ILE E 506 6.70 21.43 36.05
CA ILE E 506 6.44 22.83 36.31
C ILE E 506 5.01 23.02 36.81
N PHE E 507 4.07 22.30 36.20
CA PHE E 507 2.66 22.44 36.55
C PHE E 507 2.36 21.89 37.95
N ASN E 508 3.22 21.00 38.45
CA ASN E 508 3.00 20.51 39.81
C ASN E 508 3.77 21.32 40.83
N THR E 509 4.61 22.26 40.38
CA THR E 509 5.16 23.24 41.30
C THR E 509 4.31 24.50 41.29
N GLY E 510 3.85 24.91 40.12
CA GLY E 510 3.08 26.14 40.02
C GLY E 510 1.68 26.04 40.60
N VAL E 511 1.22 24.82 40.89
CA VAL E 511 0.00 24.68 41.67
C VAL E 511 0.31 24.85 43.16
N ALA E 512 1.45 24.30 43.61
CA ALA E 512 1.78 24.32 45.03
C ALA E 512 2.17 25.70 45.52
N ILE E 513 2.40 26.65 44.63
CA ILE E 513 2.53 28.04 45.05
C ILE E 513 1.15 28.67 45.23
N LEU E 514 0.23 28.39 44.31
CA LEU E 514 -1.03 29.13 44.32
C LEU E 514 -2.07 28.51 45.24
N GLU E 515 -1.69 27.59 46.10
CA GLU E 515 -2.54 27.23 47.22
C GLU E 515 -2.03 27.81 48.52
N LYS E 516 -0.74 27.68 48.80
CA LYS E 516 -0.12 28.27 49.97
C LYS E 516 -0.02 29.79 49.88
N LYS E 517 -0.05 30.34 48.66
CA LYS E 517 -0.04 31.78 48.39
C LYS E 517 1.19 32.46 49.00
N LEU E 518 2.35 32.12 48.43
CA LEU E 518 3.63 32.64 48.91
C LEU E 518 3.98 33.98 48.24
N ILE E 519 2.99 34.73 47.79
CA ILE E 519 3.24 35.99 47.10
C ILE E 519 3.12 37.14 48.08
N LYS E 520 4.17 37.94 48.18
CA LYS E 520 4.06 39.23 48.84
C LYS E 520 3.61 40.27 47.83
N HIS E 521 2.62 41.06 48.19
CA HIS E 521 1.95 41.97 47.27
C HIS E 521 2.37 43.41 47.47
N LEU E 522 3.68 43.63 47.62
CA LEU E 522 4.25 44.91 48.02
C LEU E 522 3.91 46.05 47.06
N ARG E 523 4.23 47.27 47.49
CA ARG E 523 3.69 48.47 46.87
C ARG E 523 4.33 48.77 45.52
N ILE E 524 5.48 48.18 45.22
CA ILE E 524 6.22 48.46 44.01
C ILE E 524 6.13 47.30 43.03
N TYR E 525 6.32 46.09 43.52
CA TYR E 525 6.35 44.90 42.69
C TYR E 525 5.66 43.77 43.44
N ARG E 526 5.70 42.59 42.86
CA ARG E 526 5.31 41.38 43.57
C ARG E 526 6.54 40.52 43.75
N LEU E 527 6.56 39.74 44.82
CA LEU E 527 7.72 38.92 45.13
C LEU E 527 7.26 37.51 45.47
N CYS E 528 8.07 36.54 45.06
CA CYS E 528 7.92 35.16 45.48
C CYS E 528 9.31 34.59 45.73
N VAL E 529 9.42 33.83 46.81
CA VAL E 529 10.67 33.15 47.14
C VAL E 529 10.34 31.69 47.43
N LEU E 530 10.91 30.81 46.63
CA LEU E 530 10.70 29.38 46.75
C LEU E 530 11.88 28.81 47.52
N GLN E 531 11.60 28.06 48.58
CA GLN E 531 12.68 27.50 49.39
C GLN E 531 12.62 25.98 49.49
N ASP E 532 11.44 25.39 49.36
CA ASP E 532 11.30 23.96 49.59
C ASP E 532 10.22 23.39 48.69
N GLY E 533 10.43 22.14 48.28
CA GLY E 533 9.52 21.46 47.41
C GLY E 533 10.17 20.28 46.72
N PRO E 534 9.51 19.73 45.72
CA PRO E 534 10.12 18.65 44.94
C PRO E 534 10.92 19.19 43.77
N ASP E 535 11.86 18.35 43.31
CA ASP E 535 12.69 18.49 42.10
C ASP E 535 13.29 19.89 41.93
N LEU E 536 13.91 20.38 42.99
CA LEU E 536 14.55 21.68 42.92
C LEU E 536 15.91 21.67 42.25
N ASP E 537 16.36 20.50 41.78
CA ASP E 537 17.59 20.42 41.00
C ASP E 537 17.43 21.01 39.60
N LEU E 538 16.22 20.99 39.04
CA LEU E 538 15.99 21.44 37.67
C LEU E 538 16.18 22.93 37.47
N TYR E 539 16.17 23.71 38.52
CA TYR E 539 15.92 25.14 38.35
C TYR E 539 17.20 25.94 38.35
N ARG E 540 18.33 25.29 38.12
CA ARG E 540 19.61 25.96 37.97
C ARG E 540 19.83 26.49 36.56
N ASN E 541 19.08 26.00 35.60
CA ASN E 541 19.22 26.49 34.23
C ASN E 541 18.38 27.74 34.05
N PRO E 542 18.95 28.81 33.51
CA PRO E 542 18.14 30.01 33.22
C PRO E 542 17.06 29.81 32.17
N LEU E 543 17.09 28.73 31.41
CA LEU E 543 15.95 28.40 30.56
C LEU E 543 14.94 27.52 31.25
N THR E 544 14.94 27.48 32.58
CA THR E 544 13.89 26.76 33.28
C THR E 544 13.12 27.69 34.19
N LEU E 545 13.79 28.66 34.82
CA LEU E 545 13.12 29.70 35.56
C LEU E 545 12.27 30.57 34.68
N LEU E 546 12.71 30.82 33.45
CA LEU E 546 11.92 31.65 32.54
C LEU E 546 10.74 30.87 31.98
N ARG E 547 10.75 29.55 32.12
CA ARG E 547 9.56 28.78 31.78
C ARG E 547 8.50 28.92 32.87
N LEU E 548 8.89 28.77 34.13
CA LEU E 548 7.94 28.86 35.22
C LEU E 548 7.50 30.29 35.44
N GLY E 549 8.43 31.23 35.34
CA GLY E 549 8.09 32.63 35.49
C GLY E 549 7.17 33.13 34.40
N ASN E 550 7.26 32.54 33.21
CA ASN E 550 6.30 32.87 32.17
C ASN E 550 4.96 32.24 32.42
N TRP E 551 4.89 31.25 33.31
CA TRP E 551 3.60 30.67 33.65
C TRP E 551 2.94 31.46 34.76
N LEU E 552 3.72 32.21 35.54
CA LEU E 552 3.13 32.99 36.62
C LEU E 552 2.68 34.37 36.16
N ILE E 553 3.43 34.99 35.25
CA ILE E 553 3.07 36.30 34.71
C ILE E 553 1.76 36.26 33.97
N GLU E 554 1.57 35.31 33.06
CA GLU E 554 0.28 35.16 32.41
C GLU E 554 -0.79 34.55 33.30
N CYS E 555 -0.42 34.10 34.50
CA CYS E 555 -1.46 33.64 35.41
C CYS E 555 -2.08 34.78 36.19
N CYS E 556 -1.31 35.46 37.04
CA CYS E 556 -1.88 36.47 37.92
C CYS E 556 -2.08 37.81 37.23
N ALA E 557 -1.10 38.28 36.46
CA ALA E 557 -1.28 39.48 35.64
C ALA E 557 -2.04 39.04 34.41
N GLU E 558 -3.35 38.96 34.54
CA GLU E 558 -4.23 38.30 33.60
C GLU E 558 -5.15 39.33 32.98
N SER E 559 -6.19 38.81 32.29
CA SER E 559 -7.28 39.66 31.83
C SER E 559 -7.95 40.43 32.97
N GLU E 560 -8.05 39.83 34.16
CA GLU E 560 -8.62 40.50 35.31
C GLU E 560 -7.67 41.58 35.82
N ASP E 561 -8.12 42.83 35.82
CA ASP E 561 -7.31 43.94 36.28
C ASP E 561 -7.20 43.88 37.80
N LYS E 562 -6.03 43.52 38.30
CA LYS E 562 -5.65 43.78 39.67
C LYS E 562 -4.68 44.94 39.77
N GLN E 563 -3.50 44.80 39.18
CA GLN E 563 -2.50 45.86 39.00
C GLN E 563 -1.70 45.52 37.76
N LEU E 564 -0.53 46.15 37.64
CA LEU E 564 0.48 45.78 36.65
C LEU E 564 1.84 46.05 37.30
N LEU E 565 2.41 45.01 37.92
CA LEU E 565 3.65 45.10 38.65
C LEU E 565 4.61 44.00 38.20
N PRO E 566 5.91 44.25 38.25
CA PRO E 566 6.89 43.20 37.92
C PRO E 566 6.94 42.13 39.01
N MET E 567 7.42 40.95 38.63
CA MET E 567 7.68 39.87 39.56
C MET E 567 9.17 39.84 39.86
N VAL E 568 9.53 39.23 40.99
CA VAL E 568 10.90 38.88 41.30
C VAL E 568 10.87 37.47 41.85
N LEU E 569 11.54 36.55 41.16
CA LEU E 569 11.61 35.17 41.60
C LEU E 569 12.95 34.89 42.24
N ALA E 570 12.98 33.86 43.08
CA ALA E 570 14.22 33.43 43.73
C ALA E 570 14.05 31.97 44.13
N SER E 571 14.75 31.07 43.44
CA SER E 571 14.78 29.68 43.83
C SER E 571 16.08 29.38 44.55
N ILE E 572 16.19 28.15 45.06
CA ILE E 572 17.35 27.79 45.88
C ILE E 572 17.59 26.29 45.80
N ASP E 573 18.86 25.92 45.91
CA ASP E 573 19.28 24.55 46.11
C ASP E 573 20.27 24.54 47.28
N GLU E 574 20.93 23.40 47.46
CA GLU E 574 22.13 23.28 48.29
C GLU E 574 23.33 23.76 47.48
N ASN E 575 24.54 23.37 47.93
CA ASN E 575 25.80 23.67 47.26
C ASN E 575 26.04 25.19 47.20
N THR E 576 26.41 25.70 48.38
CA THR E 576 26.73 27.08 48.78
C THR E 576 25.63 28.10 48.48
N ASP E 577 24.38 27.64 48.36
CA ASP E 577 23.16 28.43 48.53
C ASP E 577 23.09 29.57 47.49
N THR E 578 22.92 29.17 46.25
CA THR E 578 23.23 30.05 45.13
C THR E 578 22.23 31.18 44.95
N TYR E 579 20.93 30.92 45.22
CA TYR E 579 19.85 31.91 45.14
C TYR E 579 19.79 32.63 43.78
N LEU E 580 19.48 31.85 42.75
CA LEU E 580 19.35 32.40 41.42
C LEU E 580 18.10 33.26 41.35
N VAL E 581 18.27 34.58 41.44
CA VAL E 581 17.15 35.49 41.34
C VAL E 581 17.05 35.95 39.89
N ALA E 582 15.85 36.35 39.49
CA ALA E 582 15.58 36.73 38.12
C ALA E 582 14.44 37.73 38.08
N GLY E 583 14.71 38.89 37.50
CA GLY E 583 13.68 39.89 37.33
C GLY E 583 12.90 39.65 36.05
N LEU E 584 11.58 39.85 36.14
CA LEU E 584 10.70 39.56 35.03
C LEU E 584 10.00 40.84 34.59
N THR E 585 9.06 40.68 33.66
CA THR E 585 8.41 41.80 33.00
C THR E 585 6.90 41.58 32.94
N PRO E 586 6.10 42.63 32.80
CA PRO E 586 4.65 42.45 32.68
C PRO E 586 4.19 42.39 31.23
N ARG E 587 2.99 41.84 31.01
CA ARG E 587 2.42 41.72 29.68
C ARG E 587 0.99 42.24 29.64
N TYR E 588 0.45 42.29 28.43
CA TYR E 588 -0.93 42.66 28.13
C TYR E 588 -1.70 41.44 27.63
N PRO E 589 -3.02 41.36 27.87
CA PRO E 589 -3.69 40.10 27.51
C PRO E 589 -4.23 40.04 26.09
N ARG E 590 -3.40 40.50 25.14
CA ARG E 590 -3.61 40.37 23.69
C ARG E 590 -4.96 40.93 23.22
N GLY E 591 -5.13 42.23 23.42
CA GLY E 591 -6.34 42.91 23.00
C GLY E 591 -6.25 44.41 23.22
N THR E 597 -0.98 47.44 22.97
CA THR E 597 0.35 47.21 22.42
C THR E 597 1.03 48.54 22.14
N LYS E 598 0.87 49.47 23.08
CA LYS E 598 1.32 50.84 22.91
C LYS E 598 2.58 51.17 23.68
N LYS E 599 2.82 50.52 24.81
CA LYS E 599 4.00 50.79 25.63
C LYS E 599 5.06 49.73 25.39
N PRO E 600 6.14 50.03 24.68
CA PRO E 600 7.15 49.00 24.38
C PRO E 600 8.40 49.00 25.26
N ILE E 601 8.53 49.89 26.25
CA ILE E 601 9.79 50.01 27.00
C ILE E 601 9.96 48.86 27.99
N LEU E 602 9.04 48.76 28.94
CA LEU E 602 8.70 47.53 29.64
C LEU E 602 9.80 46.86 30.46
N ASN E 603 10.92 47.53 30.70
CA ASN E 603 11.94 46.92 31.55
C ASN E 603 12.68 47.99 32.32
N ASN E 604 13.07 47.67 33.55
CA ASN E 604 13.92 48.56 34.34
C ASN E 604 14.96 47.86 35.19
N PHE E 605 15.00 46.52 35.23
CA PHE E 605 15.84 45.83 36.20
C PHE E 605 17.30 45.78 35.83
N SER E 606 17.74 46.49 34.80
CA SER E 606 19.17 46.58 34.56
C SER E 606 19.78 47.74 35.31
N MET E 607 19.19 48.93 35.22
CA MET E 607 19.79 50.13 35.79
C MET E 607 19.70 50.13 37.30
N ALA E 608 18.47 50.11 37.83
CA ALA E 608 18.21 50.24 39.26
C ALA E 608 18.77 49.10 40.08
N PHE E 609 18.95 47.93 39.46
CA PHE E 609 19.64 46.86 40.14
C PHE E 609 21.14 47.12 40.20
N GLN E 610 21.71 47.68 39.14
CA GLN E 610 23.16 47.85 39.02
C GLN E 610 23.73 48.82 40.05
N GLN E 611 22.94 49.76 40.54
CA GLN E 611 23.42 50.69 41.55
C GLN E 611 23.66 50.02 42.89
N ILE E 612 22.93 48.95 43.18
CA ILE E 612 23.03 48.32 44.49
C ILE E 612 24.27 47.44 44.57
N THR E 613 24.64 46.82 43.46
CA THR E 613 25.79 45.92 43.48
C THR E 613 27.12 46.66 43.51
N ALA E 614 27.11 47.97 43.28
CA ALA E 614 28.28 48.80 43.48
C ALA E 614 28.19 49.61 44.76
N GLU E 615 27.23 49.29 45.62
CA GLU E 615 27.02 49.97 46.89
C GLU E 615 27.56 49.19 48.08
N THR E 616 27.28 47.90 48.16
CA THR E 616 27.82 47.07 49.22
C THR E 616 28.68 45.95 48.64
N ASP E 617 28.45 45.64 47.35
CA ASP E 617 29.00 44.47 46.61
C ASP E 617 29.04 43.20 47.45
N ALA E 618 27.93 42.92 48.13
CA ALA E 618 27.90 41.86 49.13
C ALA E 618 27.66 40.51 48.45
N LYS E 619 28.75 39.91 47.96
CA LYS E 619 28.77 38.53 47.44
C LYS E 619 27.82 38.31 46.28
N VAL E 620 28.04 39.05 45.19
CA VAL E 620 27.24 38.95 43.98
C VAL E 620 28.20 38.77 42.81
N ARG E 621 27.79 37.98 41.82
CA ARG E 621 28.51 37.81 40.57
C ARG E 621 27.54 38.06 39.41
N ILE E 622 27.96 38.87 38.46
CA ILE E 622 27.19 39.11 37.24
C ILE E 622 27.85 38.28 36.14
N ASP E 623 27.30 37.09 35.89
CA ASP E 623 27.94 36.12 35.00
C ASP E 623 26.97 35.65 33.92
N ASN E 624 26.32 36.56 33.22
CA ASN E 624 25.36 36.15 32.20
C ASN E 624 25.38 37.09 31.02
N PHE E 625 24.83 36.58 29.91
CA PHE E 625 24.55 37.40 28.73
C PHE E 625 23.51 38.47 29.03
N GLU E 626 22.65 38.22 30.01
CA GLU E 626 21.57 39.11 30.39
C GLU E 626 21.95 39.79 31.71
N SER E 627 21.50 41.02 31.88
CA SER E 627 21.79 41.73 33.11
C SER E 627 20.69 41.58 34.16
N SER E 628 19.70 40.71 33.91
CA SER E 628 18.57 40.61 34.81
C SER E 628 18.48 39.25 35.50
N ILE E 629 19.61 38.58 35.70
CA ILE E 629 19.65 37.36 36.50
C ILE E 629 21.03 37.21 37.12
N ILE E 630 21.09 37.08 38.44
CA ILE E 630 22.35 36.91 39.16
C ILE E 630 22.20 35.82 40.21
N GLU E 631 23.28 35.56 40.92
CA GLU E 631 23.31 34.72 42.11
C GLU E 631 23.69 35.59 43.31
N ILE E 632 23.36 35.09 44.50
CA ILE E 632 23.66 35.81 45.74
C ILE E 632 23.70 34.81 46.87
N ARG E 633 24.55 35.06 47.85
CA ARG E 633 24.71 34.13 48.95
C ARG E 633 23.50 34.23 49.87
N ARG E 634 23.36 33.23 50.75
CA ARG E 634 22.13 33.09 51.53
C ARG E 634 22.03 34.13 52.63
N GLU E 635 23.17 34.56 53.18
CA GLU E 635 23.18 35.59 54.21
C GLU E 635 22.96 36.98 53.65
N ASP E 636 22.97 37.14 52.33
CA ASP E 636 22.86 38.45 51.71
C ASP E 636 21.49 38.71 51.11
N LEU E 637 20.53 37.81 51.29
CA LEU E 637 19.23 38.01 50.65
C LEU E 637 18.40 39.06 51.37
N SER E 638 18.37 39.00 52.70
CA SER E 638 17.52 39.91 53.46
C SER E 638 17.93 41.38 53.40
N PRO E 639 19.18 41.80 53.59
CA PRO E 639 19.46 43.25 53.47
C PRO E 639 19.46 43.76 52.05
N PHE E 640 19.52 42.88 51.05
CA PHE E 640 19.55 43.35 49.66
C PHE E 640 18.16 43.74 49.20
N LEU E 641 17.14 42.97 49.55
CA LEU E 641 15.79 43.19 49.05
C LEU E 641 15.16 44.47 49.61
N GLU E 642 15.58 44.89 50.81
CA GLU E 642 15.06 46.12 51.38
C GLU E 642 15.50 47.33 50.57
N LYS E 643 16.71 47.27 50.01
CA LYS E 643 17.23 48.35 49.19
C LYS E 643 16.53 48.46 47.85
N LEU E 644 15.85 47.40 47.41
CA LEU E 644 15.07 47.46 46.18
C LEU E 644 13.85 48.36 46.34
N THR E 645 13.22 48.33 47.51
CA THR E 645 12.08 49.20 47.76
C THR E 645 12.49 50.67 47.83
N LEU E 646 13.73 50.93 48.26
CA LEU E 646 14.25 52.28 48.25
C LEU E 646 14.78 52.62 46.86
N SER E 647 14.74 53.92 46.53
CA SER E 647 15.13 54.48 45.24
C SER E 647 14.40 53.81 44.08
N GLY E 648 13.09 53.64 44.27
CA GLY E 648 12.27 52.98 43.26
C GLY E 648 12.13 53.84 42.01
N LEU E 649 12.59 53.27 40.88
CA LEU E 649 12.60 54.03 39.64
C LEU E 649 11.34 53.79 38.81
N LEU E 650 10.55 52.78 39.16
CA LEU E 650 9.31 52.52 38.45
C LEU E 650 8.22 53.50 38.87
N PRO F 201 -50.61 2.96 26.27
CA PRO F 201 -51.77 3.64 25.67
C PRO F 201 -51.36 4.76 24.71
N ASN F 202 -52.31 5.45 24.09
CA ASN F 202 -52.01 6.66 23.35
C ASN F 202 -52.20 7.93 24.16
N VAL F 203 -52.36 7.80 25.47
CA VAL F 203 -52.43 8.98 26.33
C VAL F 203 -51.04 9.44 26.72
N SER F 204 -50.01 8.73 26.28
CA SER F 204 -48.63 8.99 26.68
C SER F 204 -48.10 10.32 26.18
N ARG F 205 -48.63 10.83 25.07
CA ARG F 205 -48.17 12.13 24.58
C ARG F 205 -48.66 13.26 25.47
N THR F 206 -49.76 13.05 26.18
CA THR F 206 -50.15 13.99 27.22
C THR F 206 -49.26 13.86 28.44
N ILE F 207 -48.61 12.72 28.62
CA ILE F 207 -47.71 12.57 29.77
C ILE F 207 -46.36 13.17 29.48
N ALA F 208 -45.91 13.09 28.21
CA ALA F 208 -44.58 13.53 27.84
C ALA F 208 -44.38 15.03 27.99
N ARG F 209 -45.35 15.84 27.63
CA ARG F 209 -45.20 17.27 27.74
C ARG F 209 -45.38 17.78 29.15
N GLU F 210 -45.99 17.00 30.03
CA GLU F 210 -46.41 17.53 31.31
C GLU F 210 -45.61 17.03 32.50
N LEU F 211 -44.66 16.11 32.29
CA LEU F 211 -43.64 15.89 33.30
C LEU F 211 -42.35 16.59 32.95
N LYS F 212 -42.22 17.05 31.70
CA LYS F 212 -41.08 17.84 31.27
C LYS F 212 -40.99 19.17 32.00
N SER F 213 -42.12 19.68 32.51
CA SER F 213 -42.09 20.88 33.32
C SER F 213 -41.59 20.60 34.73
N PHE F 214 -41.47 19.33 35.11
CA PHE F 214 -40.86 18.99 36.38
C PHE F 214 -39.43 18.52 36.23
N LEU F 215 -38.81 18.80 35.08
CA LEU F 215 -37.37 18.74 34.92
C LEU F 215 -36.77 20.12 34.76
N LEU F 216 -37.59 21.11 34.40
CA LEU F 216 -37.14 22.46 34.15
C LEU F 216 -37.71 23.47 35.12
N GLU F 217 -39.03 23.43 35.37
CA GLU F 217 -39.72 24.45 36.13
C GLU F 217 -40.05 24.02 37.54
N TYR F 218 -39.43 22.97 38.06
CA TYR F 218 -39.52 22.69 39.48
C TYR F 218 -38.35 23.33 40.19
N THR F 219 -38.64 24.39 40.95
CA THR F 219 -37.65 25.05 41.77
C THR F 219 -38.00 24.89 43.24
N ASP F 220 -37.00 25.09 44.10
CA ASP F 220 -37.20 24.98 45.53
C ASP F 220 -36.09 25.74 46.25
N GLU F 221 -36.46 26.38 47.36
CA GLU F 221 -35.54 27.08 48.28
C GLU F 221 -34.76 28.19 47.58
N THR F 222 -35.51 29.21 47.14
CA THR F 222 -34.99 30.44 46.52
C THR F 222 -34.15 30.16 45.28
N GLY F 223 -34.83 29.64 44.25
CA GLY F 223 -34.19 29.39 42.97
C GLY F 223 -33.39 28.11 42.98
N ARG F 224 -32.51 28.00 41.97
CA ARG F 224 -31.61 26.86 41.74
C ARG F 224 -32.40 25.56 41.61
N SER F 225 -33.12 25.47 40.49
CA SER F 225 -33.89 24.28 40.16
C SER F 225 -32.98 23.06 40.11
N VAL F 226 -33.33 22.05 40.91
CA VAL F 226 -32.38 20.99 41.21
C VAL F 226 -32.27 20.01 40.05
N TYR F 227 -33.18 20.10 39.08
CA TYR F 227 -33.00 19.28 37.88
C TYR F 227 -32.65 20.11 36.66
N GLY F 228 -32.18 21.33 36.86
CA GLY F 228 -31.48 22.06 35.83
C GLY F 228 -30.01 22.05 36.15
N ALA F 229 -29.69 22.06 37.44
CA ALA F 229 -28.34 21.92 37.94
C ALA F 229 -27.92 20.47 38.10
N ARG F 230 -28.73 19.54 37.60
CA ARG F 230 -28.37 18.13 37.66
C ARG F 230 -27.86 17.62 36.33
N ILE F 231 -28.42 18.12 35.22
CA ILE F 231 -28.00 17.69 33.91
C ILE F 231 -26.61 18.24 33.59
N ARG F 232 -26.23 19.36 34.20
CA ARG F 232 -24.85 19.81 34.09
C ARG F 232 -23.87 18.93 34.83
N THR F 233 -24.34 18.07 35.74
CA THR F 233 -23.45 17.12 36.38
C THR F 233 -23.37 15.84 35.57
N LEU F 234 -24.32 15.60 34.68
CA LEU F 234 -24.09 14.70 33.57
C LEU F 234 -23.12 15.37 32.61
N GLY F 235 -22.51 14.57 31.74
CA GLY F 235 -21.53 15.15 30.85
C GLY F 235 -20.18 15.32 31.50
N GLU F 236 -20.10 16.11 32.56
CA GLU F 236 -18.80 16.32 33.21
C GLU F 236 -18.38 15.13 34.05
N MET F 237 -19.27 14.17 34.25
CA MET F 237 -18.86 12.84 34.66
C MET F 237 -19.25 11.80 33.61
N ASN F 238 -20.15 12.20 32.72
CA ASN F 238 -20.50 11.48 31.49
C ASN F 238 -21.06 10.09 31.79
N SER F 239 -22.20 10.05 32.48
CA SER F 239 -22.57 8.88 33.27
C SER F 239 -23.95 8.32 33.01
N GLU F 240 -24.71 8.86 32.06
CA GLU F 240 -26.06 8.43 31.65
C GLU F 240 -27.05 8.04 32.75
N SER F 241 -26.99 8.71 33.90
CA SER F 241 -27.85 8.41 35.04
C SER F 241 -28.38 9.69 35.65
N LEU F 242 -29.67 9.94 35.49
CA LEU F 242 -30.35 11.03 36.19
C LEU F 242 -30.83 10.56 37.55
N GLU F 243 -30.46 11.27 38.60
CA GLU F 243 -31.02 11.02 39.92
C GLU F 243 -32.35 11.76 39.98
N VAL F 244 -33.39 11.08 40.47
CA VAL F 244 -34.71 11.66 40.64
C VAL F 244 -35.22 11.21 42.00
N ASN F 245 -35.51 12.16 42.88
CA ASN F 245 -36.13 11.79 44.13
C ASN F 245 -37.62 11.53 43.95
N TYR F 246 -38.20 10.85 44.92
CA TYR F 246 -39.62 10.55 44.89
C TYR F 246 -40.43 11.56 45.69
N ARG F 247 -39.88 12.07 46.78
CA ARG F 247 -40.53 13.14 47.52
C ARG F 247 -40.57 14.45 46.74
N HIS F 248 -39.59 14.69 45.89
CA HIS F 248 -39.56 15.90 45.08
C HIS F 248 -40.51 15.82 43.90
N LEU F 249 -41.07 14.65 43.63
CA LEU F 249 -42.05 14.55 42.56
C LEU F 249 -43.45 14.32 43.10
N ALA F 250 -43.58 13.61 44.21
CA ALA F 250 -44.90 13.28 44.74
C ALA F 250 -45.61 14.49 45.32
N GLU F 251 -44.86 15.48 45.79
CA GLU F 251 -45.49 16.66 46.37
C GLU F 251 -46.11 17.54 45.30
N SER F 252 -45.58 17.49 44.08
CA SER F 252 -46.15 18.30 43.01
C SER F 252 -47.33 17.61 42.36
N LYS F 253 -47.11 16.46 41.74
CA LYS F 253 -48.12 15.74 40.98
C LYS F 253 -48.38 14.39 41.63
N ALA F 254 -49.56 14.23 42.22
CA ALA F 254 -49.94 12.98 42.86
C ALA F 254 -50.48 11.96 41.85
N ILE F 255 -50.65 12.34 40.59
CA ILE F 255 -51.14 11.39 39.61
C ILE F 255 -50.03 10.45 39.19
N LEU F 256 -48.85 11.00 38.88
CA LEU F 256 -47.75 10.18 38.40
C LEU F 256 -47.11 9.37 39.50
N ALA F 257 -47.26 9.77 40.76
CA ALA F 257 -46.83 8.94 41.87
C ALA F 257 -47.61 7.63 41.95
N LEU F 258 -48.88 7.65 41.56
CA LEU F 258 -49.64 6.42 41.46
C LEU F 258 -49.20 5.58 40.28
N PHE F 259 -48.76 6.24 39.20
CA PHE F 259 -48.42 5.49 38.00
C PHE F 259 -46.98 5.00 38.00
N LEU F 260 -46.28 5.16 39.11
CA LEU F 260 -45.03 4.42 39.30
C LEU F 260 -45.26 3.09 40.00
N ALA F 261 -46.13 3.06 41.01
CA ALA F 261 -46.41 1.82 41.71
C ALA F 261 -47.32 0.88 40.92
N LYS F 262 -48.05 1.40 39.94
CA LYS F 262 -48.97 0.54 39.20
C LYS F 262 -48.25 -0.35 38.20
N CYS F 263 -47.53 0.25 37.25
CA CYS F 263 -46.85 -0.51 36.20
C CYS F 263 -45.62 0.22 35.70
N PRO F 264 -44.51 0.14 36.42
CA PRO F 264 -43.29 0.86 36.01
C PRO F 264 -42.54 0.21 34.87
N GLU F 265 -42.99 -0.94 34.37
CA GLU F 265 -42.28 -1.58 33.26
C GLU F 265 -42.60 -0.89 31.94
N GLU F 266 -43.77 -0.26 31.83
CA GLU F 266 -44.10 0.52 30.65
C GLU F 266 -44.03 2.01 30.95
N MET F 267 -44.01 2.37 32.23
CA MET F 267 -43.94 3.78 32.60
C MET F 267 -42.52 4.32 32.47
N LEU F 268 -41.53 3.52 32.83
CA LEU F 268 -40.16 4.00 32.82
C LEU F 268 -39.58 4.15 31.42
N LYS F 269 -40.20 3.53 30.42
CA LYS F 269 -39.74 3.74 29.04
C LYS F 269 -40.04 5.14 28.56
N ILE F 270 -41.24 5.65 28.86
CA ILE F 270 -41.60 7.00 28.48
C ILE F 270 -40.88 8.01 29.34
N PHE F 271 -40.58 7.63 30.58
CA PHE F 271 -39.83 8.50 31.46
C PHE F 271 -38.35 8.53 31.10
N ASP F 272 -37.90 7.58 30.27
CA ASP F 272 -36.55 7.65 29.74
C ASP F 272 -36.48 8.36 28.41
N LEU F 273 -37.52 8.20 27.57
CA LEU F 273 -37.47 8.71 26.21
C LEU F 273 -37.52 10.23 26.17
N VAL F 274 -38.24 10.84 27.10
CA VAL F 274 -38.24 12.30 27.15
C VAL F 274 -37.07 12.80 27.98
N ALA F 275 -36.43 11.92 28.75
CA ALA F 275 -35.27 12.32 29.52
C ALA F 275 -34.06 12.60 28.65
N MET F 276 -34.03 12.06 27.43
CA MET F 276 -33.01 12.44 26.47
C MET F 276 -33.17 13.88 26.02
N GLU F 277 -34.40 14.30 25.72
CA GLU F 277 -34.60 15.62 25.15
C GLU F 277 -34.65 16.71 26.20
N ALA F 278 -34.43 16.36 27.48
CA ALA F 278 -34.14 17.37 28.47
C ALA F 278 -32.68 17.79 28.42
N THR F 279 -31.76 16.83 28.26
CA THR F 279 -30.35 17.14 28.10
C THR F 279 -30.03 17.77 26.76
N GLU F 280 -30.85 17.50 25.75
CA GLU F 280 -30.51 17.93 24.39
C GLU F 280 -30.62 19.43 24.23
N LEU F 281 -31.36 20.11 25.11
CA LEU F 281 -31.38 21.56 25.06
C LEU F 281 -30.19 22.15 25.81
N HIS F 282 -29.46 21.33 26.55
CA HIS F 282 -28.20 21.74 27.14
C HIS F 282 -26.99 21.29 26.35
N TYR F 283 -26.92 20.00 26.02
CA TYR F 283 -25.81 19.43 25.29
C TYR F 283 -26.33 18.90 23.97
N PRO F 284 -26.37 19.72 22.91
CA PRO F 284 -27.04 19.29 21.67
C PRO F 284 -26.29 18.20 20.93
N ASP F 285 -24.99 18.05 21.18
CA ASP F 285 -24.20 16.98 20.60
C ASP F 285 -24.06 15.87 21.63
N TYR F 286 -25.18 15.29 22.04
CA TYR F 286 -25.15 14.17 22.95
C TYR F 286 -25.78 12.92 22.38
N ALA F 287 -26.03 12.87 21.08
CA ALA F 287 -26.56 11.65 20.49
C ALA F 287 -25.51 10.55 20.43
N ARG F 288 -24.23 10.92 20.43
CA ARG F 288 -23.18 9.95 20.16
C ARG F 288 -22.51 9.41 21.41
N ILE F 289 -22.90 9.89 22.58
CA ILE F 289 -22.31 9.40 23.83
C ILE F 289 -23.43 8.66 24.56
N HIS F 290 -23.46 7.35 24.36
CA HIS F 290 -24.35 6.31 24.90
C HIS F 290 -25.77 6.36 24.37
N SER F 291 -26.18 7.48 23.77
CA SER F 291 -27.49 7.70 23.16
C SER F 291 -28.71 7.32 24.00
N GLU F 292 -28.56 7.18 25.32
CA GLU F 292 -29.56 6.56 26.18
C GLU F 292 -29.35 7.06 27.59
N ILE F 293 -30.44 7.37 28.29
CA ILE F 293 -30.37 7.59 29.73
C ILE F 293 -31.49 6.78 30.37
N HIS F 294 -31.17 6.11 31.48
CA HIS F 294 -32.17 5.49 32.33
C HIS F 294 -32.13 6.18 33.68
N VAL F 295 -33.18 5.96 34.49
CA VAL F 295 -33.44 6.82 35.64
C VAL F 295 -33.33 6.05 36.94
N ARG F 296 -33.31 6.79 38.04
CA ARG F 296 -32.78 6.36 39.34
C ARG F 296 -33.71 6.73 40.50
N ILE F 297 -34.96 6.26 40.44
CA ILE F 297 -36.00 6.61 41.41
C ILE F 297 -35.56 6.31 42.84
N SER F 298 -35.76 7.29 43.72
CA SER F 298 -35.37 7.24 45.13
C SER F 298 -36.52 6.70 45.97
N ASP F 299 -36.46 7.00 47.28
CA ASP F 299 -37.12 6.23 48.33
C ASP F 299 -38.64 6.13 48.18
N PHE F 300 -39.14 4.94 48.44
CA PHE F 300 -40.55 4.60 48.44
C PHE F 300 -40.73 3.44 49.42
N PRO F 301 -41.14 3.70 50.66
CA PRO F 301 -41.09 2.67 51.75
C PRO F 301 -42.20 1.63 51.71
N THR F 302 -41.98 0.54 50.97
CA THR F 302 -43.01 -0.48 50.87
C THR F 302 -42.75 -1.66 51.81
N ILE F 303 -41.63 -2.35 51.63
CA ILE F 303 -41.45 -3.63 52.32
C ILE F 303 -40.43 -3.48 53.43
N TYR F 304 -40.75 -4.04 54.60
CA TYR F 304 -40.00 -3.74 55.81
C TYR F 304 -38.64 -4.41 55.81
N SER F 305 -38.59 -5.74 55.84
CA SER F 305 -37.29 -6.40 55.84
C SER F 305 -37.04 -7.25 54.60
N LEU F 306 -37.69 -8.42 54.45
CA LEU F 306 -37.55 -9.18 53.22
C LEU F 306 -38.79 -9.99 52.89
N ARG F 307 -39.56 -10.32 53.91
CA ARG F 307 -40.46 -11.46 53.85
C ARG F 307 -41.91 -11.09 53.68
N GLU F 308 -42.20 -9.86 53.23
CA GLU F 308 -43.59 -9.43 53.05
C GLU F 308 -44.03 -9.58 51.61
N LEU F 309 -43.37 -10.43 50.84
CA LEU F 309 -43.59 -10.49 49.40
C LEU F 309 -44.65 -11.54 49.08
N ARG F 310 -45.86 -11.07 48.85
CA ARG F 310 -46.94 -11.92 48.41
C ARG F 310 -47.23 -11.63 46.93
N GLU F 311 -48.32 -12.18 46.42
CA GLU F 311 -48.87 -11.80 45.13
C GLU F 311 -49.19 -10.32 45.03
N SER F 312 -49.64 -9.70 46.12
CA SER F 312 -50.08 -8.31 46.11
C SER F 312 -48.95 -7.31 45.91
N ASN F 313 -47.69 -7.76 45.86
CA ASN F 313 -46.57 -6.90 45.56
C ASN F 313 -45.91 -7.26 44.24
N LEU F 314 -46.68 -7.79 43.30
CA LEU F 314 -46.12 -8.22 42.03
C LEU F 314 -46.02 -7.05 41.07
N SER F 315 -44.92 -7.00 40.32
CA SER F 315 -44.68 -6.06 39.22
C SER F 315 -44.77 -4.61 39.67
N SER F 316 -44.25 -4.35 40.87
CA SER F 316 -44.34 -3.04 41.47
C SER F 316 -43.01 -2.65 42.08
N LEU F 317 -42.78 -1.36 42.22
CA LEU F 317 -41.55 -0.84 42.78
C LEU F 317 -41.48 -1.18 44.25
N VAL F 318 -40.49 -1.97 44.65
CA VAL F 318 -40.33 -2.41 46.02
C VAL F 318 -38.96 -1.97 46.50
N ARG F 319 -38.88 -1.55 47.76
CA ARG F 319 -37.60 -1.18 48.33
C ARG F 319 -37.27 -2.13 49.48
N VAL F 320 -36.07 -2.67 49.47
CA VAL F 320 -35.73 -3.76 50.38
C VAL F 320 -34.25 -3.70 50.71
N THR F 321 -33.90 -3.93 51.98
CA THR F 321 -32.52 -3.97 52.40
C THR F 321 -32.03 -5.41 52.50
N GLY F 322 -30.74 -5.57 52.78
CA GLY F 322 -30.20 -6.89 52.92
C GLY F 322 -28.69 -6.88 52.99
N VAL F 323 -28.12 -8.06 52.77
CA VAL F 323 -26.69 -8.31 52.86
C VAL F 323 -26.27 -9.13 51.65
N VAL F 324 -25.25 -8.65 50.93
CA VAL F 324 -24.72 -9.35 49.77
C VAL F 324 -24.00 -10.61 50.22
N THR F 325 -24.36 -11.75 49.63
CA THR F 325 -23.69 -13.00 49.96
C THR F 325 -22.57 -13.32 48.97
N ARG F 326 -22.91 -13.45 47.69
CA ARG F 326 -21.97 -13.87 46.69
C ARG F 326 -22.38 -13.30 45.34
N ARG F 327 -21.44 -13.22 44.42
CA ARG F 327 -21.70 -12.58 43.14
C ARG F 327 -20.87 -13.26 42.07
N THR F 328 -21.43 -13.31 40.86
CA THR F 328 -20.76 -13.94 39.74
C THR F 328 -19.83 -12.94 39.07
N GLY F 329 -19.30 -13.31 37.91
CA GLY F 329 -18.47 -12.41 37.13
C GLY F 329 -19.30 -11.51 36.26
N VAL F 330 -18.61 -10.73 35.43
CA VAL F 330 -19.27 -9.75 34.58
C VAL F 330 -19.34 -10.32 33.16
N PHE F 331 -20.51 -10.26 32.56
CA PHE F 331 -20.68 -10.87 31.27
C PHE F 331 -21.41 -9.93 30.32
N PRO F 332 -21.33 -10.17 29.02
CA PRO F 332 -22.19 -9.43 28.10
C PRO F 332 -23.51 -10.16 27.83
N GLN F 333 -24.54 -9.38 27.50
CA GLN F 333 -25.87 -9.85 27.16
C GLN F 333 -26.13 -9.46 25.72
N LEU F 334 -27.14 -10.07 25.08
CA LEU F 334 -27.37 -9.79 23.67
C LEU F 334 -27.95 -8.41 23.44
N LYS F 335 -29.17 -8.17 23.94
CA LYS F 335 -29.97 -6.93 23.91
C LYS F 335 -30.49 -6.57 22.51
N TYR F 336 -30.03 -7.25 21.48
CA TYR F 336 -30.42 -6.95 20.11
C TYR F 336 -30.35 -8.23 19.30
N VAL F 337 -31.48 -8.91 19.14
CA VAL F 337 -31.49 -10.17 18.41
C VAL F 337 -31.44 -9.83 16.92
N LYS F 338 -30.35 -10.26 16.28
CA LYS F 338 -30.12 -10.01 14.86
C LYS F 338 -29.94 -11.37 14.18
N PHE F 339 -30.78 -11.63 13.20
CA PHE F 339 -30.93 -12.98 12.67
C PHE F 339 -29.76 -13.35 11.76
N ASN F 340 -29.74 -14.61 11.35
CA ASN F 340 -28.78 -15.08 10.37
C ASN F 340 -29.58 -15.78 9.29
N CYS F 341 -30.62 -15.11 8.80
CA CYS F 341 -31.51 -15.69 7.80
C CYS F 341 -30.80 -15.81 6.46
N LEU F 342 -30.97 -16.96 5.82
CA LEU F 342 -30.26 -17.26 4.57
C LEU F 342 -31.00 -16.73 3.35
N LYS F 343 -32.32 -16.55 3.47
CA LYS F 343 -33.09 -16.04 2.34
C LYS F 343 -33.04 -14.52 2.29
N CYS F 344 -33.16 -13.87 3.44
CA CYS F 344 -33.07 -12.42 3.51
C CYS F 344 -31.60 -11.98 3.63
N GLY F 345 -31.39 -10.68 3.86
CA GLY F 345 -30.06 -10.17 4.09
C GLY F 345 -29.65 -10.28 5.55
N SER F 346 -28.32 -10.27 5.76
CA SER F 346 -27.78 -10.42 7.12
C SER F 346 -27.53 -9.07 7.78
N ILE F 347 -28.52 -8.19 7.71
CA ILE F 347 -28.59 -7.01 8.56
C ILE F 347 -29.97 -6.96 9.22
N LEU F 348 -31.02 -6.99 8.40
CA LEU F 348 -32.36 -7.50 8.72
C LEU F 348 -33.13 -6.64 9.74
N GLY F 349 -32.52 -5.58 10.26
CA GLY F 349 -33.22 -4.68 11.15
C GLY F 349 -33.10 -5.07 12.61
N PRO F 350 -33.15 -4.08 13.49
CA PRO F 350 -32.96 -4.33 14.91
C PRO F 350 -34.21 -4.85 15.59
N PHE F 351 -34.08 -6.02 16.22
CA PHE F 351 -35.16 -6.62 16.98
C PHE F 351 -34.71 -6.84 18.40
N PHE F 352 -35.67 -6.78 19.33
CA PHE F 352 -35.36 -6.65 20.76
C PHE F 352 -35.82 -7.88 21.51
N GLN F 353 -34.86 -8.58 22.12
CA GLN F 353 -35.13 -9.60 23.13
C GLN F 353 -34.32 -9.21 24.36
N ASP F 354 -34.86 -8.30 25.16
CA ASP F 354 -34.09 -7.69 26.24
C ASP F 354 -34.86 -7.87 27.55
N SER F 355 -34.70 -9.04 28.14
CA SER F 355 -35.45 -9.44 29.33
C SER F 355 -34.76 -10.66 29.92
N ASN F 356 -35.49 -11.36 30.79
CA ASN F 356 -35.18 -12.73 31.16
C ASN F 356 -36.07 -13.73 30.43
N GLU F 357 -36.42 -13.43 29.18
CA GLU F 357 -37.48 -14.12 28.45
C GLU F 357 -36.99 -14.99 27.30
N GLU F 358 -35.99 -14.55 26.54
CA GLU F 358 -35.39 -15.27 25.41
C GLU F 358 -36.44 -15.64 24.36
N ILE F 359 -36.95 -14.59 23.72
CA ILE F 359 -38.14 -14.63 22.86
C ILE F 359 -37.98 -15.60 21.69
N ARG F 360 -39.03 -16.38 21.41
CA ARG F 360 -39.02 -17.39 20.36
C ARG F 360 -39.51 -16.78 19.04
N ILE F 361 -38.79 -15.74 18.61
CA ILE F 361 -39.15 -15.02 17.39
C ILE F 361 -38.69 -15.83 16.18
N SER F 362 -39.60 -16.64 15.64
CA SER F 362 -39.28 -17.47 14.49
C SER F 362 -39.33 -16.64 13.21
N PHE F 363 -38.46 -16.98 12.27
CA PHE F 363 -38.34 -16.31 10.99
C PHE F 363 -39.22 -17.04 9.98
N CYS F 364 -40.40 -16.48 9.70
CA CYS F 364 -41.32 -17.05 8.73
C CYS F 364 -41.64 -16.00 7.66
N THR F 365 -41.54 -16.44 6.40
CA THR F 365 -41.76 -15.61 5.20
C THR F 365 -40.89 -14.35 5.21
N ASN F 366 -39.58 -14.55 5.30
CA ASN F 366 -38.65 -13.41 5.36
C ASN F 366 -38.45 -12.80 3.98
N CYS F 367 -37.87 -13.56 3.05
CA CYS F 367 -37.65 -13.08 1.69
C CYS F 367 -38.65 -13.73 0.72
N LYS F 368 -38.70 -15.05 0.72
CA LYS F 368 -39.71 -15.80 -0.03
C LYS F 368 -40.43 -16.83 0.82
N SER F 369 -39.79 -17.38 1.85
CA SER F 369 -40.41 -18.33 2.77
C SER F 369 -39.66 -18.23 4.09
N LYS F 370 -39.85 -19.21 4.97
CA LYS F 370 -39.24 -19.22 6.29
C LYS F 370 -37.75 -19.54 6.14
N GLY F 371 -36.92 -18.51 6.20
CA GLY F 371 -35.49 -18.70 6.16
C GLY F 371 -34.95 -19.09 7.52
N PRO F 372 -34.00 -20.03 7.56
CA PRO F 372 -33.44 -20.45 8.84
C PRO F 372 -32.50 -19.40 9.41
N PHE F 373 -32.76 -19.02 10.66
CA PHE F 373 -32.04 -17.93 11.30
C PHE F 373 -31.20 -18.45 12.47
N ARG F 374 -30.07 -17.80 12.68
CA ARG F 374 -29.21 -18.00 13.85
C ARG F 374 -28.86 -16.62 14.39
N VAL F 375 -27.85 -16.55 15.25
CA VAL F 375 -27.30 -15.28 15.70
C VAL F 375 -25.86 -15.16 15.19
N ASN F 376 -25.47 -13.95 14.80
CA ASN F 376 -24.09 -13.65 14.45
C ASN F 376 -23.43 -12.85 15.57
N GLY F 377 -22.21 -12.37 15.33
CA GLY F 377 -21.54 -11.50 16.28
C GLY F 377 -21.32 -10.12 15.71
N GLU F 378 -22.32 -9.58 15.03
CA GLU F 378 -22.15 -8.41 14.18
C GLU F 378 -23.07 -7.27 14.58
N LYS F 379 -22.45 -6.17 15.00
CA LYS F 379 -23.03 -4.81 14.99
C LYS F 379 -24.17 -4.63 16.00
N THR F 380 -24.34 -5.59 16.91
CA THR F 380 -25.37 -5.48 17.93
C THR F 380 -24.77 -4.75 19.13
N VAL F 381 -25.64 -4.29 20.01
CA VAL F 381 -25.22 -3.60 21.22
C VAL F 381 -25.37 -4.55 22.38
N TYR F 382 -24.25 -5.06 22.87
CA TYR F 382 -24.22 -5.82 24.10
C TYR F 382 -24.35 -4.87 25.29
N ARG F 383 -24.57 -5.45 26.47
CA ARG F 383 -24.51 -4.68 27.71
C ARG F 383 -24.15 -5.61 28.84
N ASN F 384 -23.74 -5.03 29.96
CA ASN F 384 -23.19 -5.78 31.08
C ASN F 384 -24.28 -6.60 31.77
N TYR F 385 -23.85 -7.42 32.74
CA TYR F 385 -24.72 -8.35 33.43
C TYR F 385 -23.98 -8.91 34.63
N GLN F 386 -24.64 -8.98 35.78
CA GLN F 386 -24.03 -9.59 36.95
C GLN F 386 -25.10 -9.94 37.96
N ARG F 387 -25.27 -11.22 38.25
CA ARG F 387 -26.24 -11.64 39.26
C ARG F 387 -25.58 -11.65 40.63
N VAL F 388 -26.23 -11.04 41.60
CA VAL F 388 -25.77 -11.03 42.98
C VAL F 388 -26.94 -11.37 43.89
N THR F 389 -26.77 -12.39 44.72
CA THR F 389 -27.83 -12.76 45.62
C THR F 389 -27.78 -11.92 46.88
N LEU F 390 -28.81 -12.06 47.70
CA LEU F 390 -28.99 -11.19 48.84
C LEU F 390 -29.84 -11.93 49.87
N GLN F 391 -29.46 -11.81 51.13
CA GLN F 391 -30.19 -12.47 52.19
C GLN F 391 -30.53 -11.48 53.28
N GLU F 392 -31.20 -11.96 54.33
CA GLU F 392 -31.79 -11.07 55.31
C GLU F 392 -30.73 -10.61 56.31
N ALA F 393 -30.88 -9.37 56.75
CA ALA F 393 -29.93 -8.77 57.68
C ALA F 393 -30.02 -9.42 59.06
N PRO F 394 -28.87 -9.67 59.71
CA PRO F 394 -28.89 -10.39 61.00
C PRO F 394 -29.38 -9.56 62.18
N GLY F 395 -29.68 -8.27 61.98
CA GLY F 395 -30.19 -7.47 63.08
C GLY F 395 -31.68 -7.56 63.28
N THR F 396 -32.43 -7.75 62.19
CA THR F 396 -33.89 -7.68 62.24
C THR F 396 -34.49 -9.04 61.86
N VAL F 397 -33.95 -10.10 62.45
CA VAL F 397 -34.51 -11.44 62.23
C VAL F 397 -35.56 -11.70 63.31
N PRO F 398 -36.67 -12.36 62.98
CA PRO F 398 -37.54 -12.92 64.01
C PRO F 398 -36.84 -14.08 64.70
N PRO F 399 -37.23 -14.42 65.93
CA PRO F 399 -36.49 -15.45 66.69
C PRO F 399 -36.70 -16.85 66.12
N GLY F 400 -35.59 -17.53 65.85
CA GLY F 400 -35.61 -18.93 65.47
C GLY F 400 -35.46 -19.22 63.99
N ARG F 401 -35.99 -18.36 63.13
CA ARG F 401 -36.11 -18.70 61.71
C ARG F 401 -34.80 -18.42 60.98
N LEU F 402 -34.49 -19.25 59.98
CA LEU F 402 -33.32 -19.05 59.14
C LEU F 402 -33.55 -17.89 58.18
N PRO F 403 -32.50 -17.22 57.74
CA PRO F 403 -32.65 -16.17 56.73
C PRO F 403 -32.95 -16.75 55.36
N ARG F 404 -33.54 -15.92 54.51
CA ARG F 404 -33.96 -16.33 53.19
C ARG F 404 -33.19 -15.59 52.10
N HIS F 405 -32.93 -16.31 51.01
CA HIS F 405 -32.19 -15.79 49.88
C HIS F 405 -33.13 -15.11 48.89
N ARG F 406 -32.56 -14.32 48.00
CA ARG F 406 -33.21 -13.91 46.77
C ARG F 406 -32.15 -13.47 45.77
N GLU F 407 -32.44 -13.72 44.50
CA GLU F 407 -31.53 -13.40 43.40
C GLU F 407 -31.86 -12.02 42.84
N VAL F 408 -30.84 -11.22 42.61
CA VAL F 408 -31.00 -9.87 42.09
C VAL F 408 -30.16 -9.74 40.84
N ILE F 409 -30.76 -9.24 39.76
CA ILE F 409 -30.06 -8.94 38.53
C ILE F 409 -29.65 -7.48 38.55
N LEU F 410 -28.37 -7.20 38.29
CA LEU F 410 -27.93 -5.85 37.98
C LEU F 410 -27.79 -5.73 36.48
N LEU F 411 -27.79 -4.49 35.98
CA LEU F 411 -27.78 -4.26 34.54
C LEU F 411 -27.11 -2.94 34.19
N ALA F 412 -25.97 -3.05 33.51
CA ALA F 412 -25.44 -2.07 32.56
C ALA F 412 -24.89 -0.78 33.13
N ASP F 413 -25.12 -0.49 34.40
CA ASP F 413 -24.42 0.60 35.06
C ASP F 413 -23.97 0.24 36.45
N LEU F 414 -24.69 -0.63 37.13
CA LEU F 414 -24.47 -0.87 38.54
C LEU F 414 -23.67 -2.12 38.80
N VAL F 415 -22.95 -2.63 37.80
CA VAL F 415 -22.02 -3.72 38.07
C VAL F 415 -20.81 -3.14 38.78
N ASP F 416 -20.19 -3.97 39.64
CA ASP F 416 -19.08 -3.58 40.51
C ASP F 416 -19.45 -2.38 41.39
N VAL F 417 -20.62 -2.46 42.03
CA VAL F 417 -21.00 -1.54 43.09
C VAL F 417 -21.12 -2.25 44.42
N SER F 418 -21.20 -3.58 44.38
CA SER F 418 -21.24 -4.36 45.60
C SER F 418 -19.85 -4.92 45.92
N LYS F 419 -19.73 -5.41 47.16
CA LYS F 419 -18.58 -6.10 47.70
C LYS F 419 -19.22 -7.00 48.73
N PRO F 420 -18.77 -8.27 48.85
CA PRO F 420 -19.47 -9.21 49.75
C PRO F 420 -19.33 -8.85 51.23
N GLY F 421 -20.44 -8.44 51.83
CA GLY F 421 -20.44 -8.10 53.24
C GLY F 421 -21.00 -6.73 53.53
N GLU F 422 -21.73 -6.14 52.58
CA GLU F 422 -22.21 -4.77 52.70
C GLU F 422 -23.70 -4.76 52.95
N GLU F 423 -24.17 -3.75 53.69
CA GLU F 423 -25.59 -3.56 53.95
C GLU F 423 -26.19 -2.75 52.80
N VAL F 424 -26.66 -3.46 51.80
CA VAL F 424 -27.12 -2.85 50.57
C VAL F 424 -28.64 -2.70 50.61
N GLU F 425 -29.15 -1.64 49.97
CA GLU F 425 -30.57 -1.29 49.98
C GLU F 425 -31.07 -1.18 48.55
N VAL F 426 -31.75 -2.22 48.07
CA VAL F 426 -32.14 -2.35 46.67
C VAL F 426 -33.53 -1.80 46.46
N THR F 427 -33.74 -1.05 45.37
CA THR F 427 -35.04 -0.45 45.08
C THR F 427 -35.59 -0.95 43.75
N GLY F 428 -35.47 -2.26 43.53
CA GLY F 428 -35.80 -2.83 42.24
C GLY F 428 -37.28 -3.01 41.98
N ILE F 429 -37.59 -3.79 40.94
CA ILE F 429 -38.94 -4.26 40.67
C ILE F 429 -38.95 -5.77 40.88
N TYR F 430 -40.12 -6.39 40.65
CA TYR F 430 -40.35 -7.76 41.09
C TYR F 430 -41.14 -8.53 40.03
N LYS F 431 -40.50 -9.47 39.35
CA LYS F 431 -41.14 -10.15 38.23
C LYS F 431 -41.08 -11.67 38.40
N ASN F 432 -41.44 -12.37 37.32
CA ASN F 432 -41.92 -13.75 37.32
C ASN F 432 -41.19 -14.58 36.29
N ASN F 433 -39.85 -14.64 36.42
CA ASN F 433 -38.94 -15.26 35.46
C ASN F 433 -39.30 -16.70 35.10
N TYR F 434 -39.50 -16.90 33.80
CA TYR F 434 -39.64 -18.16 33.07
C TYR F 434 -38.26 -18.75 32.77
N ASP F 435 -38.17 -19.58 31.73
CA ASP F 435 -36.92 -20.14 31.19
C ASP F 435 -36.23 -21.07 32.19
N GLY F 436 -36.89 -22.18 32.47
CA GLY F 436 -36.35 -23.19 33.35
C GLY F 436 -36.86 -23.12 34.77
N ASN F 437 -38.08 -22.62 34.96
CA ASN F 437 -38.62 -22.49 36.30
C ASN F 437 -39.16 -23.82 36.82
N LEU F 438 -38.32 -24.51 37.60
CA LEU F 438 -38.60 -25.82 38.20
C LEU F 438 -38.97 -26.85 37.14
N ASN F 439 -37.99 -27.11 36.28
CA ASN F 439 -38.09 -28.04 35.15
C ASN F 439 -38.54 -29.44 35.55
N ALA F 440 -38.14 -29.93 36.72
CA ALA F 440 -38.61 -31.23 37.20
C ALA F 440 -39.92 -31.14 37.97
N LYS F 441 -40.54 -29.97 38.02
CA LYS F 441 -41.77 -29.76 38.76
C LYS F 441 -42.81 -29.18 37.79
N ASN F 442 -43.54 -30.06 37.11
CA ASN F 442 -44.66 -29.67 36.26
C ASN F 442 -46.02 -29.99 36.85
N GLY F 443 -46.08 -30.81 37.90
CA GLY F 443 -47.30 -30.98 38.64
C GLY F 443 -47.59 -29.83 39.58
N PHE F 444 -46.55 -29.08 39.94
CA PHE F 444 -46.69 -27.83 40.69
C PHE F 444 -46.22 -26.70 39.79
N PRO F 445 -47.11 -25.96 39.17
CA PRO F 445 -46.67 -24.84 38.33
C PRO F 445 -46.17 -23.68 39.18
N VAL F 446 -44.91 -23.79 39.59
CA VAL F 446 -44.29 -22.90 40.55
C VAL F 446 -43.23 -22.07 39.84
N PHE F 447 -43.35 -20.76 39.92
CA PHE F 447 -42.56 -19.88 39.08
C PHE F 447 -41.41 -19.26 39.86
N ALA F 448 -40.35 -18.88 39.13
CA ALA F 448 -39.18 -18.30 39.76
C ALA F 448 -39.27 -16.77 39.74
N THR F 449 -38.87 -16.16 40.86
CA THR F 449 -39.06 -14.72 41.07
C THR F 449 -37.70 -14.06 41.27
N ILE F 450 -37.36 -13.11 40.39
CA ILE F 450 -36.09 -12.40 40.44
C ILE F 450 -36.36 -10.90 40.50
N ILE F 451 -35.67 -10.21 41.40
CA ILE F 451 -35.72 -8.76 41.49
C ILE F 451 -34.74 -8.18 40.49
N GLU F 452 -35.24 -7.36 39.58
CA GLU F 452 -34.40 -6.61 38.66
C GLU F 452 -34.11 -5.28 39.30
N ALA F 453 -32.84 -4.95 39.46
CA ALA F 453 -32.50 -3.80 40.27
C ALA F 453 -32.59 -2.51 39.47
N ASN F 454 -32.98 -1.44 40.16
CA ASN F 454 -33.07 -0.12 39.58
C ASN F 454 -32.23 0.90 40.29
N SER F 455 -31.83 0.66 41.54
CA SER F 455 -30.87 1.50 42.21
C SER F 455 -30.20 0.71 43.31
N ILE F 456 -29.08 1.23 43.80
CA ILE F 456 -28.32 0.61 44.86
C ILE F 456 -27.85 1.72 45.79
N LYS F 457 -28.14 1.60 47.07
CA LYS F 457 -27.62 2.53 48.06
C LYS F 457 -26.77 1.74 49.05
N ARG F 458 -25.78 2.39 49.63
CA ARG F 458 -24.98 1.76 50.67
C ARG F 458 -25.64 1.94 52.02
N ARG F 459 -24.91 1.57 53.07
CA ARG F 459 -25.44 1.56 54.43
C ARG F 459 -25.68 2.98 54.93
N GLU F 460 -26.88 3.24 55.43
CA GLU F 460 -27.21 4.50 56.09
C GLU F 460 -28.34 4.30 57.11
N PRO G 17 -10.32 -49.36 -9.01
CA PRO G 17 -9.05 -48.65 -8.86
C PRO G 17 -8.45 -48.21 -10.19
N ASP G 18 -7.43 -47.36 -10.10
CA ASP G 18 -6.89 -46.65 -11.24
C ASP G 18 -5.60 -47.33 -11.72
N ALA G 19 -4.92 -46.65 -12.63
CA ALA G 19 -3.53 -46.97 -12.92
C ALA G 19 -2.58 -46.40 -11.89
N VAL G 20 -3.08 -45.54 -10.99
CA VAL G 20 -2.27 -45.02 -9.89
C VAL G 20 -1.86 -46.14 -8.95
N PHE G 21 -2.75 -47.10 -8.73
CA PHE G 21 -2.32 -48.34 -8.09
C PHE G 21 -1.57 -49.24 -9.07
N GLY G 22 -1.88 -49.12 -10.36
CA GLY G 22 -1.46 -50.12 -11.32
C GLY G 22 0.03 -50.20 -11.53
N ASP G 23 0.67 -49.07 -11.85
CA ASP G 23 2.12 -49.07 -11.97
C ASP G 23 2.79 -49.13 -10.60
N ARG G 24 2.04 -48.82 -9.54
CA ARG G 24 2.66 -48.73 -8.22
C ARG G 24 2.88 -50.11 -7.64
N VAL G 25 2.00 -51.07 -7.90
CA VAL G 25 2.22 -52.43 -7.45
C VAL G 25 3.36 -53.07 -8.24
N ARG G 26 3.46 -52.75 -9.54
CA ARG G 26 4.44 -53.38 -10.42
C ARG G 26 5.86 -53.04 -10.03
N ARG G 27 6.10 -51.81 -9.57
CA ARG G 27 7.45 -51.43 -9.18
C ARG G 27 7.89 -52.08 -7.88
N PHE G 28 6.96 -52.69 -7.13
CA PHE G 28 7.32 -53.33 -5.87
C PHE G 28 7.43 -54.84 -6.12
N GLN G 29 7.50 -55.18 -7.40
CA GLN G 29 7.82 -56.52 -7.85
C GLN G 29 9.27 -56.55 -8.28
N GLU G 30 9.83 -55.37 -8.56
CA GLU G 30 11.27 -55.25 -8.71
C GLU G 30 11.99 -55.23 -7.38
N PHE G 31 11.27 -55.23 -6.26
CA PHE G 31 11.88 -55.37 -4.95
C PHE G 31 11.78 -56.81 -4.45
N LEU G 32 12.22 -57.76 -5.28
CA LEU G 32 12.35 -59.13 -4.80
C LEU G 32 13.64 -59.78 -5.25
N ASP G 33 14.53 -59.06 -5.93
CA ASP G 33 15.70 -59.68 -6.53
C ASP G 33 16.96 -58.93 -6.14
N THR G 34 16.87 -57.59 -6.10
CA THR G 34 18.01 -56.78 -5.69
C THR G 34 18.35 -57.00 -4.23
N PHE G 35 17.33 -57.18 -3.40
CA PHE G 35 17.52 -57.53 -2.01
C PHE G 35 16.70 -58.76 -1.69
N THR G 36 16.89 -59.82 -2.48
CA THR G 36 16.15 -61.08 -2.38
C THR G 36 16.30 -61.79 -1.04
N SER G 37 17.18 -61.32 -0.15
CA SER G 37 17.25 -61.84 1.22
C SER G 37 15.94 -61.68 1.97
N TYR G 38 15.12 -60.69 1.61
CA TYR G 38 13.78 -60.63 2.17
C TYR G 38 12.90 -61.75 1.66
N ARG G 39 13.11 -62.22 0.42
CA ARG G 39 12.32 -63.33 -0.09
C ARG G 39 12.75 -64.65 0.53
N ASP G 40 13.94 -64.69 1.14
CA ASP G 40 14.32 -65.87 1.90
C ASP G 40 13.53 -65.98 3.19
N SER G 41 13.29 -64.86 3.87
CA SER G 41 12.72 -64.91 5.20
C SER G 41 11.22 -65.18 5.17
N VAL G 42 10.58 -65.01 4.02
CA VAL G 42 9.19 -65.38 3.90
C VAL G 42 9.03 -66.89 3.97
N ARG G 43 9.98 -67.63 3.39
CA ARG G 43 9.93 -69.09 3.48
C ARG G 43 10.17 -69.57 4.89
N SER G 44 11.01 -68.87 5.65
CA SER G 44 11.30 -69.29 7.02
C SER G 44 10.08 -69.15 7.92
N ILE G 45 9.19 -68.22 7.61
CA ILE G 45 7.91 -68.17 8.29
C ILE G 45 7.05 -69.34 7.85
N GLN G 46 7.13 -69.71 6.57
CA GLN G 46 6.38 -70.86 6.08
C GLN G 46 7.00 -72.17 6.54
N VAL G 47 8.24 -72.13 7.04
CA VAL G 47 8.84 -73.34 7.60
C VAL G 47 8.22 -73.65 8.96
N TYR G 48 8.13 -72.65 9.84
CA TYR G 48 7.65 -72.90 11.19
C TYR G 48 6.15 -73.12 11.23
N ASN G 49 5.44 -72.79 10.16
CA ASN G 49 4.02 -73.07 10.13
C ASN G 49 3.73 -74.46 9.59
N SER G 50 4.76 -75.14 9.07
CA SER G 50 4.61 -76.54 8.71
C SER G 50 5.08 -77.46 9.82
N ASN G 51 6.25 -77.18 10.40
CA ASN G 51 6.84 -78.08 11.38
C ASN G 51 6.13 -78.00 12.73
N ASN G 52 5.35 -76.95 12.96
CA ASN G 52 4.45 -76.96 14.12
C ASN G 52 3.24 -77.84 13.84
N ALA G 53 2.83 -77.95 12.58
CA ALA G 53 1.73 -78.83 12.24
C ALA G 53 2.16 -80.29 12.20
N ALA G 54 3.47 -80.55 12.14
CA ALA G 54 3.97 -81.91 12.14
C ALA G 54 4.11 -82.49 13.54
N ASN G 55 4.11 -81.65 14.57
CA ASN G 55 4.10 -82.13 15.94
C ASN G 55 2.71 -82.17 16.56
N TYR G 56 1.84 -81.22 16.18
CA TYR G 56 0.45 -81.18 16.64
C TYR G 56 -0.43 -82.15 15.87
N ASN G 57 -0.24 -82.24 14.55
CA ASN G 57 -1.02 -83.12 13.70
C ASN G 57 -0.11 -84.08 12.93
N ILE G 91 2.72 -69.28 15.91
CA ILE G 91 3.68 -68.60 16.76
C ILE G 91 4.30 -67.40 16.05
N LEU G 92 4.76 -67.60 14.82
CA LEU G 92 5.41 -66.48 14.15
C LEU G 92 4.38 -65.53 13.54
N PRO G 93 4.62 -64.23 13.61
CA PRO G 93 3.72 -63.25 12.99
C PRO G 93 4.01 -63.15 11.49
N HIS G 94 3.21 -62.33 10.82
CA HIS G 94 3.38 -62.09 9.39
C HIS G 94 4.01 -60.73 9.11
N ARG G 95 5.03 -60.37 9.88
CA ARG G 95 5.60 -59.03 9.82
C ARG G 95 7.04 -59.12 9.31
N ILE G 96 7.31 -58.42 8.21
CA ILE G 96 8.59 -58.49 7.52
C ILE G 96 9.36 -57.20 7.77
N ILE G 97 10.55 -57.33 8.34
CA ILE G 97 11.40 -56.18 8.60
C ILE G 97 12.04 -55.76 7.28
N ILE G 98 11.66 -54.60 6.78
CA ILE G 98 12.22 -54.06 5.55
C ILE G 98 13.16 -52.93 5.92
N SER G 99 14.42 -53.04 5.51
CA SER G 99 15.32 -51.93 5.70
C SER G 99 14.96 -50.85 4.72
N LEU G 100 15.07 -49.60 5.16
CA LEU G 100 14.75 -48.46 4.31
C LEU G 100 16.07 -47.97 3.73
N ASP G 101 16.80 -48.89 3.12
CA ASP G 101 18.17 -48.69 2.70
C ASP G 101 18.42 -49.08 1.26
N ASP G 102 17.69 -50.06 0.73
CA ASP G 102 17.81 -50.30 -0.70
C ASP G 102 16.99 -49.31 -1.50
N LEU G 103 15.99 -48.69 -0.89
CA LEU G 103 15.11 -47.77 -1.58
C LEU G 103 15.82 -46.50 -2.03
N ARG G 104 16.91 -46.12 -1.38
CA ARG G 104 17.81 -45.13 -1.92
C ARG G 104 18.56 -45.59 -3.15
N GLU G 105 18.76 -46.90 -3.30
CA GLU G 105 19.58 -47.43 -4.38
C GLU G 105 18.76 -48.05 -5.48
N PHE G 106 17.43 -47.98 -5.40
CA PHE G 106 16.56 -48.41 -6.48
C PHE G 106 15.84 -47.22 -7.11
N ASP G 107 15.14 -46.43 -6.29
CA ASP G 107 14.34 -45.31 -6.79
C ASP G 107 14.25 -44.25 -5.72
N ARG G 108 14.91 -43.11 -5.94
CA ARG G 108 14.78 -41.98 -5.04
C ARG G 108 13.43 -41.30 -5.14
N SER G 109 12.66 -41.57 -6.20
CA SER G 109 11.32 -40.99 -6.29
C SER G 109 10.28 -41.90 -5.66
N PHE G 110 10.68 -43.02 -5.08
CA PHE G 110 9.75 -43.84 -4.32
C PHE G 110 10.15 -43.87 -2.85
N TRP G 111 11.45 -43.78 -2.56
CA TRP G 111 11.89 -43.69 -1.18
C TRP G 111 11.43 -42.40 -0.53
N SER G 112 11.58 -41.27 -1.21
CA SER G 112 11.04 -40.03 -0.68
C SER G 112 9.54 -39.93 -0.86
N GLY G 113 8.94 -40.87 -1.58
CA GLY G 113 7.48 -40.91 -1.63
C GLY G 113 6.86 -41.42 -0.36
N ILE G 114 7.49 -42.41 0.28
CA ILE G 114 6.92 -43.00 1.49
C ILE G 114 6.96 -42.01 2.63
N LEU G 115 8.07 -41.30 2.78
CA LEU G 115 8.20 -40.42 3.95
C LEU G 115 7.48 -39.09 3.77
N VAL G 116 6.61 -38.94 2.78
CA VAL G 116 5.89 -37.69 2.58
C VAL G 116 4.40 -37.94 2.62
N GLU G 117 3.93 -38.95 1.88
CA GLU G 117 2.51 -39.31 1.87
C GLU G 117 2.37 -40.82 1.97
N PRO G 118 2.40 -41.37 3.18
CA PRO G 118 2.40 -42.83 3.32
C PRO G 118 1.06 -43.47 3.17
N ALA G 119 -0.02 -42.71 3.06
CA ALA G 119 -1.33 -43.30 2.84
C ALA G 119 -1.59 -43.63 1.38
N TYR G 120 -0.60 -43.44 0.51
CA TYR G 120 -0.72 -43.80 -0.88
C TYR G 120 0.34 -44.76 -1.38
N PHE G 121 1.33 -45.09 -0.56
CA PHE G 121 2.34 -46.04 -1.00
C PHE G 121 2.43 -47.28 -0.15
N ILE G 122 1.98 -47.25 1.10
CA ILE G 122 1.97 -48.47 1.91
C ILE G 122 0.84 -49.42 1.52
N PRO G 123 -0.42 -49.00 1.36
CA PRO G 123 -1.44 -49.96 0.90
C PRO G 123 -1.24 -50.48 -0.52
N PRO G 124 -0.52 -49.79 -1.42
CA PRO G 124 -0.04 -50.52 -2.60
C PRO G 124 1.01 -51.56 -2.29
N ALA G 125 1.98 -51.25 -1.44
CA ALA G 125 3.02 -52.23 -1.14
C ALA G 125 2.51 -53.30 -0.19
N GLU G 126 1.32 -53.11 0.37
CA GLU G 126 0.71 -54.15 1.17
C GLU G 126 0.27 -55.32 0.32
N LYS G 127 -0.53 -55.06 -0.71
CA LYS G 127 -1.08 -56.14 -1.51
C LYS G 127 -0.05 -56.74 -2.45
N ALA G 128 1.02 -56.01 -2.71
CA ALA G 128 2.09 -56.55 -3.54
C ALA G 128 2.88 -57.62 -2.81
N LEU G 129 2.92 -57.56 -1.48
CA LEU G 129 3.70 -58.54 -0.73
C LEU G 129 2.95 -59.85 -0.60
N THR G 130 1.63 -59.81 -0.50
CA THR G 130 0.87 -61.02 -0.24
C THR G 130 0.81 -61.95 -1.46
N ASP G 131 0.77 -61.38 -2.66
CA ASP G 131 0.74 -62.22 -3.86
C ASP G 131 2.08 -62.86 -4.12
N LEU G 132 3.16 -62.24 -3.65
CA LEU G 132 4.45 -62.91 -3.62
C LEU G 132 4.53 -63.87 -2.44
N ALA G 133 3.73 -63.62 -1.40
CA ALA G 133 3.65 -64.56 -0.30
C ALA G 133 2.62 -65.66 -0.58
N ASP G 134 2.14 -65.76 -1.81
CA ASP G 134 1.37 -66.92 -2.21
C ASP G 134 2.07 -67.74 -3.28
N SER G 135 2.71 -67.10 -4.27
CA SER G 135 3.23 -67.82 -5.42
C SER G 135 4.48 -68.63 -5.09
N MET G 136 5.19 -68.31 -4.00
CA MET G 136 6.33 -69.11 -3.59
C MET G 136 5.92 -70.27 -2.69
N ASP G 137 4.81 -70.13 -1.99
CA ASP G 137 4.41 -71.12 -0.98
C ASP G 137 3.00 -71.58 -1.29
N ASP G 138 2.88 -72.74 -1.94
CA ASP G 138 1.61 -73.21 -2.44
C ASP G 138 1.12 -74.49 -1.77
N VAL G 139 1.85 -75.01 -0.80
CA VAL G 139 1.47 -76.29 -0.17
C VAL G 139 0.34 -76.21 0.87
N PRO G 140 0.19 -75.23 1.78
CA PRO G 140 -0.90 -75.36 2.76
C PRO G 140 -2.23 -74.81 2.23
N HIS G 141 -3.30 -75.40 2.74
CA HIS G 141 -4.64 -74.98 2.35
C HIS G 141 -5.62 -75.10 3.51
N HIS G 151 -5.26 -62.03 7.58
CA HIS G 151 -3.98 -62.51 7.08
C HIS G 151 -3.29 -61.40 6.29
N PRO G 152 -2.79 -60.40 6.99
CA PRO G 152 -2.40 -59.15 6.33
C PRO G 152 -1.07 -59.16 5.61
N TRP G 153 -0.06 -59.83 6.18
CA TRP G 153 1.36 -59.71 5.79
C TRP G 153 1.83 -58.26 5.84
N LYS G 154 1.88 -57.71 7.05
CA LYS G 154 2.18 -56.31 7.26
C LYS G 154 3.67 -56.02 7.04
N LEU G 155 4.00 -54.72 6.99
CA LEU G 155 5.36 -54.24 6.85
C LEU G 155 5.90 -53.84 8.22
N SER G 156 7.19 -53.52 8.27
CA SER G 156 7.78 -53.03 9.52
C SER G 156 8.40 -51.65 9.36
N PHE G 157 9.30 -51.46 8.38
CA PHE G 157 10.16 -50.27 8.21
C PHE G 157 11.12 -50.10 9.40
N LYS G 158 12.14 -50.97 9.40
CA LYS G 158 13.32 -50.79 10.24
C LYS G 158 13.81 -49.35 10.22
N GLY G 159 14.09 -48.81 9.04
CA GLY G 159 14.03 -47.37 8.88
C GLY G 159 15.28 -46.60 8.50
N SER G 160 16.42 -46.87 9.13
CA SER G 160 17.62 -46.02 9.04
C SER G 160 17.28 -44.54 9.22
N PHE G 161 16.78 -44.27 10.42
CA PHE G 161 15.86 -43.20 10.83
C PHE G 161 16.13 -41.84 10.18
N GLY G 162 15.13 -41.28 9.51
CA GLY G 162 15.34 -40.10 8.69
C GLY G 162 15.46 -38.78 9.44
N ALA G 163 15.07 -37.68 8.80
CA ALA G 163 15.04 -36.40 9.50
C ALA G 163 13.79 -36.25 10.35
N HIS G 164 12.82 -37.16 10.21
CA HIS G 164 11.69 -37.24 11.14
C HIS G 164 12.07 -38.09 12.36
N ALA G 165 13.02 -37.60 13.13
CA ALA G 165 13.39 -38.29 14.34
C ALA G 165 13.01 -37.47 15.56
N LEU G 166 11.80 -36.91 15.56
CA LEU G 166 11.48 -35.87 16.51
C LEU G 166 10.95 -36.44 17.81
N SER G 167 11.50 -35.96 18.90
CA SER G 167 11.05 -36.18 20.25
C SER G 167 9.66 -35.57 20.43
N PRO G 168 8.84 -36.09 21.36
CA PRO G 168 7.43 -35.70 21.38
C PRO G 168 7.14 -34.32 21.94
N ARG G 169 8.14 -33.46 22.10
CA ARG G 169 7.85 -32.06 22.42
C ARG G 169 7.65 -31.22 21.17
N THR G 170 8.22 -31.64 20.05
CA THR G 170 8.12 -30.89 18.80
C THR G 170 7.33 -31.68 17.75
N LEU G 171 6.03 -31.43 17.71
CA LEU G 171 5.13 -32.17 16.84
C LEU G 171 4.04 -31.26 16.26
N THR G 172 3.05 -31.91 15.65
CA THR G 172 1.67 -31.46 15.37
C THR G 172 1.56 -30.31 14.37
N ALA G 173 2.66 -29.74 13.95
CA ALA G 173 2.45 -28.58 13.10
C ALA G 173 2.46 -28.92 11.62
N GLN G 174 3.58 -29.37 11.10
CA GLN G 174 3.62 -29.80 9.72
C GLN G 174 3.92 -31.28 9.60
N HIS G 175 3.93 -32.01 10.71
CA HIS G 175 4.27 -33.42 10.70
C HIS G 175 3.02 -34.26 10.80
N LEU G 176 1.96 -33.83 10.13
CA LEU G 176 0.85 -34.73 9.92
C LEU G 176 1.05 -35.50 8.64
N ASN G 177 0.67 -36.79 8.68
CA ASN G 177 0.82 -37.75 7.60
C ASN G 177 2.27 -37.90 7.17
N LYS G 178 3.11 -38.35 8.10
CA LYS G 178 4.51 -38.65 7.82
C LYS G 178 4.91 -39.86 8.64
N LEU G 179 6.17 -40.26 8.54
CA LEU G 179 6.69 -41.36 9.36
C LEU G 179 7.61 -40.78 10.42
N VAL G 180 7.04 -40.42 11.55
CA VAL G 180 7.81 -39.90 12.67
C VAL G 180 8.44 -41.08 13.38
N SER G 181 9.51 -40.83 14.12
CA SER G 181 10.10 -41.84 14.98
C SER G 181 10.24 -41.28 16.39
N VAL G 182 9.23 -41.49 17.21
CA VAL G 182 9.09 -40.83 18.50
C VAL G 182 9.75 -41.73 19.55
N GLU G 183 10.27 -41.12 20.60
CA GLU G 183 10.82 -41.88 21.72
C GLU G 183 10.30 -41.32 23.02
N GLY G 184 10.59 -41.98 24.12
CA GLY G 184 10.20 -41.44 25.41
C GLY G 184 9.97 -42.55 26.42
N ILE G 185 9.10 -42.25 27.38
CA ILE G 185 8.79 -43.13 28.52
C ILE G 185 7.30 -43.37 28.52
N VAL G 186 6.90 -44.64 28.39
CA VAL G 186 5.49 -45.01 28.35
C VAL G 186 4.75 -44.71 29.65
N THR G 187 3.56 -44.11 29.57
CA THR G 187 2.87 -43.74 30.81
C THR G 187 1.47 -44.18 31.25
N LYS G 188 0.73 -44.98 30.47
CA LYS G 188 -0.59 -45.42 30.93
C LYS G 188 -0.76 -46.94 30.87
N THR G 189 -0.59 -47.51 29.68
CA THR G 189 -0.73 -48.96 29.54
C THR G 189 -2.16 -49.43 29.76
N SER G 190 -3.03 -49.08 28.81
CA SER G 190 -4.43 -49.50 28.89
C SER G 190 -4.58 -50.99 28.62
N LEU G 191 -5.82 -51.47 28.68
CA LEU G 191 -6.11 -52.90 28.63
C LEU G 191 -6.43 -53.33 27.22
N VAL G 192 -6.53 -54.65 27.03
CA VAL G 192 -6.66 -55.25 25.71
C VAL G 192 -8.11 -55.66 25.48
N ARG G 193 -8.65 -55.32 24.33
CA ARG G 193 -9.95 -55.82 23.93
C ARG G 193 -9.90 -56.30 22.50
N PRO G 194 -10.68 -57.31 22.14
CA PRO G 194 -10.74 -57.75 20.76
C PRO G 194 -11.51 -56.76 19.89
N LYS G 195 -11.51 -57.03 18.60
CA LYS G 195 -12.15 -56.12 17.65
C LYS G 195 -12.54 -56.90 16.40
N LEU G 196 -13.77 -56.69 15.95
CA LEU G 196 -14.34 -57.37 14.79
C LEU G 196 -13.74 -56.83 13.50
N ILE G 197 -13.48 -57.72 12.54
CA ILE G 197 -13.10 -57.28 11.20
C ILE G 197 -13.99 -57.94 10.15
N ARG G 198 -14.04 -59.27 10.11
CA ARG G 198 -14.81 -60.00 9.12
C ARG G 198 -15.90 -60.80 9.80
N SER G 199 -17.06 -60.89 9.15
CA SER G 199 -18.16 -61.69 9.67
C SER G 199 -18.71 -62.59 8.57
N VAL G 200 -18.68 -63.89 8.81
CA VAL G 200 -19.20 -64.86 7.86
C VAL G 200 -20.52 -65.42 8.39
N HIS G 201 -21.58 -65.18 7.66
CA HIS G 201 -22.89 -65.70 8.02
C HIS G 201 -23.16 -67.00 7.27
N TYR G 202 -24.17 -67.72 7.74
CA TYR G 202 -24.45 -69.04 7.21
C TYR G 202 -25.94 -69.30 7.33
N ALA G 203 -26.56 -69.68 6.22
CA ALA G 203 -27.95 -70.08 6.21
C ALA G 203 -28.03 -71.57 5.89
N ALA G 204 -28.70 -72.32 6.75
CA ALA G 204 -28.99 -73.72 6.44
C ALA G 204 -30.48 -73.81 6.19
N LYS G 205 -30.89 -73.27 5.05
CA LYS G 205 -32.06 -73.69 4.31
C LYS G 205 -31.77 -73.66 2.82
N THR G 206 -30.82 -72.82 2.39
CA THR G 206 -30.41 -72.73 0.99
C THR G 206 -28.93 -73.00 0.77
N GLY G 207 -28.19 -73.45 1.79
CA GLY G 207 -26.81 -73.85 1.56
C GLY G 207 -25.75 -72.83 1.91
N ARG G 208 -25.31 -72.08 0.89
CA ARG G 208 -24.10 -71.28 0.83
C ARG G 208 -23.84 -70.34 2.01
N PHE G 209 -22.56 -70.05 2.24
CA PHE G 209 -22.13 -69.12 3.26
C PHE G 209 -22.28 -67.68 2.77
N HIS G 210 -21.96 -66.74 3.63
CA HIS G 210 -21.98 -65.34 3.23
C HIS G 210 -20.80 -64.61 3.87
N TYR G 211 -20.87 -63.28 3.80
CA TYR G 211 -19.68 -62.48 4.00
C TYR G 211 -20.09 -61.06 4.35
N ARG G 212 -19.22 -60.36 5.09
CA ARG G 212 -19.42 -58.96 5.42
C ARG G 212 -18.10 -58.37 5.87
N ASP G 213 -17.62 -57.37 5.15
CA ASP G 213 -16.49 -56.59 5.61
C ASP G 213 -16.97 -55.48 6.52
N TYR G 214 -16.11 -55.11 7.46
CA TYR G 214 -16.45 -54.12 8.47
C TYR G 214 -15.13 -53.56 8.98
N THR G 215 -14.89 -52.27 8.76
CA THR G 215 -13.67 -51.62 9.20
C THR G 215 -13.99 -50.26 9.79
N ASP G 216 -13.24 -49.87 10.80
CA ASP G 216 -13.51 -48.68 11.59
C ASP G 216 -12.69 -47.53 11.01
N ALA G 217 -12.68 -46.37 11.68
CA ALA G 217 -11.82 -45.26 11.31
C ALA G 217 -10.36 -45.49 11.67
N THR G 218 -10.07 -46.37 12.62
CA THR G 218 -8.70 -46.80 12.90
C THR G 218 -8.35 -48.05 12.10
N THR G 219 -8.39 -47.92 10.78
CA THR G 219 -8.02 -48.98 9.86
C THR G 219 -6.50 -49.07 9.73
N THR G 220 -6.03 -49.72 8.67
CA THR G 220 -4.60 -49.76 8.40
C THR G 220 -4.01 -48.35 8.20
N LEU G 221 -4.35 -47.61 7.15
CA LEU G 221 -3.84 -46.25 7.04
C LEU G 221 -4.82 -45.21 6.49
N THR G 222 -5.79 -45.60 5.68
CA THR G 222 -6.54 -44.65 4.87
C THR G 222 -7.82 -44.22 5.59
N THR G 223 -8.73 -43.58 4.85
CA THR G 223 -10.10 -43.36 5.33
C THR G 223 -11.08 -43.70 4.21
N ARG G 224 -12.18 -44.35 4.59
CA ARG G 224 -13.27 -44.65 3.69
C ARG G 224 -14.60 -44.27 4.33
N ILE G 225 -15.68 -44.65 3.66
CA ILE G 225 -17.03 -44.38 4.14
C ILE G 225 -17.30 -45.24 5.37
N PRO G 226 -17.60 -44.65 6.52
CA PRO G 226 -17.65 -45.43 7.76
C PRO G 226 -18.94 -46.23 7.88
N THR G 227 -18.76 -47.52 8.16
CA THR G 227 -19.87 -48.46 8.27
C THR G 227 -20.15 -48.72 9.74
N PRO G 228 -21.27 -48.24 10.29
CA PRO G 228 -21.60 -48.55 11.68
C PRO G 228 -22.28 -49.90 11.81
N ALA G 229 -21.60 -50.97 11.39
CA ALA G 229 -22.23 -52.28 11.26
C ALA G 229 -22.39 -52.90 12.65
N ILE G 230 -23.59 -52.73 13.18
CA ILE G 230 -23.93 -53.35 14.46
C ILE G 230 -24.12 -54.85 14.27
N TYR G 231 -25.00 -55.24 13.37
CA TYR G 231 -25.39 -56.63 13.28
C TYR G 231 -25.92 -56.95 11.89
N PRO G 232 -25.13 -57.60 11.04
CA PRO G 232 -25.59 -57.89 9.67
C PRO G 232 -26.41 -59.17 9.65
N THR G 233 -27.69 -59.04 9.34
CA THR G 233 -28.61 -60.17 9.38
C THR G 233 -29.59 -59.97 8.23
N GLU G 234 -30.51 -60.92 8.06
CA GLU G 234 -31.74 -60.79 7.27
C GLU G 234 -31.44 -60.52 5.79
N ASP G 235 -30.92 -61.55 5.14
CA ASP G 235 -30.71 -61.53 3.71
C ASP G 235 -32.05 -61.45 2.96
N THR G 236 -31.95 -61.29 1.63
CA THR G 236 -33.14 -61.14 0.79
C THR G 236 -33.91 -62.44 0.58
N GLU G 237 -34.37 -63.03 1.67
CA GLU G 237 -35.20 -64.22 1.72
C GLU G 237 -35.87 -64.25 3.09
N GLY G 238 -36.57 -65.35 3.34
CA GLY G 238 -36.99 -65.63 4.70
C GLY G 238 -35.94 -66.46 5.39
N ASN G 239 -35.05 -65.80 6.13
CA ASN G 239 -33.95 -66.50 6.78
C ASN G 239 -33.66 -65.86 8.12
N LYS G 240 -33.19 -66.70 9.05
CA LYS G 240 -32.63 -66.26 10.32
C LYS G 240 -31.15 -66.62 10.28
N LEU G 241 -30.33 -65.68 9.83
CA LEU G 241 -28.92 -65.94 9.58
C LEU G 241 -28.17 -66.12 10.88
N THR G 242 -27.06 -66.86 10.81
CA THR G 242 -26.31 -67.25 11.98
C THR G 242 -24.88 -66.74 11.87
N THR G 243 -24.39 -66.17 12.98
CA THR G 243 -23.05 -65.61 13.00
C THR G 243 -22.08 -66.69 13.49
N GLU G 244 -21.32 -67.21 12.54
CA GLU G 244 -20.35 -68.24 12.86
C GLU G 244 -19.14 -67.65 13.57
N TYR G 245 -18.99 -68.02 14.83
CA TYR G 245 -17.80 -67.64 15.60
C TYR G 245 -16.75 -68.69 15.33
N GLY G 246 -15.50 -68.34 15.52
CA GLY G 246 -14.43 -69.22 15.11
C GLY G 246 -13.99 -68.97 13.67
N TYR G 247 -14.93 -69.00 12.74
CA TYR G 247 -14.60 -68.68 11.36
C TYR G 247 -14.43 -67.20 11.13
N SER G 248 -14.99 -66.36 11.98
CA SER G 248 -14.77 -64.93 11.87
C SER G 248 -13.39 -64.57 12.38
N THR G 249 -12.98 -63.34 12.09
CA THR G 249 -11.66 -62.87 12.50
C THR G 249 -11.78 -61.81 13.58
N PHE G 250 -10.82 -61.81 14.49
CA PHE G 250 -10.75 -60.80 15.53
C PHE G 250 -9.29 -60.47 15.76
N ILE G 251 -9.01 -59.19 15.95
CA ILE G 251 -7.65 -58.76 16.25
C ILE G 251 -7.67 -58.03 17.59
N ASP G 252 -6.48 -57.79 18.13
CA ASP G 252 -6.33 -57.16 19.42
C ASP G 252 -6.07 -55.67 19.24
N HIS G 253 -6.29 -54.91 20.31
CA HIS G 253 -6.27 -53.46 20.26
C HIS G 253 -5.81 -52.93 21.60
N GLN G 254 -4.83 -52.02 21.59
CA GLN G 254 -4.26 -51.52 22.83
C GLN G 254 -3.69 -50.13 22.60
N ARG G 255 -4.13 -49.17 23.40
CA ARG G 255 -3.70 -47.78 23.29
C ARG G 255 -2.82 -47.46 24.49
N ILE G 256 -1.60 -47.00 24.23
CA ILE G 256 -0.71 -46.55 25.28
C ILE G 256 -0.29 -45.11 25.00
N THR G 257 0.04 -44.38 26.05
CA THR G 257 0.46 -43.00 25.94
C THR G 257 1.90 -42.84 26.39
N VAL G 258 2.68 -42.11 25.61
CA VAL G 258 4.10 -41.93 25.83
C VAL G 258 4.37 -40.43 25.95
N GLN G 259 5.21 -40.06 26.91
CA GLN G 259 5.61 -38.66 27.11
C GLN G 259 7.12 -38.52 26.91
N GLU G 260 7.59 -37.29 27.02
CA GLU G 260 9.00 -37.03 26.74
C GLU G 260 9.86 -37.40 27.93
N MET G 261 11.16 -37.52 27.68
CA MET G 261 12.07 -37.95 28.73
C MET G 261 12.39 -36.79 29.66
N PRO G 262 12.43 -37.02 30.97
CA PRO G 262 12.73 -35.92 31.90
C PRO G 262 14.17 -35.44 31.89
N GLU G 263 15.10 -36.24 31.35
CA GLU G 263 16.49 -35.81 31.30
C GLU G 263 16.75 -34.82 30.17
N MET G 264 16.20 -35.07 28.99
CA MET G 264 16.28 -34.16 27.85
C MET G 264 15.18 -33.11 27.85
N ALA G 265 14.60 -32.80 29.00
CA ALA G 265 13.56 -31.81 29.08
C ALA G 265 14.16 -30.39 29.13
N PRO G 266 13.39 -29.38 28.71
CA PRO G 266 13.76 -27.99 28.98
C PRO G 266 13.56 -27.59 30.44
N ALA G 267 13.64 -26.29 30.70
CA ALA G 267 13.39 -25.72 32.02
C ALA G 267 11.96 -26.04 32.49
N GLY G 268 11.73 -25.84 33.79
CA GLY G 268 10.61 -26.41 34.53
C GLY G 268 9.22 -26.11 34.01
N GLN G 269 8.60 -27.13 33.43
CA GLN G 269 7.29 -27.02 32.79
C GLN G 269 6.58 -28.36 32.93
N LEU G 270 5.44 -28.46 32.30
CA LEU G 270 4.79 -29.76 32.32
C LEU G 270 5.21 -30.58 31.10
N PRO G 271 5.32 -31.89 31.24
CA PRO G 271 5.58 -32.75 30.08
C PRO G 271 4.38 -32.84 29.15
N ARG G 272 4.68 -33.02 27.87
CA ARG G 272 3.68 -33.10 26.81
C ARG G 272 3.70 -34.50 26.23
N SER G 273 2.58 -35.20 26.31
CA SER G 273 2.54 -36.59 25.90
C SER G 273 1.78 -36.76 24.60
N ILE G 274 1.93 -37.94 24.00
CA ILE G 274 1.24 -38.32 22.77
C ILE G 274 0.88 -39.79 22.88
N ASP G 275 -0.27 -40.15 22.31
CA ASP G 275 -0.85 -41.47 22.52
C ASP G 275 -0.86 -42.28 21.24
N VAL G 276 -0.43 -43.54 21.34
CA VAL G 276 -0.13 -44.35 20.17
C VAL G 276 -0.96 -45.62 20.22
N ILE G 277 -1.55 -45.99 19.09
CA ILE G 277 -2.38 -47.18 18.95
C ILE G 277 -1.52 -48.31 18.42
N LEU G 278 -1.56 -49.47 19.08
CA LEU G 278 -0.86 -50.65 18.58
C LEU G 278 -1.88 -51.71 18.16
N ASP G 279 -1.64 -52.35 17.04
CA ASP G 279 -2.57 -53.38 16.62
C ASP G 279 -1.92 -54.52 15.87
N ASP G 280 -2.44 -55.73 16.13
CA ASP G 280 -2.10 -57.01 15.50
C ASP G 280 -0.77 -57.71 15.80
N ASP G 281 0.00 -57.26 16.76
CA ASP G 281 1.25 -57.97 16.98
C ASP G 281 2.02 -57.53 18.21
N LEU G 282 1.82 -56.31 18.68
CA LEU G 282 2.73 -55.69 19.63
C LEU G 282 2.05 -55.58 20.98
N VAL G 283 0.98 -56.34 21.13
CA VAL G 283 0.18 -56.34 22.35
C VAL G 283 0.97 -57.07 23.43
N ASP G 284 1.05 -56.46 24.61
CA ASP G 284 1.87 -56.91 25.74
C ASP G 284 3.32 -57.07 25.33
N LYS G 285 3.89 -55.99 24.82
CA LYS G 285 5.30 -55.97 24.46
C LYS G 285 6.15 -55.24 25.48
N THR G 286 5.68 -54.11 26.02
CA THR G 286 6.45 -53.29 26.94
C THR G 286 5.70 -53.13 28.24
N LYS G 287 6.43 -53.20 29.34
CA LYS G 287 5.95 -52.87 30.67
C LYS G 287 5.81 -51.35 30.79
N PRO G 288 4.98 -50.86 31.71
CA PRO G 288 4.95 -49.42 31.97
C PRO G 288 6.27 -48.96 32.59
N GLY G 289 6.60 -47.71 32.33
CA GLY G 289 7.87 -47.19 32.77
C GLY G 289 9.06 -47.76 32.06
N ASP G 290 9.03 -47.86 30.74
CA ASP G 290 10.19 -48.29 29.97
C ASP G 290 10.59 -47.18 29.00
N ARG G 291 11.81 -47.25 28.49
CA ARG G 291 12.31 -46.30 27.51
C ARG G 291 12.11 -46.92 26.14
N VAL G 292 11.22 -46.34 25.35
CA VAL G 292 10.63 -47.00 24.19
C VAL G 292 10.81 -46.10 22.98
N ASN G 293 11.24 -46.68 21.86
CA ASN G 293 11.29 -45.99 20.57
C ASN G 293 10.21 -46.60 19.67
N VAL G 294 9.45 -45.75 18.99
CA VAL G 294 8.27 -46.17 18.25
C VAL G 294 8.33 -45.52 16.88
N VAL G 295 7.80 -46.19 15.86
CA VAL G 295 7.70 -45.67 14.50
C VAL G 295 6.26 -45.80 14.07
N GLY G 296 5.70 -44.74 13.47
CA GLY G 296 4.33 -44.88 13.01
C GLY G 296 3.96 -43.80 12.01
N VAL G 297 2.66 -43.63 11.85
CA VAL G 297 2.11 -42.62 10.94
C VAL G 297 1.25 -41.67 11.75
N PHE G 298 1.52 -40.38 11.65
CA PHE G 298 0.87 -39.36 12.47
C PHE G 298 -0.51 -39.04 11.89
N LYS G 299 -1.45 -39.95 12.06
CA LYS G 299 -2.81 -39.72 11.60
C LYS G 299 -3.50 -38.75 12.55
N SER G 300 -4.60 -38.16 12.12
CA SER G 300 -5.39 -37.27 12.96
C SER G 300 -6.87 -37.44 12.70
N LEU G 301 -7.58 -38.13 13.58
CA LEU G 301 -8.96 -38.47 13.35
C LEU G 301 -9.89 -37.74 14.31
N GLY G 302 -11.18 -37.94 14.10
CA GLY G 302 -12.22 -37.27 14.86
C GLY G 302 -12.77 -36.05 14.13
N ALA G 303 -13.89 -35.55 14.62
CA ALA G 303 -14.48 -34.32 14.11
C ALA G 303 -14.28 -33.21 15.14
N GLY G 304 -14.00 -32.01 14.66
CA GLY G 304 -13.71 -30.92 15.57
C GLY G 304 -14.92 -30.07 15.92
N GLY G 305 -16.04 -30.71 16.22
CA GLY G 305 -17.24 -29.98 16.57
C GLY G 305 -17.96 -29.36 15.40
N MET G 306 -17.55 -29.61 14.17
CA MET G 306 -18.26 -29.11 13.01
C MET G 306 -19.44 -29.98 12.63
N ASN G 307 -19.45 -31.25 13.03
CA ASN G 307 -20.58 -32.12 12.72
C ASN G 307 -21.76 -31.85 13.64
N GLN G 308 -21.53 -31.83 14.95
CA GLN G 308 -22.52 -31.36 15.90
C GLN G 308 -22.66 -29.85 15.72
N SER G 309 -23.81 -29.42 15.19
CA SER G 309 -24.01 -28.03 14.80
C SER G 309 -24.14 -27.17 16.06
N ASN G 310 -23.03 -26.61 16.50
CA ASN G 310 -23.01 -25.78 17.70
C ASN G 310 -22.41 -24.42 17.40
N LEU G 314 -15.12 -26.10 20.58
CA LEU G 314 -14.03 -25.15 20.77
C LEU G 314 -12.71 -25.77 20.34
N ILE G 315 -12.22 -26.70 21.15
CA ILE G 315 -11.06 -27.49 20.77
C ILE G 315 -11.49 -28.55 19.76
N GLY G 316 -10.50 -29.19 19.13
CA GLY G 316 -10.83 -30.24 18.18
C GLY G 316 -9.62 -30.98 17.68
N PHE G 317 -9.91 -32.05 16.93
CA PHE G 317 -8.96 -32.79 16.11
C PHE G 317 -7.83 -33.42 16.93
N LYS G 318 -8.21 -34.41 17.72
CA LYS G 318 -7.24 -35.28 18.40
C LYS G 318 -6.32 -35.96 17.41
N THR G 319 -5.08 -36.22 17.83
CA THR G 319 -4.08 -36.86 17.01
C THR G 319 -3.65 -38.19 17.61
N LEU G 320 -3.29 -39.14 16.75
CA LEU G 320 -2.81 -40.44 17.18
C LEU G 320 -1.64 -40.86 16.30
N ILE G 321 -0.99 -41.95 16.67
CA ILE G 321 0.06 -42.57 15.88
C ILE G 321 -0.30 -44.03 15.69
N LEU G 322 -0.24 -44.51 14.45
CA LEU G 322 -0.59 -45.90 14.15
C LEU G 322 0.70 -46.72 14.03
N GLY G 323 1.14 -47.24 15.16
CA GLY G 323 2.53 -47.68 15.29
C GLY G 323 2.80 -49.00 14.58
N ASN G 324 4.06 -49.23 14.24
CA ASN G 324 4.52 -50.49 13.66
C ASN G 324 5.59 -51.20 14.47
N THR G 325 6.66 -50.54 14.84
CA THR G 325 7.84 -51.31 15.20
C THR G 325 8.16 -51.38 16.65
N VAL G 326 7.30 -51.21 17.66
CA VAL G 326 7.69 -50.70 18.97
C VAL G 326 8.92 -51.41 19.52
N TYR G 327 10.00 -50.65 19.65
CA TYR G 327 11.32 -51.24 19.70
C TYR G 327 11.95 -50.83 21.00
N PRO G 328 12.07 -51.72 21.98
CA PRO G 328 12.58 -51.32 23.28
C PRO G 328 14.08 -51.07 23.22
N LEU G 329 14.50 -50.04 23.92
CA LEU G 329 15.91 -49.65 23.92
C LEU G 329 16.45 -49.71 25.33
N HIS G 330 17.76 -49.84 25.43
CA HIS G 330 18.46 -49.79 26.70
C HIS G 330 19.75 -49.02 26.49
N ALA G 331 19.78 -47.78 26.97
CA ALA G 331 20.93 -46.91 26.80
C ALA G 331 21.44 -46.39 28.14
N LEU H 177 -66.84 -81.47 32.62
CA LEU H 177 -66.79 -81.02 33.99
C LEU H 177 -66.50 -79.53 34.07
N ARG H 178 -66.08 -78.98 32.93
CA ARG H 178 -65.69 -77.57 32.77
C ARG H 178 -64.58 -77.18 33.76
N ILE H 179 -63.55 -78.02 33.79
CA ILE H 179 -62.33 -77.71 34.52
C ILE H 179 -61.66 -76.49 33.87
N ILE H 180 -61.09 -75.62 34.71
CA ILE H 180 -60.42 -74.40 34.26
C ILE H 180 -59.26 -74.78 33.34
N TRP H 181 -59.04 -73.95 32.31
CA TRP H 181 -58.28 -74.36 31.14
C TRP H 181 -56.80 -74.52 31.45
N GLY H 182 -56.19 -73.49 32.04
CA GLY H 182 -54.76 -73.54 32.32
C GLY H 182 -54.46 -73.85 33.77
N THR H 183 -55.50 -74.13 34.53
CA THR H 183 -55.34 -74.14 35.98
C THR H 183 -55.52 -75.54 36.58
N ASN H 184 -56.28 -76.40 35.92
CA ASN H 184 -56.48 -77.82 36.29
C ASN H 184 -57.10 -77.99 37.66
N VAL H 185 -57.90 -77.01 38.08
CA VAL H 185 -58.63 -77.06 39.33
C VAL H 185 -60.07 -77.42 39.01
N SER H 186 -60.66 -78.30 39.82
CA SER H 186 -62.03 -78.69 39.64
C SER H 186 -62.97 -77.50 39.91
N ILE H 187 -64.02 -77.43 39.11
CA ILE H 187 -64.96 -76.32 39.16
C ILE H 187 -65.87 -76.49 40.37
N GLN H 188 -66.62 -75.45 40.72
CA GLN H 188 -67.57 -75.46 41.82
C GLN H 188 -68.66 -76.52 41.63
N GLU H 189 -69.32 -76.90 42.73
CA GLU H 189 -70.09 -78.14 42.99
C GLU H 189 -69.15 -79.34 43.07
N CYS H 190 -67.86 -79.12 43.34
CA CYS H 190 -66.93 -80.19 43.66
C CYS H 190 -66.08 -79.85 44.89
N THR H 191 -65.83 -78.57 45.14
CA THR H 191 -65.04 -78.12 46.28
C THR H 191 -65.87 -77.96 47.55
N THR H 192 -67.01 -78.64 47.62
CA THR H 192 -67.86 -78.56 48.79
C THR H 192 -67.41 -79.49 49.91
N ASN H 193 -66.39 -80.32 49.68
CA ASN H 193 -65.82 -81.10 50.77
C ASN H 193 -65.08 -80.23 51.78
N PHE H 194 -64.66 -79.02 51.37
CA PHE H 194 -64.13 -78.04 52.31
C PHE H 194 -65.16 -77.64 53.34
N ARG H 195 -66.44 -77.59 52.96
CA ARG H 195 -67.49 -77.44 53.94
C ARG H 195 -67.55 -78.63 54.88
N ASN H 196 -67.44 -79.84 54.33
CA ASN H 196 -67.45 -81.04 55.17
C ASN H 196 -66.16 -81.17 55.97
N PHE H 197 -65.05 -80.68 55.42
CA PHE H 197 -63.82 -80.57 56.21
C PHE H 197 -63.97 -79.56 57.33
N LEU H 198 -64.76 -78.51 57.12
CA LEU H 198 -64.95 -77.47 58.13
C LEU H 198 -65.82 -77.94 59.28
N MET H 199 -66.56 -79.04 59.12
CA MET H 199 -67.49 -79.47 60.16
C MET H 199 -67.01 -80.69 60.95
N SER H 200 -66.22 -81.58 60.37
CA SER H 200 -65.87 -82.85 61.00
C SER H 200 -64.35 -83.02 61.02
N PHE H 201 -63.71 -82.63 62.12
CA PHE H 201 -62.26 -82.84 62.29
C PHE H 201 -61.94 -82.80 63.78
N LYS H 202 -61.79 -83.95 64.42
CA LYS H 202 -61.68 -83.91 65.87
C LYS H 202 -60.36 -84.46 66.41
N TYR H 203 -59.94 -85.63 65.93
CA TYR H 203 -58.74 -86.27 66.45
C TYR H 203 -57.77 -86.66 65.34
N LYS H 204 -58.03 -86.21 64.11
CA LYS H 204 -57.31 -86.70 62.95
C LYS H 204 -55.87 -86.21 62.87
N PHE H 205 -55.61 -84.98 63.34
CA PHE H 205 -54.23 -84.50 63.43
C PHE H 205 -53.52 -85.11 64.63
N ARG H 206 -54.27 -85.55 65.64
CA ARG H 206 -53.70 -86.22 66.79
C ARG H 206 -53.50 -87.71 66.57
N LYS H 207 -53.69 -88.20 65.34
CA LYS H 207 -53.38 -89.58 65.02
C LYS H 207 -51.88 -89.84 64.98
N ILE H 208 -51.07 -88.82 64.74
CA ILE H 208 -49.62 -88.98 64.77
C ILE H 208 -49.12 -89.00 66.22
N LEU H 209 -49.66 -88.12 67.06
CA LEU H 209 -49.15 -87.92 68.41
C LEU H 209 -49.57 -89.02 69.37
N ASP H 210 -50.46 -89.93 68.95
CA ASP H 210 -51.06 -90.97 69.80
C ASP H 210 -51.74 -90.39 71.03
N GLU H 211 -52.47 -89.29 70.83
CA GLU H 211 -53.31 -88.60 71.80
C GLU H 211 -52.54 -88.06 73.01
N ARG H 212 -51.22 -87.93 72.91
CA ARG H 212 -50.42 -87.37 73.99
C ARG H 212 -49.11 -86.81 73.45
N ASP H 221 -60.43 -80.50 73.71
CA ASP H 221 -59.58 -81.24 72.79
C ASP H 221 -60.39 -82.26 72.00
N GLU H 222 -61.52 -82.70 72.58
CA GLU H 222 -62.33 -83.72 71.96
C GLU H 222 -63.17 -83.18 70.81
N GLU H 223 -63.20 -81.86 70.65
CA GLU H 223 -63.99 -81.23 69.59
C GLU H 223 -63.10 -80.72 68.46
N LEU H 224 -63.74 -80.07 67.49
CA LEU H 224 -63.05 -79.44 66.38
C LEU H 224 -62.65 -78.02 66.75
N TYR H 225 -61.42 -77.65 66.37
CA TYR H 225 -60.95 -76.28 66.53
C TYR H 225 -61.81 -75.28 65.76
N TYR H 226 -62.11 -75.57 64.49
CA TYR H 226 -62.70 -74.58 63.59
C TYR H 226 -64.22 -74.52 63.70
N ILE H 227 -64.81 -75.07 64.75
CA ILE H 227 -66.18 -74.71 65.09
C ILE H 227 -66.19 -73.49 65.99
N LYS H 228 -65.35 -73.50 67.03
CA LYS H 228 -65.39 -72.48 68.06
C LYS H 228 -64.84 -71.14 67.58
N GLN H 229 -63.86 -71.15 66.68
CA GLN H 229 -63.37 -69.91 66.11
C GLN H 229 -64.39 -69.28 65.18
N LEU H 230 -65.27 -70.09 64.59
CA LEU H 230 -66.28 -69.59 63.69
C LEU H 230 -67.38 -68.83 64.41
N ASN H 231 -67.66 -69.20 65.67
CA ASN H 231 -68.69 -68.50 66.43
C ASN H 231 -68.23 -67.16 66.97
N GLU H 232 -66.93 -67.00 67.25
CA GLU H 232 -66.38 -65.77 67.79
C GLU H 232 -66.05 -64.78 66.67
N MET H 233 -65.81 -65.29 65.48
CA MET H 233 -65.36 -64.46 64.37
C MET H 233 -66.49 -63.65 63.76
N ARG H 234 -67.69 -64.21 63.71
CA ARG H 234 -68.86 -63.52 63.17
C ARG H 234 -69.30 -62.34 64.04
N GLU H 235 -68.90 -62.30 65.31
CA GLU H 235 -69.21 -61.15 66.17
C GLU H 235 -68.49 -59.89 65.70
N LEU H 236 -67.19 -60.00 65.43
CA LEU H 236 -66.38 -58.86 65.07
C LEU H 236 -66.27 -58.70 63.55
N GLY H 237 -66.16 -59.83 62.85
CA GLY H 237 -66.15 -59.84 61.39
C GLY H 237 -64.79 -59.76 60.76
N THR H 238 -63.78 -59.29 61.48
CA THR H 238 -62.41 -59.16 60.99
C THR H 238 -61.75 -60.53 60.92
N SER H 239 -61.88 -61.20 59.76
CA SER H 239 -61.70 -62.65 59.65
C SER H 239 -60.31 -63.14 60.02
N ASN H 240 -59.30 -62.78 59.21
CA ASN H 240 -57.86 -63.06 59.37
C ASN H 240 -57.56 -64.46 59.93
N LEU H 241 -58.11 -65.47 59.24
CA LEU H 241 -58.05 -66.84 59.74
C LEU H 241 -56.63 -67.37 59.72
N ASN H 242 -56.20 -67.90 60.87
CA ASN H 242 -54.83 -68.37 61.02
C ASN H 242 -54.60 -69.63 60.20
N LEU H 243 -55.36 -70.69 60.47
CA LEU H 243 -55.40 -71.92 59.67
C LEU H 243 -54.01 -72.58 59.58
N ASP H 244 -53.62 -73.18 60.71
CA ASP H 244 -52.38 -73.94 60.87
C ASP H 244 -52.11 -74.92 59.74
N ALA H 245 -53.17 -75.53 59.21
CA ALA H 245 -53.21 -76.17 57.88
C ALA H 245 -52.29 -77.37 57.76
N ARG H 246 -51.90 -77.98 58.88
CA ARG H 246 -51.46 -79.36 58.86
C ARG H 246 -52.68 -80.14 59.30
N ASN H 247 -53.70 -80.13 58.46
CA ASN H 247 -54.93 -80.85 58.67
C ASN H 247 -55.42 -81.51 57.40
N LEU H 248 -54.90 -81.14 56.25
CA LEU H 248 -55.20 -81.80 54.99
C LEU H 248 -54.27 -82.96 54.72
N LEU H 249 -53.32 -83.21 55.62
CA LEU H 249 -52.53 -84.44 55.61
C LEU H 249 -53.31 -85.64 56.10
N ALA H 250 -54.22 -85.46 57.06
CA ALA H 250 -54.92 -86.60 57.64
C ALA H 250 -56.41 -86.25 57.64
N TYR H 251 -57.07 -86.49 56.52
CA TYR H 251 -58.52 -86.44 56.39
C TYR H 251 -58.89 -87.17 55.10
N LYS H 252 -60.11 -87.69 55.08
CA LYS H 252 -60.61 -88.48 53.98
C LYS H 252 -60.88 -87.57 52.79
N GLN H 253 -60.18 -87.85 51.68
CA GLN H 253 -60.41 -87.24 50.36
C GLN H 253 -60.21 -85.73 50.38
N THR H 254 -59.10 -85.30 50.99
CA THR H 254 -58.66 -83.92 50.91
C THR H 254 -57.18 -83.81 50.57
N GLU H 255 -56.55 -84.91 50.13
CA GLU H 255 -55.15 -84.83 49.72
C GLU H 255 -55.00 -84.12 48.40
N ASP H 256 -56.01 -84.23 47.52
CA ASP H 256 -55.95 -83.64 46.20
C ASP H 256 -55.98 -82.12 46.21
N LEU H 257 -56.77 -81.51 47.09
CA LEU H 257 -56.76 -80.06 47.19
C LEU H 257 -55.51 -79.57 47.91
N TYR H 258 -54.96 -80.37 48.81
CA TYR H 258 -53.69 -80.03 49.45
C TYR H 258 -52.56 -80.04 48.44
N HIS H 259 -52.58 -80.99 47.50
CA HIS H 259 -51.58 -80.98 46.45
C HIS H 259 -51.89 -79.95 45.38
N GLN H 260 -53.17 -79.58 45.24
CA GLN H 260 -53.49 -78.46 44.36
C GLN H 260 -53.38 -77.13 45.09
N LEU H 261 -53.08 -77.14 46.38
CA LEU H 261 -52.77 -75.90 47.08
C LEU H 261 -51.43 -75.35 46.68
N LEU H 262 -50.35 -76.13 46.84
CA LEU H 262 -49.00 -75.66 46.56
C LEU H 262 -48.77 -75.38 45.08
N ASN H 263 -49.39 -76.15 44.19
CA ASN H 263 -49.16 -75.94 42.77
C ASN H 263 -49.90 -74.73 42.25
N TYR H 264 -50.97 -74.32 42.93
CA TYR H 264 -51.80 -73.20 42.48
C TYR H 264 -52.19 -72.40 43.72
N PRO H 265 -51.30 -71.57 44.23
CA PRO H 265 -51.53 -70.98 45.56
C PRO H 265 -52.38 -69.74 45.53
N GLN H 266 -52.75 -69.27 44.35
CA GLN H 266 -53.57 -68.08 44.20
C GLN H 266 -55.04 -68.37 44.04
N GLU H 267 -55.37 -69.20 43.06
CA GLU H 267 -56.74 -69.45 42.65
C GLU H 267 -57.54 -70.22 43.67
N VAL H 268 -56.95 -71.22 44.34
CA VAL H 268 -57.73 -72.03 45.25
C VAL H 268 -58.00 -71.28 46.54
N ILE H 269 -57.17 -70.30 46.90
CA ILE H 269 -57.46 -69.48 48.07
C ILE H 269 -58.60 -68.52 47.76
N SER H 270 -58.56 -67.87 46.59
CA SER H 270 -59.64 -66.99 46.18
C SER H 270 -60.93 -67.75 45.92
N ILE H 271 -60.83 -69.02 45.52
CA ILE H 271 -62.01 -69.88 45.47
C ILE H 271 -62.52 -70.18 46.86
N MET H 272 -61.61 -70.41 47.81
CA MET H 272 -62.02 -70.69 49.19
C MET H 272 -62.62 -69.47 49.88
N ASP H 273 -62.30 -68.26 49.40
CA ASP H 273 -62.86 -67.06 50.01
C ASP H 273 -64.33 -66.91 49.71
N GLN H 274 -64.80 -67.48 48.60
CA GLN H 274 -66.23 -67.57 48.37
C GLN H 274 -66.90 -68.47 49.40
N THR H 275 -66.33 -69.64 49.65
CA THR H 275 -66.93 -70.59 50.59
C THR H 275 -66.84 -70.11 52.03
N ILE H 276 -65.79 -69.35 52.37
CA ILE H 276 -65.73 -68.78 53.72
C ILE H 276 -66.75 -67.65 53.88
N LYS H 277 -67.25 -67.09 52.78
CA LYS H 277 -68.41 -66.21 52.85
C LYS H 277 -69.69 -67.04 52.87
N ASP H 278 -69.68 -68.18 52.18
CA ASP H 278 -70.89 -68.99 52.02
C ASP H 278 -71.16 -69.92 53.19
N CYS H 279 -70.14 -70.32 53.95
CA CYS H 279 -70.38 -71.21 55.08
C CYS H 279 -71.04 -70.47 56.23
N MET H 280 -70.79 -69.16 56.35
CA MET H 280 -71.45 -68.35 57.35
C MET H 280 -72.92 -68.14 57.06
N VAL H 281 -73.35 -68.32 55.81
CA VAL H 281 -74.77 -68.30 55.49
C VAL H 281 -75.47 -69.51 56.09
N SER H 282 -74.74 -70.62 56.24
CA SER H 282 -75.35 -71.88 56.66
C SER H 282 -75.79 -71.86 58.12
N LEU H 283 -75.25 -70.97 58.95
CA LEU H 283 -75.76 -70.83 60.30
C LEU H 283 -76.99 -69.93 60.37
N ILE H 284 -77.02 -68.85 59.60
CA ILE H 284 -78.14 -67.91 59.66
C ILE H 284 -79.42 -68.48 59.09
N VAL H 285 -79.34 -69.43 58.16
CA VAL H 285 -80.55 -70.05 57.65
C VAL H 285 -81.06 -71.12 58.62
N ASP H 286 -80.16 -71.70 59.43
CA ASP H 286 -80.58 -72.70 60.39
C ASP H 286 -80.97 -72.06 61.72
N ASN H 287 -80.05 -71.29 62.31
CA ASN H 287 -80.32 -70.63 63.59
C ASN H 287 -81.13 -69.36 63.34
N ASN H 288 -81.53 -68.70 64.43
CA ASN H 288 -82.34 -67.49 64.35
C ASN H 288 -81.56 -66.34 63.73
N LEU H 289 -82.28 -65.32 63.25
CA LEU H 289 -81.66 -64.19 62.58
C LEU H 289 -80.82 -63.35 63.53
N ASP H 290 -79.51 -63.32 63.29
CA ASP H 290 -78.57 -62.55 64.09
C ASP H 290 -78.11 -61.33 63.31
N TYR H 291 -77.63 -60.37 64.09
CA TYR H 291 -77.10 -59.10 63.62
C TYR H 291 -78.07 -58.15 62.91
N ASP H 292 -79.32 -58.09 63.37
CA ASP H 292 -80.32 -57.18 62.79
C ASP H 292 -80.41 -57.39 61.29
N LEU H 293 -80.79 -58.62 60.92
CA LEU H 293 -80.83 -59.14 59.54
C LEU H 293 -79.38 -59.21 59.10
N ASP H 294 -78.99 -58.59 58.00
CA ASP H 294 -77.59 -58.76 57.64
C ASP H 294 -76.77 -57.57 57.13
N GLU H 295 -75.47 -57.77 57.33
CA GLU H 295 -74.36 -56.91 56.93
C GLU H 295 -73.03 -57.65 56.89
N ILE H 296 -72.80 -58.60 57.81
CA ILE H 296 -71.53 -59.33 57.90
C ILE H 296 -71.32 -60.20 56.67
N GLU H 297 -72.40 -60.60 56.01
CA GLU H 297 -72.31 -61.36 54.77
C GLU H 297 -71.71 -60.52 53.63
N THR H 298 -71.92 -59.21 53.65
CA THR H 298 -71.39 -58.37 52.58
C THR H 298 -69.92 -58.06 52.80
N LYS H 299 -69.40 -58.30 54.01
CA LYS H 299 -67.99 -58.18 54.28
C LYS H 299 -67.23 -59.32 53.61
N PHE H 300 -66.19 -59.00 52.86
CA PHE H 300 -65.32 -60.04 52.33
C PHE H 300 -64.39 -60.54 53.43
N TYR H 301 -63.79 -61.70 53.19
CA TYR H 301 -62.90 -62.32 54.16
C TYR H 301 -61.65 -62.86 53.47
N LYS H 302 -60.59 -63.01 54.26
CA LYS H 302 -59.35 -63.61 53.80
C LYS H 302 -59.02 -64.82 54.64
N VAL H 303 -58.33 -65.78 54.03
CA VAL H 303 -57.78 -66.94 54.71
C VAL H 303 -56.27 -66.85 54.57
N ARG H 304 -55.56 -67.04 55.67
CA ARG H 304 -54.11 -66.84 55.69
C ARG H 304 -53.39 -68.10 56.16
N PRO H 305 -53.43 -69.17 55.37
CA PRO H 305 -52.89 -70.46 55.85
C PRO H 305 -51.38 -70.46 55.87
N TYR H 306 -50.83 -71.41 56.62
CA TYR H 306 -49.39 -71.50 56.76
C TYR H 306 -49.00 -72.94 57.08
N ASN H 307 -47.72 -73.11 57.41
CA ASN H 307 -47.11 -74.38 57.79
C ASN H 307 -47.27 -75.42 56.69
N VAL H 308 -46.65 -75.13 55.55
CA VAL H 308 -46.76 -75.98 54.37
C VAL H 308 -45.57 -76.91 54.27
N GLY H 309 -44.81 -77.01 55.36
CA GLY H 309 -43.65 -77.88 55.38
C GLY H 309 -42.44 -77.16 55.94
N SER H 310 -41.37 -77.11 55.17
CA SER H 310 -40.15 -76.38 55.55
C SER H 310 -39.34 -76.13 54.29
N CYS H 311 -39.14 -74.87 53.94
CA CYS H 311 -38.24 -74.56 52.85
C CYS H 311 -36.91 -74.05 53.41
N LYS H 312 -35.97 -73.79 52.52
CA LYS H 312 -34.57 -73.65 52.90
C LYS H 312 -34.00 -72.32 52.44
N GLY H 313 -34.73 -71.23 52.72
CA GLY H 313 -34.22 -69.89 52.44
C GLY H 313 -34.24 -69.55 50.97
N MET H 314 -33.27 -68.77 50.52
CA MET H 314 -33.19 -68.36 49.12
C MET H 314 -32.21 -69.19 48.31
N ARG H 315 -31.07 -69.57 48.88
CA ARG H 315 -30.03 -70.26 48.14
C ARG H 315 -30.49 -71.62 47.62
N GLU H 316 -31.42 -72.26 48.31
CA GLU H 316 -31.88 -73.56 47.87
C GLU H 316 -33.11 -73.48 46.99
N LEU H 317 -33.62 -72.28 46.74
CA LEU H 317 -34.78 -72.11 45.88
C LEU H 317 -34.40 -72.37 44.43
N ASN H 318 -34.98 -73.39 43.84
CA ASN H 318 -34.78 -73.52 42.41
C ASN H 318 -35.73 -72.57 41.67
N PRO H 319 -35.30 -72.06 40.52
CA PRO H 319 -36.18 -71.16 39.75
C PRO H 319 -37.30 -71.86 38.99
N ASN H 320 -37.43 -73.18 39.13
CA ASN H 320 -38.49 -73.88 38.42
C ASN H 320 -39.72 -74.08 39.29
N ASP H 321 -39.60 -73.85 40.61
CA ASP H 321 -40.75 -73.79 41.49
C ASP H 321 -41.14 -72.33 41.65
N ILE H 322 -41.99 -71.83 40.77
CA ILE H 322 -42.34 -70.41 40.75
C ILE H 322 -43.42 -70.08 41.75
N ASP H 323 -44.61 -70.67 41.63
CA ASP H 323 -45.73 -70.29 42.47
C ASP H 323 -46.03 -71.43 43.43
N LYS H 324 -45.28 -71.49 44.52
CA LYS H 324 -45.48 -72.46 45.58
C LYS H 324 -45.42 -71.73 46.90
N LEU H 325 -46.11 -72.26 47.90
CA LEU H 325 -46.08 -71.68 49.24
C LEU H 325 -44.74 -72.00 49.89
N ILE H 326 -44.04 -70.98 50.36
CA ILE H 326 -42.68 -71.10 50.84
C ILE H 326 -42.65 -70.65 52.30
N ASN H 327 -41.90 -71.36 53.13
CA ASN H 327 -41.59 -70.90 54.48
C ASN H 327 -40.22 -70.24 54.48
N LEU H 328 -40.17 -69.00 54.96
CA LEU H 328 -38.94 -68.21 54.95
C LEU H 328 -38.65 -67.69 56.35
N LYS H 329 -37.38 -67.72 56.73
CA LYS H 329 -36.93 -67.32 58.06
C LYS H 329 -35.79 -66.33 57.92
N GLY H 330 -35.85 -65.25 58.68
CA GLY H 330 -34.77 -64.26 58.68
C GLY H 330 -35.19 -63.03 59.45
N LEU H 331 -34.25 -62.10 59.57
CA LEU H 331 -34.54 -60.86 60.28
C LEU H 331 -35.11 -59.83 59.31
N VAL H 332 -35.38 -58.63 59.83
CA VAL H 332 -35.98 -57.55 59.06
C VAL H 332 -35.03 -56.36 59.05
N LEU H 333 -34.68 -55.91 57.85
CA LEU H 333 -33.86 -54.72 57.64
C LEU H 333 -34.75 -53.49 57.51
N ARG H 334 -34.23 -52.40 56.96
CA ARG H 334 -34.96 -51.15 56.85
C ARG H 334 -36.20 -51.30 55.96
N SER H 335 -37.23 -50.55 56.32
CA SER H 335 -38.53 -50.65 55.69
C SER H 335 -38.86 -49.38 54.91
N THR H 336 -40.02 -49.37 54.28
CA THR H 336 -40.49 -48.30 53.42
C THR H 336 -41.86 -47.83 53.87
N PRO H 337 -42.25 -46.61 53.51
CA PRO H 337 -43.62 -46.15 53.78
C PRO H 337 -44.64 -46.80 52.85
N VAL H 338 -45.86 -46.30 52.94
CA VAL H 338 -46.99 -46.88 52.23
C VAL H 338 -47.03 -46.32 50.82
N ILE H 339 -47.22 -47.20 49.84
CA ILE H 339 -47.34 -46.82 48.44
C ILE H 339 -48.74 -47.18 47.97
N PRO H 340 -49.49 -46.26 47.38
CA PRO H 340 -50.83 -46.56 46.89
C PRO H 340 -50.82 -47.39 45.61
N ASP H 341 -51.96 -48.00 45.32
CA ASP H 341 -52.17 -48.83 44.15
C ASP H 341 -53.50 -48.48 43.49
N MET H 342 -53.47 -48.33 42.18
CA MET H 342 -54.69 -48.19 41.39
C MET H 342 -55.50 -49.47 41.51
N LYS H 343 -56.65 -49.40 42.16
CA LYS H 343 -57.58 -50.52 42.18
C LYS H 343 -58.80 -50.29 41.32
N VAL H 344 -59.37 -49.10 41.37
CA VAL H 344 -60.41 -48.65 40.45
C VAL H 344 -59.86 -47.43 39.73
N ALA H 345 -59.98 -47.40 38.41
CA ALA H 345 -59.55 -46.25 37.65
C ALA H 345 -60.75 -45.35 37.36
N PHE H 346 -60.48 -44.19 36.75
CA PHE H 346 -61.51 -43.18 36.54
C PHE H 346 -61.12 -42.34 35.33
N PHE H 347 -62.12 -41.77 34.66
CA PHE H 347 -61.84 -40.97 33.46
C PHE H 347 -62.82 -39.81 33.35
N LYS H 348 -62.52 -38.93 32.39
CA LYS H 348 -63.32 -37.75 32.11
C LYS H 348 -63.05 -37.30 30.69
N CYS H 349 -63.96 -36.50 30.14
CA CYS H 349 -63.74 -35.86 28.85
C CYS H 349 -63.64 -34.35 29.03
N ASN H 350 -63.14 -33.66 28.01
CA ASN H 350 -63.08 -32.20 28.01
C ASN H 350 -64.47 -31.59 27.95
N VAL H 351 -65.40 -32.28 27.32
CA VAL H 351 -66.81 -31.94 27.37
C VAL H 351 -67.30 -32.32 28.77
N CYS H 352 -68.31 -31.60 29.26
CA CYS H 352 -68.83 -31.75 30.61
C CYS H 352 -69.87 -32.86 30.70
N ASP H 353 -69.77 -33.86 29.84
CA ASP H 353 -70.69 -34.98 29.80
C ASP H 353 -70.40 -35.96 30.93
N HIS H 354 -71.00 -37.14 30.83
CA HIS H 354 -70.97 -38.10 31.92
C HIS H 354 -69.59 -38.72 32.07
N THR H 355 -69.10 -38.74 33.30
CA THR H 355 -67.78 -39.24 33.64
C THR H 355 -67.91 -40.64 34.22
N MET H 356 -67.51 -41.64 33.45
CA MET H 356 -67.69 -43.03 33.84
C MET H 356 -66.35 -43.68 34.07
N ALA H 357 -66.33 -44.64 34.99
CA ALA H 357 -65.13 -45.26 35.50
C ALA H 357 -64.87 -46.58 34.79
N VAL H 358 -63.65 -47.09 34.95
CA VAL H 358 -63.27 -48.40 34.45
C VAL H 358 -62.36 -49.03 35.50
N GLU H 359 -62.27 -50.36 35.48
CA GLU H 359 -61.37 -51.04 36.40
C GLU H 359 -60.15 -51.56 35.66
N ILE H 360 -59.11 -51.92 36.43
CA ILE H 360 -57.84 -52.28 35.83
C ILE H 360 -57.85 -53.75 35.45
N ASP H 361 -58.02 -54.63 36.46
CA ASP H 361 -58.25 -56.07 36.34
C ASP H 361 -57.05 -56.82 35.78
N ARG H 362 -55.95 -56.12 35.53
CA ARG H 362 -54.75 -56.66 34.90
C ARG H 362 -53.51 -55.90 35.36
N GLY H 363 -52.42 -56.01 34.61
CA GLY H 363 -51.26 -55.18 34.90
C GLY H 363 -51.37 -53.76 34.38
N VAL H 364 -52.16 -53.54 33.33
CA VAL H 364 -52.23 -52.26 32.66
C VAL H 364 -53.69 -51.82 32.61
N ILE H 365 -53.91 -50.51 32.72
CA ILE H 365 -55.22 -49.91 32.56
C ILE H 365 -55.42 -49.56 31.09
N GLN H 366 -56.65 -49.70 30.60
CA GLN H 366 -57.04 -49.31 29.25
C GLN H 366 -57.90 -48.07 29.28
N GLU H 367 -58.05 -47.45 28.12
CA GLU H 367 -58.87 -46.25 28.00
C GLU H 367 -59.64 -46.30 26.70
N PRO H 368 -60.90 -45.89 26.70
CA PRO H 368 -61.70 -45.93 25.47
C PRO H 368 -61.40 -44.76 24.55
N ALA H 369 -62.03 -44.79 23.38
CA ALA H 369 -61.88 -43.71 22.41
C ALA H 369 -63.13 -42.83 22.37
N ARG H 370 -64.30 -43.44 22.42
CA ARG H 370 -65.57 -42.74 22.40
C ARG H 370 -66.21 -42.79 23.78
N CYS H 371 -67.25 -41.99 23.96
CA CYS H 371 -67.95 -41.95 25.23
C CYS H 371 -69.45 -41.83 24.99
N GLU H 372 -70.24 -41.89 26.06
CA GLU H 372 -71.65 -41.56 25.99
C GLU H 372 -71.82 -40.05 26.13
N ARG H 373 -72.89 -39.49 25.59
CA ARG H 373 -72.83 -38.05 25.63
C ARG H 373 -71.40 -38.08 25.07
N ILE H 374 -71.27 -38.52 23.81
CA ILE H 374 -69.98 -38.84 23.22
C ILE H 374 -68.94 -37.75 23.27
N ASP H 375 -69.31 -36.50 23.08
CA ASP H 375 -68.21 -35.53 23.20
C ASP H 375 -67.60 -35.22 21.84
N CYS H 376 -68.32 -34.38 21.10
CA CYS H 376 -67.98 -33.99 19.74
C CYS H 376 -67.99 -35.16 18.75
N ASN H 377 -69.00 -36.01 18.87
CA ASN H 377 -69.18 -37.17 18.00
C ASN H 377 -67.94 -38.05 17.92
N GLU H 378 -67.48 -38.44 19.11
CA GLU H 378 -66.40 -39.42 19.36
C GLU H 378 -65.00 -38.86 19.17
N PRO H 379 -64.92 -37.53 18.99
CA PRO H 379 -63.66 -36.84 18.86
C PRO H 379 -63.47 -36.13 20.18
N ASN H 380 -62.40 -36.47 20.89
CA ASN H 380 -62.14 -35.89 22.20
C ASN H 380 -60.87 -36.53 22.74
N SER H 381 -60.41 -36.03 23.88
CA SER H 381 -59.24 -36.56 24.57
C SER H 381 -59.67 -37.02 25.95
N MET H 382 -59.43 -38.29 26.26
CA MET H 382 -59.80 -38.86 27.54
C MET H 382 -58.89 -38.28 28.62
N SER H 383 -59.47 -37.70 29.65
CA SER H 383 -58.67 -37.17 30.74
C SER H 383 -58.68 -38.11 31.93
N LEU H 384 -57.61 -38.01 32.73
CA LEU H 384 -57.40 -38.92 33.85
C LEU H 384 -57.34 -38.10 35.12
N ILE H 385 -58.44 -38.03 35.84
CA ILE H 385 -58.48 -37.37 37.13
C ILE H 385 -58.26 -38.43 38.20
N HIS H 386 -57.12 -38.34 38.87
CA HIS H 386 -56.62 -39.43 39.68
C HIS H 386 -56.73 -39.20 41.17
N ASN H 387 -57.69 -38.40 41.62
CA ASN H 387 -57.88 -38.21 43.03
C ASN H 387 -59.21 -38.76 43.54
N ARG H 388 -60.20 -38.90 42.65
CA ARG H 388 -61.51 -39.38 43.05
C ARG H 388 -61.63 -40.89 42.94
N CYS H 389 -60.65 -41.55 42.34
CA CYS H 389 -60.66 -42.99 42.15
C CYS H 389 -60.02 -43.66 43.36
N SER H 390 -60.51 -44.85 43.69
CA SER H 390 -60.10 -45.51 44.93
C SER H 390 -58.68 -46.05 44.81
N PHE H 391 -58.17 -46.54 45.93
CA PHE H 391 -56.78 -46.94 46.02
C PHE H 391 -56.64 -48.12 46.96
N ALA H 392 -55.41 -48.62 47.08
CA ALA H 392 -55.10 -49.79 47.91
C ALA H 392 -53.66 -49.70 48.38
N ASP H 393 -53.42 -50.20 49.58
CA ASP H 393 -52.13 -50.03 50.24
C ASP H 393 -51.12 -51.08 49.80
N LYS H 394 -49.84 -50.73 49.86
CA LYS H 394 -48.76 -51.66 49.56
C LYS H 394 -47.48 -51.15 50.20
N GLN H 395 -46.83 -52.01 50.99
CA GLN H 395 -45.55 -51.69 51.58
C GLN H 395 -44.55 -52.76 51.20
N VAL H 396 -43.38 -52.34 50.70
CA VAL H 396 -42.30 -53.27 50.38
C VAL H 396 -41.34 -53.31 51.58
N ILE H 397 -40.99 -54.52 52.00
CA ILE H 397 -40.11 -54.74 53.15
C ILE H 397 -38.91 -55.54 52.69
N LYS H 398 -37.72 -55.04 52.94
CA LYS H 398 -36.51 -55.79 52.59
C LYS H 398 -36.15 -56.72 53.72
N LEU H 399 -36.32 -58.02 53.48
CA LEU H 399 -35.99 -59.05 54.46
C LEU H 399 -34.56 -59.52 54.24
N GLN H 400 -33.83 -59.69 55.32
CA GLN H 400 -32.55 -60.39 55.28
C GLN H 400 -32.74 -61.76 55.91
N GLU H 401 -32.46 -62.80 55.15
CA GLU H 401 -32.56 -64.15 55.68
C GLU H 401 -31.29 -64.50 56.44
N THR H 402 -31.28 -65.69 57.03
CA THR H 402 -30.11 -66.24 57.73
C THR H 402 -29.64 -67.47 56.98
N PRO H 403 -28.76 -67.33 55.98
CA PRO H 403 -28.23 -68.53 55.28
C PRO H 403 -27.23 -69.32 56.14
N ASP H 404 -27.79 -70.10 57.06
CA ASP H 404 -27.00 -70.97 57.91
C ASP H 404 -26.53 -72.19 57.13
N PHE H 405 -25.80 -73.06 57.84
CA PHE H 405 -25.09 -74.22 57.26
C PHE H 405 -24.15 -73.75 56.15
N VAL H 406 -23.17 -72.95 56.56
CA VAL H 406 -22.46 -72.03 55.67
C VAL H 406 -21.49 -72.80 54.80
N PRO H 407 -21.45 -72.53 53.47
CA PRO H 407 -20.43 -73.16 52.61
C PRO H 407 -19.15 -72.34 52.53
N ASP H 408 -18.99 -71.43 53.50
CA ASP H 408 -17.85 -70.54 53.69
C ASP H 408 -17.68 -69.56 52.52
N GLY H 409 -18.76 -69.27 51.83
CA GLY H 409 -18.91 -68.03 51.09
C GLY H 409 -20.27 -67.50 51.42
N GLN H 410 -20.34 -66.37 52.13
CA GLN H 410 -21.58 -66.02 52.80
C GLN H 410 -22.00 -64.61 52.46
N THR H 411 -23.18 -64.48 51.86
CA THR H 411 -23.82 -63.21 51.62
C THR H 411 -24.96 -63.02 52.61
N PRO H 412 -25.04 -61.88 53.29
CA PRO H 412 -26.30 -61.52 53.96
C PRO H 412 -27.30 -61.17 52.89
N HIS H 413 -28.21 -62.09 52.61
CA HIS H 413 -28.98 -62.02 51.39
C HIS H 413 -30.23 -61.17 51.58
N SER H 414 -30.58 -60.40 50.56
CA SER H 414 -31.73 -59.54 50.59
C SER H 414 -32.87 -60.16 49.79
N ILE H 415 -34.04 -60.24 50.41
CA ILE H 415 -35.25 -60.70 49.74
C ILE H 415 -36.34 -59.67 49.99
N SER H 416 -36.97 -59.20 48.93
CA SER H 416 -38.00 -58.19 49.03
C SER H 416 -39.36 -58.84 49.22
N LEU H 417 -40.22 -58.20 50.02
CA LEU H 417 -41.57 -58.66 50.26
C LEU H 417 -42.55 -57.59 49.80
N CYS H 418 -43.80 -57.98 49.61
CA CYS H 418 -44.78 -57.11 49.00
C CYS H 418 -46.11 -57.20 49.75
N VAL H 419 -46.04 -56.98 51.07
CA VAL H 419 -47.16 -57.14 51.98
C VAL H 419 -48.31 -56.21 51.61
N TYR H 420 -49.54 -56.60 51.94
CA TYR H 420 -50.72 -55.84 51.56
C TYR H 420 -51.46 -55.37 52.81
N ASP H 421 -52.67 -54.85 52.57
CA ASP H 421 -53.34 -53.87 53.45
C ASP H 421 -53.55 -54.31 54.89
N GLU H 422 -53.86 -55.59 55.11
CA GLU H 422 -54.16 -56.04 56.46
C GLU H 422 -52.93 -56.18 57.33
N LEU H 423 -51.78 -56.50 56.75
CA LEU H 423 -50.57 -56.73 57.52
C LEU H 423 -49.52 -55.64 57.33
N VAL H 424 -49.94 -54.44 56.95
CA VAL H 424 -49.04 -53.29 56.98
C VAL H 424 -48.75 -52.94 58.44
N ASP H 425 -47.61 -52.28 58.67
CA ASP H 425 -47.10 -51.78 59.96
C ASP H 425 -47.11 -52.85 61.06
N SER H 426 -46.93 -54.11 60.66
CA SER H 426 -46.84 -55.21 61.60
C SER H 426 -45.46 -55.83 61.70
N CYS H 427 -44.45 -55.22 61.09
CA CYS H 427 -43.10 -55.79 61.03
C CYS H 427 -42.11 -54.67 61.26
N ARG H 428 -41.56 -54.60 62.46
CA ARG H 428 -40.59 -53.57 62.79
C ARG H 428 -39.18 -54.04 62.43
N ALA H 429 -38.23 -53.10 62.45
CA ALA H 429 -36.85 -53.44 62.11
C ALA H 429 -36.17 -54.14 63.27
N GLY H 430 -35.39 -55.18 62.95
CA GLY H 430 -34.66 -55.92 63.96
C GLY H 430 -35.41 -57.07 64.57
N ASP H 431 -36.25 -57.77 63.80
CA ASP H 431 -37.06 -58.86 64.32
C ASP H 431 -36.95 -60.07 63.41
N ARG H 432 -36.75 -61.24 63.99
CA ARG H 432 -36.71 -62.48 63.22
C ARG H 432 -38.13 -62.98 63.05
N ILE H 433 -38.51 -63.23 61.80
CA ILE H 433 -39.90 -63.53 61.44
C ILE H 433 -39.91 -64.80 60.59
N GLU H 434 -40.81 -65.72 60.90
CA GLU H 434 -41.21 -66.76 59.95
C GLU H 434 -42.39 -66.26 59.14
N VAL H 435 -42.25 -66.25 57.83
CA VAL H 435 -43.26 -65.70 56.94
C VAL H 435 -43.59 -66.75 55.88
N THR H 436 -44.83 -66.75 55.41
CA THR H 436 -45.27 -67.64 54.33
C THR H 436 -45.87 -66.80 53.21
N GLY H 437 -45.65 -67.22 51.98
CA GLY H 437 -46.23 -66.50 50.86
C GLY H 437 -45.87 -67.16 49.56
N THR H 438 -46.41 -66.59 48.48
CA THR H 438 -46.12 -67.08 47.14
C THR H 438 -44.85 -66.40 46.64
N PHE H 439 -44.43 -66.71 45.43
CA PHE H 439 -43.14 -66.30 44.91
C PHE H 439 -43.32 -65.89 43.46
N ARG H 440 -42.76 -64.75 43.08
CA ARG H 440 -43.02 -64.17 41.77
C ARG H 440 -41.74 -63.74 41.08
N SER H 441 -41.89 -63.31 39.84
CA SER H 441 -40.78 -62.76 39.06
C SER H 441 -41.39 -61.81 38.02
N ILE H 442 -40.90 -60.58 37.97
CA ILE H 442 -41.49 -59.52 37.18
C ILE H 442 -40.42 -58.91 36.28
N PRO H 443 -40.69 -58.73 34.98
CA PRO H 443 -39.70 -58.13 34.08
C PRO H 443 -39.46 -56.67 34.41
N ILE H 444 -38.26 -56.21 34.09
CA ILE H 444 -37.79 -54.88 34.44
C ILE H 444 -37.38 -54.14 33.17
N ARG H 445 -37.02 -52.86 33.30
CA ARG H 445 -36.75 -52.02 32.14
C ARG H 445 -35.27 -51.70 32.03
N ALA H 446 -34.85 -51.26 30.86
CA ALA H 446 -33.44 -51.01 30.60
C ALA H 446 -33.10 -49.52 30.66
N ASN H 447 -33.78 -48.71 29.85
CA ASN H 447 -33.61 -47.26 29.91
C ASN H 447 -34.68 -46.58 30.74
N SER H 448 -35.77 -47.28 31.05
CA SER H 448 -36.99 -46.80 31.70
C SER H 448 -37.68 -45.67 30.92
N ARG H 449 -37.37 -45.52 29.64
CA ARG H 449 -38.02 -44.62 28.72
C ARG H 449 -38.29 -45.25 27.38
N GLN H 450 -37.69 -46.42 27.11
CA GLN H 450 -37.87 -47.11 25.86
C GLN H 450 -38.81 -48.29 26.03
N ARG H 451 -39.06 -49.01 24.94
CA ARG H 451 -39.91 -50.19 24.96
C ARG H 451 -39.10 -51.47 24.93
N VAL H 452 -37.87 -51.46 25.42
CA VAL H 452 -37.10 -52.70 25.49
C VAL H 452 -37.00 -53.15 26.95
N LEU H 453 -36.89 -54.47 27.14
CA LEU H 453 -36.91 -55.07 28.45
C LEU H 453 -35.57 -55.76 28.70
N LYS H 454 -35.30 -55.99 29.98
CA LYS H 454 -34.09 -56.67 30.39
C LYS H 454 -34.40 -58.13 30.64
N SER H 455 -33.56 -59.01 30.09
CA SER H 455 -33.88 -60.44 30.04
C SER H 455 -33.86 -61.11 31.40
N LEU H 456 -32.90 -60.79 32.26
CA LEU H 456 -32.83 -61.37 33.59
C LEU H 456 -33.97 -60.83 34.42
N TYR H 457 -34.58 -61.68 35.25
CA TYR H 457 -35.74 -61.28 36.04
C TYR H 457 -35.33 -60.98 37.48
N LYS H 458 -36.27 -60.43 38.24
CA LYS H 458 -36.05 -60.07 39.63
C LYS H 458 -37.16 -60.72 40.45
N THR H 459 -36.80 -61.25 41.61
CA THR H 459 -37.73 -62.06 42.38
C THR H 459 -38.15 -61.35 43.67
N TYR H 460 -39.40 -61.55 44.06
CA TYR H 460 -39.91 -61.05 45.32
C TYR H 460 -40.99 -61.98 45.82
N VAL H 461 -41.23 -61.93 47.12
CA VAL H 461 -42.10 -62.86 47.82
C VAL H 461 -43.36 -62.13 48.23
N ASP H 462 -44.44 -62.34 47.48
CA ASP H 462 -45.75 -61.78 47.80
C ASP H 462 -46.31 -62.59 48.96
N VAL H 463 -46.32 -61.99 50.15
CA VAL H 463 -46.64 -62.76 51.35
C VAL H 463 -48.14 -62.90 51.51
N VAL H 464 -48.55 -63.84 52.36
CA VAL H 464 -49.96 -64.02 52.67
C VAL H 464 -50.20 -63.99 54.18
N HIS H 465 -49.36 -64.64 54.98
CA HIS H 465 -49.49 -64.65 56.43
C HIS H 465 -48.14 -64.45 57.09
N VAL H 466 -48.11 -63.57 58.09
CA VAL H 466 -46.89 -63.32 58.83
C VAL H 466 -47.16 -63.82 60.23
N LYS H 467 -46.34 -64.74 60.72
CA LYS H 467 -46.56 -65.27 62.06
C LYS H 467 -45.37 -65.23 63.00
N LYS H 468 -45.63 -64.79 64.23
CA LYS H 468 -44.61 -64.72 65.27
C LYS H 468 -43.72 -63.50 65.18
N VAL H 469 -42.76 -63.46 66.09
CA VAL H 469 -41.78 -62.38 66.15
C VAL H 469 -40.36 -62.97 66.14
N ASN I 24 -13.65 -6.48 0.16
CA ASN I 24 -13.90 -7.68 -0.63
C ASN I 24 -13.26 -7.55 -2.00
N THR I 25 -13.61 -6.47 -2.69
CA THR I 25 -13.04 -6.10 -3.97
C THR I 25 -12.16 -4.88 -3.78
N GLU I 26 -10.99 -4.89 -4.44
CA GLU I 26 -10.09 -3.74 -4.69
C GLU I 26 -9.51 -3.12 -3.41
N ILE I 27 -9.88 -3.63 -2.25
CA ILE I 27 -9.17 -3.29 -1.02
C ILE I 27 -7.89 -4.09 -0.90
N ILE I 28 -7.72 -5.15 -1.69
CA ILE I 28 -6.44 -5.79 -1.83
C ILE I 28 -5.46 -4.87 -2.52
N LYS I 29 -5.87 -4.26 -3.63
CA LYS I 29 -4.97 -3.39 -4.39
C LYS I 29 -4.64 -2.11 -3.63
N SER I 30 -5.49 -1.69 -2.72
CA SER I 30 -5.11 -0.56 -1.88
C SER I 30 -4.15 -0.98 -0.79
N PHE I 31 -4.03 -2.27 -0.52
CA PHE I 31 -3.00 -2.74 0.39
C PHE I 31 -1.80 -3.32 -0.34
N LYS I 32 -2.01 -3.87 -1.54
CA LYS I 32 -0.92 -4.42 -2.33
C LYS I 32 0.05 -3.33 -2.76
N ASN I 33 -0.42 -2.11 -2.94
CA ASN I 33 0.47 -1.00 -3.19
C ASN I 33 1.14 -0.48 -1.93
N PHE I 34 0.63 -0.84 -0.75
CA PHE I 34 1.28 -0.39 0.46
C PHE I 34 2.55 -1.16 0.75
N ILE I 35 2.58 -2.45 0.47
CA ILE I 35 3.78 -3.25 0.70
C ILE I 35 4.86 -2.92 -0.31
N LEU I 36 4.48 -2.69 -1.56
CA LEU I 36 5.47 -2.42 -2.60
C LEU I 36 6.03 -1.00 -2.55
N GLU I 37 5.28 -0.05 -2.00
CA GLU I 37 5.67 1.33 -2.22
C GLU I 37 5.93 2.11 -0.95
N PHE I 38 5.81 1.50 0.22
CA PHE I 38 6.10 2.25 1.43
C PHE I 38 7.61 2.41 1.56
N ARG I 39 8.05 3.61 1.89
CA ARG I 39 9.46 3.95 1.82
C ARG I 39 9.74 5.16 2.67
N LEU I 40 10.66 4.96 3.61
CA LEU I 40 11.15 6.03 4.45
C LEU I 40 12.27 6.70 3.63
N ASP I 41 13.29 7.23 4.28
CA ASP I 41 14.35 7.99 3.57
C ASP I 41 15.21 7.36 2.46
N SER I 42 15.69 6.12 2.61
CA SER I 42 16.55 5.55 1.60
C SER I 42 16.31 4.06 1.33
N GLN I 43 16.07 3.28 2.38
CA GLN I 43 15.92 1.85 2.26
C GLN I 43 14.51 1.49 2.67
N PHE I 44 13.75 0.90 1.74
CA PHE I 44 12.36 0.57 2.07
C PHE I 44 12.14 -0.84 2.61
N ILE I 45 11.49 -0.83 3.76
CA ILE I 45 11.21 -1.96 4.62
C ILE I 45 10.33 -3.18 4.31
N TYR I 46 9.19 -3.04 3.64
CA TYR I 46 8.33 -4.21 3.59
C TYR I 46 8.56 -5.03 2.33
N ARG I 47 9.55 -4.68 1.52
CA ARG I 47 10.03 -5.64 0.55
C ARG I 47 11.41 -6.15 0.94
N ASP I 48 11.92 -5.73 2.08
CA ASP I 48 13.13 -6.34 2.60
C ASP I 48 12.85 -7.15 3.85
N GLN I 49 11.68 -6.96 4.44
CA GLN I 49 11.29 -7.84 5.52
C GLN I 49 10.50 -9.01 4.99
N LEU I 50 9.98 -8.91 3.77
CA LEU I 50 9.27 -10.03 3.19
C LEU I 50 10.21 -10.97 2.48
N ARG I 51 11.37 -10.47 2.05
CA ARG I 51 12.31 -11.34 1.36
C ARG I 51 13.19 -12.09 2.33
N ASN I 52 13.60 -11.44 3.42
CA ASN I 52 14.47 -12.12 4.38
C ASN I 52 13.71 -13.07 5.28
N ASN I 53 12.39 -13.05 5.24
CA ASN I 53 11.60 -14.01 5.99
C ASN I 53 11.10 -15.14 5.12
N ILE I 54 11.67 -15.33 3.94
CA ILE I 54 11.35 -16.49 3.12
C ILE I 54 12.56 -17.40 2.98
N LEU I 55 13.75 -16.80 2.91
CA LEU I 55 14.99 -17.58 2.83
C LEU I 55 15.25 -18.38 4.09
N VAL I 56 14.89 -17.83 5.25
CA VAL I 56 15.02 -18.56 6.50
C VAL I 56 13.83 -19.49 6.70
N LYS I 57 12.82 -19.42 5.83
CA LYS I 57 11.53 -20.10 5.92
C LYS I 57 10.83 -19.75 7.25
N ASN I 58 10.50 -18.48 7.36
CA ASN I 58 9.83 -17.98 8.55
C ASN I 58 8.35 -17.68 8.34
N TYR I 59 7.97 -17.20 7.15
CA TYR I 59 6.58 -17.15 6.68
C TYR I 59 5.69 -16.26 7.54
N SER I 60 6.11 -15.02 7.75
CA SER I 60 5.30 -14.05 8.48
C SER I 60 5.70 -12.66 8.04
N LEU I 61 5.25 -11.67 8.79
CA LEU I 61 5.55 -10.27 8.49
C LEU I 61 5.21 -9.46 9.72
N THR I 62 5.91 -8.36 9.95
CA THR I 62 5.62 -7.51 11.09
C THR I 62 5.33 -6.08 10.68
N VAL I 63 4.06 -5.69 10.76
CA VAL I 63 3.61 -4.37 10.36
C VAL I 63 3.62 -3.48 11.60
N ASN I 64 4.35 -2.38 11.55
CA ASN I 64 4.19 -1.37 12.57
C ASN I 64 2.96 -0.55 12.26
N MET I 65 2.12 -0.33 13.24
CA MET I 65 0.80 0.21 12.95
C MET I 65 0.81 1.72 12.83
N GLU I 66 1.92 2.38 13.11
CA GLU I 66 1.97 3.81 12.86
C GLU I 66 2.20 4.11 11.39
N HIS I 67 2.81 3.19 10.66
CA HIS I 67 3.11 3.39 9.26
C HIS I 67 1.90 3.21 8.36
N LEU I 68 0.84 2.57 8.85
CA LEU I 68 -0.38 2.52 8.07
C LEU I 68 -1.02 3.89 7.95
N ILE I 69 -1.19 4.59 9.07
CA ILE I 69 -1.95 5.83 9.04
C ILE I 69 -1.15 7.01 8.52
N GLY I 70 0.18 6.88 8.41
CA GLY I 70 0.94 7.91 7.73
C GLY I 70 0.82 7.85 6.23
N TYR I 71 0.60 6.65 5.69
CA TYR I 71 0.49 6.42 4.26
C TYR I 71 -0.91 6.72 3.76
N ASN I 72 -1.93 6.31 4.52
CA ASN I 72 -3.31 6.54 4.16
C ASN I 72 -4.16 6.42 5.41
N GLU I 73 -5.20 7.25 5.48
CA GLU I 73 -6.08 7.17 6.64
C GLU I 73 -7.33 6.34 6.35
N ASP I 74 -7.72 6.22 5.10
CA ASP I 74 -8.92 5.47 4.75
C ASP I 74 -8.77 3.98 4.96
N ILE I 75 -7.54 3.46 4.94
CA ILE I 75 -7.30 2.05 5.19
C ILE I 75 -7.48 1.74 6.66
N TYR I 76 -6.88 2.55 7.52
CA TYR I 76 -7.00 2.31 8.96
C TYR I 76 -8.39 2.61 9.47
N LYS I 77 -9.16 3.41 8.73
CA LYS I 77 -10.56 3.62 9.12
C LYS I 77 -11.36 2.34 8.98
N LYS I 78 -11.12 1.57 7.93
CA LYS I 78 -11.79 0.28 7.79
C LYS I 78 -11.26 -0.73 8.80
N LEU I 79 -9.95 -0.74 9.05
CA LEU I 79 -9.38 -1.73 9.94
C LEU I 79 -9.75 -1.49 11.39
N SER I 80 -9.95 -0.24 11.78
CA SER I 80 -10.32 0.04 13.17
C SER I 80 -11.79 -0.23 13.44
N ASP I 81 -12.64 -0.08 12.44
CA ASP I 81 -14.07 -0.33 12.64
C ASP I 81 -14.36 -1.82 12.71
N GLU I 82 -14.07 -2.55 11.63
CA GLU I 82 -14.47 -3.95 11.51
C GLU I 82 -13.25 -4.79 11.21
N PRO I 83 -12.48 -5.15 12.24
CA PRO I 83 -11.22 -5.86 12.01
C PRO I 83 -11.37 -7.34 11.70
N SER I 84 -12.52 -7.95 11.98
CA SER I 84 -12.62 -9.39 11.83
C SER I 84 -12.73 -9.81 10.38
N ASP I 85 -13.11 -8.91 9.49
CA ASP I 85 -13.37 -9.24 8.10
C ASP I 85 -12.32 -8.70 7.14
N ILE I 86 -11.36 -7.93 7.65
CA ILE I 86 -10.39 -7.27 6.80
C ILE I 86 -8.98 -7.81 6.97
N ILE I 87 -8.59 -8.21 8.18
CA ILE I 87 -7.30 -8.86 8.36
C ILE I 87 -7.19 -10.20 7.62
N PRO I 88 -8.24 -11.02 7.50
CA PRO I 88 -8.16 -12.13 6.54
C PRO I 88 -8.24 -11.70 5.08
N LEU I 89 -8.39 -10.41 4.77
CA LEU I 89 -8.19 -9.97 3.41
C LEU I 89 -6.78 -9.47 3.19
N PHE I 90 -6.09 -9.08 4.24
CA PHE I 90 -4.70 -8.66 4.07
C PHE I 90 -3.79 -9.86 4.04
N GLU I 91 -4.21 -10.99 4.60
CA GLU I 91 -3.39 -12.18 4.56
C GLU I 91 -3.34 -12.79 3.17
N THR I 92 -4.35 -12.54 2.33
CA THR I 92 -4.25 -12.97 0.94
C THR I 92 -3.68 -11.88 0.05
N ALA I 93 -3.46 -10.69 0.59
CA ALA I 93 -2.78 -9.66 -0.19
C ALA I 93 -1.28 -9.77 -0.05
N ILE I 94 -0.80 -10.53 0.93
CA ILE I 94 0.63 -10.78 1.03
C ILE I 94 1.01 -11.92 0.10
N THR I 95 0.24 -13.00 0.10
CA THR I 95 0.59 -14.19 -0.68
C THR I 95 0.39 -14.02 -2.18
N GLN I 96 -0.10 -12.86 -2.63
CA GLN I 96 0.00 -12.53 -4.04
C GLN I 96 1.24 -11.71 -4.35
N VAL I 97 1.94 -11.25 -3.31
CA VAL I 97 3.18 -10.51 -3.54
C VAL I 97 4.37 -11.44 -3.43
N ALA I 98 4.29 -12.47 -2.61
CA ALA I 98 5.42 -13.38 -2.49
C ALA I 98 5.57 -14.29 -3.71
N LYS I 99 4.62 -14.26 -4.63
CA LYS I 99 4.81 -14.90 -5.91
C LYS I 99 5.35 -13.93 -6.96
N ARG I 100 5.61 -12.68 -6.58
CA ARG I 100 6.39 -11.78 -7.43
C ARG I 100 7.85 -11.77 -7.05
N ILE I 101 8.26 -12.55 -6.06
CA ILE I 101 9.63 -12.55 -5.57
C ILE I 101 10.27 -13.92 -5.72
N SER I 102 9.52 -14.98 -5.45
CA SER I 102 10.07 -16.33 -5.48
C SER I 102 10.21 -16.89 -6.89
N ILE I 103 9.43 -16.43 -7.85
CA ILE I 103 9.50 -16.96 -9.21
C ILE I 103 9.95 -15.89 -10.20
N ASN I 130 6.79 -24.95 -4.64
CA ASN I 130 5.54 -24.34 -5.08
C ASN I 130 4.67 -24.00 -3.88
N SER I 131 4.93 -24.70 -2.76
CA SER I 131 4.05 -24.64 -1.61
C SER I 131 4.35 -23.40 -0.79
N LEU I 132 3.58 -22.34 -1.01
CA LEU I 132 3.61 -21.17 -0.15
C LEU I 132 2.27 -21.09 0.57
N PRO I 133 2.23 -21.28 1.88
CA PRO I 133 0.96 -21.23 2.61
C PRO I 133 0.47 -19.79 2.74
N THR I 134 -0.64 -19.64 3.44
CA THR I 134 -1.11 -18.31 3.78
C THR I 134 -0.19 -17.69 4.82
N PHE I 135 0.24 -16.46 4.56
CA PHE I 135 1.12 -15.77 5.48
C PHE I 135 0.33 -15.33 6.70
N GLN I 136 1.02 -14.94 7.75
CA GLN I 136 0.39 -14.49 8.99
C GLN I 136 0.79 -13.04 9.23
N LEU I 137 -0.14 -12.25 9.74
CA LEU I 137 0.10 -10.84 9.99
C LEU I 137 0.28 -10.58 11.47
N ILE I 138 1.43 -10.05 11.85
CA ILE I 138 1.75 -9.76 13.24
C ILE I 138 1.97 -8.26 13.35
N LEU I 139 1.21 -7.58 14.19
CA LEU I 139 1.32 -6.14 14.26
C LEU I 139 1.54 -5.66 15.67
N ASN I 140 2.15 -4.49 15.81
CA ASN I 140 2.46 -3.91 17.11
C ASN I 140 2.45 -2.40 17.00
N SER I 141 2.17 -1.74 18.11
CA SER I 141 1.98 -0.29 18.15
C SER I 141 2.10 0.15 19.60
N ASN I 142 1.94 1.45 19.83
CA ASN I 142 1.89 1.98 21.20
C ASN I 142 1.04 3.26 21.27
N ALA I 143 -0.26 3.09 21.51
CA ALA I 143 -1.15 4.22 21.71
C ALA I 143 -1.36 4.54 23.19
N ASN I 144 -2.06 3.66 23.91
CA ASN I 144 -2.41 3.83 25.32
C ASN I 144 -2.91 2.51 25.85
N GLN I 145 -2.34 2.07 26.97
CA GLN I 145 -2.75 0.81 27.57
C GLN I 145 -4.14 0.95 28.18
N ILE I 146 -4.99 -0.02 27.90
CA ILE I 146 -6.26 -0.18 28.60
C ILE I 146 -6.03 -1.13 29.77
N PRO I 147 -6.30 -0.72 31.01
CA PRO I 147 -6.08 -1.62 32.15
C PRO I 147 -7.06 -2.77 32.11
N LEU I 148 -6.68 -3.86 32.77
CA LEU I 148 -7.47 -5.09 32.65
C LEU I 148 -8.80 -5.03 33.38
N ARG I 149 -8.98 -4.10 34.31
CA ARG I 149 -10.22 -4.05 35.07
C ARG I 149 -11.36 -3.42 34.29
N ASP I 150 -11.09 -2.43 33.45
CA ASP I 150 -12.15 -1.71 32.76
C ASP I 150 -12.17 -2.13 31.31
N LEU I 151 -12.83 -3.25 31.05
CA LEU I 151 -13.12 -3.71 29.70
C LEU I 151 -14.63 -3.83 29.62
N ASP I 152 -15.27 -2.80 29.07
CA ASP I 152 -16.71 -2.73 29.10
C ASP I 152 -17.32 -3.63 28.05
N SER I 153 -18.59 -3.44 27.82
CA SER I 153 -19.27 -4.05 26.70
C SER I 153 -19.12 -3.25 25.42
N GLU I 154 -18.38 -2.16 25.44
CA GLU I 154 -18.22 -1.38 24.23
C GLU I 154 -17.07 -1.85 23.36
N HIS I 155 -16.08 -2.53 23.94
CA HIS I 155 -14.88 -2.91 23.19
C HIS I 155 -15.03 -4.25 22.51
N VAL I 156 -16.24 -4.66 22.15
CA VAL I 156 -16.39 -5.92 21.44
C VAL I 156 -15.95 -5.72 20.00
N SER I 157 -15.01 -6.55 19.56
CA SER I 157 -14.38 -6.51 18.23
C SER I 157 -13.72 -5.15 17.96
N LYS I 158 -12.73 -4.81 18.77
CA LYS I 158 -11.90 -3.64 18.57
C LYS I 158 -10.47 -3.96 18.97
N ILE I 159 -9.51 -3.37 18.28
CA ILE I 159 -8.10 -3.57 18.59
C ILE I 159 -7.80 -2.92 19.92
N VAL I 160 -7.28 -3.71 20.85
CA VAL I 160 -7.12 -3.34 22.24
C VAL I 160 -5.75 -3.83 22.66
N ARG I 161 -4.94 -2.98 23.26
CA ARG I 161 -3.74 -3.52 23.87
C ARG I 161 -3.82 -3.36 25.39
N LEU I 162 -3.11 -4.23 26.09
CA LEU I 162 -3.16 -4.29 27.53
C LEU I 162 -1.88 -4.93 28.04
N SER I 163 -1.85 -5.28 29.32
CA SER I 163 -0.63 -5.78 29.96
C SER I 163 -0.99 -6.74 31.07
N GLY I 164 -0.01 -7.47 31.58
CA GLY I 164 -0.27 -8.33 32.71
C GLY I 164 0.81 -9.37 32.92
N ILE I 165 0.47 -10.38 33.72
CA ILE I 165 1.36 -11.48 34.04
C ILE I 165 0.69 -12.76 33.60
N ILE I 166 1.44 -13.63 32.93
CA ILE I 166 0.91 -14.89 32.43
C ILE I 166 0.97 -15.94 33.53
N ILE I 167 -0.17 -16.59 33.79
CA ILE I 167 -0.20 -17.65 34.79
C ILE I 167 0.20 -18.98 34.17
N SER I 168 -0.58 -19.47 33.23
CA SER I 168 -0.40 -20.84 32.75
C SER I 168 -0.48 -20.86 31.24
N THR I 169 -0.15 -22.01 30.67
CA THR I 169 -0.22 -22.29 29.25
C THR I 169 -1.11 -23.52 29.07
N SER I 170 -1.08 -24.09 27.87
CA SER I 170 -1.79 -25.34 27.63
C SER I 170 -0.94 -26.19 26.70
N VAL I 171 -1.52 -27.30 26.28
CA VAL I 171 -0.92 -28.18 25.29
C VAL I 171 -1.40 -27.73 23.93
N LEU I 172 -0.59 -27.95 22.89
CA LEU I 172 -0.95 -27.53 21.55
C LEU I 172 -2.11 -28.37 21.02
N SER I 173 -2.67 -27.93 19.89
CA SER I 173 -3.84 -28.58 19.34
C SER I 173 -3.77 -28.49 17.83
N SER I 174 -4.92 -28.70 17.19
CA SER I 174 -5.02 -28.62 15.74
C SER I 174 -6.32 -27.94 15.36
N ARG I 175 -6.22 -26.94 14.51
CA ARG I 175 -7.37 -26.32 13.87
C ARG I 175 -7.18 -26.53 12.38
N ALA I 176 -8.28 -26.65 11.64
CA ALA I 176 -8.19 -26.95 10.22
C ALA I 176 -8.27 -25.65 9.43
N THR I 177 -7.51 -25.56 8.34
CA THR I 177 -7.61 -24.43 7.43
C THR I 177 -8.27 -24.83 6.13
N TYR I 178 -7.77 -25.86 5.48
CA TYR I 178 -8.21 -26.27 4.16
C TYR I 178 -8.43 -27.76 4.17
N LEU I 179 -9.69 -28.18 4.04
CA LEU I 179 -10.05 -29.58 4.18
C LEU I 179 -10.81 -30.02 2.94
N SER I 180 -10.93 -31.33 2.75
CA SER I 180 -11.54 -31.89 1.56
C SER I 180 -12.72 -32.75 1.97
N ILE I 181 -13.86 -32.55 1.31
CA ILE I 181 -15.10 -33.18 1.68
C ILE I 181 -15.54 -34.07 0.52
N MET I 182 -16.10 -35.23 0.84
CA MET I 182 -16.81 -36.04 -0.12
C MET I 182 -18.13 -36.49 0.49
N CYS I 183 -19.16 -36.60 -0.34
CA CYS I 183 -20.47 -37.07 0.09
C CYS I 183 -20.48 -38.59 0.12
N ARG I 184 -21.35 -39.16 0.93
CA ARG I 184 -21.34 -40.61 1.10
C ARG I 184 -22.07 -41.31 -0.05
N ASN I 185 -23.15 -40.70 -0.56
CA ASN I 185 -23.93 -41.32 -1.62
C ASN I 185 -23.55 -40.76 -2.98
N CYS I 186 -23.46 -39.44 -3.10
CA CYS I 186 -23.15 -38.84 -4.39
C CYS I 186 -21.68 -39.01 -4.74
N ARG I 187 -20.80 -39.01 -3.73
CA ARG I 187 -19.34 -38.98 -3.87
C ARG I 187 -18.88 -37.82 -4.74
N HIS I 188 -19.47 -36.64 -4.49
CA HIS I 188 -19.11 -35.43 -5.18
C HIS I 188 -18.11 -34.66 -4.34
N THR I 189 -16.86 -34.62 -4.79
CA THR I 189 -15.78 -34.03 -4.01
C THR I 189 -15.84 -32.51 -4.10
N THR I 190 -15.36 -31.84 -3.05
CA THR I 190 -15.23 -30.39 -2.99
C THR I 190 -14.04 -30.03 -2.10
N SER I 191 -13.93 -28.74 -1.78
CA SER I 191 -12.83 -28.26 -0.94
C SER I 191 -13.26 -26.97 -0.27
N ILE I 192 -13.35 -26.97 1.05
CA ILE I 192 -13.69 -25.80 1.83
C ILE I 192 -12.39 -25.26 2.40
N THR I 193 -12.11 -23.99 2.15
CA THR I 193 -10.91 -23.33 2.64
C THR I 193 -11.33 -22.27 3.65
N ILE I 194 -11.06 -22.51 4.93
CA ILE I 194 -11.36 -21.50 5.93
C ILE I 194 -10.06 -20.80 6.32
N ASN I 195 -10.17 -19.47 6.45
CA ASN I 195 -9.04 -18.62 6.75
C ASN I 195 -9.36 -17.65 7.87
N ASN I 196 -10.62 -17.30 8.04
CA ASN I 196 -11.06 -16.39 9.07
C ASN I 196 -11.04 -17.11 10.40
N PHE I 197 -10.75 -16.36 11.45
CA PHE I 197 -10.90 -16.85 12.80
C PHE I 197 -11.63 -15.78 13.62
N ASN I 198 -12.80 -16.14 14.12
CA ASN I 198 -13.65 -15.23 14.88
C ASN I 198 -13.47 -15.45 16.37
N THR I 201 -14.51 -20.08 18.56
CA THR I 201 -13.59 -21.19 18.76
C THR I 201 -14.33 -22.48 18.44
N GLY I 202 -15.62 -22.49 18.72
CA GLY I 202 -16.43 -23.67 18.45
C GLY I 202 -16.77 -23.90 16.99
N ASN I 203 -17.62 -23.04 16.43
CA ASN I 203 -18.15 -23.25 15.09
C ASN I 203 -18.70 -21.92 14.58
N THR I 204 -18.10 -21.41 13.52
CA THR I 204 -18.66 -20.29 12.76
C THR I 204 -18.82 -20.64 11.28
N VAL I 205 -17.99 -21.55 10.77
CA VAL I 205 -18.12 -22.10 9.43
C VAL I 205 -18.18 -23.62 9.58
N SER I 206 -19.22 -24.24 9.04
CA SER I 206 -19.39 -25.68 9.13
C SER I 206 -19.70 -26.26 7.77
N LEU I 207 -20.10 -27.51 7.77
CA LEU I 207 -20.44 -28.26 6.58
C LEU I 207 -21.81 -27.84 6.05
N PRO I 208 -22.00 -27.85 4.74
CA PRO I 208 -23.31 -27.56 4.15
C PRO I 208 -24.29 -28.71 4.35
N ARG I 209 -25.45 -28.59 3.72
CA ARG I 209 -26.50 -29.59 3.85
C ARG I 209 -26.85 -30.29 2.55
N SER I 210 -26.48 -29.75 1.39
CA SER I 210 -26.65 -30.43 0.11
C SER I 210 -25.63 -29.91 -0.88
N CYS I 211 -25.32 -30.74 -1.87
CA CYS I 211 -24.25 -30.45 -2.82
C CYS I 211 -24.60 -29.36 -3.82
N ASN I 235 -33.17 -34.86 -3.05
CA ASN I 235 -32.16 -34.42 -2.10
C ASN I 235 -31.50 -35.60 -1.40
N CYS I 236 -30.56 -35.31 -0.51
CA CYS I 236 -29.94 -36.31 0.32
C CYS I 236 -30.22 -36.00 1.79
N GLY I 237 -29.65 -36.82 2.66
CA GLY I 237 -29.98 -36.83 4.06
C GLY I 237 -29.53 -35.61 4.84
N PRO I 238 -29.75 -35.63 6.16
CA PRO I 238 -29.27 -34.54 7.01
C PRO I 238 -27.76 -34.59 7.18
N ASP I 239 -27.06 -33.61 6.60
CA ASP I 239 -25.60 -33.47 6.62
C ASP I 239 -24.88 -34.73 6.10
N PRO I 240 -24.90 -34.95 4.79
CA PRO I 240 -24.28 -36.16 4.23
C PRO I 240 -22.77 -36.09 4.04
N TYR I 241 -22.09 -35.17 4.70
CA TYR I 241 -20.71 -34.85 4.36
C TYR I 241 -19.73 -35.50 5.32
N ILE I 242 -18.60 -35.93 4.79
CA ILE I 242 -17.52 -36.55 5.56
C ILE I 242 -16.25 -35.75 5.34
N ILE I 243 -15.48 -35.52 6.40
CA ILE I 243 -14.16 -34.93 6.27
C ILE I 243 -13.19 -36.04 5.92
N ILE I 244 -12.36 -35.83 4.91
CA ILE I 244 -11.32 -36.79 4.57
C ILE I 244 -10.00 -36.31 5.14
N HIS I 245 -9.36 -37.17 5.93
CA HIS I 245 -8.18 -36.82 6.70
C HIS I 245 -6.89 -37.00 5.93
N GLU I 246 -6.97 -37.44 4.68
CA GLU I 246 -5.76 -37.75 3.95
C GLU I 246 -5.23 -36.57 3.13
N SER I 247 -6.04 -35.52 2.95
CA SER I 247 -5.60 -34.35 2.19
C SER I 247 -6.15 -33.11 2.88
N SER I 248 -5.38 -32.54 3.80
CA SER I 248 -5.76 -31.32 4.48
C SER I 248 -4.50 -30.59 4.93
N LYS I 249 -4.70 -29.49 5.64
CA LYS I 249 -3.64 -28.76 6.30
C LYS I 249 -4.10 -28.35 7.69
N PHE I 250 -3.16 -28.21 8.62
CA PHE I 250 -3.53 -27.94 10.00
C PHE I 250 -2.56 -26.92 10.60
N ILE I 251 -2.99 -26.30 11.69
CA ILE I 251 -2.22 -25.27 12.39
C ILE I 251 -2.26 -25.54 13.89
N ASP I 252 -1.70 -24.64 14.69
CA ASP I 252 -1.60 -24.85 16.13
C ASP I 252 -2.39 -23.79 16.89
N GLN I 253 -2.74 -24.11 18.14
CA GLN I 253 -3.36 -23.17 19.06
C GLN I 253 -2.77 -23.39 20.43
N GLN I 254 -2.84 -22.39 21.30
CA GLN I 254 -2.03 -22.45 22.51
C GLN I 254 -2.79 -22.22 23.81
N PHE I 255 -3.79 -21.34 23.84
CA PHE I 255 -4.72 -21.15 24.97
C PHE I 255 -4.03 -20.74 26.28
N LEU I 256 -3.49 -19.52 26.30
CA LEU I 256 -2.86 -19.03 27.52
C LEU I 256 -3.89 -18.63 28.58
N LYS I 257 -3.39 -18.06 29.67
CA LYS I 257 -4.19 -17.30 30.62
C LYS I 257 -3.39 -16.12 31.11
N LEU I 258 -4.07 -15.04 31.47
CA LEU I 258 -3.41 -13.78 31.75
C LEU I 258 -4.05 -13.09 32.94
N GLN I 259 -3.22 -12.68 33.89
CA GLN I 259 -3.65 -12.08 35.15
C GLN I 259 -3.16 -10.64 35.18
N GLU I 260 -3.96 -9.74 35.77
CA GLU I 260 -3.56 -8.35 35.81
C GLU I 260 -2.42 -8.14 36.80
N ILE I 261 -1.70 -7.04 36.59
CA ILE I 261 -0.53 -6.70 37.38
C ILE I 261 -0.98 -6.29 38.78
N PRO I 262 -0.36 -6.82 39.84
CA PRO I 262 -0.82 -6.52 41.21
C PRO I 262 -0.52 -5.12 41.71
N GLU I 263 -0.02 -4.22 40.88
CA GLU I 263 0.22 -2.84 41.29
C GLU I 263 -0.93 -1.93 40.92
N LEU I 264 -2.04 -2.52 40.55
CA LEU I 264 -3.26 -1.80 40.22
C LEU I 264 -4.07 -2.62 41.18
N VAL I 265 -3.83 -2.33 42.45
CA VAL I 265 -4.36 -3.14 43.50
C VAL I 265 -5.84 -3.15 43.76
N PRO I 266 -6.37 -4.36 43.76
CA PRO I 266 -7.73 -4.70 44.17
C PRO I 266 -7.85 -4.80 45.68
N VAL I 267 -8.10 -3.66 46.35
CA VAL I 267 -8.03 -3.59 47.82
C VAL I 267 -9.13 -4.43 48.46
N GLY I 268 -10.23 -4.65 47.75
CA GLY I 268 -11.32 -5.45 48.28
C GLY I 268 -11.74 -6.52 47.29
N GLU I 269 -10.90 -6.75 46.28
CA GLU I 269 -11.19 -7.69 45.21
C GLU I 269 -10.02 -8.65 45.06
N MET I 270 -10.26 -9.74 44.39
CA MET I 270 -9.26 -10.67 43.93
C MET I 270 -8.83 -10.31 42.52
N PRO I 271 -7.61 -10.65 42.12
CA PRO I 271 -7.18 -10.39 40.74
C PRO I 271 -7.92 -11.27 39.74
N ARG I 272 -8.53 -10.64 38.74
CA ARG I 272 -9.25 -11.34 37.70
C ARG I 272 -8.29 -11.98 36.70
N ASN I 273 -8.85 -12.58 35.65
CA ASN I 273 -8.04 -13.17 34.60
C ASN I 273 -8.84 -13.34 33.33
N LEU I 274 -8.13 -13.47 32.21
CA LEU I 274 -8.70 -13.74 30.90
C LEU I 274 -7.95 -14.88 30.26
N THR I 275 -8.52 -15.46 29.20
CA THR I 275 -7.89 -16.53 28.45
C THR I 275 -7.74 -16.11 27.00
N MET I 276 -6.54 -16.27 26.45
CA MET I 276 -6.31 -15.89 25.06
C MET I 276 -6.20 -17.12 24.17
N THR I 277 -6.05 -16.88 22.88
CA THR I 277 -5.67 -17.90 21.92
C THR I 277 -4.44 -17.39 21.18
N CYS I 278 -3.66 -18.28 20.58
CA CYS I 278 -2.57 -17.88 19.72
C CYS I 278 -2.55 -18.69 18.44
N ASP I 279 -2.03 -18.08 17.40
CA ASP I 279 -1.98 -18.67 16.07
C ASP I 279 -0.66 -19.43 15.89
N ARG I 280 -0.31 -19.71 14.65
CA ARG I 280 0.68 -20.72 14.33
C ARG I 280 2.11 -20.29 14.67
N TYR I 281 2.39 -18.99 14.68
CA TYR I 281 3.78 -18.56 14.85
C TYR I 281 4.02 -17.80 16.15
N LEU I 282 3.09 -17.87 17.10
CA LEU I 282 3.32 -17.30 18.42
C LEU I 282 3.29 -18.36 19.51
N THR I 283 3.22 -19.62 19.14
CA THR I 283 3.24 -20.72 20.10
C THR I 283 4.63 -20.86 20.67
N ASN I 284 4.69 -21.26 21.95
CA ASN I 284 5.91 -21.64 22.65
C ASN I 284 6.92 -20.49 22.71
N LYS I 285 6.40 -19.27 22.80
CA LYS I 285 7.25 -18.10 22.84
C LYS I 285 7.49 -17.56 24.24
N VAL I 286 6.59 -17.80 25.18
CA VAL I 286 6.66 -17.17 26.49
C VAL I 286 6.51 -18.21 27.59
N ILE I 287 7.39 -18.13 28.57
CA ILE I 287 7.39 -18.99 29.75
C ILE I 287 6.42 -18.41 30.78
N PRO I 288 5.75 -19.22 31.61
CA PRO I 288 4.91 -18.65 32.67
C PRO I 288 5.70 -17.84 33.69
N GLY I 289 5.24 -16.60 33.89
CA GLY I 289 5.76 -15.76 34.95
C GLY I 289 6.41 -14.48 34.47
N THR I 290 6.00 -13.96 33.32
CA THR I 290 6.65 -12.80 32.73
C THR I 290 5.69 -11.60 32.66
N ARG I 291 6.24 -10.47 32.26
CA ARG I 291 5.49 -9.23 32.07
C ARG I 291 5.38 -8.98 30.57
N VAL I 292 4.16 -9.10 30.03
CA VAL I 292 3.98 -8.94 28.59
C VAL I 292 3.08 -7.76 28.28
N THR I 293 3.07 -7.35 27.02
CA THR I 293 2.07 -6.42 26.47
C THR I 293 1.48 -7.05 25.22
N ILE I 294 0.16 -7.09 25.15
CA ILE I 294 -0.54 -7.96 24.22
C ILE I 294 -1.50 -7.14 23.39
N VAL I 295 -1.39 -7.23 22.06
CA VAL I 295 -2.22 -6.48 21.14
C VAL I 295 -3.19 -7.44 20.47
N GLY I 296 -4.47 -7.31 20.73
CA GLY I 296 -5.40 -8.25 20.16
C GLY I 296 -6.78 -7.73 19.94
N ILE I 297 -7.66 -8.63 19.52
CA ILE I 297 -9.06 -8.34 19.25
C ILE I 297 -9.88 -8.89 20.40
N TYR I 298 -10.60 -8.03 21.10
CA TYR I 298 -11.44 -8.46 22.21
C TYR I 298 -12.72 -9.04 21.64
N SER I 299 -12.81 -10.36 21.58
CA SER I 299 -13.94 -11.00 20.93
C SER I 299 -14.72 -11.81 21.94
N ILE I 300 -15.68 -12.58 21.46
CA ILE I 300 -16.67 -13.22 22.32
C ILE I 300 -16.99 -14.61 21.74
N TYR I 301 -17.31 -15.55 22.62
CA TYR I 301 -17.73 -16.87 22.19
C TYR I 301 -18.75 -17.44 23.16
N ASN I 302 -19.61 -18.30 22.63
CA ASN I 302 -20.86 -18.65 23.29
C ASN I 302 -21.02 -20.12 23.63
N SER I 303 -20.00 -20.76 24.18
CA SER I 303 -20.12 -22.16 24.57
C SER I 303 -20.90 -22.28 25.87
N LYS I 304 -21.47 -23.46 26.09
CA LYS I 304 -22.02 -23.83 27.37
C LYS I 304 -21.10 -24.78 28.14
N ASN I 305 -19.88 -24.98 27.64
CA ASN I 305 -18.78 -25.69 28.31
C ASN I 305 -19.11 -27.13 28.67
N SER I 319 -26.45 -21.15 34.44
CA SER I 319 -25.68 -20.03 34.96
C SER I 319 -26.07 -18.71 34.31
N GLY I 320 -27.24 -18.68 33.67
CA GLY I 320 -27.77 -17.46 33.09
C GLY I 320 -28.53 -17.72 31.81
N VAL I 321 -29.08 -16.63 31.25
CA VAL I 321 -29.85 -16.68 30.01
C VAL I 321 -29.24 -15.71 29.01
N ALA I 322 -28.90 -16.23 27.82
CA ALA I 322 -28.25 -15.49 26.73
C ALA I 322 -26.95 -14.84 27.19
N ILE I 323 -26.07 -15.64 27.79
CA ILE I 323 -24.83 -15.13 28.37
C ILE I 323 -23.67 -15.64 27.53
N ARG I 324 -22.79 -14.74 27.13
CA ARG I 324 -21.61 -15.12 26.38
C ARG I 324 -20.38 -15.11 27.28
N THR I 325 -19.21 -15.30 26.69
CA THR I 325 -18.01 -15.24 27.50
C THR I 325 -16.88 -14.56 26.73
N PRO I 326 -16.06 -13.78 27.41
CA PRO I 326 -15.04 -12.99 26.72
C PRO I 326 -13.68 -13.68 26.66
N TYR I 327 -12.93 -13.34 25.62
CA TYR I 327 -11.60 -13.88 25.36
C TYR I 327 -10.93 -13.01 24.32
N ILE I 328 -9.61 -13.01 24.32
CA ILE I 328 -8.83 -12.10 23.47
C ILE I 328 -8.10 -12.91 22.43
N LYS I 329 -8.45 -12.71 21.16
CA LYS I 329 -7.70 -13.35 20.09
C LYS I 329 -6.43 -12.56 19.83
N ILE I 330 -5.29 -13.12 20.26
CA ILE I 330 -4.01 -12.43 20.18
C ILE I 330 -3.59 -12.39 18.72
N LEU I 331 -3.20 -11.21 18.26
CA LEU I 331 -2.41 -11.11 17.04
C LEU I 331 -1.22 -10.19 17.32
N GLY I 332 -0.16 -10.79 17.83
CA GLY I 332 1.04 -10.04 18.08
C GLY I 332 1.35 -9.78 19.53
N ILE I 333 2.21 -10.59 20.12
CA ILE I 333 2.62 -10.44 21.51
C ILE I 333 3.98 -9.78 21.57
N GLN I 334 4.00 -8.56 22.08
CA GLN I 334 5.22 -7.80 22.25
C GLN I 334 5.74 -7.94 23.67
N SER I 335 6.38 -9.06 23.98
CA SER I 335 7.01 -9.21 25.27
C SER I 335 8.21 -8.29 25.40
N ASP I 336 8.70 -8.18 26.64
CA ASP I 336 9.92 -7.45 26.89
C ASP I 336 11.14 -8.32 26.60
N VAL I 337 12.32 -7.84 26.95
CA VAL I 337 13.46 -8.75 27.05
C VAL I 337 13.20 -9.69 28.20
N GLU I 338 13.45 -10.98 27.97
CA GLU I 338 12.93 -12.01 28.84
C GLU I 338 13.61 -12.00 30.20
N THR I 339 14.92 -11.69 30.21
CA THR I 339 15.73 -11.44 31.42
C THR I 339 15.71 -12.58 32.46
N VAL J 103 -77.05 -36.38 37.96
CA VAL J 103 -76.57 -37.39 38.91
C VAL J 103 -75.77 -36.71 40.01
N ASP J 104 -74.46 -36.57 39.78
CA ASP J 104 -73.64 -35.81 40.72
C ASP J 104 -73.92 -34.32 40.62
N ASP J 105 -74.39 -33.87 39.45
CA ASP J 105 -74.92 -32.52 39.32
C ASP J 105 -76.15 -32.30 40.18
N VAL J 106 -76.97 -33.34 40.36
CA VAL J 106 -78.16 -33.24 41.19
C VAL J 106 -77.78 -33.13 42.66
N THR J 107 -77.07 -34.14 43.17
CA THR J 107 -76.72 -34.14 44.59
C THR J 107 -75.64 -33.11 44.91
N GLY J 108 -74.91 -32.65 43.89
CA GLY J 108 -74.01 -31.53 44.08
C GLY J 108 -74.71 -30.22 44.33
N GLU J 109 -75.91 -30.04 43.76
CA GLU J 109 -76.68 -28.85 44.10
C GLU J 109 -77.39 -29.00 45.44
N LYS J 110 -77.64 -30.24 45.88
CA LYS J 110 -78.32 -30.45 47.15
C LYS J 110 -77.40 -30.11 48.31
N VAL J 111 -76.13 -30.49 48.23
CA VAL J 111 -75.16 -30.07 49.23
C VAL J 111 -74.84 -28.59 49.06
N ARG J 112 -75.01 -28.06 47.83
CA ARG J 112 -74.84 -26.63 47.61
C ARG J 112 -75.96 -25.84 48.27
N GLU J 113 -77.21 -26.23 48.03
CA GLU J 113 -78.34 -25.45 48.54
C GLU J 113 -78.51 -25.64 50.04
N ALA J 114 -78.08 -26.77 50.58
CA ALA J 114 -78.09 -26.93 52.03
C ALA J 114 -77.05 -26.06 52.70
N PHE J 115 -75.85 -26.00 52.13
CA PHE J 115 -74.80 -25.15 52.68
C PHE J 115 -75.11 -23.68 52.49
N GLU J 116 -75.73 -23.32 51.36
CA GLU J 116 -76.21 -21.95 51.17
C GLU J 116 -77.31 -21.61 52.17
N GLN J 117 -78.15 -22.57 52.50
CA GLN J 117 -79.18 -22.35 53.50
C GLN J 117 -78.63 -22.48 54.92
N PHE J 118 -77.45 -23.08 55.07
CA PHE J 118 -76.90 -23.24 56.41
C PHE J 118 -76.42 -21.92 56.99
N LEU J 119 -75.48 -21.26 56.31
CA LEU J 119 -74.88 -20.04 56.83
C LEU J 119 -75.82 -18.84 56.79
N GLU J 120 -76.89 -18.89 56.02
CA GLU J 120 -77.93 -17.88 56.12
C GLU J 120 -78.73 -18.01 57.40
N ASP J 121 -78.74 -19.19 58.02
CA ASP J 121 -79.37 -19.41 59.31
C ASP J 121 -78.32 -19.45 60.42
N PHE J 122 -78.80 -19.41 61.65
CA PHE J 122 -77.89 -19.40 62.78
C PHE J 122 -77.69 -20.81 63.31
N SER J 123 -76.49 -21.07 63.82
CA SER J 123 -76.16 -22.33 64.46
C SER J 123 -75.72 -22.14 65.91
N VAL J 124 -76.01 -20.99 66.52
CA VAL J 124 -75.61 -20.68 67.89
C VAL J 124 -76.83 -20.32 68.71
N GLN J 125 -76.99 -20.97 69.85
CA GLN J 125 -78.24 -20.90 70.59
C GLN J 125 -78.23 -19.87 71.73
N SER J 126 -77.09 -19.69 72.39
CA SER J 126 -77.05 -18.88 73.61
C SER J 126 -77.19 -17.39 73.27
N THR J 127 -78.26 -16.80 73.76
CA THR J 127 -78.65 -15.43 73.46
C THR J 127 -78.35 -14.57 74.69
N ASP J 128 -78.17 -13.26 74.43
CA ASP J 128 -77.92 -12.15 75.37
C ASP J 128 -76.52 -12.17 75.95
N THR J 129 -75.74 -13.22 75.66
CA THR J 129 -74.31 -13.25 75.95
C THR J 129 -73.59 -13.72 74.67
N GLY J 130 -73.41 -12.78 73.74
CA GLY J 130 -72.81 -13.07 72.44
C GLY J 130 -73.58 -14.03 71.57
N GLU J 131 -73.04 -14.27 70.36
CA GLU J 131 -73.52 -15.23 69.34
C GLU J 131 -75.04 -15.18 69.12
N VAL J 132 -75.53 -14.00 68.76
CA VAL J 132 -76.95 -13.77 68.53
C VAL J 132 -77.16 -13.48 67.06
N GLU J 133 -78.19 -14.09 66.46
CA GLU J 133 -78.71 -13.77 65.13
C GLU J 133 -77.72 -13.91 63.99
N LYS J 134 -77.39 -15.16 63.63
CA LYS J 134 -76.69 -15.51 62.38
C LYS J 134 -75.28 -14.91 62.35
N VAL J 135 -74.42 -15.49 63.19
CA VAL J 135 -73.02 -15.14 63.35
C VAL J 135 -72.26 -15.14 62.03
N TYR J 136 -72.66 -16.00 61.09
CA TYR J 136 -72.01 -16.04 59.79
C TYR J 136 -72.33 -14.82 58.93
N ARG J 137 -73.47 -14.18 59.13
CA ARG J 137 -73.68 -12.88 58.51
C ARG J 137 -72.79 -11.83 59.15
N ALA J 138 -72.55 -11.95 60.45
CA ALA J 138 -71.64 -11.04 61.13
C ALA J 138 -70.19 -11.35 60.82
N GLN J 139 -69.86 -12.57 60.42
CA GLN J 139 -68.49 -12.88 60.02
C GLN J 139 -68.19 -12.34 58.63
N ILE J 140 -69.22 -12.07 57.83
CA ILE J 140 -69.02 -11.56 56.48
C ILE J 140 -68.63 -10.09 56.53
N GLU J 141 -69.35 -9.29 57.32
CA GLU J 141 -69.15 -7.84 57.31
C GLU J 141 -67.81 -7.43 57.91
N PHE J 142 -67.27 -8.24 58.82
CA PHE J 142 -65.94 -7.97 59.34
C PHE J 142 -64.88 -8.23 58.28
N MET J 143 -65.13 -9.18 57.39
CA MET J 143 -64.27 -9.37 56.23
C MET J 143 -64.63 -8.42 55.09
N LYS J 144 -65.73 -7.70 55.22
CA LYS J 144 -66.04 -6.68 54.22
C LYS J 144 -65.24 -5.41 54.47
N ILE J 145 -64.89 -5.15 55.73
CA ILE J 145 -64.06 -4.00 56.06
C ILE J 145 -62.59 -4.31 55.78
N TYR J 146 -62.18 -5.56 56.04
CA TYR J 146 -60.75 -5.85 56.10
C TYR J 146 -60.27 -6.54 54.82
N ASP J 147 -61.13 -7.37 54.20
CA ASP J 147 -60.89 -8.03 52.91
C ASP J 147 -59.64 -8.92 52.93
N LEU J 148 -59.72 -10.00 53.71
CA LEU J 148 -58.67 -11.00 53.71
C LEU J 148 -59.14 -12.32 53.11
N ASN J 149 -60.41 -12.42 52.72
CA ASN J 149 -60.96 -13.44 51.82
C ASN J 149 -60.82 -14.85 52.40
N THR J 150 -61.46 -15.05 53.56
CA THR J 150 -61.49 -16.33 54.22
C THR J 150 -62.66 -16.36 55.19
N ILE J 151 -63.02 -17.57 55.61
CA ILE J 151 -63.97 -17.78 56.70
C ILE J 151 -63.37 -18.83 57.62
N TYR J 152 -63.81 -18.83 58.88
CA TYR J 152 -63.33 -19.81 59.85
C TYR J 152 -64.56 -20.39 60.53
N ILE J 153 -65.14 -21.43 59.94
CA ILE J 153 -66.38 -21.98 60.43
C ILE J 153 -66.11 -23.29 61.15
N ASP J 154 -66.98 -23.61 62.09
CA ASP J 154 -66.85 -24.77 62.96
C ASP J 154 -67.31 -26.03 62.24
N TYR J 155 -66.74 -27.16 62.63
CA TYR J 155 -67.22 -28.45 62.15
C TYR J 155 -68.35 -29.00 63.00
N GLN J 156 -68.32 -28.80 64.32
CA GLN J 156 -69.41 -29.24 65.17
C GLN J 156 -70.68 -28.47 64.88
N HIS J 157 -70.57 -27.16 64.64
CA HIS J 157 -71.74 -26.32 64.40
C HIS J 157 -72.43 -26.63 63.08
N LEU J 158 -71.74 -27.25 62.13
CA LEU J 158 -72.43 -27.77 60.97
C LEU J 158 -73.21 -29.02 61.33
N SER J 159 -72.65 -29.87 62.18
CA SER J 159 -73.26 -31.15 62.48
C SER J 159 -74.30 -31.09 63.58
N MET J 160 -74.48 -29.93 64.22
CA MET J 160 -75.52 -29.83 65.24
C MET J 160 -76.90 -29.59 64.66
N ARG J 161 -76.99 -28.99 63.48
CA ARG J 161 -78.31 -28.62 62.95
C ARG J 161 -79.01 -29.80 62.31
N GLU J 162 -78.40 -30.42 61.30
CA GLU J 162 -79.01 -31.54 60.60
C GLU J 162 -78.71 -32.87 61.26
N ASN J 163 -78.03 -32.86 62.41
CA ASN J 163 -77.60 -34.05 63.15
C ASN J 163 -76.74 -34.97 62.28
N GLY J 164 -75.73 -34.37 61.64
CA GLY J 164 -74.82 -35.11 60.80
C GLY J 164 -75.39 -35.61 59.51
N ALA J 165 -76.50 -35.04 59.04
CA ALA J 165 -77.06 -35.45 57.75
C ALA J 165 -76.21 -34.92 56.59
N LEU J 166 -75.43 -33.88 56.81
CA LEU J 166 -74.63 -33.27 55.76
C LEU J 166 -73.13 -33.50 55.93
N ALA J 167 -72.63 -33.45 57.17
CA ALA J 167 -71.19 -33.51 57.42
C ALA J 167 -70.58 -34.86 57.10
N MET J 168 -71.38 -35.94 57.08
CA MET J 168 -70.84 -37.25 56.77
C MET J 168 -70.45 -37.36 55.30
N ALA J 169 -71.11 -36.61 54.42
CA ALA J 169 -70.64 -36.53 53.04
C ALA J 169 -69.44 -35.61 52.92
N ILE J 170 -69.44 -34.52 53.68
CA ILE J 170 -68.32 -33.59 53.66
C ILE J 170 -67.10 -34.19 54.36
N SER J 171 -67.31 -35.13 55.28
CA SER J 171 -66.17 -35.86 55.82
C SER J 171 -65.69 -36.92 54.86
N GLU J 172 -66.57 -37.41 53.99
CA GLU J 172 -66.15 -38.47 53.07
C GLU J 172 -65.74 -37.95 51.70
N GLN J 173 -66.68 -37.37 50.95
CA GLN J 173 -66.41 -36.94 49.58
C GLN J 173 -66.09 -35.46 49.56
N TYR J 174 -65.07 -35.10 50.33
CA TYR J 174 -64.74 -33.70 50.49
C TYR J 174 -64.15 -33.08 49.25
N TYR J 175 -63.43 -33.86 48.45
CA TYR J 175 -62.72 -33.27 47.33
C TYR J 175 -63.66 -32.85 46.21
N ARG J 176 -64.79 -33.53 46.07
CA ARG J 176 -65.65 -33.25 44.93
C ARG J 176 -66.55 -32.04 45.17
N PHE J 177 -66.59 -31.53 46.40
CA PHE J 177 -67.64 -30.57 46.71
C PHE J 177 -67.10 -29.15 46.78
N LEU J 178 -65.78 -28.98 46.70
CA LEU J 178 -65.21 -27.63 46.70
C LEU J 178 -65.52 -26.81 45.45
N PRO J 179 -65.73 -27.39 44.26
CA PRO J 179 -66.46 -26.61 43.24
C PRO J 179 -67.85 -26.18 43.67
N PHE J 180 -68.56 -27.01 44.42
CA PHE J 180 -69.95 -26.72 44.71
C PHE J 180 -70.12 -25.92 45.99
N LEU J 181 -69.13 -25.97 46.88
CA LEU J 181 -69.20 -25.13 48.06
C LEU J 181 -68.74 -23.70 47.75
N GLN J 182 -67.85 -23.54 46.78
CA GLN J 182 -67.40 -22.20 46.43
C GLN J 182 -68.47 -21.44 45.67
N LYS J 183 -69.17 -22.13 44.76
CA LYS J 183 -70.28 -21.52 44.05
C LYS J 183 -71.46 -21.21 44.97
N GLY J 184 -71.68 -22.03 45.99
CA GLY J 184 -72.75 -21.76 46.94
C GLY J 184 -72.48 -20.56 47.81
N LEU J 185 -71.22 -20.37 48.24
CA LEU J 185 -70.86 -19.18 48.99
C LEU J 185 -70.92 -17.93 48.13
N ARG J 186 -70.58 -18.04 46.85
CA ARG J 186 -70.59 -16.87 45.99
C ARG J 186 -71.98 -16.44 45.57
N ARG J 187 -72.99 -17.30 45.76
CA ARG J 187 -74.36 -16.84 45.54
C ARG J 187 -74.87 -16.07 46.75
N VAL J 188 -74.25 -16.28 47.91
CA VAL J 188 -74.68 -15.58 49.12
C VAL J 188 -74.17 -14.15 49.12
N VAL J 189 -72.87 -13.96 48.92
CA VAL J 189 -72.26 -12.66 49.16
C VAL J 189 -72.62 -11.66 48.08
N ARG J 190 -73.01 -12.15 46.89
CA ARG J 190 -73.45 -11.23 45.85
C ARG J 190 -74.87 -10.74 46.12
N LYS J 191 -75.58 -11.40 47.03
CA LYS J 191 -76.80 -10.83 47.60
C LYS J 191 -76.50 -9.97 48.81
N TYR J 192 -75.23 -9.86 49.20
CA TYR J 192 -74.85 -9.07 50.37
C TYR J 192 -73.83 -7.98 50.03
N ALA J 193 -72.73 -8.34 49.40
CA ALA J 193 -71.62 -7.42 49.20
C ALA J 193 -71.43 -7.11 47.72
N PRO J 194 -70.96 -5.90 47.37
CA PRO J 194 -70.71 -5.58 45.96
C PRO J 194 -69.35 -6.06 45.48
N GLU J 260 -62.09 -8.53 41.49
CA GLU J 260 -60.93 -8.73 42.35
C GLU J 260 -61.32 -9.52 43.59
N ARG J 261 -61.63 -10.81 43.41
CA ARG J 261 -62.21 -11.65 44.48
C ARG J 261 -61.87 -13.12 44.26
N VAL J 262 -61.53 -13.81 45.35
CA VAL J 262 -61.38 -15.26 45.39
C VAL J 262 -61.66 -15.66 46.84
N PHE J 263 -62.12 -16.88 47.07
CA PHE J 263 -62.54 -17.26 48.42
C PHE J 263 -62.10 -18.67 48.78
N GLN J 264 -61.66 -18.83 50.02
CA GLN J 264 -61.21 -20.10 50.55
C GLN J 264 -61.97 -20.42 51.83
N ILE J 265 -62.32 -21.70 51.98
CA ILE J 265 -63.25 -22.15 53.00
C ILE J 265 -62.49 -23.03 53.98
N SER J 266 -62.20 -22.51 55.17
CA SER J 266 -61.40 -23.21 56.16
C SER J 266 -62.32 -23.80 57.22
N PHE J 267 -62.00 -25.01 57.69
CA PHE J 267 -62.73 -25.67 58.76
C PHE J 267 -61.80 -25.85 59.94
N PHE J 268 -62.40 -26.09 61.11
CA PHE J 268 -61.67 -26.42 62.33
C PHE J 268 -62.65 -27.05 63.30
N ASN J 269 -62.18 -27.28 64.53
CA ASN J 269 -62.94 -27.92 65.62
C ASN J 269 -63.42 -29.31 65.22
N LEU J 270 -62.46 -30.18 64.98
CA LEU J 270 -62.69 -31.57 64.61
C LEU J 270 -62.74 -32.43 65.87
N PRO J 271 -63.46 -33.54 65.86
CA PRO J 271 -63.51 -34.38 67.07
C PRO J 271 -62.23 -35.17 67.31
N THR J 272 -61.68 -35.75 66.25
CA THR J 272 -60.59 -36.71 66.37
C THR J 272 -59.27 -36.09 65.93
N VAL J 273 -58.16 -36.62 66.46
CA VAL J 273 -56.83 -36.33 65.96
C VAL J 273 -56.17 -37.65 65.54
N HIS J 274 -55.86 -37.76 64.26
CA HIS J 274 -55.21 -38.96 63.76
C HIS J 274 -53.70 -38.76 63.87
N ARG J 275 -52.94 -39.81 63.52
CA ARG J 275 -51.49 -39.72 63.61
C ARG J 275 -50.87 -40.14 62.28
N ILE J 276 -49.54 -40.22 62.24
CA ILE J 276 -48.88 -40.53 60.98
C ILE J 276 -49.04 -42.00 60.63
N ARG J 277 -48.95 -42.89 61.61
CA ARG J 277 -49.01 -44.32 61.33
C ARG J 277 -50.40 -44.81 60.94
N ASP J 278 -51.44 -44.02 61.15
CA ASP J 278 -52.80 -44.40 60.76
C ASP J 278 -53.21 -43.86 59.40
N ILE J 279 -52.24 -43.53 58.54
CA ILE J 279 -52.57 -42.99 57.22
C ILE J 279 -52.66 -44.13 56.22
N ARG J 280 -53.86 -44.34 55.68
CA ARG J 280 -54.11 -45.40 54.72
C ARG J 280 -55.02 -44.89 53.62
N SER J 281 -54.96 -45.55 52.46
CA SER J 281 -55.50 -44.98 51.23
C SER J 281 -57.00 -45.20 51.07
N GLU J 282 -57.70 -45.65 52.10
CA GLU J 282 -59.16 -45.66 52.02
C GLU J 282 -59.76 -44.28 52.30
N LYS J 283 -58.94 -43.31 52.69
CA LYS J 283 -59.39 -41.97 53.01
C LYS J 283 -58.81 -40.93 52.05
N ILE J 284 -58.84 -41.22 50.76
CA ILE J 284 -58.39 -40.26 49.77
C ILE J 284 -59.55 -39.35 49.39
N GLY J 285 -59.33 -38.04 49.47
CA GLY J 285 -60.39 -37.09 49.21
C GLY J 285 -61.29 -36.83 50.39
N SER J 286 -60.94 -37.34 51.55
CA SER J 286 -61.72 -37.16 52.76
C SER J 286 -61.11 -36.03 53.59
N LEU J 287 -61.63 -35.82 54.80
CA LEU J 287 -61.18 -34.76 55.68
C LEU J 287 -60.74 -35.38 57.00
N LEU J 288 -59.64 -34.88 57.55
CA LEU J 288 -59.08 -35.42 58.78
C LEU J 288 -58.05 -34.44 59.31
N SER J 289 -57.61 -34.65 60.55
CA SER J 289 -56.58 -33.84 61.16
C SER J 289 -55.37 -34.70 61.51
N ILE J 290 -54.23 -34.07 61.76
CA ILE J 290 -53.00 -34.76 62.10
C ILE J 290 -52.16 -33.86 62.99
N SER J 291 -51.47 -34.44 63.97
CA SER J 291 -50.52 -33.71 64.79
C SER J 291 -49.11 -34.20 64.51
N GLY J 292 -48.17 -33.26 64.53
CA GLY J 292 -46.79 -33.62 64.21
C GLY J 292 -45.84 -32.49 64.51
N THR J 293 -44.58 -32.71 64.14
CA THR J 293 -43.51 -31.76 64.39
C THR J 293 -43.00 -31.18 63.08
N VAL J 294 -42.85 -29.87 63.03
CA VAL J 294 -42.51 -29.17 61.79
C VAL J 294 -41.00 -29.11 61.66
N THR J 295 -40.49 -29.54 60.51
CA THR J 295 -39.07 -29.49 60.20
C THR J 295 -38.88 -29.11 58.74
N ARG J 296 -37.84 -28.31 58.48
CA ARG J 296 -37.34 -27.96 57.14
C ARG J 296 -38.40 -27.24 56.30
N THR J 297 -38.73 -26.02 56.74
CA THR J 297 -39.61 -25.19 55.94
C THR J 297 -38.90 -24.64 54.71
N SER J 298 -39.68 -24.12 53.76
CA SER J 298 -39.15 -23.66 52.48
C SER J 298 -39.59 -22.23 52.17
N GLU J 299 -39.37 -21.78 50.95
CA GLU J 299 -39.66 -20.40 50.58
C GLU J 299 -41.07 -20.28 50.03
N VAL J 300 -41.55 -19.03 49.96
CA VAL J 300 -42.89 -18.74 49.49
C VAL J 300 -42.83 -18.42 48.00
N ARG J 301 -43.63 -19.10 47.20
CA ARG J 301 -43.56 -18.96 45.77
C ARG J 301 -44.96 -18.92 45.17
N PRO J 302 -45.15 -18.29 44.02
CA PRO J 302 -46.47 -18.29 43.39
C PRO J 302 -46.76 -19.57 42.63
N GLU J 303 -48.04 -19.85 42.49
CA GLU J 303 -48.55 -21.00 41.77
C GLU J 303 -49.62 -20.47 40.82
N LEU J 304 -49.82 -21.13 39.68
CA LEU J 304 -50.58 -20.51 38.60
C LEU J 304 -52.08 -20.41 38.82
N TYR J 305 -52.77 -21.55 38.92
CA TYR J 305 -54.18 -21.68 39.32
C TYR J 305 -55.21 -21.11 38.32
N LYS J 306 -54.76 -20.35 37.33
CA LYS J 306 -55.63 -19.83 36.25
C LYS J 306 -54.71 -19.25 35.18
N ALA J 307 -54.89 -19.66 33.94
CA ALA J 307 -53.98 -19.29 32.86
C ALA J 307 -54.72 -18.48 31.80
N SER J 308 -53.93 -17.77 31.00
CA SER J 308 -54.41 -17.11 29.78
C SER J 308 -53.46 -17.48 28.65
N PHE J 309 -53.71 -18.63 28.04
CA PHE J 309 -52.86 -19.17 26.98
C PHE J 309 -53.45 -18.75 25.64
N THR J 310 -52.66 -18.06 24.82
CA THR J 310 -53.10 -17.58 23.53
C THR J 310 -52.95 -18.68 22.49
N CYS J 311 -53.07 -18.29 21.22
CA CYS J 311 -52.88 -19.18 20.08
C CYS J 311 -52.18 -18.42 18.95
N ASP J 312 -52.18 -19.03 17.76
CA ASP J 312 -51.54 -18.44 16.60
C ASP J 312 -52.27 -17.22 16.06
N MET J 313 -53.58 -17.14 16.24
CA MET J 313 -54.32 -15.93 15.91
C MET J 313 -54.25 -14.97 17.09
N CYS J 314 -54.67 -13.73 16.86
CA CYS J 314 -54.50 -12.66 17.84
C CYS J 314 -55.45 -12.74 19.02
N ARG J 315 -56.39 -13.67 19.03
CA ARG J 315 -57.33 -13.84 20.13
C ARG J 315 -56.63 -14.59 21.25
N ALA J 316 -56.24 -13.86 22.29
CA ALA J 316 -55.61 -14.45 23.46
C ALA J 316 -56.61 -14.90 24.53
N ILE J 317 -57.82 -15.27 24.14
CA ILE J 317 -58.89 -15.57 25.08
C ILE J 317 -58.66 -16.90 25.78
N VAL J 318 -58.10 -16.85 26.99
CA VAL J 318 -57.81 -18.10 27.71
C VAL J 318 -58.00 -18.02 29.23
N ASP J 319 -59.24 -17.92 29.68
CA ASP J 319 -59.52 -17.85 31.11
C ASP J 319 -60.17 -19.11 31.69
N ASN J 320 -60.19 -20.20 30.92
CA ASN J 320 -60.87 -21.41 31.39
C ASN J 320 -60.10 -22.67 31.80
N VAL J 321 -60.13 -23.66 30.91
CA VAL J 321 -59.58 -25.00 31.13
C VAL J 321 -58.08 -25.21 31.31
N GLU J 322 -57.76 -26.27 32.08
CA GLU J 322 -56.39 -26.68 32.36
C GLU J 322 -55.78 -25.79 33.45
N GLN J 323 -56.52 -25.65 34.55
CA GLN J 323 -56.00 -25.07 35.77
C GLN J 323 -55.54 -26.15 36.75
N SER J 324 -55.32 -27.37 36.25
CA SER J 324 -55.04 -28.51 37.10
C SER J 324 -53.56 -28.56 37.48
N PHE J 325 -53.15 -29.70 38.04
CA PHE J 325 -51.78 -29.91 38.50
C PHE J 325 -50.94 -30.56 37.40
N LYS J 326 -50.96 -29.91 36.23
CA LYS J 326 -50.20 -30.44 35.09
C LYS J 326 -49.46 -29.40 34.27
N TYR J 327 -49.70 -28.10 34.49
CA TYR J 327 -49.08 -26.98 33.76
C TYR J 327 -49.30 -27.08 32.24
N THR J 328 -50.52 -27.38 31.83
CA THR J 328 -50.88 -27.54 30.42
C THR J 328 -51.82 -26.41 30.01
N GLU J 329 -52.01 -26.28 28.71
CA GLU J 329 -52.96 -25.33 28.12
C GLU J 329 -54.10 -26.06 27.43
N PRO J 330 -55.09 -25.31 26.92
CA PRO J 330 -56.35 -25.94 26.53
C PRO J 330 -56.34 -26.57 25.14
N THR J 331 -57.42 -27.29 24.83
CA THR J 331 -57.56 -27.99 23.56
C THR J 331 -58.75 -27.52 22.73
N PHE J 332 -59.90 -27.28 23.35
CA PHE J 332 -61.06 -26.83 22.59
C PHE J 332 -61.08 -25.31 22.49
N CYS J 333 -62.11 -24.80 21.80
CA CYS J 333 -62.37 -23.38 21.52
C CYS J 333 -61.17 -22.73 20.84
N PRO J 334 -60.89 -23.09 19.58
CA PRO J 334 -59.66 -22.60 18.94
C PRO J 334 -59.79 -21.14 18.52
N ASN J 335 -58.74 -20.37 18.84
CA ASN J 335 -58.68 -18.99 18.38
C ASN J 335 -58.43 -18.92 16.88
N PRO J 336 -57.41 -19.58 16.35
CA PRO J 336 -57.24 -19.61 14.89
C PRO J 336 -58.11 -20.69 14.25
N SER J 337 -57.92 -20.91 12.95
CA SER J 337 -58.66 -21.92 12.21
C SER J 337 -58.02 -23.29 12.31
N CYS J 338 -56.93 -23.42 13.07
CA CYS J 338 -56.20 -24.66 13.16
C CYS J 338 -56.80 -25.55 14.24
N GLU J 339 -56.15 -26.68 14.52
CA GLU J 339 -56.54 -27.59 15.57
C GLU J 339 -55.80 -27.24 16.86
N ASN J 340 -55.83 -28.17 17.81
CA ASN J 340 -55.12 -28.00 19.08
C ASN J 340 -53.62 -28.01 18.82
N ARG J 341 -53.02 -26.82 18.80
CA ARG J 341 -51.59 -26.64 18.58
C ARG J 341 -50.83 -26.83 19.88
N ALA J 342 -49.58 -26.34 19.89
CA ALA J 342 -48.72 -26.41 21.06
C ALA J 342 -49.31 -25.68 22.25
N PHE J 343 -48.95 -26.15 23.45
CA PHE J 343 -49.58 -25.75 24.71
C PHE J 343 -48.54 -25.27 25.73
N TRP J 344 -49.01 -25.10 26.97
CA TRP J 344 -48.25 -24.62 28.12
C TRP J 344 -47.63 -23.23 27.87
N THR J 345 -48.50 -22.26 27.69
CA THR J 345 -48.13 -20.84 27.69
C THR J 345 -48.89 -20.11 28.79
N LEU J 346 -48.20 -19.21 29.48
CA LEU J 346 -48.79 -18.50 30.60
C LEU J 346 -48.43 -17.03 30.47
N ASN J 347 -49.33 -16.25 29.89
CA ASN J 347 -49.11 -14.84 29.61
C ASN J 347 -49.49 -14.06 30.85
N VAL J 348 -48.49 -13.49 31.53
CA VAL J 348 -48.61 -12.99 32.88
C VAL J 348 -49.40 -11.69 32.96
N THR J 349 -49.85 -11.16 31.82
CA THR J 349 -50.70 -9.99 31.80
C THR J 349 -52.05 -10.22 32.49
N ARG J 350 -52.57 -11.44 32.46
CA ARG J 350 -53.84 -11.72 33.14
C ARG J 350 -53.79 -13.17 33.61
N SER J 351 -53.35 -13.37 34.85
CA SER J 351 -53.32 -14.67 35.49
C SER J 351 -53.22 -14.43 36.98
N ARG J 352 -54.00 -15.18 37.75
CA ARG J 352 -54.18 -14.92 39.16
C ARG J 352 -53.43 -15.97 39.97
N PHE J 353 -52.32 -15.57 40.58
CA PHE J 353 -51.46 -16.48 41.31
C PHE J 353 -51.76 -16.38 42.80
N LEU J 354 -51.77 -17.53 43.48
CA LEU J 354 -51.71 -17.55 44.93
C LEU J 354 -50.38 -18.18 45.35
N ASP J 355 -50.13 -18.16 46.66
CA ASP J 355 -48.82 -18.43 47.21
C ASP J 355 -48.87 -19.66 48.10
N TRP J 356 -47.83 -20.51 48.05
CA TRP J 356 -47.78 -21.64 48.95
C TRP J 356 -46.34 -22.04 49.23
N GLN J 357 -46.17 -22.83 50.29
CA GLN J 357 -44.86 -23.28 50.71
C GLN J 357 -44.97 -24.73 51.16
N LYS J 358 -43.82 -25.39 51.25
CA LYS J 358 -43.76 -26.83 51.46
C LYS J 358 -42.93 -27.14 52.70
N VAL J 359 -43.52 -27.87 53.64
CA VAL J 359 -42.86 -28.24 54.89
C VAL J 359 -42.91 -29.75 55.05
N ARG J 360 -42.03 -30.27 55.88
CA ARG J 360 -41.94 -31.70 56.15
C ARG J 360 -42.30 -31.98 57.60
N ILE J 361 -43.48 -32.54 57.80
CA ILE J 361 -43.94 -32.85 59.14
C ILE J 361 -43.31 -34.16 59.57
N GLN J 362 -43.12 -34.31 60.89
CA GLN J 362 -42.51 -35.50 61.46
C GLN J 362 -43.33 -35.86 62.68
N GLU J 363 -43.39 -37.16 63.00
CA GLU J 363 -44.19 -37.63 64.12
C GLU J 363 -43.60 -37.17 65.46
N ASN J 364 -44.50 -36.86 66.38
CA ASN J 364 -44.15 -36.37 67.71
C ASN J 364 -43.34 -37.41 68.48
N ALA J 365 -42.41 -36.91 69.31
CA ALA J 365 -41.50 -37.80 70.02
C ALA J 365 -42.18 -38.60 71.11
N ASN J 366 -43.06 -37.97 71.90
CA ASN J 366 -43.64 -38.66 73.05
C ASN J 366 -44.95 -39.35 72.67
N GLU J 367 -44.93 -40.13 71.59
CA GLU J 367 -46.01 -41.06 71.32
C GLU J 367 -45.43 -42.39 70.91
N ILE J 368 -44.28 -42.34 70.23
CA ILE J 368 -43.80 -43.45 69.40
C ILE J 368 -43.19 -44.55 70.27
N PRO J 369 -43.10 -45.79 69.76
CA PRO J 369 -42.30 -46.83 70.43
C PRO J 369 -40.81 -46.61 70.30
N THR J 370 -40.04 -47.65 70.63
CA THR J 370 -38.58 -47.72 70.48
C THR J 370 -38.09 -47.15 69.17
N GLY J 371 -37.06 -46.28 69.24
CA GLY J 371 -36.65 -45.42 68.15
C GLY J 371 -36.19 -46.13 66.89
N SER J 372 -37.00 -46.02 65.84
CA SER J 372 -36.69 -46.68 64.57
C SER J 372 -36.99 -45.80 63.36
N MET J 373 -36.59 -44.52 63.40
CA MET J 373 -36.77 -43.51 62.35
C MET J 373 -38.23 -43.36 61.96
N PRO J 374 -39.04 -42.65 62.77
CA PRO J 374 -40.47 -42.53 62.48
C PRO J 374 -40.76 -41.80 61.18
N ARG J 375 -41.88 -42.17 60.56
CA ARG J 375 -42.15 -41.77 59.18
C ARG J 375 -42.61 -40.33 59.11
N THR J 376 -42.54 -39.76 57.90
CA THR J 376 -42.80 -38.35 57.66
C THR J 376 -43.82 -38.15 56.55
N LEU J 377 -44.20 -36.90 56.35
CA LEU J 377 -44.95 -36.46 55.19
C LEU J 377 -44.44 -35.12 54.71
N ASP J 378 -44.92 -34.70 53.55
CA ASP J 378 -44.72 -33.34 53.05
C ASP J 378 -46.09 -32.70 52.89
N VAL J 379 -46.28 -31.52 53.48
CA VAL J 379 -47.58 -30.89 53.56
C VAL J 379 -47.55 -29.58 52.77
N ILE J 380 -48.59 -29.34 52.00
CA ILE J 380 -48.77 -28.11 51.23
C ILE J 380 -49.68 -27.18 52.02
N LEU J 381 -49.26 -25.93 52.20
CA LEU J 381 -50.06 -24.90 52.87
C LEU J 381 -50.45 -23.87 51.83
N ARG J 382 -51.69 -23.89 51.39
CA ARG J 382 -52.18 -22.97 50.38
C ARG J 382 -52.81 -21.74 51.02
N GLY J 383 -52.95 -20.70 50.21
CA GLY J 383 -53.79 -19.56 50.58
C GLY J 383 -53.19 -18.67 51.63
N ASP J 384 -54.03 -18.23 52.56
CA ASP J 384 -53.60 -17.35 53.65
C ASP J 384 -53.32 -18.15 54.92
N SER J 385 -52.34 -19.04 54.81
CA SER J 385 -51.85 -19.79 55.95
C SER J 385 -50.33 -19.79 55.99
N VAL J 386 -49.69 -18.93 55.21
CA VAL J 386 -48.27 -19.04 54.97
C VAL J 386 -47.51 -18.38 56.11
N GLU J 387 -46.37 -18.96 56.48
CA GLU J 387 -45.45 -18.48 57.53
C GLU J 387 -46.13 -18.46 58.90
N ARG J 388 -47.09 -19.35 59.08
CA ARG J 388 -47.69 -19.61 60.38
C ARG J 388 -47.17 -20.87 61.02
N ALA J 389 -46.32 -21.62 60.33
CA ALA J 389 -45.71 -22.82 60.88
C ALA J 389 -44.29 -22.50 61.32
N LYS J 390 -44.06 -22.53 62.61
CA LYS J 390 -42.74 -22.27 63.17
C LYS J 390 -41.86 -23.52 63.02
N PRO J 391 -40.55 -23.36 62.91
CA PRO J 391 -39.67 -24.54 62.80
C PRO J 391 -39.46 -25.32 64.10
N GLY J 392 -40.42 -26.19 64.40
CA GLY J 392 -40.24 -27.09 65.53
C GLY J 392 -41.35 -27.12 66.56
N ASP J 393 -42.55 -26.68 66.20
CA ASP J 393 -43.67 -26.68 67.13
C ASP J 393 -44.80 -27.56 66.61
N ARG J 394 -45.64 -28.03 67.53
CA ARG J 394 -46.71 -28.94 67.18
C ARG J 394 -47.92 -28.18 66.63
N CYS J 395 -48.69 -28.84 65.78
CA CYS J 395 -49.83 -28.22 65.12
C CYS J 395 -50.88 -29.26 64.79
N LYS J 396 -52.11 -28.80 64.63
CA LYS J 396 -53.16 -29.59 64.00
C LYS J 396 -53.49 -29.00 62.64
N PHE J 397 -54.12 -29.80 61.79
CA PHE J 397 -54.32 -29.40 60.40
C PHE J 397 -55.72 -29.80 59.93
N THR J 398 -55.97 -29.45 58.67
CA THR J 398 -57.19 -29.75 57.91
C THR J 398 -57.19 -31.17 57.27
N GLY J 399 -58.38 -31.61 56.85
CA GLY J 399 -58.65 -32.92 56.26
C GLY J 399 -58.17 -33.59 54.97
N VAL J 400 -58.04 -32.86 53.86
CA VAL J 400 -57.69 -33.48 52.55
C VAL J 400 -56.36 -34.23 52.43
N GLU J 401 -56.34 -35.31 51.64
CA GLU J 401 -55.12 -36.10 51.46
C GLU J 401 -54.91 -36.45 50.01
N ILE J 402 -54.23 -35.60 49.25
CA ILE J 402 -54.13 -35.81 47.82
C ILE J 402 -53.03 -36.82 47.53
N VAL J 403 -52.97 -37.27 46.27
CA VAL J 403 -51.85 -38.05 45.78
C VAL J 403 -51.27 -37.36 44.56
N VAL J 404 -49.95 -37.33 44.48
CA VAL J 404 -49.23 -36.50 43.52
C VAL J 404 -48.51 -37.39 42.52
N PRO J 405 -48.60 -37.12 41.22
CA PRO J 405 -47.77 -37.83 40.24
C PRO J 405 -46.33 -37.37 40.33
N ASP J 406 -45.43 -38.35 40.35
CA ASP J 406 -44.01 -38.06 40.42
C ASP J 406 -43.26 -38.99 39.48
N VAL J 407 -42.00 -38.65 39.22
CA VAL J 407 -41.15 -39.41 38.33
C VAL J 407 -39.98 -40.07 39.07
N THR J 408 -39.58 -39.53 40.22
CA THR J 408 -38.30 -39.88 40.82
C THR J 408 -38.30 -41.23 41.54
N GLN J 409 -39.45 -41.87 41.70
CA GLN J 409 -39.52 -43.15 42.42
C GLN J 409 -39.06 -44.28 41.51
N LEU J 410 -37.88 -44.83 41.82
CA LEU J 410 -37.31 -45.97 41.10
C LEU J 410 -36.38 -46.73 42.04
N GLY J 411 -36.14 -48.00 41.70
CA GLY J 411 -35.29 -48.85 42.49
C GLY J 411 -36.01 -49.91 43.31
N LEU J 412 -37.27 -49.68 43.67
CA LEU J 412 -38.08 -50.65 44.40
C LEU J 412 -39.35 -50.87 43.59
N PRO J 413 -39.27 -51.63 42.49
CA PRO J 413 -40.39 -51.68 41.55
C PRO J 413 -41.49 -52.61 42.04
N GLY J 414 -42.71 -52.32 41.61
CA GLY J 414 -43.85 -53.18 41.80
C GLY J 414 -44.54 -53.42 40.47
N VAL J 415 -45.86 -53.43 40.50
CA VAL J 415 -46.67 -53.50 39.29
C VAL J 415 -47.28 -52.11 39.08
N LYS J 416 -46.58 -51.28 38.32
CA LYS J 416 -47.02 -49.92 38.03
C LYS J 416 -47.65 -49.91 36.65
N PRO J 417 -48.94 -49.59 36.53
CA PRO J 417 -49.63 -49.72 35.24
C PRO J 417 -49.19 -48.66 34.24
N SER J 418 -48.98 -49.11 33.01
CA SER J 418 -48.53 -48.24 31.94
C SER J 418 -49.75 -47.57 31.31
N SER J 419 -49.50 -46.73 30.30
CA SER J 419 -50.51 -45.84 29.75
C SER J 419 -50.86 -46.16 28.30
N THR J 420 -51.19 -47.41 28.00
CA THR J 420 -51.66 -47.75 26.66
C THR J 420 -53.12 -48.18 26.69
N GLY J 444 -47.13 -41.62 22.96
CA GLY J 444 -46.48 -41.18 24.18
C GLY J 444 -46.66 -42.16 25.33
N VAL J 445 -45.58 -42.86 25.68
CA VAL J 445 -45.62 -43.81 26.78
C VAL J 445 -45.09 -43.15 28.05
N ARG J 446 -45.75 -43.44 29.17
CA ARG J 446 -45.35 -42.91 30.47
C ARG J 446 -45.93 -43.83 31.54
N ASP J 447 -45.08 -44.28 32.46
CA ASP J 447 -45.56 -45.04 33.61
C ASP J 447 -46.03 -44.07 34.70
N LEU J 448 -46.85 -44.59 35.61
CA LEU J 448 -47.45 -43.77 36.65
C LEU J 448 -46.97 -44.21 38.02
N THR J 449 -46.34 -43.28 38.74
CA THR J 449 -45.80 -43.53 40.08
C THR J 449 -46.49 -42.55 41.02
N TYR J 450 -47.11 -43.06 42.09
CA TYR J 450 -47.87 -42.22 42.98
C TYR J 450 -47.35 -42.31 44.40
N LYS J 451 -47.62 -41.25 45.18
CA LYS J 451 -47.27 -41.21 46.59
C LYS J 451 -48.22 -40.25 47.29
N ILE J 452 -48.06 -40.11 48.60
CA ILE J 452 -49.01 -39.41 49.47
C ILE J 452 -48.48 -38.03 49.77
N SER J 453 -49.36 -37.02 49.70
CA SER J 453 -49.03 -35.66 50.08
C SER J 453 -50.24 -35.03 50.75
N PHE J 454 -50.00 -34.19 51.74
CA PHE J 454 -51.09 -33.65 52.53
C PHE J 454 -51.37 -32.21 52.15
N LEU J 455 -52.64 -31.85 52.16
CA LEU J 455 -53.10 -30.50 51.85
C LEU J 455 -53.82 -29.94 53.08
N ALA J 456 -53.70 -28.63 53.28
CA ALA J 456 -54.29 -27.98 54.44
C ALA J 456 -54.99 -26.71 54.01
N CYS J 457 -55.82 -26.16 54.88
CA CYS J 457 -56.39 -24.84 54.63
C CYS J 457 -56.38 -23.97 55.89
N HIS J 458 -56.28 -24.59 57.05
CA HIS J 458 -56.25 -23.89 58.34
C HIS J 458 -55.31 -24.61 59.28
N VAL J 459 -54.31 -23.89 59.79
CA VAL J 459 -53.32 -24.47 60.69
C VAL J 459 -53.44 -23.77 62.04
N ILE J 460 -53.47 -24.57 63.10
CA ILE J 460 -53.57 -24.06 64.46
C ILE J 460 -52.40 -24.59 65.27
N SER J 461 -51.71 -23.67 65.94
CA SER J 461 -50.48 -24.01 66.65
C SER J 461 -50.74 -24.29 68.14
N ILE J 462 -51.42 -25.39 68.39
CA ILE J 462 -51.59 -25.92 69.74
C ILE J 462 -50.33 -26.69 70.10
N GLY J 463 -49.79 -26.41 71.28
CA GLY J 463 -48.59 -27.09 71.73
C GLY J 463 -47.33 -26.57 71.06
N MET K 1 -27.11 -62.68 -2.04
CA MET K 1 -27.27 -61.68 -3.07
C MET K 1 -25.92 -61.22 -3.62
N SER K 2 -25.95 -60.43 -4.70
CA SER K 2 -24.75 -60.03 -5.39
C SER K 2 -24.33 -58.60 -5.02
N ALA K 3 -23.02 -58.34 -5.12
CA ALA K 3 -22.33 -57.06 -4.97
C ALA K 3 -22.38 -56.48 -3.56
N ALA K 4 -23.08 -57.16 -2.64
CA ALA K 4 -23.16 -56.76 -1.24
C ALA K 4 -23.62 -58.02 -0.51
N LEU K 5 -22.98 -58.33 0.62
CA LEU K 5 -23.05 -59.63 1.30
C LEU K 5 -22.78 -60.75 0.31
N PRO K 6 -21.57 -60.88 -0.23
CA PRO K 6 -21.32 -61.92 -1.24
C PRO K 6 -21.19 -63.28 -0.57
N SER K 7 -20.89 -64.28 -1.38
CA SER K 7 -20.79 -65.66 -0.92
C SER K 7 -19.34 -66.12 -1.05
N ILE K 8 -18.67 -66.32 0.07
CA ILE K 8 -17.36 -66.96 0.05
C ILE K 8 -17.53 -68.44 0.33
N GLN K 9 -17.07 -69.26 -0.61
CA GLN K 9 -17.14 -70.70 -0.42
C GLN K 9 -16.07 -71.14 0.58
N LEU K 10 -16.36 -72.22 1.29
CA LEU K 10 -15.47 -72.75 2.31
C LEU K 10 -15.12 -74.19 1.99
N PRO K 11 -13.94 -74.66 2.39
CA PRO K 11 -13.62 -76.08 2.20
C PRO K 11 -14.37 -77.00 3.13
N VAL K 12 -14.87 -76.50 4.25
CA VAL K 12 -15.61 -77.32 5.21
C VAL K 12 -17.09 -77.23 4.88
N ASP K 13 -17.71 -78.39 4.67
CA ASP K 13 -19.12 -78.50 4.38
C ASP K 13 -19.87 -79.04 5.59
N TYR K 14 -21.18 -78.75 5.62
CA TYR K 14 -22.01 -79.08 6.76
C TYR K 14 -23.15 -80.01 6.40
N ASN K 15 -23.33 -80.28 5.12
CA ASN K 15 -24.45 -81.09 4.65
C ASN K 15 -24.32 -82.55 5.06
N ASN K 16 -23.15 -83.14 4.83
CA ASN K 16 -22.94 -84.56 5.12
C ASN K 16 -22.73 -84.83 6.59
N LEU K 17 -22.30 -83.83 7.37
CA LEU K 17 -21.93 -84.05 8.76
C LEU K 17 -23.11 -84.07 9.71
N PHE K 18 -24.33 -84.23 9.20
CA PHE K 18 -25.45 -84.55 10.08
C PHE K 18 -25.60 -86.05 10.28
N ASN K 19 -25.33 -86.83 9.24
CA ASN K 19 -25.54 -88.26 9.27
C ASN K 19 -24.56 -88.98 10.17
N GLU K 20 -23.30 -88.54 10.21
CA GLU K 20 -22.34 -89.20 11.08
C GLU K 20 -22.56 -88.85 12.54
N ILE K 21 -23.34 -87.79 12.81
CA ILE K 21 -23.81 -87.58 14.18
C ILE K 21 -24.82 -88.63 14.56
N THR K 22 -25.75 -88.94 13.65
CA THR K 22 -26.80 -89.93 13.90
C THR K 22 -26.25 -91.31 14.16
N ASP K 23 -25.12 -91.66 13.56
CA ASP K 23 -24.49 -92.94 13.78
C ASP K 23 -23.59 -92.96 14.99
N PHE K 24 -23.32 -91.79 15.58
CA PHE K 24 -22.67 -91.73 16.88
C PHE K 24 -23.68 -91.90 18.00
N LEU K 25 -24.97 -91.81 17.70
CA LEU K 25 -26.02 -92.04 18.68
C LEU K 25 -26.22 -93.53 18.95
N VAL K 26 -27.40 -93.89 19.47
CA VAL K 26 -27.80 -95.20 20.00
C VAL K 26 -27.40 -96.38 19.10
N THR K 27 -27.30 -96.17 17.79
CA THR K 27 -26.63 -97.14 16.94
C THR K 27 -25.13 -97.09 17.24
N PHE K 28 -24.73 -97.87 18.24
CA PHE K 28 -23.42 -97.78 18.86
C PHE K 28 -23.17 -99.10 19.58
N LYS K 29 -21.93 -99.58 19.48
CA LYS K 29 -21.67 -100.94 19.96
C LYS K 29 -20.44 -101.07 20.84
N GLN K 30 -19.57 -100.06 20.89
CA GLN K 30 -18.37 -100.16 21.72
C GLN K 30 -18.69 -100.19 23.20
N ASP K 31 -19.78 -99.57 23.63
CA ASP K 31 -20.17 -99.63 25.02
C ASP K 31 -21.69 -99.77 25.15
N LYS K 59 -24.66 -105.14 27.48
CA LYS K 59 -25.67 -105.43 26.47
C LYS K 59 -25.90 -104.24 25.55
N GLY K 60 -26.75 -103.32 25.99
CA GLY K 60 -27.07 -102.15 25.19
C GLY K 60 -25.95 -101.13 25.19
N PRO K 61 -26.00 -100.19 24.25
CA PRO K 61 -25.04 -99.09 24.22
C PRO K 61 -25.27 -98.13 25.37
N LYS K 62 -24.28 -97.27 25.61
CA LYS K 62 -24.38 -96.31 26.69
C LYS K 62 -25.33 -95.18 26.34
N TYR K 63 -25.54 -94.92 25.05
CA TYR K 63 -26.43 -93.84 24.68
C TYR K 63 -27.87 -94.30 24.54
N MET K 64 -28.13 -95.59 24.74
CA MET K 64 -29.52 -96.02 24.79
C MET K 64 -30.15 -95.75 26.15
N ALA K 65 -29.59 -96.36 27.20
CA ALA K 65 -30.18 -96.28 28.53
C ALA K 65 -30.06 -94.91 29.15
N MET K 66 -28.97 -94.20 28.91
CA MET K 66 -28.79 -92.86 29.48
C MET K 66 -29.74 -91.86 28.83
N LEU K 67 -30.07 -92.08 27.56
CA LEU K 67 -31.16 -91.32 26.95
C LEU K 67 -32.50 -91.70 27.56
N GLN K 68 -32.75 -93.00 27.74
CA GLN K 68 -34.04 -93.46 28.24
C GLN K 68 -34.24 -93.15 29.71
N LYS K 69 -33.16 -93.18 30.51
CA LYS K 69 -33.23 -92.76 31.90
C LYS K 69 -33.61 -91.30 32.04
N VAL K 70 -33.08 -90.45 31.16
CA VAL K 70 -33.53 -89.06 31.07
C VAL K 70 -34.97 -89.00 30.58
N ALA K 71 -35.32 -89.83 29.59
CA ALA K 71 -36.70 -89.95 29.15
C ALA K 71 -37.61 -90.53 30.23
N ASN K 72 -37.05 -91.27 31.19
CA ASN K 72 -37.80 -91.73 32.35
C ASN K 72 -37.80 -90.72 33.47
N ARG K 73 -37.37 -89.50 33.20
CA ARG K 73 -37.42 -88.35 34.12
C ARG K 73 -36.64 -88.62 35.40
N GLU K 74 -35.48 -89.24 35.25
CA GLU K 74 -34.58 -89.51 36.36
C GLU K 74 -33.32 -88.67 36.31
N LEU K 75 -32.96 -88.17 35.12
CA LEU K 75 -31.89 -87.21 34.96
C LEU K 75 -32.26 -86.19 33.90
N ASN K 76 -31.57 -85.04 33.91
CA ASN K 76 -31.79 -83.98 32.94
C ASN K 76 -30.49 -83.29 32.54
N SER K 77 -29.36 -83.99 32.70
CA SER K 77 -28.07 -83.38 32.33
C SER K 77 -27.26 -84.45 31.59
N VAL K 78 -27.43 -84.48 30.27
CA VAL K 78 -26.80 -85.51 29.44
C VAL K 78 -25.37 -85.08 29.11
N ILE K 79 -24.39 -85.74 29.72
CA ILE K 79 -23.01 -85.34 29.58
C ILE K 79 -22.37 -86.20 28.50
N ILE K 80 -22.38 -85.70 27.28
CA ILE K 80 -21.72 -86.34 26.15
C ILE K 80 -20.22 -86.15 26.34
N ASP K 81 -19.47 -87.23 26.23
CA ASP K 81 -18.02 -87.17 26.25
C ASP K 81 -17.49 -86.96 24.84
N LEU K 82 -16.26 -86.47 24.77
CA LEU K 82 -15.59 -86.22 23.51
C LEU K 82 -14.61 -87.33 23.12
N ASP K 83 -14.11 -88.11 24.09
CA ASP K 83 -13.15 -89.16 23.77
C ASP K 83 -13.80 -90.28 22.97
N ASP K 84 -15.11 -90.47 23.16
CA ASP K 84 -15.87 -91.43 22.39
C ASP K 84 -15.95 -91.04 20.91
N ILE K 85 -15.93 -89.75 20.60
CA ILE K 85 -15.84 -89.31 19.21
C ILE K 85 -14.51 -89.74 18.60
N LEU K 86 -13.44 -89.66 19.38
CA LEU K 86 -12.12 -90.03 18.88
C LEU K 86 -12.01 -91.53 18.62
N GLN K 87 -12.50 -92.35 19.55
CA GLN K 87 -12.41 -93.80 19.38
C GLN K 87 -13.35 -94.32 18.31
N TYR K 88 -14.51 -93.70 18.15
CA TYR K 88 -15.41 -94.04 17.05
C TYR K 88 -14.84 -93.68 15.69
N GLN K 89 -13.99 -92.66 15.62
CA GLN K 89 -13.33 -92.34 14.37
C GLN K 89 -12.37 -93.44 13.94
N ASN K 90 -11.60 -93.98 14.88
CA ASN K 90 -10.65 -95.05 14.56
C ASN K 90 -11.34 -96.35 14.19
N GLU K 91 -12.62 -96.52 14.54
CA GLU K 91 -13.35 -97.70 14.13
C GLU K 91 -13.67 -97.70 12.65
N LYS K 92 -13.72 -96.52 12.03
CA LYS K 92 -13.89 -96.43 10.59
C LYS K 92 -12.89 -95.46 9.98
N PHE K 93 -11.65 -95.48 10.45
CA PHE K 93 -10.68 -94.53 9.89
C PHE K 93 -10.03 -95.03 8.62
N LEU K 94 -9.09 -95.94 8.82
CA LEU K 94 -8.42 -96.64 7.74
C LEU K 94 -9.14 -98.00 7.53
N GLN K 95 -10.14 -98.27 8.37
CA GLN K 95 -10.93 -99.48 8.31
C GLN K 95 -12.29 -99.09 7.79
N GLY K 96 -12.62 -99.68 6.65
CA GLY K 96 -13.88 -99.52 5.96
C GLY K 96 -13.85 -98.27 5.09
N THR K 97 -14.81 -97.39 5.34
CA THR K 97 -15.04 -96.22 4.51
C THR K 97 -14.23 -95.03 5.02
N GLN K 98 -14.16 -94.00 4.18
CA GLN K 98 -13.46 -92.77 4.51
C GLN K 98 -14.46 -91.68 4.90
N ALA K 99 -14.20 -91.05 6.05
CA ALA K 99 -15.11 -90.04 6.58
C ALA K 99 -14.29 -88.87 7.09
N ASP K 100 -14.91 -87.69 7.08
CA ASP K 100 -14.23 -86.47 7.49
C ASP K 100 -14.14 -86.39 9.01
N ASP K 101 -13.25 -85.51 9.47
CA ASP K 101 -12.96 -85.40 10.89
C ASP K 101 -14.01 -84.52 11.58
N LEU K 102 -14.36 -84.90 12.80
CA LEU K 102 -15.37 -84.20 13.59
C LEU K 102 -14.82 -83.55 14.85
N VAL K 103 -13.82 -84.15 15.48
CA VAL K 103 -13.26 -83.55 16.68
C VAL K 103 -12.46 -82.30 16.34
N SER K 104 -11.78 -82.29 15.19
CA SER K 104 -11.17 -81.06 14.72
C SER K 104 -12.20 -80.14 14.08
N ALA K 105 -13.38 -80.66 13.74
CA ALA K 105 -14.45 -79.79 13.32
C ALA K 105 -15.11 -79.09 14.49
N ILE K 106 -15.20 -79.77 15.64
CA ILE K 106 -15.72 -79.14 16.85
C ILE K 106 -14.75 -78.09 17.36
N GLN K 107 -13.45 -78.35 17.29
CA GLN K 107 -12.47 -77.42 17.85
C GLN K 107 -12.28 -76.14 17.03
N GLN K 108 -13.04 -75.93 15.97
CA GLN K 108 -13.08 -74.65 15.30
C GLN K 108 -14.39 -73.93 15.52
N ASN K 109 -15.51 -74.65 15.50
CA ASN K 109 -16.80 -74.01 15.64
C ASN K 109 -17.30 -74.05 17.08
N ALA K 110 -17.50 -75.25 17.63
CA ALA K 110 -17.79 -75.54 19.03
C ALA K 110 -19.11 -74.96 19.54
N ASN K 111 -19.88 -74.28 18.69
CA ASN K 111 -21.16 -73.74 19.11
C ASN K 111 -22.31 -74.16 18.21
N HIS K 112 -22.06 -74.25 16.91
CA HIS K 112 -23.06 -74.80 16.00
C HIS K 112 -23.24 -76.30 16.21
N PHE K 113 -22.30 -76.96 16.87
CA PHE K 113 -22.42 -78.34 17.29
C PHE K 113 -23.07 -78.49 18.66
N THR K 114 -23.90 -77.52 19.07
CA THR K 114 -24.64 -77.65 20.30
C THR K 114 -26.14 -77.70 20.09
N GLU K 115 -26.69 -76.87 19.22
CA GLU K 115 -28.10 -76.92 18.86
C GLU K 115 -28.39 -77.97 17.82
N LEU K 116 -27.38 -78.46 17.12
CA LEU K 116 -27.56 -79.45 16.08
C LEU K 116 -27.29 -80.85 16.61
N PHE K 117 -26.43 -80.98 17.62
CA PHE K 117 -26.22 -82.25 18.27
C PHE K 117 -27.44 -82.69 19.05
N CYS K 118 -28.22 -81.74 19.57
CA CYS K 118 -29.51 -82.02 20.19
C CYS K 118 -30.59 -82.28 19.17
N ARG K 119 -30.48 -81.69 17.97
CA ARG K 119 -31.44 -81.92 16.91
C ARG K 119 -31.46 -83.37 16.46
N ALA K 120 -30.33 -84.06 16.58
CA ALA K 120 -30.32 -85.49 16.31
C ALA K 120 -30.97 -86.30 17.41
N ILE K 121 -31.08 -85.78 18.63
CA ILE K 121 -31.53 -86.58 19.75
C ILE K 121 -33.04 -86.81 19.75
N ASP K 122 -33.82 -85.75 19.50
CA ASP K 122 -35.27 -85.79 19.69
C ASP K 122 -36.00 -86.76 18.76
N ASN K 123 -35.43 -87.03 17.58
CA ASN K 123 -35.99 -88.05 16.72
C ASN K 123 -35.77 -89.44 17.30
N ASN K 124 -34.55 -89.71 17.74
CA ASN K 124 -34.18 -91.03 18.23
C ASN K 124 -34.27 -91.09 19.76
N MET K 125 -35.48 -90.81 20.25
CA MET K 125 -35.73 -90.80 21.68
C MET K 125 -37.18 -91.15 21.96
N PRO K 126 -37.44 -92.22 22.72
CA PRO K 126 -38.82 -92.58 23.03
C PRO K 126 -39.36 -91.74 24.18
N LEU K 127 -40.42 -91.00 23.88
CA LEU K 127 -41.15 -90.18 24.86
C LEU K 127 -42.08 -90.96 25.79
N PRO K 128 -42.99 -91.89 25.31
CA PRO K 128 -43.96 -92.46 26.26
C PRO K 128 -43.43 -93.58 27.13
N THR K 129 -42.11 -93.70 27.28
CA THR K 129 -41.51 -94.77 28.07
C THR K 129 -41.89 -94.66 29.54
N LYS K 130 -41.89 -93.45 30.08
CA LYS K 130 -42.23 -93.24 31.48
C LYS K 130 -43.75 -93.07 31.61
N GLU K 131 -44.23 -93.26 32.84
CA GLU K 131 -45.58 -92.87 33.21
C GLU K 131 -45.76 -91.35 33.07
N ILE K 132 -47.03 -90.95 32.96
CA ILE K 132 -47.42 -89.56 32.75
C ILE K 132 -48.11 -89.17 34.05
N ASP K 133 -47.59 -89.68 35.15
CA ASP K 133 -48.19 -89.61 36.48
C ASP K 133 -48.05 -88.19 37.05
N TYR K 134 -48.36 -88.06 38.33
CA TYR K 134 -48.40 -86.77 39.02
C TYR K 134 -46.99 -86.24 39.26
N LYS K 135 -46.90 -85.14 40.00
CA LYS K 135 -45.78 -84.21 39.90
C LYS K 135 -44.47 -84.79 40.43
N ASP K 136 -43.60 -85.18 39.50
CA ASP K 136 -42.16 -85.29 39.73
C ASP K 136 -41.45 -84.02 39.35
N ASP K 137 -42.01 -83.28 38.40
CA ASP K 137 -41.61 -81.92 38.08
C ASP K 137 -42.87 -81.16 37.70
N VAL K 138 -42.81 -79.84 37.82
CA VAL K 138 -43.95 -78.99 37.51
C VAL K 138 -43.96 -78.83 35.98
N LEU K 139 -45.08 -78.32 35.43
CA LEU K 139 -45.36 -78.19 34.00
C LEU K 139 -45.32 -79.55 33.30
N ASP K 140 -45.76 -80.61 33.97
CA ASP K 140 -45.90 -81.89 33.31
C ASP K 140 -47.32 -82.11 32.82
N VAL K 141 -48.30 -81.58 33.56
CA VAL K 141 -49.69 -81.74 33.18
C VAL K 141 -50.09 -80.63 32.20
N ILE K 142 -49.50 -79.45 32.35
CA ILE K 142 -49.87 -78.32 31.51
C ILE K 142 -49.21 -78.43 30.15
N LEU K 143 -48.01 -79.02 30.10
CA LEU K 143 -47.35 -79.25 28.81
C LEU K 143 -48.10 -80.26 27.97
N ASN K 144 -48.72 -81.26 28.61
CA ASN K 144 -49.63 -82.15 27.91
C ASN K 144 -50.85 -81.40 27.40
N GLN K 145 -51.40 -80.51 28.23
CA GLN K 145 -52.43 -79.59 27.78
C GLN K 145 -51.90 -78.58 26.79
N ARG K 146 -50.61 -78.24 26.85
CA ARG K 146 -50.02 -77.45 25.78
C ARG K 146 -49.91 -78.28 24.50
N ARG K 147 -49.59 -79.56 24.63
CA ARG K 147 -49.39 -80.39 23.45
C ARG K 147 -50.69 -80.89 22.85
N LEU K 148 -51.70 -81.18 23.69
CA LEU K 148 -52.94 -81.76 23.16
C LEU K 148 -53.88 -80.68 22.64
N ARG K 149 -53.83 -79.47 23.20
CA ARG K 149 -54.60 -78.37 22.64
C ARG K 149 -54.05 -77.95 21.27
N ASN K 150 -52.74 -78.08 21.06
CA ASN K 150 -52.18 -77.75 19.75
C ASN K 150 -52.64 -78.73 18.69
N GLU K 151 -52.87 -79.99 19.06
CA GLU K 151 -53.48 -80.92 18.12
C GLU K 151 -54.99 -80.75 18.12
N ARG K 152 -55.56 -80.16 19.17
CA ARG K 152 -56.95 -79.74 19.13
C ARG K 152 -57.12 -78.48 18.28
N MET K 153 -56.05 -77.67 18.15
CA MET K 153 -56.07 -76.57 17.19
C MET K 153 -56.06 -77.07 15.76
N LEU K 154 -55.33 -78.14 15.48
CA LEU K 154 -55.20 -78.66 14.11
C LEU K 154 -56.18 -79.78 13.81
N SER K 155 -57.19 -79.98 14.66
CA SER K 155 -58.21 -81.00 14.39
C SER K 155 -59.37 -80.42 13.58
N ASP K 156 -60.04 -79.40 14.12
CA ASP K 156 -61.28 -78.89 13.56
C ASP K 156 -61.04 -77.70 12.64
N ARG K 157 -60.31 -77.95 11.54
CA ARG K 157 -59.99 -76.87 10.62
C ARG K 157 -60.56 -77.09 9.22
N THR K 158 -60.39 -78.28 8.67
CA THR K 158 -60.90 -78.57 7.32
C THR K 158 -62.38 -78.92 7.36
N THR K 189 -51.04 -74.07 10.68
CA THR K 189 -50.14 -75.22 10.81
C THR K 189 -48.82 -74.80 11.44
N GLU K 190 -48.89 -74.10 12.57
CA GLU K 190 -47.71 -73.67 13.32
C GLU K 190 -47.75 -74.34 14.68
N LEU K 191 -46.69 -75.05 15.03
CA LEU K 191 -46.59 -75.75 16.30
C LEU K 191 -45.60 -75.03 17.20
N PHE K 192 -45.38 -75.61 18.38
CA PHE K 192 -44.46 -75.06 19.36
C PHE K 192 -43.02 -75.16 18.84
N PRO K 193 -42.18 -74.17 19.14
CA PRO K 193 -40.80 -74.19 18.63
C PRO K 193 -39.99 -75.30 19.27
N PRO K 194 -39.03 -75.88 18.53
CA PRO K 194 -38.33 -77.07 19.04
C PRO K 194 -37.37 -76.79 20.18
N ASN K 195 -36.85 -75.57 20.30
CA ASN K 195 -35.98 -75.24 21.42
C ASN K 195 -36.73 -75.06 22.73
N LEU K 196 -38.06 -74.99 22.70
CA LEU K 196 -38.84 -74.93 23.92
C LEU K 196 -38.86 -76.29 24.61
N THR K 197 -39.21 -77.34 23.87
CA THR K 197 -39.42 -78.67 24.42
C THR K 197 -38.12 -79.46 24.34
N ARG K 198 -37.25 -79.28 25.33
CA ARG K 198 -36.04 -80.08 25.45
C ARG K 198 -36.01 -80.92 26.71
N ARG K 199 -36.07 -80.29 27.88
CA ARG K 199 -36.08 -80.88 29.23
C ARG K 199 -34.80 -81.64 29.56
N TYR K 200 -33.69 -81.37 28.89
CA TYR K 200 -32.36 -81.79 29.31
C TYR K 200 -31.36 -80.71 28.94
N PHE K 201 -30.08 -81.06 29.01
CA PHE K 201 -29.00 -80.19 28.58
C PHE K 201 -27.93 -81.04 27.93
N LEU K 202 -26.89 -80.39 27.42
CA LEU K 202 -25.80 -81.09 26.76
C LEU K 202 -24.49 -80.45 27.20
N TYR K 203 -23.46 -81.27 27.35
CA TYR K 203 -22.17 -80.80 27.82
C TYR K 203 -21.08 -81.55 27.09
N PHE K 204 -19.83 -81.17 27.35
CA PHE K 204 -18.68 -81.75 26.67
C PHE K 204 -17.52 -81.78 27.65
N LYS K 205 -16.63 -82.77 27.52
CA LYS K 205 -15.45 -82.83 28.37
C LYS K 205 -14.22 -83.06 27.49
N PRO K 206 -13.12 -82.38 27.74
CA PRO K 206 -11.94 -82.50 26.86
C PRO K 206 -11.11 -83.74 27.22
N LEU K 207 -9.96 -83.83 26.56
CA LEU K 207 -9.11 -85.03 26.60
C LEU K 207 -7.66 -84.62 26.81
N SER K 208 -7.00 -85.24 27.80
CA SER K 208 -5.68 -84.77 28.20
C SER K 208 -4.65 -85.86 28.44
N GLN K 209 -5.07 -87.11 28.65
CA GLN K 209 -4.17 -88.04 29.32
C GLN K 209 -3.33 -88.84 28.33
N ASN K 210 -3.97 -89.67 27.52
CA ASN K 210 -3.24 -90.63 26.69
C ASN K 210 -3.65 -90.64 25.25
N CYS K 211 -4.85 -90.17 24.91
CA CYS K 211 -5.40 -90.29 23.57
C CYS K 211 -4.70 -89.41 22.55
N ALA K 212 -4.04 -88.34 22.99
CA ALA K 212 -3.34 -87.46 22.08
C ALA K 212 -1.94 -87.95 21.77
N ARG K 213 -1.31 -88.66 22.70
CA ARG K 213 0.04 -89.16 22.52
C ARG K 213 0.10 -90.31 21.51
N ARG K 214 -1.01 -91.00 21.27
CA ARG K 214 -1.05 -92.13 20.35
C ARG K 214 -0.88 -91.70 18.90
N TYR K 215 -1.73 -90.79 18.42
CA TYR K 215 -1.67 -90.40 17.03
C TYR K 215 -1.99 -88.93 16.88
N ARG K 216 -0.96 -88.12 16.69
CA ARG K 216 -1.11 -86.70 16.41
C ARG K 216 0.02 -86.22 15.50
N ILE K 220 -4.27 -80.80 23.32
CA ILE K 220 -4.96 -80.16 22.21
C ILE K 220 -5.87 -79.07 22.75
N SER K 221 -7.04 -79.51 23.23
CA SER K 221 -8.06 -78.64 23.80
C SER K 221 -8.21 -78.84 25.28
N SER K 222 -7.13 -79.21 25.96
CA SER K 222 -7.16 -79.44 27.40
C SER K 222 -5.91 -78.90 28.06
N LYS K 223 -5.17 -78.07 27.36
CA LYS K 223 -3.96 -77.54 27.96
C LYS K 223 -4.32 -76.45 28.97
N PRO K 224 -3.79 -76.53 30.20
CA PRO K 224 -4.07 -75.50 31.22
C PRO K 224 -3.42 -74.16 30.89
N LEU K 225 -4.04 -73.44 29.97
CA LEU K 225 -3.62 -72.09 29.61
C LEU K 225 -3.87 -71.14 30.76
N SER K 226 -3.00 -70.15 30.89
CA SER K 226 -3.20 -69.10 31.86
C SER K 226 -4.20 -68.10 31.30
N VAL K 227 -4.59 -67.11 32.10
CA VAL K 227 -5.57 -66.14 31.65
C VAL K 227 -4.94 -65.15 30.67
N ARG K 228 -3.67 -64.83 30.87
CA ARG K 228 -2.99 -63.88 30.00
C ARG K 228 -2.64 -64.45 28.64
N GLN K 229 -2.71 -65.77 28.46
CA GLN K 229 -2.35 -66.37 27.19
C GLN K 229 -3.48 -66.33 26.19
N ILE K 230 -4.67 -65.91 26.59
CA ILE K 230 -5.84 -65.99 25.72
C ILE K 230 -5.77 -64.87 24.70
N LYS K 231 -5.41 -65.22 23.47
CA LYS K 231 -5.34 -64.24 22.41
C LYS K 231 -6.74 -63.87 21.92
N GLY K 232 -6.78 -63.00 20.93
CA GLY K 232 -8.06 -62.63 20.34
C GLY K 232 -8.57 -63.62 19.33
N ASP K 233 -7.74 -64.59 18.93
CA ASP K 233 -8.09 -65.50 17.86
C ASP K 233 -8.72 -66.79 18.37
N PHE K 234 -8.85 -66.96 19.68
CA PHE K 234 -9.50 -68.13 20.25
C PHE K 234 -11.01 -67.96 20.35
N LEU K 235 -11.54 -66.84 19.84
CA LEU K 235 -12.95 -66.51 19.99
C LEU K 235 -13.76 -67.44 19.11
N GLY K 236 -14.28 -68.50 19.70
CA GLY K 236 -15.06 -69.49 18.99
C GLY K 236 -14.58 -70.92 19.16
N GLN K 237 -13.63 -71.16 20.05
CA GLN K 237 -13.09 -72.50 20.22
C GLN K 237 -13.43 -73.01 21.61
N LEU K 238 -12.97 -74.22 21.94
CA LEU K 238 -13.01 -74.74 23.28
C LEU K 238 -11.67 -74.51 23.94
N ILE K 239 -11.67 -73.98 25.16
CA ILE K 239 -10.46 -73.73 25.90
C ILE K 239 -10.61 -74.31 27.30
N THR K 240 -9.49 -74.40 28.00
CA THR K 240 -9.43 -74.82 29.40
C THR K 240 -8.49 -73.86 30.12
N VAL K 241 -8.94 -73.29 31.23
CA VAL K 241 -8.13 -72.35 32.00
C VAL K 241 -8.08 -72.82 33.45
N ARG K 242 -7.42 -72.00 34.27
CA ARG K 242 -7.33 -72.26 35.70
C ARG K 242 -7.17 -70.93 36.42
N GLY K 243 -7.53 -70.92 37.69
CA GLY K 243 -7.33 -69.72 38.47
C GLY K 243 -8.08 -69.79 39.79
N ILE K 244 -8.48 -68.62 40.27
CA ILE K 244 -9.10 -68.45 41.58
C ILE K 244 -10.43 -67.74 41.37
N ILE K 245 -11.53 -68.42 41.68
CA ILE K 245 -12.85 -67.84 41.50
C ILE K 245 -13.09 -66.82 42.61
N THR K 246 -13.48 -65.61 42.23
CA THR K 246 -13.87 -64.56 43.16
C THR K 246 -15.14 -63.87 42.68
N ARG K 247 -15.75 -63.09 43.58
CA ARG K 247 -16.87 -62.18 43.29
C ARG K 247 -18.08 -62.92 42.70
N VAL K 248 -18.33 -64.12 43.20
CA VAL K 248 -19.38 -64.96 42.63
C VAL K 248 -20.74 -64.47 43.10
N SER K 249 -21.67 -64.31 42.17
CA SER K 249 -23.02 -63.88 42.49
C SER K 249 -23.92 -65.08 42.71
N ASP K 250 -25.19 -64.82 42.96
CA ASP K 250 -26.15 -65.88 43.29
C ASP K 250 -26.87 -66.37 42.05
N VAL K 251 -27.93 -67.15 42.27
CA VAL K 251 -28.75 -67.72 41.20
C VAL K 251 -29.95 -66.82 40.96
N LYS K 252 -30.17 -66.46 39.69
CA LYS K 252 -31.28 -65.61 39.30
C LYS K 252 -32.02 -66.22 38.12
N PRO K 253 -33.35 -66.24 38.15
CA PRO K 253 -34.13 -66.91 37.10
C PRO K 253 -34.08 -66.13 35.80
N ALA K 254 -33.44 -66.70 34.80
CA ALA K 254 -33.41 -66.11 33.47
C ALA K 254 -34.61 -66.62 32.66
N VAL K 255 -34.58 -66.36 31.36
CA VAL K 255 -35.65 -66.77 30.47
C VAL K 255 -35.04 -67.05 29.10
N GLU K 256 -35.54 -68.09 28.43
CA GLU K 256 -35.09 -68.46 27.10
C GLU K 256 -36.22 -68.62 26.10
N VAL K 257 -37.45 -68.79 26.57
CA VAL K 257 -38.62 -68.73 25.69
C VAL K 257 -39.77 -68.12 26.51
N ILE K 258 -40.67 -67.43 25.82
CA ILE K 258 -41.65 -66.57 26.45
C ILE K 258 -43.03 -66.88 25.86
N ALA K 259 -44.01 -67.11 26.74
CA ALA K 259 -45.36 -67.38 26.29
C ALA K 259 -46.30 -66.24 26.65
N TYR K 260 -46.90 -65.63 25.63
CA TYR K 260 -47.93 -64.62 25.78
C TYR K 260 -49.27 -65.34 25.86
N THR K 261 -50.34 -64.57 26.00
CA THR K 261 -51.70 -65.09 25.86
C THR K 261 -52.61 -63.96 25.39
N CYS K 262 -53.25 -64.16 24.23
CA CYS K 262 -54.03 -63.12 23.58
C CYS K 262 -55.33 -62.81 24.34
N ASP K 263 -55.83 -63.79 25.11
CA ASP K 263 -57.00 -63.76 25.99
C ASP K 263 -58.32 -63.67 25.26
N GLN K 264 -58.33 -63.49 23.94
CA GLN K 264 -59.54 -63.42 23.14
C GLN K 264 -59.54 -64.44 22.01
N CYS K 265 -58.44 -64.52 21.27
CA CYS K 265 -58.30 -65.54 20.24
C CYS K 265 -57.58 -66.78 20.74
N GLY K 266 -56.96 -66.72 21.90
CA GLY K 266 -56.33 -67.89 22.49
C GLY K 266 -54.98 -68.31 21.95
N TYR K 267 -54.64 -67.85 20.74
CA TYR K 267 -53.40 -68.25 20.11
C TYR K 267 -52.21 -67.64 20.82
N GLU K 268 -51.40 -68.51 21.43
CA GLU K 268 -50.23 -68.10 22.17
C GLU K 268 -49.05 -67.95 21.21
N VAL K 269 -48.52 -66.74 21.13
CA VAL K 269 -47.38 -66.44 20.28
C VAL K 269 -46.13 -66.55 21.14
N PHE K 270 -44.98 -66.75 20.48
CA PHE K 270 -43.71 -66.89 21.17
C PHE K 270 -42.64 -66.15 20.39
N GLN K 271 -41.45 -66.03 21.01
CA GLN K 271 -40.27 -65.62 20.29
C GLN K 271 -39.04 -66.22 20.97
N GLU K 272 -37.88 -65.98 20.37
CA GLU K 272 -36.62 -66.48 20.89
C GLU K 272 -35.96 -65.39 21.72
N VAL K 273 -34.97 -65.78 22.52
CA VAL K 273 -34.36 -64.89 23.50
C VAL K 273 -32.86 -64.87 23.26
N ASN K 274 -32.30 -63.67 23.15
CA ASN K 274 -30.86 -63.47 23.10
C ASN K 274 -30.43 -62.61 24.29
N SER K 275 -29.13 -62.57 24.52
CA SER K 275 -28.58 -62.18 25.82
C SER K 275 -28.72 -60.68 26.07
N ARG K 276 -29.23 -60.34 27.25
CA ARG K 276 -29.30 -59.00 27.85
C ARG K 276 -30.24 -58.03 27.15
N THR K 277 -30.82 -58.41 26.02
CA THR K 277 -31.75 -57.56 25.28
C THR K 277 -32.82 -58.46 24.69
N PHE K 278 -34.07 -58.09 24.89
CA PHE K 278 -35.18 -58.64 24.12
C PHE K 278 -36.32 -57.65 24.16
N THR K 279 -37.11 -57.63 23.08
CA THR K 279 -38.16 -56.66 22.94
C THR K 279 -39.51 -57.36 23.07
N PRO K 280 -40.46 -56.78 23.80
CA PRO K 280 -41.82 -57.32 23.81
C PRO K 280 -42.52 -57.04 22.49
N LEU K 281 -43.64 -57.71 22.30
CA LEU K 281 -44.29 -57.72 21.00
C LEU K 281 -45.21 -56.53 20.83
N SER K 282 -45.87 -56.48 19.68
CA SER K 282 -46.98 -55.58 19.44
C SER K 282 -48.26 -56.31 19.84
N GLU K 283 -49.42 -55.72 19.54
CA GLU K 283 -50.68 -56.43 19.76
C GLU K 283 -50.83 -57.56 18.74
N CYS K 284 -51.86 -58.38 18.95
CA CYS K 284 -51.94 -59.71 18.36
C CYS K 284 -52.01 -59.70 16.83
N THR K 285 -51.36 -60.69 16.22
CA THR K 285 -51.22 -60.78 14.78
C THR K 285 -51.82 -62.09 14.26
N SER K 286 -52.44 -62.87 15.14
CA SER K 286 -53.09 -64.11 14.75
C SER K 286 -54.31 -63.84 13.88
N GLU K 287 -54.59 -64.78 12.98
CA GLU K 287 -55.51 -64.52 11.87
C GLU K 287 -56.97 -64.65 12.30
N GLU K 288 -57.24 -65.17 13.50
CA GLU K 288 -58.62 -65.19 13.97
C GLU K 288 -59.06 -63.80 14.43
N CYS K 289 -58.25 -63.14 15.26
CA CYS K 289 -58.55 -61.77 15.65
C CYS K 289 -58.40 -60.80 14.50
N SER K 290 -57.29 -60.86 13.78
CA SER K 290 -56.92 -59.82 12.83
C SER K 290 -57.72 -59.95 11.54
N GLN K 291 -57.31 -59.16 10.54
CA GLN K 291 -58.06 -58.87 9.32
C GLN K 291 -59.47 -58.35 9.64
N ASN K 292 -59.57 -57.56 10.71
CA ASN K 292 -60.81 -56.93 11.15
C ASN K 292 -60.43 -55.65 11.88
N GLN K 293 -61.37 -55.12 12.67
CA GLN K 293 -61.09 -53.97 13.52
C GLN K 293 -60.90 -54.36 14.98
N THR K 294 -61.13 -55.61 15.34
CA THR K 294 -61.06 -56.07 16.73
C THR K 294 -59.85 -56.98 16.88
N LYS K 295 -58.83 -56.50 17.59
CA LYS K 295 -57.62 -57.26 17.83
C LYS K 295 -57.38 -57.37 19.33
N GLY K 296 -57.04 -58.57 19.79
CA GLY K 296 -56.94 -58.82 21.20
C GLY K 296 -55.68 -58.25 21.82
N GLN K 297 -55.78 -57.93 23.10
CA GLN K 297 -54.63 -57.51 23.88
C GLN K 297 -53.99 -58.71 24.53
N LEU K 298 -52.72 -58.92 24.24
CA LEU K 298 -51.98 -60.09 24.69
C LEU K 298 -51.20 -59.76 25.95
N PHE K 299 -51.04 -60.76 26.81
CA PHE K 299 -50.40 -60.55 28.10
C PHE K 299 -49.49 -61.73 28.43
N MET K 300 -48.32 -61.42 28.98
CA MET K 300 -47.36 -62.45 29.33
C MET K 300 -47.79 -63.17 30.60
N SER K 301 -47.58 -64.48 30.61
CA SER K 301 -47.75 -65.28 31.80
C SER K 301 -46.45 -66.02 32.10
N THR K 302 -46.21 -66.23 33.40
CA THR K 302 -45.00 -66.91 33.84
C THR K 302 -45.17 -68.40 34.04
N ARG K 303 -46.39 -68.88 34.25
CA ARG K 303 -46.63 -70.31 34.39
C ARG K 303 -46.67 -71.05 33.06
N ALA K 304 -46.43 -70.38 31.94
CA ALA K 304 -46.51 -71.02 30.64
C ALA K 304 -45.20 -71.03 29.88
N SER K 305 -44.09 -70.65 30.50
CA SER K 305 -42.84 -70.52 29.78
C SER K 305 -41.74 -71.31 30.46
N LYS K 306 -40.59 -71.39 29.79
CA LYS K 306 -39.42 -72.10 30.29
C LYS K 306 -38.42 -71.11 30.84
N PHE K 307 -37.96 -71.35 32.06
CA PHE K 307 -36.90 -70.59 32.69
C PHE K 307 -35.69 -71.49 32.89
N SER K 308 -34.59 -70.89 33.34
CA SER K 308 -33.39 -71.65 33.67
C SER K 308 -32.62 -70.91 34.74
N ALA K 309 -31.64 -71.60 35.32
CA ALA K 309 -30.75 -70.96 36.27
C ALA K 309 -29.66 -70.19 35.53
N PHE K 310 -28.98 -69.32 36.27
CA PHE K 310 -27.97 -68.44 35.68
C PHE K 310 -27.09 -67.96 36.82
N GLN K 311 -25.80 -67.80 36.56
CA GLN K 311 -24.85 -67.31 37.55
C GLN K 311 -23.71 -66.59 36.86
N GLU K 312 -22.88 -65.90 37.63
CA GLU K 312 -21.77 -65.10 37.13
C GLU K 312 -20.61 -65.21 38.11
N CYS K 313 -19.38 -65.06 37.61
CA CYS K 313 -18.19 -65.07 38.46
C CYS K 313 -17.02 -64.44 37.70
N LYS K 314 -15.88 -64.34 38.39
CA LYS K 314 -14.66 -63.76 37.85
C LYS K 314 -13.46 -64.59 38.26
N ILE K 315 -12.62 -64.96 37.31
CA ILE K 315 -11.47 -65.81 37.57
C ILE K 315 -10.21 -64.99 37.40
N GLN K 316 -9.43 -64.85 38.47
CA GLN K 316 -8.18 -64.14 38.41
C GLN K 316 -7.06 -65.11 38.04
N GLU K 317 -5.82 -64.67 38.12
CA GLU K 317 -4.70 -65.56 37.85
C GLU K 317 -4.33 -66.31 39.12
N LEU K 318 -3.61 -67.41 38.96
CA LEU K 318 -3.30 -68.29 40.09
C LEU K 318 -2.07 -67.81 40.86
N SER K 319 -1.45 -66.70 40.43
CA SER K 319 -0.31 -66.01 41.04
C SER K 319 0.98 -66.81 40.97
N GLN K 320 0.99 -67.95 40.28
CA GLN K 320 2.23 -68.59 39.86
C GLN K 320 2.51 -68.36 38.39
N GLN K 321 1.49 -68.16 37.58
CA GLN K 321 1.61 -67.81 36.17
C GLN K 321 1.67 -66.31 35.94
N VAL K 322 1.71 -65.51 37.00
CA VAL K 322 1.84 -64.06 36.86
C VAL K 322 3.28 -63.74 36.47
N PRO K 323 3.53 -62.75 35.61
CA PRO K 323 4.91 -62.29 35.42
C PRO K 323 5.38 -61.41 36.57
N VAL K 324 6.63 -60.96 36.49
CA VAL K 324 7.19 -60.06 37.50
C VAL K 324 6.77 -58.61 37.23
N GLY K 325 6.11 -58.38 36.09
CA GLY K 325 5.70 -57.07 35.65
C GLY K 325 4.22 -56.84 35.83
N HIS K 326 3.47 -57.15 34.76
CA HIS K 326 2.06 -56.80 34.63
C HIS K 326 1.19 -57.40 35.74
N ILE K 327 0.11 -56.69 36.03
CA ILE K 327 -0.79 -56.91 37.18
C ILE K 327 -1.89 -57.87 36.75
N PRO K 328 -2.31 -58.82 37.60
CA PRO K 328 -3.19 -59.92 37.16
C PRO K 328 -4.57 -59.47 36.68
N ARG K 329 -5.12 -60.25 35.76
CA ARG K 329 -6.34 -59.90 35.03
C ARG K 329 -7.47 -60.87 35.39
N SER K 330 -8.62 -60.71 34.73
CA SER K 330 -9.83 -61.46 35.08
C SER K 330 -10.69 -61.69 33.85
N LEU K 331 -11.41 -62.81 33.83
CA LEU K 331 -12.42 -63.07 32.81
C LEU K 331 -13.78 -63.26 33.45
N ASN K 332 -14.83 -62.86 32.74
CA ASN K 332 -16.18 -63.07 33.22
C ASN K 332 -16.65 -64.43 32.73
N ILE K 333 -17.47 -65.12 33.54
CA ILE K 333 -17.94 -66.47 33.22
C ILE K 333 -19.42 -66.55 33.55
N HIS K 334 -20.22 -66.99 32.59
CA HIS K 334 -21.63 -67.29 32.83
C HIS K 334 -21.80 -68.79 32.91
N VAL K 335 -22.43 -69.25 34.00
CA VAL K 335 -22.77 -70.65 34.16
C VAL K 335 -24.26 -70.80 33.92
N ASN K 336 -24.61 -71.49 32.85
CA ASN K 336 -26.00 -71.69 32.49
C ASN K 336 -26.31 -73.18 32.56
N GLY K 337 -27.46 -73.50 33.15
CA GLY K 337 -27.94 -74.86 33.19
C GLY K 337 -27.94 -75.42 34.61
N THR K 338 -27.86 -76.74 34.70
CA THR K 338 -28.00 -77.44 35.96
C THR K 338 -26.70 -77.58 36.73
N LEU K 339 -25.64 -76.89 36.31
CA LEU K 339 -24.41 -76.88 37.09
C LEU K 339 -24.36 -75.70 38.05
N VAL K 340 -25.50 -75.12 38.40
CA VAL K 340 -25.53 -73.93 39.23
C VAL K 340 -25.19 -74.32 40.66
N ARG K 341 -24.59 -73.37 41.40
CA ARG K 341 -24.17 -73.51 42.80
C ARG K 341 -23.15 -74.62 42.99
N SER K 342 -22.36 -74.87 41.95
CA SER K 342 -21.35 -75.91 42.01
C SER K 342 -19.96 -75.33 42.17
N LEU K 343 -19.85 -74.03 42.38
CA LEU K 343 -18.57 -73.35 42.57
C LEU K 343 -18.61 -72.59 43.88
N SER K 344 -17.43 -72.21 44.36
CA SER K 344 -17.32 -71.52 45.63
C SER K 344 -16.05 -70.69 45.59
N PRO K 345 -16.08 -69.47 46.13
CA PRO K 345 -14.94 -68.56 45.94
C PRO K 345 -13.74 -68.95 46.78
N GLY K 346 -12.56 -68.61 46.25
CA GLY K 346 -11.33 -68.77 47.00
C GLY K 346 -10.66 -70.12 46.87
N ASP K 347 -10.75 -70.79 45.73
CA ASP K 347 -10.17 -72.10 45.53
C ASP K 347 -9.33 -72.12 44.26
N ILE K 348 -8.93 -73.32 43.86
CA ILE K 348 -8.17 -73.55 42.63
C ILE K 348 -8.95 -74.54 41.77
N VAL K 349 -9.48 -74.07 40.65
CA VAL K 349 -10.34 -74.88 39.81
C VAL K 349 -9.80 -74.90 38.39
N ASP K 350 -10.33 -75.80 37.57
CA ASP K 350 -9.96 -75.91 36.17
C ASP K 350 -11.25 -75.90 35.34
N VAL K 351 -11.52 -74.77 34.71
CA VAL K 351 -12.79 -74.58 34.03
C VAL K 351 -12.59 -74.78 32.53
N THR K 352 -13.50 -75.53 31.91
CA THR K 352 -13.57 -75.70 30.48
C THR K 352 -14.83 -75.02 29.96
N GLY K 353 -14.91 -74.83 28.67
CA GLY K 353 -16.12 -74.35 28.05
C GLY K 353 -15.83 -73.44 26.89
N ILE K 354 -16.88 -73.19 26.09
CA ILE K 354 -16.71 -72.41 24.88
C ILE K 354 -16.61 -70.93 25.22
N PHE K 355 -15.98 -70.18 24.34
CA PHE K 355 -15.47 -68.84 24.63
C PHE K 355 -15.89 -67.94 23.48
N LEU K 356 -16.93 -67.16 23.69
CA LEU K 356 -17.55 -66.41 22.61
C LEU K 356 -17.83 -64.97 23.07
N PRO K 357 -17.81 -63.99 22.18
CA PRO K 357 -17.93 -62.60 22.63
C PRO K 357 -19.37 -62.17 22.84
N ALA K 358 -19.56 -61.19 23.70
CA ALA K 358 -20.89 -60.66 23.97
C ALA K 358 -21.27 -59.66 22.88
N PRO K 359 -22.54 -59.62 22.50
CA PRO K 359 -22.94 -58.80 21.35
C PRO K 359 -23.02 -57.32 21.70
N TYR K 360 -23.56 -56.59 20.74
CA TYR K 360 -23.70 -55.13 20.80
C TYR K 360 -24.72 -54.75 21.86
N THR K 361 -24.30 -53.92 22.81
CA THR K 361 -25.25 -53.22 23.66
C THR K 361 -25.37 -51.76 23.22
N GLY K 362 -26.49 -51.14 23.58
CA GLY K 362 -26.89 -49.88 22.97
C GLY K 362 -26.13 -48.64 23.36
N PHE K 363 -26.73 -47.47 23.03
CA PHE K 363 -26.33 -46.09 23.28
C PHE K 363 -25.16 -45.60 22.42
N LYS K 364 -24.53 -46.51 21.68
CA LYS K 364 -23.57 -46.23 20.60
C LYS K 364 -22.37 -45.37 21.04
N ALA K 365 -22.01 -45.39 22.32
CA ALA K 365 -21.00 -44.47 22.83
C ALA K 365 -19.60 -45.10 22.83
N LEU K 366 -19.45 -46.23 23.51
CA LEU K 366 -18.17 -46.91 23.62
C LEU K 366 -18.00 -47.98 22.54
N LYS K 367 -18.85 -47.94 21.51
CA LYS K 367 -19.02 -49.09 20.63
C LYS K 367 -18.09 -49.01 19.43
N ALA K 368 -18.36 -49.88 18.44
CA ALA K 368 -17.65 -50.14 17.17
C ALA K 368 -16.34 -50.90 17.34
N GLY K 369 -15.88 -51.06 18.58
CA GLY K 369 -14.96 -52.12 18.96
C GLY K 369 -15.83 -53.13 19.68
N LEU K 370 -17.13 -52.83 19.58
CA LEU K 370 -18.32 -53.63 19.84
C LEU K 370 -18.62 -53.79 21.32
N LEU K 371 -17.68 -53.39 22.18
CA LEU K 371 -17.64 -53.77 23.59
C LEU K 371 -17.92 -55.27 23.70
N THR K 372 -16.96 -56.04 23.17
CA THR K 372 -17.14 -57.48 23.04
C THR K 372 -17.25 -58.20 24.37
N GLU K 373 -16.63 -57.66 25.42
CA GLU K 373 -16.76 -58.09 26.81
C GLU K 373 -16.29 -59.51 27.11
N THR K 374 -15.77 -60.22 26.09
CA THR K 374 -15.05 -61.50 26.10
C THR K 374 -15.45 -62.52 27.17
N TYR K 375 -16.74 -62.80 27.31
CA TYR K 375 -17.12 -63.72 28.38
C TYR K 375 -16.89 -65.17 27.94
N LEU K 376 -17.12 -66.09 28.87
CA LEU K 376 -16.75 -67.49 28.70
C LEU K 376 -17.84 -68.38 29.27
N GLU K 377 -18.51 -69.14 28.42
CA GLU K 377 -19.53 -70.08 28.85
C GLU K 377 -18.85 -71.27 29.51
N ALA K 378 -19.59 -71.98 30.35
CA ALA K 378 -19.03 -73.13 31.04
C ALA K 378 -19.65 -74.43 30.54
N GLN K 379 -18.86 -75.49 30.53
CA GLN K 379 -19.33 -76.81 30.15
C GLN K 379 -19.02 -77.89 31.17
N PHE K 380 -17.85 -77.86 31.80
CA PHE K 380 -17.47 -78.87 32.76
C PHE K 380 -16.36 -78.33 33.64
N VAL K 381 -16.47 -78.57 34.94
CA VAL K 381 -15.48 -78.10 35.90
C VAL K 381 -14.83 -79.31 36.55
N ARG K 382 -13.56 -79.18 36.90
CA ARG K 382 -12.77 -80.24 37.54
C ARG K 382 -12.07 -79.58 38.72
N GLN K 383 -12.50 -79.91 39.92
CA GLN K 383 -12.01 -79.19 41.07
C GLN K 383 -10.66 -79.73 41.52
N HIS K 384 -10.14 -79.11 42.58
CA HIS K 384 -8.95 -79.58 43.27
C HIS K 384 -9.23 -79.54 44.77
N LYS K 385 -8.39 -80.26 45.52
CA LYS K 385 -8.58 -80.52 46.95
C LYS K 385 -9.95 -81.14 47.23
N LYS K 386 -10.15 -82.34 46.69
CA LYS K 386 -11.41 -83.06 46.85
C LYS K 386 -11.56 -83.59 48.28
N PHE L 474 -10.42 40.15 -33.84
CA PHE L 474 -9.02 39.87 -33.55
C PHE L 474 -8.49 40.85 -32.51
N ARG L 475 -7.64 40.38 -31.60
CA ARG L 475 -7.13 41.19 -30.51
C ARG L 475 -5.61 41.16 -30.51
N TYR L 476 -5.03 42.20 -29.91
CA TYR L 476 -3.59 42.23 -29.68
C TYR L 476 -3.30 41.82 -28.24
N MET L 477 -2.27 41.01 -28.05
CA MET L 477 -1.86 40.66 -26.71
C MET L 477 -0.39 41.00 -26.52
N PRO L 478 0.03 41.32 -25.30
CA PRO L 478 1.43 41.66 -25.07
C PRO L 478 2.30 40.41 -25.20
N PHE L 479 3.42 40.58 -25.91
CA PHE L 479 4.27 39.46 -26.27
C PHE L 479 5.63 39.58 -25.60
N SER L 480 6.16 38.46 -25.16
CA SER L 480 7.45 38.35 -24.51
C SER L 480 8.01 36.99 -24.89
N PRO L 481 9.32 36.88 -25.09
CA PRO L 481 9.89 35.67 -25.70
C PRO L 481 9.73 34.44 -24.81
N ALA L 482 8.98 33.47 -25.33
CA ALA L 482 8.72 32.18 -24.70
C ALA L 482 8.04 32.32 -23.35
N GLY L 483 7.01 33.17 -23.29
CA GLY L 483 6.23 33.31 -22.09
C GLY L 483 5.28 32.15 -21.92
N THR L 484 4.55 32.15 -20.83
CA THR L 484 3.55 31.14 -20.61
C THR L 484 2.38 31.71 -19.80
N PRO L 485 1.16 31.24 -20.01
CA PRO L 485 0.03 31.82 -19.29
C PRO L 485 -0.19 31.16 -17.95
N PHE L 486 -1.19 31.67 -17.22
CA PHE L 486 -1.44 31.21 -15.87
C PHE L 486 -2.02 29.81 -15.85
N GLY L 487 -3.11 29.60 -16.58
CA GLY L 487 -3.81 28.33 -16.49
C GLY L 487 -4.72 28.32 -15.27
N PHE L 488 -4.84 27.13 -14.68
CA PHE L 488 -5.54 27.05 -13.40
C PHE L 488 -4.61 27.43 -12.26
N THR L 489 -3.30 27.37 -12.49
CA THR L 489 -2.34 27.73 -11.46
C THR L 489 -2.18 29.23 -11.35
N ASP L 490 -1.20 29.67 -10.57
CA ASP L 490 -1.01 31.08 -10.31
C ASP L 490 0.45 31.51 -10.28
N ARG L 491 1.31 30.86 -11.06
CA ARG L 491 2.66 31.38 -11.24
C ARG L 491 3.17 30.99 -12.61
N ARG L 492 3.71 31.98 -13.31
CA ARG L 492 4.09 31.79 -14.69
C ARG L 492 5.45 32.43 -14.93
N TYR L 493 6.03 32.14 -16.08
CA TYR L 493 7.24 32.79 -16.53
C TYR L 493 6.87 33.99 -17.36
N LEU L 494 7.76 34.97 -17.42
CA LEU L 494 7.49 36.11 -18.28
C LEU L 494 8.40 36.08 -19.49
N THR L 495 9.66 35.74 -19.30
CA THR L 495 10.56 35.54 -20.42
C THR L 495 11.44 34.34 -20.14
N MET L 496 12.08 33.85 -21.19
CA MET L 496 12.95 32.68 -21.06
C MET L 496 13.87 32.66 -22.26
N ASN L 497 15.14 32.99 -22.05
CA ASN L 497 16.07 32.98 -23.17
C ASN L 497 17.40 32.46 -22.66
N GLU L 498 18.46 32.69 -23.43
CA GLU L 498 19.72 32.05 -23.13
C GLU L 498 20.52 32.70 -22.01
N VAL L 499 19.95 33.64 -21.26
CA VAL L 499 20.64 34.17 -20.10
C VAL L 499 19.95 33.78 -18.81
N GLY L 500 18.67 34.07 -18.67
CA GLY L 500 17.98 33.64 -17.47
C GLY L 500 16.51 33.53 -17.74
N TYR L 501 15.77 33.12 -16.73
CA TYR L 501 14.32 33.08 -16.84
C TYR L 501 13.72 33.86 -15.70
N VAL L 502 12.63 34.56 -15.97
CA VAL L 502 11.99 35.45 -15.02
C VAL L 502 10.63 34.87 -14.70
N SER L 503 10.33 34.67 -13.42
CA SER L 503 9.03 34.13 -13.05
C SER L 503 8.28 35.14 -12.20
N THR L 504 6.97 34.99 -12.13
CA THR L 504 6.13 35.84 -11.31
C THR L 504 5.17 34.99 -10.49
N VAL L 505 4.68 35.54 -9.38
CA VAL L 505 3.88 34.80 -8.42
C VAL L 505 2.79 35.71 -7.90
N LYS L 506 1.55 35.22 -7.88
CA LYS L 506 0.41 36.00 -7.44
C LYS L 506 0.29 36.01 -5.91
N ASN L 507 0.25 37.25 -5.46
CA ASN L 507 -0.12 37.70 -4.14
C ASN L 507 -1.37 38.46 -4.65
N SER L 508 -2.52 38.22 -4.05
CA SER L 508 -3.82 38.72 -4.55
C SER L 508 -3.84 40.21 -4.82
N GLU L 509 -3.07 40.93 -4.02
CA GLU L 509 -2.92 42.37 -4.16
C GLU L 509 -1.73 42.72 -5.04
N GLN L 510 -0.65 41.97 -4.93
CA GLN L 510 0.60 42.36 -5.57
C GLN L 510 1.28 41.14 -6.21
N TYR L 511 2.52 41.33 -6.64
CA TYR L 511 3.26 40.28 -7.31
C TYR L 511 4.69 40.28 -6.81
N SER L 512 5.31 39.09 -6.84
CA SER L 512 6.69 38.90 -6.38
C SER L 512 7.49 38.35 -7.56
N ILE L 513 8.37 39.17 -8.12
CA ILE L 513 9.03 38.84 -9.37
C ILE L 513 10.42 38.32 -9.06
N THR L 514 10.78 37.19 -9.65
CA THR L 514 12.10 36.57 -9.49
C THR L 514 12.87 36.70 -10.78
N VAL L 515 14.17 36.95 -10.71
CA VAL L 515 15.02 37.02 -11.88
C VAL L 515 16.16 36.03 -11.68
N SER L 516 16.01 34.81 -12.13
CA SER L 516 17.02 33.78 -11.90
C SER L 516 17.79 33.53 -13.16
N PHE L 517 19.06 33.16 -13.03
CA PHE L 517 19.98 33.15 -14.15
C PHE L 517 20.44 31.73 -14.45
N PHE L 518 20.77 31.48 -15.71
CA PHE L 518 21.40 30.24 -16.11
C PHE L 518 22.89 30.24 -15.91
N ASP L 519 23.55 31.36 -16.17
CA ASP L 519 24.93 31.55 -15.78
C ASP L 519 24.99 31.86 -14.29
N VAL L 520 26.10 31.49 -13.67
CA VAL L 520 26.27 31.69 -12.24
C VAL L 520 27.38 32.68 -11.92
N GLY L 521 28.49 32.63 -12.65
CA GLY L 521 29.71 33.36 -12.31
C GLY L 521 29.59 34.87 -12.24
N ARG L 522 29.26 35.51 -13.36
CA ARG L 522 29.29 36.96 -13.43
C ARG L 522 28.03 37.64 -12.90
N PHE L 523 27.03 36.88 -12.48
CA PHE L 523 25.73 37.44 -12.18
C PHE L 523 25.18 36.90 -10.88
N ARG L 524 24.25 37.63 -10.28
CA ARG L 524 23.54 37.14 -9.12
C ARG L 524 22.06 37.11 -9.41
N GLU L 525 21.27 36.41 -8.61
CA GLU L 525 19.82 36.46 -8.76
C GLU L 525 19.30 37.41 -7.70
N TYR L 526 18.06 37.87 -7.86
CA TYR L 526 17.41 38.61 -6.80
C TYR L 526 15.92 38.40 -6.92
N HIS L 527 15.19 39.15 -6.13
CA HIS L 527 13.73 39.16 -6.18
C HIS L 527 13.27 40.44 -5.51
N PHE L 528 12.12 40.93 -5.93
CA PHE L 528 11.62 42.19 -5.41
C PHE L 528 10.11 42.16 -5.47
N GLU L 529 9.49 43.23 -4.97
CA GLU L 529 8.05 43.27 -4.81
C GLU L 529 7.45 44.25 -5.80
N ASP L 530 6.41 43.82 -6.49
CA ASP L 530 5.73 44.63 -7.48
C ASP L 530 4.54 45.32 -6.83
N LEU L 531 4.27 46.56 -7.24
CA LEU L 531 3.07 47.25 -6.83
C LEU L 531 2.31 47.84 -8.01
N PHE L 532 2.59 47.39 -9.21
CA PHE L 532 1.95 47.92 -10.40
C PHE L 532 1.35 46.86 -11.31
N GLY L 533 1.87 45.64 -11.29
CA GLY L 533 1.33 44.60 -12.15
C GLY L 533 2.04 44.47 -13.48
N TYR L 534 3.36 44.24 -13.47
CA TYR L 534 4.14 44.14 -14.69
C TYR L 534 3.79 42.85 -15.41
N ASP L 535 3.75 42.91 -16.74
CA ASP L 535 3.56 41.72 -17.56
C ASP L 535 4.40 41.73 -18.84
N LEU L 536 5.40 42.59 -18.93
CA LEU L 536 6.28 42.63 -20.07
C LEU L 536 7.72 42.81 -19.59
N CYS L 537 8.62 42.01 -20.13
CA CYS L 537 10.01 42.17 -19.71
C CYS L 537 10.90 41.80 -20.88
N PHE L 538 12.19 42.07 -20.73
CA PHE L 538 13.19 41.66 -21.71
C PHE L 538 14.53 41.59 -21.01
N LEU L 539 14.99 40.39 -20.75
CA LEU L 539 16.14 40.15 -19.90
C LEU L 539 17.36 39.85 -20.78
N ASN L 540 18.42 40.63 -20.59
CA ASN L 540 19.65 40.40 -21.32
C ASN L 540 20.82 40.78 -20.40
N GLU L 541 21.99 40.97 -21.00
CA GLU L 541 23.22 41.08 -20.24
C GLU L 541 23.34 42.40 -19.49
N LYS L 542 22.98 43.51 -20.13
CA LYS L 542 23.25 44.81 -19.52
C LYS L 542 22.20 45.17 -18.49
N GLY L 543 20.92 45.07 -18.85
CA GLY L 543 19.86 45.53 -17.98
C GLY L 543 18.70 44.56 -17.86
N THR L 544 17.54 45.05 -17.42
CA THR L 544 16.32 44.26 -17.38
C THR L 544 15.13 45.20 -17.52
N LEU L 545 14.63 45.37 -18.72
CA LEU L 545 13.61 46.37 -19.01
C LEU L 545 12.23 45.82 -18.75
N PHE L 546 11.53 46.34 -17.75
CA PHE L 546 10.20 45.85 -17.45
C PHE L 546 9.17 46.65 -18.22
N GLY L 547 7.90 46.44 -17.92
CA GLY L 547 6.84 47.15 -18.62
C GLY L 547 5.47 46.94 -18.00
N GLN L 548 4.50 47.72 -18.43
CA GLN L 548 3.12 47.62 -17.95
C GLN L 548 2.19 47.85 -19.14
N SER L 549 1.18 47.01 -19.29
CA SER L 549 0.46 46.92 -20.55
C SER L 549 -0.74 47.86 -20.63
N LYS L 550 -1.12 48.52 -19.56
CA LYS L 550 -2.29 49.41 -19.63
C LYS L 550 -1.95 50.85 -19.28
N THR L 551 -1.23 51.09 -18.19
CA THR L 551 -0.92 52.45 -17.79
C THR L 551 0.23 53.06 -18.56
N GLY L 552 1.02 52.25 -19.25
CA GLY L 552 2.18 52.75 -19.96
C GLY L 552 3.25 53.18 -18.99
N GLN L 553 3.82 52.22 -18.27
CA GLN L 553 4.77 52.48 -17.21
C GLN L 553 5.90 51.47 -17.30
N ILE L 554 7.11 51.96 -17.53
CA ILE L 554 8.27 51.08 -17.65
C ILE L 554 9.23 51.36 -16.50
N GLN L 555 10.22 50.49 -16.35
CA GLN L 555 11.22 50.60 -15.31
C GLN L 555 12.44 49.83 -15.76
N TYR L 556 13.63 50.37 -15.56
CA TYR L 556 14.85 49.80 -16.10
C TYR L 556 15.81 49.55 -14.96
N ARG L 557 16.11 48.27 -14.71
CA ARG L 557 16.91 47.86 -13.55
C ARG L 557 18.22 47.26 -14.01
N PRO L 558 19.31 48.03 -14.04
CA PRO L 558 20.59 47.48 -14.47
C PRO L 558 21.15 46.53 -13.44
N HIS L 559 21.91 45.54 -13.93
CA HIS L 559 22.48 44.51 -13.06
C HIS L 559 23.61 45.08 -12.22
N ASP L 560 24.28 46.10 -12.72
CA ASP L 560 25.34 46.76 -11.98
C ASP L 560 24.75 47.53 -10.81
N SER L 561 25.53 47.62 -9.73
CA SER L 561 25.13 48.38 -8.56
C SER L 561 25.49 49.85 -8.68
N ILE L 562 26.36 50.23 -9.61
CA ILE L 562 26.83 51.61 -9.67
C ILE L 562 25.78 52.50 -10.33
N HIS L 563 25.23 52.06 -11.46
CA HIS L 563 24.27 52.88 -12.17
C HIS L 563 22.88 52.70 -11.58
N SER L 564 22.14 53.79 -11.47
CA SER L 564 20.86 53.77 -10.78
C SER L 564 19.75 53.45 -11.77
N ASN L 565 18.55 53.22 -11.25
CA ASN L 565 17.39 52.93 -12.07
C ASN L 565 16.80 54.22 -12.59
N TRP L 566 15.77 54.09 -13.42
CA TRP L 566 14.91 55.21 -13.77
C TRP L 566 13.55 54.69 -14.20
N THR L 567 12.59 55.60 -14.29
CA THR L 567 11.21 55.28 -14.54
C THR L 567 10.65 56.35 -15.45
N LYS L 568 9.91 55.95 -16.47
CA LYS L 568 9.25 56.91 -17.34
C LYS L 568 7.86 56.41 -17.65
N ILE L 569 6.93 57.32 -17.85
CA ILE L 569 5.55 56.96 -18.15
C ILE L 569 5.26 57.36 -19.59
N ILE L 570 4.80 56.40 -20.38
CA ILE L 570 4.62 56.52 -21.82
C ILE L 570 3.28 57.19 -22.11
N PRO L 571 3.21 58.13 -23.06
CA PRO L 571 1.90 58.67 -23.45
C PRO L 571 1.08 57.63 -24.18
N LEU L 572 -0.19 57.50 -23.78
CA LEU L 572 -1.11 56.57 -24.42
C LEU L 572 -2.40 57.29 -24.77
N GLN L 573 -2.95 56.95 -25.94
CA GLN L 573 -4.25 57.46 -26.32
C GLN L 573 -5.35 56.53 -25.83
N ALA L 574 -6.56 56.76 -26.33
CA ALA L 574 -7.69 55.95 -25.92
C ALA L 574 -7.70 54.60 -26.62
N GLY L 575 -7.81 53.54 -25.84
CA GLY L 575 -7.90 52.20 -26.40
C GLY L 575 -6.61 51.69 -26.98
N GLU L 576 -5.52 51.82 -26.24
CA GLU L 576 -4.18 51.50 -26.74
C GLU L 576 -3.46 50.65 -25.71
N ARG L 577 -2.52 49.83 -26.18
CA ARG L 577 -1.74 48.96 -25.31
C ARG L 577 -0.27 49.13 -25.60
N ILE L 578 0.54 48.32 -24.94
CA ILE L 578 1.96 48.17 -25.27
C ILE L 578 2.14 46.69 -25.60
N THR L 579 2.77 46.41 -26.73
CA THR L 579 2.88 45.02 -27.16
C THR L 579 4.22 44.40 -26.77
N SER L 580 5.33 45.00 -27.15
CA SER L 580 6.62 44.42 -26.78
C SER L 580 7.69 45.49 -26.75
N VAL L 581 8.74 45.20 -25.97
CA VAL L 581 9.80 46.14 -25.63
C VAL L 581 11.14 45.52 -26.02
N ALA L 582 12.21 46.31 -25.93
CA ALA L 582 13.53 45.86 -26.34
C ALA L 582 14.61 46.63 -25.60
N ALA L 583 15.74 45.97 -25.35
CA ALA L 583 16.75 46.50 -24.43
C ALA L 583 18.17 46.36 -24.98
N THR L 584 18.38 46.83 -26.19
CA THR L 584 19.68 47.03 -26.86
C THR L 584 20.64 47.79 -25.94
N PRO L 585 21.95 47.51 -26.01
CA PRO L 585 22.90 48.22 -25.15
C PRO L 585 23.03 49.73 -25.37
N VAL L 586 22.44 50.32 -26.40
CA VAL L 586 22.51 51.77 -26.56
C VAL L 586 21.10 52.36 -26.51
N ARG L 587 20.15 51.73 -27.18
CA ARG L 587 18.81 52.28 -27.29
C ARG L 587 17.86 51.48 -26.41
N VAL L 588 16.66 52.01 -26.23
CA VAL L 588 15.57 51.30 -25.56
C VAL L 588 14.32 51.56 -26.38
N ILE L 589 13.70 50.51 -26.87
CA ILE L 589 12.61 50.62 -27.83
C ILE L 589 11.33 50.16 -27.18
N VAL L 590 10.29 50.99 -27.21
CA VAL L 590 8.97 50.59 -26.79
C VAL L 590 8.06 50.75 -27.98
N GLY L 591 7.48 49.66 -28.47
CA GLY L 591 6.56 49.68 -29.58
C GLY L 591 5.15 49.36 -29.10
N THR L 592 4.22 50.23 -29.43
CA THR L 592 2.84 50.13 -28.97
C THR L 592 1.98 49.50 -30.05
N SER L 593 0.68 49.40 -29.78
CA SER L 593 -0.25 48.72 -30.68
C SER L 593 -1.00 49.67 -31.60
N LEU L 594 -0.48 50.86 -31.85
CA LEU L 594 -1.01 51.70 -32.93
C LEU L 594 0.06 52.02 -33.95
N GLY L 595 1.31 51.74 -33.61
CA GLY L 595 2.36 51.84 -34.59
C GLY L 595 3.50 52.74 -34.17
N TYR L 596 3.39 53.35 -33.00
CA TYR L 596 4.40 54.31 -32.58
C TYR L 596 5.67 53.60 -32.18
N PHE L 597 6.80 54.24 -32.39
CA PHE L 597 8.10 53.62 -32.24
C PHE L 597 8.99 54.56 -31.46
N ARG L 598 8.89 54.51 -30.14
CA ARG L 598 9.56 55.47 -29.29
C ARG L 598 10.93 54.92 -28.91
N SER L 599 11.96 55.75 -29.03
CA SER L 599 13.33 55.31 -28.82
C SER L 599 14.01 56.28 -27.85
N PHE L 600 14.42 55.77 -26.70
CA PHE L 600 15.11 56.52 -25.69
C PHE L 600 16.62 56.31 -25.83
N ASN L 601 17.37 56.73 -24.83
CA ASN L 601 18.74 56.28 -24.65
C ASN L 601 18.78 55.49 -23.36
N GLN L 602 19.97 55.00 -22.97
CA GLN L 602 20.02 54.11 -21.83
C GLN L 602 19.94 54.83 -20.48
N PHE L 603 19.58 56.11 -20.44
CA PHE L 603 19.32 56.80 -19.19
C PHE L 603 17.93 57.42 -19.13
N GLY L 604 17.29 57.67 -20.26
CA GLY L 604 15.93 58.17 -20.25
C GLY L 604 15.71 59.46 -21.00
N VAL L 605 16.55 59.75 -21.98
CA VAL L 605 16.42 60.93 -22.82
C VAL L 605 15.82 60.48 -24.14
N PRO L 606 14.67 61.01 -24.55
CA PRO L 606 14.04 60.52 -25.78
C PRO L 606 14.75 61.03 -27.02
N PHE L 607 14.68 60.23 -28.08
CA PHE L 607 15.37 60.52 -29.34
C PHE L 607 14.43 60.69 -30.51
N ALA L 608 13.40 59.86 -30.63
CA ALA L 608 12.56 59.92 -31.81
C ALA L 608 11.17 59.44 -31.47
N VAL L 609 10.23 59.76 -32.35
CA VAL L 609 8.92 59.11 -32.40
C VAL L 609 8.65 58.85 -33.86
N GLU L 610 8.34 57.60 -34.19
CA GLU L 610 8.15 57.18 -35.57
C GLU L 610 6.86 56.38 -35.67
N LYS L 611 6.18 56.49 -36.80
CA LYS L 611 4.93 55.79 -37.02
C LYS L 611 5.17 54.70 -38.05
N THR L 612 4.93 53.45 -37.68
CA THR L 612 5.02 52.33 -38.60
C THR L 612 3.78 51.48 -38.48
N SER L 613 3.82 50.29 -39.05
CA SER L 613 2.74 49.33 -38.87
C SER L 613 2.73 48.83 -37.43
N PRO L 614 1.61 48.29 -36.94
CA PRO L 614 1.57 47.74 -35.59
C PRO L 614 2.53 46.59 -35.40
N ILE L 615 3.14 46.52 -34.22
CA ILE L 615 4.22 45.60 -33.94
C ILE L 615 3.72 44.55 -32.95
N VAL L 616 4.06 43.29 -33.21
CA VAL L 616 3.57 42.21 -32.36
C VAL L 616 4.72 41.40 -31.76
N ALA L 617 5.97 41.68 -32.13
CA ALA L 617 7.11 41.00 -31.53
C ALA L 617 8.32 41.87 -31.74
N LEU L 618 9.33 41.72 -30.89
CA LEU L 618 10.54 42.52 -30.95
C LEU L 618 11.62 41.85 -30.15
N THR L 619 12.84 41.88 -30.66
CA THR L 619 13.98 41.29 -29.99
C THR L 619 15.26 41.94 -30.51
N ALA L 620 16.37 41.62 -29.87
CA ALA L 620 17.63 42.27 -30.20
C ALA L 620 18.79 41.43 -29.74
N GLN L 621 19.95 41.69 -30.34
CA GLN L 621 21.22 41.16 -29.86
C GLN L 621 22.11 42.39 -29.73
N ASN L 622 23.43 42.21 -29.85
CA ASN L 622 24.52 43.17 -29.57
C ASN L 622 24.21 44.56 -30.14
N TYR L 623 23.85 44.70 -31.40
CA TYR L 623 23.47 46.02 -31.88
C TYR L 623 22.26 45.96 -32.80
N ARG L 624 21.89 44.77 -33.26
CA ARG L 624 20.83 44.70 -34.25
C ARG L 624 19.48 44.40 -33.60
N VAL L 625 18.42 44.70 -34.34
CA VAL L 625 17.06 44.67 -33.85
C VAL L 625 16.19 44.01 -34.92
N PHE L 626 15.42 43.01 -34.51
CA PHE L 626 14.55 42.26 -35.40
C PHE L 626 13.12 42.45 -34.93
N SER L 627 12.18 42.59 -35.84
CA SER L 627 10.81 42.88 -35.46
C SER L 627 9.84 42.28 -36.46
N VAL L 628 8.59 42.14 -36.04
CA VAL L 628 7.55 41.55 -36.87
C VAL L 628 6.36 42.49 -36.86
N HIS L 629 6.13 43.17 -37.98
CA HIS L 629 4.95 44.02 -38.10
C HIS L 629 3.75 43.16 -38.44
N TYR L 630 2.56 43.75 -38.33
CA TYR L 630 1.31 43.07 -38.66
C TYR L 630 0.22 44.12 -38.69
N SER L 631 -0.77 43.96 -39.55
CA SER L 631 -1.99 44.74 -39.46
C SER L 631 -3.17 43.82 -39.72
N GLN L 632 -4.36 44.39 -39.73
CA GLN L 632 -5.52 43.58 -40.07
C GLN L 632 -5.72 43.49 -41.56
N PHE L 633 -4.94 44.23 -42.34
CA PHE L 633 -5.01 44.15 -43.78
C PHE L 633 -3.67 44.11 -44.49
N HIS L 634 -2.57 44.50 -43.84
CA HIS L 634 -1.27 44.44 -44.51
C HIS L 634 -0.74 43.02 -44.61
N GLY L 635 -0.66 42.32 -43.49
CA GLY L 635 -0.10 40.99 -43.47
C GLY L 635 1.28 41.03 -42.86
N LEU L 636 1.78 39.84 -42.52
CA LEU L 636 3.03 39.68 -41.78
C LEU L 636 4.19 40.24 -42.56
N SER L 637 5.10 40.92 -41.88
CA SER L 637 6.26 41.51 -42.53
C SER L 637 7.34 41.71 -41.48
N TYR L 638 8.55 41.25 -41.75
CA TYR L 638 9.63 41.50 -40.83
C TYR L 638 10.33 42.79 -41.20
N SER L 639 11.34 43.16 -40.42
CA SER L 639 12.17 44.32 -40.66
C SER L 639 13.40 44.20 -39.79
N LEU L 640 14.56 44.40 -40.39
CA LEU L 640 15.80 44.01 -39.74
C LEU L 640 16.78 45.15 -39.82
N SER L 641 16.96 45.88 -38.72
CA SER L 641 17.74 47.10 -38.74
C SER L 641 18.91 46.95 -37.78
N GLU L 642 19.73 48.00 -37.70
CA GLU L 642 20.93 47.95 -36.88
C GLU L 642 21.25 49.37 -36.45
N LEU L 643 20.82 49.73 -35.25
CA LEU L 643 21.15 51.02 -34.66
C LEU L 643 22.50 50.91 -33.98
N GLY L 644 23.54 51.38 -34.67
CA GLY L 644 24.88 51.26 -34.12
C GLY L 644 25.22 52.45 -33.25
N THR L 645 26.43 52.98 -33.39
CA THR L 645 26.78 54.21 -32.70
C THR L 645 26.00 55.39 -33.26
N SER L 646 26.19 55.69 -34.53
CA SER L 646 25.32 56.64 -35.22
C SER L 646 24.80 56.07 -36.53
N SER L 647 25.34 54.95 -37.01
CA SER L 647 24.90 54.34 -38.25
C SER L 647 23.55 53.66 -38.05
N LYS L 648 22.61 54.01 -38.95
CA LYS L 648 21.28 53.40 -38.89
C LYS L 648 21.00 52.63 -40.17
N ARG L 649 21.93 51.80 -40.62
CA ARG L 649 21.76 51.10 -41.88
C ARG L 649 20.66 50.06 -41.75
N TYR L 650 19.52 50.33 -42.37
CA TYR L 650 18.49 49.32 -42.54
C TYR L 650 19.00 48.24 -43.49
N TYR L 651 18.46 47.04 -43.33
CA TYR L 651 18.72 45.98 -44.29
C TYR L 651 17.49 45.58 -45.07
N LYS L 652 16.43 45.17 -44.37
CA LYS L 652 15.16 44.87 -45.00
C LYS L 652 14.13 45.74 -44.30
N ARG L 653 13.39 46.52 -45.06
CA ARG L 653 12.31 47.33 -44.49
C ARG L 653 11.00 46.80 -45.05
N GLU L 654 10.27 46.05 -44.22
CA GLU L 654 8.94 45.53 -44.49
C GLU L 654 8.87 44.65 -45.73
N CYS L 655 9.64 43.58 -45.77
CA CYS L 655 9.47 42.55 -46.77
C CYS L 655 8.59 41.45 -46.22
N PRO L 656 7.87 40.70 -47.06
CA PRO L 656 6.96 39.69 -46.52
C PRO L 656 7.69 38.47 -46.02
N LEU L 657 6.99 37.70 -45.19
CA LEU L 657 7.61 36.66 -44.38
C LEU L 657 6.84 35.36 -44.52
N PRO L 658 7.52 34.26 -44.76
CA PRO L 658 6.82 32.98 -44.96
C PRO L 658 6.47 32.23 -43.69
N MET L 659 5.32 32.49 -43.08
CA MET L 659 4.93 31.72 -41.92
C MET L 659 3.43 31.53 -41.88
N SER L 660 2.97 30.45 -41.24
CA SER L 660 1.54 30.19 -41.21
C SER L 660 0.90 30.40 -39.85
N LEU L 661 -0.02 31.34 -39.80
CA LEU L 661 -0.75 31.64 -38.59
C LEU L 661 -1.83 30.59 -38.41
N PRO L 662 -2.23 30.33 -37.16
CA PRO L 662 -3.31 29.38 -36.90
C PRO L 662 -4.64 29.87 -37.47
N ASN L 663 -5.66 29.03 -37.34
CA ASN L 663 -7.00 29.33 -37.86
C ASN L 663 -7.97 29.72 -36.76
N ASP L 671 -10.52 20.68 -27.11
CA ASP L 671 -9.09 20.89 -27.07
C ASP L 671 -8.63 21.19 -25.65
N ALA L 672 -7.43 20.73 -25.30
CA ALA L 672 -6.81 21.10 -24.04
C ALA L 672 -6.03 22.41 -24.14
N ASN L 673 -5.55 22.76 -25.33
CA ASN L 673 -4.74 23.95 -25.53
C ASN L 673 -5.55 25.13 -26.05
N LEU L 674 -6.80 25.25 -25.61
CA LEU L 674 -7.54 26.47 -25.93
C LEU L 674 -7.17 27.59 -24.99
N ASP L 675 -6.60 27.26 -23.82
CA ASP L 675 -6.04 28.29 -22.96
C ASP L 675 -4.80 28.94 -23.55
N TYR L 676 -4.12 28.26 -24.46
CA TYR L 676 -2.94 28.88 -25.05
C TYR L 676 -3.32 29.91 -26.10
N TYR L 677 -4.26 29.58 -27.00
CA TYR L 677 -4.53 30.46 -28.12
C TYR L 677 -5.29 31.72 -27.72
N ASN L 678 -5.89 31.75 -26.53
CA ASN L 678 -6.38 33.02 -26.02
C ASN L 678 -5.23 33.91 -25.58
N PHE L 679 -4.14 33.30 -25.11
CA PHE L 679 -3.01 34.08 -24.63
C PHE L 679 -2.17 34.65 -25.74
N ASN L 680 -1.78 33.85 -26.72
CA ASN L 680 -0.99 34.33 -27.84
C ASN L 680 -1.70 33.95 -29.12
N PRO L 681 -2.41 34.89 -29.74
CA PRO L 681 -3.12 34.57 -30.98
C PRO L 681 -2.23 34.50 -32.18
N MET L 682 -1.13 35.26 -32.18
CA MET L 682 -0.23 35.32 -33.33
C MET L 682 0.45 33.99 -33.61
N GLY L 683 0.66 33.16 -32.60
CA GLY L 683 1.20 31.84 -32.82
C GLY L 683 2.70 31.76 -32.81
N ILE L 684 3.42 32.87 -32.81
CA ILE L 684 4.86 32.83 -32.66
C ILE L 684 5.18 32.43 -31.23
N LYS L 685 5.86 31.31 -31.07
CA LYS L 685 6.25 30.90 -29.72
C LYS L 685 7.37 31.78 -29.22
N SER L 686 8.53 31.74 -29.88
CA SER L 686 9.69 32.44 -29.35
C SER L 686 10.68 32.70 -30.47
N LEU L 687 10.80 33.95 -30.87
CA LEU L 687 11.80 34.31 -31.84
C LEU L 687 13.05 34.76 -31.12
N PHE L 688 14.19 34.57 -31.75
CA PHE L 688 15.46 34.85 -31.10
C PHE L 688 16.51 35.07 -32.15
N PHE L 689 17.77 35.00 -31.72
CA PHE L 689 18.91 35.08 -32.61
C PHE L 689 19.78 33.85 -32.40
N SER L 690 20.72 33.66 -33.30
CA SER L 690 21.69 32.59 -33.13
C SER L 690 22.85 33.09 -32.28
N SER L 691 23.83 32.22 -32.08
CA SER L 691 25.06 32.67 -31.44
C SER L 691 26.04 33.24 -32.44
N TYR L 692 25.72 33.18 -33.73
CA TYR L 692 26.58 33.73 -34.76
C TYR L 692 25.99 34.94 -35.46
N GLY L 693 24.74 35.28 -35.16
CA GLY L 693 24.15 36.45 -35.76
C GLY L 693 23.23 36.12 -36.91
N ASP L 694 22.39 35.10 -36.74
CA ASP L 694 21.45 34.72 -37.78
C ASP L 694 20.05 34.63 -37.18
N PRO L 695 19.08 35.35 -37.73
CA PRO L 695 17.74 35.35 -37.15
C PRO L 695 17.06 34.01 -37.30
N CYS L 696 16.27 33.65 -36.31
CA CYS L 696 15.46 32.45 -36.35
C CYS L 696 14.07 32.83 -35.89
N ILE L 697 13.12 31.91 -36.08
CA ILE L 697 11.76 32.10 -35.60
C ILE L 697 11.10 30.74 -35.51
N PHE L 698 10.47 30.45 -34.39
CA PHE L 698 9.89 29.13 -34.17
C PHE L 698 8.38 29.31 -34.26
N GLY L 699 7.83 29.01 -35.42
CA GLY L 699 6.43 29.20 -35.70
C GLY L 699 5.53 28.23 -34.95
N SER L 700 4.23 28.34 -35.21
CA SER L 700 3.31 27.37 -34.63
C SER L 700 3.10 26.16 -35.51
N ASP L 701 3.83 26.08 -36.62
CA ASP L 701 3.92 24.87 -37.43
C ASP L 701 4.93 23.87 -36.84
N ASN L 702 5.62 24.28 -35.76
CA ASN L 702 6.74 23.55 -35.16
C ASN L 702 7.84 23.29 -36.18
N THR L 703 8.30 24.34 -36.82
CA THR L 703 9.32 24.21 -37.85
C THR L 703 10.24 25.42 -37.75
N LEU L 704 11.43 25.21 -37.20
CA LEU L 704 12.36 26.29 -36.96
C LEU L 704 12.95 26.77 -38.28
N LEU L 705 12.68 28.01 -38.65
CA LEU L 705 13.24 28.59 -39.85
C LEU L 705 14.61 29.14 -39.53
N LEU L 706 15.21 29.84 -40.50
CA LEU L 706 16.49 30.50 -40.35
C LEU L 706 16.67 31.39 -41.56
N LEU L 707 17.41 32.48 -41.40
CA LEU L 707 17.63 33.41 -42.50
C LEU L 707 19.10 33.34 -42.92
N SER L 708 19.34 33.29 -44.21
CA SER L 708 20.71 33.22 -44.72
C SER L 708 20.99 34.40 -45.63
N LYS L 709 22.27 34.78 -45.69
CA LYS L 709 22.78 35.82 -46.60
C LYS L 709 22.09 37.16 -46.37
N TRP L 710 21.84 37.48 -45.10
CA TRP L 710 21.07 38.68 -44.81
C TRP L 710 21.91 39.94 -44.90
N ARG L 711 23.23 39.82 -45.04
CA ARG L 711 24.03 41.01 -45.34
C ARG L 711 23.86 41.45 -46.78
N SER L 712 23.37 40.57 -47.65
CA SER L 712 23.14 40.91 -49.05
C SER L 712 21.70 41.35 -49.21
N PRO L 713 21.41 42.31 -50.09
CA PRO L 713 20.03 42.80 -50.19
C PRO L 713 19.12 41.88 -50.97
N GLU L 714 19.66 41.09 -51.88
CA GLU L 714 18.85 40.34 -52.83
C GLU L 714 19.11 38.85 -52.84
N GLU L 715 19.58 38.27 -51.73
CA GLU L 715 19.88 36.85 -51.68
C GLU L 715 19.33 36.16 -50.45
N SER L 716 18.43 36.79 -49.71
CA SER L 716 17.92 36.23 -48.47
C SER L 716 16.99 35.07 -48.77
N LYS L 717 17.26 33.92 -48.17
CA LYS L 717 16.39 32.77 -48.29
C LYS L 717 16.06 32.26 -46.90
N TRP L 718 14.88 31.67 -46.76
CA TRP L 718 14.44 31.13 -45.48
C TRP L 718 14.57 29.62 -45.52
N LEU L 719 15.67 29.11 -44.97
CA LEU L 719 15.97 27.67 -45.00
C LEU L 719 15.34 26.99 -43.81
N PRO L 720 14.34 26.13 -43.95
CA PRO L 720 13.88 25.36 -42.80
C PRO L 720 14.88 24.27 -42.49
N ILE L 721 15.12 24.04 -41.20
CA ILE L 721 16.16 23.10 -40.80
C ILE L 721 15.70 22.10 -39.75
N LEU L 722 14.44 22.11 -39.33
CA LEU L 722 14.01 21.19 -38.29
C LEU L 722 12.51 21.04 -38.34
N ASP L 723 12.03 19.81 -38.18
CA ASP L 723 10.61 19.56 -38.02
C ASP L 723 10.41 18.85 -36.68
N SER L 724 9.71 19.50 -35.77
CA SER L 724 9.37 18.85 -34.51
C SER L 724 8.24 17.86 -34.64
N ASN L 725 7.59 17.78 -35.80
CA ASN L 725 6.63 16.71 -36.03
C ASN L 725 7.31 15.45 -36.53
N MET L 726 8.60 15.52 -36.85
CA MET L 726 9.34 14.41 -37.40
C MET L 726 10.34 13.80 -36.42
N GLU L 727 11.04 14.62 -35.63
CA GLU L 727 11.99 14.09 -34.66
C GLU L 727 11.28 13.34 -33.53
N ILE L 728 10.04 13.73 -33.24
CA ILE L 728 9.27 13.00 -32.24
C ILE L 728 8.79 11.67 -32.81
N TRP L 729 8.41 11.66 -34.09
CA TRP L 729 7.89 10.45 -34.70
C TRP L 729 8.96 9.39 -34.87
N LYS L 730 10.22 9.80 -35.05
CA LYS L 730 11.30 8.83 -35.03
C LYS L 730 11.52 8.25 -33.65
N MET L 731 11.54 9.12 -32.63
CA MET L 731 11.90 8.66 -31.29
C MET L 731 10.77 7.91 -30.60
N SER L 732 9.55 7.99 -31.10
CA SER L 732 8.46 7.22 -30.52
C SER L 732 8.29 5.87 -31.20
N GLY L 733 9.26 5.43 -31.99
CA GLY L 733 9.21 4.13 -32.60
C GLY L 733 8.30 4.02 -33.80
N GLY L 734 8.18 5.08 -34.60
CA GLY L 734 7.31 5.04 -35.76
C GLY L 734 5.86 5.06 -35.33
N LYS L 735 5.47 6.08 -34.60
CA LYS L 735 4.14 6.11 -34.00
C LYS L 735 3.71 7.56 -33.80
N GLU L 736 2.43 7.82 -33.99
CA GLU L 736 1.84 9.09 -33.59
C GLU L 736 1.64 9.09 -32.08
N THR L 737 2.14 10.13 -31.41
CA THR L 737 1.92 10.30 -29.99
C THR L 737 1.63 11.76 -29.67
N THR L 738 0.86 11.98 -28.61
CA THR L 738 0.43 13.30 -28.20
C THR L 738 0.89 13.61 -26.78
N ASP L 739 2.15 13.31 -26.48
CA ASP L 739 2.67 13.51 -25.14
C ASP L 739 3.95 14.34 -25.13
N ILE L 740 4.82 14.22 -26.12
CA ILE L 740 6.07 14.97 -26.15
C ILE L 740 5.87 16.17 -27.05
N HIS L 741 6.34 17.33 -26.59
CA HIS L 741 6.33 18.55 -27.38
C HIS L 741 7.71 19.18 -27.37
N VAL L 742 7.79 20.38 -27.93
CA VAL L 742 9.06 21.07 -28.13
C VAL L 742 8.87 22.51 -27.71
N TRP L 743 9.77 23.00 -26.88
CA TRP L 743 9.78 24.40 -26.46
C TRP L 743 11.22 24.85 -26.59
N PRO L 744 11.50 25.84 -27.41
CA PRO L 744 12.90 26.20 -27.67
C PRO L 744 13.38 27.32 -26.78
N LEU L 745 14.69 27.34 -26.56
CA LEU L 745 15.31 28.42 -25.81
C LEU L 745 16.25 29.21 -26.70
N ALA L 746 17.22 28.55 -27.29
CA ALA L 746 18.25 29.23 -28.06
C ALA L 746 18.84 28.27 -29.08
N LEU L 747 19.78 28.79 -29.86
CA LEU L 747 20.45 28.00 -30.87
C LEU L 747 21.94 28.08 -30.66
N ALA L 748 22.64 27.02 -31.04
CA ALA L 748 24.09 26.93 -30.97
C ALA L 748 24.60 26.78 -32.39
N TYR L 749 25.87 26.40 -32.52
CA TYR L 749 26.52 26.06 -33.79
C TYR L 749 25.69 25.12 -34.66
N ASP L 750 25.30 23.97 -34.15
CA ASP L 750 24.39 23.11 -34.89
C ASP L 750 23.35 22.40 -34.02
N THR L 751 23.24 22.77 -32.76
CA THR L 751 22.32 22.09 -31.85
C THR L 751 21.29 23.08 -31.34
N LEU L 752 20.12 22.56 -31.01
CA LEU L 752 19.02 23.34 -30.44
C LEU L 752 18.75 22.86 -29.03
N ASN L 753 18.77 23.78 -28.08
CA ASN L 753 18.48 23.47 -26.68
C ASN L 753 16.98 23.55 -26.46
N CYS L 754 16.41 22.53 -25.88
CA CYS L 754 14.97 22.35 -25.86
C CYS L 754 14.48 21.95 -24.49
N ILE L 755 13.30 22.41 -24.12
CA ILE L 755 12.64 21.96 -22.91
C ILE L 755 11.58 20.95 -23.29
N LEU L 756 11.93 19.67 -23.27
CA LEU L 756 10.98 18.66 -23.71
C LEU L 756 9.86 18.49 -22.71
N VAL L 757 8.80 19.25 -22.88
CA VAL L 757 7.67 19.21 -21.95
C VAL L 757 6.84 17.97 -22.27
N LYS L 758 6.44 17.24 -21.24
CA LYS L 758 5.72 15.98 -21.40
C LYS L 758 4.38 16.11 -20.70
N GLY L 759 3.31 16.06 -21.48
CA GLY L 759 1.97 16.17 -20.92
C GLY L 759 1.02 16.72 -21.97
N LYS L 760 -0.18 17.03 -21.51
CA LYS L 760 -1.14 17.71 -22.39
C LYS L 760 -0.75 19.16 -22.59
N HIS L 761 -0.57 19.88 -21.49
CA HIS L 761 -0.22 21.28 -21.52
C HIS L 761 1.18 21.47 -22.09
N ILE L 762 1.25 22.21 -23.19
CA ILE L 762 2.50 22.30 -23.94
C ILE L 762 3.41 23.40 -23.44
N TRP L 763 3.10 24.02 -22.33
CA TRP L 763 4.09 24.89 -21.73
C TRP L 763 4.80 24.15 -20.61
N PRO L 764 6.04 24.50 -20.29
CA PRO L 764 6.68 23.93 -19.11
C PRO L 764 6.06 24.50 -17.84
N GLU L 765 6.25 23.78 -16.74
CA GLU L 765 5.72 24.17 -15.46
C GLU L 765 6.86 24.35 -14.45
N PHE L 766 6.51 24.68 -13.22
CA PHE L 766 7.56 24.93 -12.25
C PHE L 766 7.86 23.66 -11.46
N PRO L 767 9.14 23.31 -11.22
CA PRO L 767 10.35 24.02 -11.62
C PRO L 767 10.76 23.70 -13.05
N LEU L 768 11.63 24.54 -13.59
CA LEU L 768 12.00 24.40 -14.99
C LEU L 768 12.98 23.25 -15.15
N PRO L 769 12.66 22.25 -15.97
CA PRO L 769 13.54 21.08 -16.12
C PRO L 769 14.83 21.44 -16.83
N LEU L 770 15.70 20.45 -16.94
CA LEU L 770 16.98 20.68 -17.57
C LEU L 770 16.81 20.81 -19.06
N PRO L 771 17.43 21.79 -19.68
CA PRO L 771 17.40 21.89 -21.14
C PRO L 771 18.18 20.79 -21.83
N SER L 772 17.47 19.88 -22.50
CA SER L 772 18.07 18.87 -23.34
C SER L 772 18.61 19.48 -24.63
N GLU L 773 19.14 18.63 -25.50
CA GLU L 773 19.52 19.06 -26.83
C GLU L 773 18.78 18.26 -27.89
N MET L 774 18.99 18.67 -29.15
CA MET L 774 18.42 18.00 -30.31
C MET L 774 19.21 18.48 -31.52
N GLU L 775 19.47 17.58 -32.47
CA GLU L 775 20.25 17.96 -33.63
C GLU L 775 19.35 18.48 -34.75
N ILE L 776 19.97 19.09 -35.74
CA ILE L 776 19.22 19.59 -36.88
C ILE L 776 19.36 18.63 -38.05
N ARG L 777 18.25 18.40 -38.74
CA ARG L 777 18.20 17.56 -39.91
C ARG L 777 17.37 18.26 -40.97
N MET L 778 17.86 18.29 -42.19
CA MET L 778 17.07 18.87 -43.27
C MET L 778 15.90 17.96 -43.60
N PRO L 779 14.73 18.50 -43.89
CA PRO L 779 13.54 17.65 -44.02
C PRO L 779 13.43 16.96 -45.37
N VAL L 780 14.12 15.83 -45.53
CA VAL L 780 14.10 15.06 -46.78
C VAL L 780 13.61 13.64 -46.59
N PHE L 781 13.12 13.29 -45.41
CA PHE L 781 12.67 11.93 -45.17
C PHE L 781 11.23 11.78 -45.60
N VAL L 782 10.77 10.53 -45.70
CA VAL L 782 9.39 10.22 -46.05
C VAL L 782 8.77 9.46 -44.89
N LYS L 783 7.56 9.85 -44.49
CA LYS L 783 6.86 9.14 -43.43
C LYS L 783 6.44 7.73 -43.86
N SER L 784 6.23 7.51 -45.15
CA SER L 784 5.80 6.21 -45.60
C SER L 784 6.97 5.31 -46.00
N LYS L 785 8.00 5.85 -46.65
CA LYS L 785 9.04 5.00 -47.20
C LYS L 785 10.03 4.49 -46.17
N LEU L 786 9.94 4.96 -44.92
CA LEU L 786 10.70 4.32 -43.85
C LEU L 786 9.97 3.12 -43.29
N LEU L 787 8.64 3.15 -43.23
CA LEU L 787 7.86 2.07 -42.66
C LEU L 787 7.92 0.80 -43.50
N GLU L 788 8.11 0.92 -44.82
CA GLU L 788 8.27 -0.26 -45.64
C GLU L 788 9.66 -0.88 -45.53
N GLU L 789 10.59 -0.21 -44.84
CA GLU L 789 11.89 -0.82 -44.59
C GLU L 789 11.88 -1.64 -43.31
N ASN L 790 10.73 -1.75 -42.64
CA ASN L 790 10.61 -2.57 -41.45
C ASN L 790 9.60 -3.69 -41.69
N GLU L 814 12.55 2.12 -32.00
CA GLU L 814 13.32 3.15 -32.70
C GLU L 814 13.37 2.86 -34.20
N ILE L 815 13.74 3.88 -34.98
CA ILE L 815 13.63 3.79 -36.44
C ILE L 815 15.02 3.76 -37.06
N GLN L 816 15.28 2.74 -37.87
CA GLN L 816 16.55 2.60 -38.56
C GLN L 816 16.42 3.03 -40.02
N ILE L 817 17.36 3.83 -40.49
CA ILE L 817 17.34 4.38 -41.85
C ILE L 817 18.35 3.62 -42.69
N PRO L 818 18.00 3.23 -43.93
CA PRO L 818 19.02 2.69 -44.84
C PRO L 818 20.00 3.77 -45.29
N VAL L 819 21.22 3.36 -45.66
CA VAL L 819 22.26 4.32 -45.99
C VAL L 819 21.96 4.99 -47.33
N SER L 820 21.21 4.30 -48.20
CA SER L 820 20.86 4.85 -49.50
C SER L 820 19.87 6.01 -49.39
N MET L 821 19.23 6.18 -48.24
CA MET L 821 18.45 7.38 -47.99
C MET L 821 19.14 8.36 -47.05
N ALA L 822 20.02 7.88 -46.18
CA ALA L 822 20.70 8.79 -45.27
C ALA L 822 21.83 9.56 -45.93
N ALA L 823 22.25 9.15 -47.12
CA ALA L 823 23.38 9.80 -47.77
C ALA L 823 23.04 11.17 -48.30
N GLU L 824 21.82 11.37 -48.78
CA GLU L 824 21.44 12.63 -49.41
C GLU L 824 21.23 13.74 -48.38
N GLU L 825 20.86 13.37 -47.15
CA GLU L 825 20.61 14.38 -46.11
C GLU L 825 21.90 15.03 -45.64
N GLU L 826 22.97 14.25 -45.46
CA GLU L 826 24.24 14.83 -45.07
C GLU L 826 24.87 15.61 -46.20
N TYR L 827 24.43 15.38 -47.43
CA TYR L 827 24.88 16.20 -48.54
C TYR L 827 24.35 17.62 -48.43
N LEU L 828 23.06 17.77 -48.10
CA LEU L 828 22.49 19.10 -47.93
C LEU L 828 22.99 19.80 -46.69
N ARG L 829 23.14 19.08 -45.59
CA ARG L 829 23.36 19.70 -44.30
C ARG L 829 24.74 20.32 -44.18
N SER L 830 25.77 19.69 -44.72
CA SER L 830 27.07 20.34 -44.75
C SER L 830 27.16 21.37 -45.86
N LYS L 831 26.28 21.31 -46.84
CA LYS L 831 26.23 22.34 -47.88
C LYS L 831 25.66 23.64 -47.34
N VAL L 832 24.64 23.54 -46.50
CA VAL L 832 23.99 24.72 -45.94
C VAL L 832 24.85 25.34 -44.86
N LEU L 833 25.46 24.52 -44.01
CA LEU L 833 26.21 25.03 -42.86
C LEU L 833 27.48 25.75 -43.29
N SER L 834 27.99 25.45 -44.49
CA SER L 834 29.17 26.14 -44.96
C SER L 834 28.87 27.59 -45.33
N GLU L 835 27.69 27.86 -45.87
CA GLU L 835 27.39 29.20 -46.34
C GLU L 835 27.12 30.16 -45.18
N LEU L 836 26.73 29.63 -44.03
CA LEU L 836 26.61 30.45 -42.83
C LEU L 836 27.95 30.63 -42.13
N LEU L 837 28.93 29.81 -42.45
CA LEU L 837 30.22 29.92 -41.79
C LEU L 837 31.25 30.63 -42.65
N THR L 838 31.13 30.52 -43.98
CA THR L 838 32.17 31.09 -44.84
C THR L 838 32.01 32.60 -44.99
N ASP L 839 30.85 33.13 -44.63
CA ASP L 839 30.64 34.57 -44.72
C ASP L 839 30.84 35.27 -43.38
N THR L 840 30.59 34.57 -42.28
CA THR L 840 30.74 35.17 -40.96
C THR L 840 32.19 35.52 -40.68
N LEU L 841 33.11 34.71 -41.20
CA LEU L 841 34.52 35.06 -41.12
C LEU L 841 34.86 36.21 -42.05
N GLU L 842 34.35 36.18 -43.26
CA GLU L 842 34.74 37.12 -44.30
C GLU L 842 34.24 38.54 -44.05
N ASN L 843 33.07 38.68 -43.42
CA ASN L 843 32.48 40.01 -43.23
C ASN L 843 32.86 40.61 -41.88
N ASP L 844 32.55 39.89 -40.79
CA ASP L 844 32.86 40.43 -39.48
C ASP L 844 34.05 39.73 -38.85
N GLY L 845 34.09 38.40 -38.94
CA GLY L 845 35.19 37.65 -38.38
C GLY L 845 34.72 36.66 -37.33
N GLU L 846 35.70 35.99 -36.74
CA GLU L 846 35.46 34.94 -35.76
C GLU L 846 35.62 35.48 -34.36
N MET L 847 34.84 34.93 -33.42
CA MET L 847 34.85 35.43 -32.05
C MET L 847 35.79 34.63 -31.17
N TYR L 848 35.73 33.30 -31.29
CA TYR L 848 36.41 32.45 -30.31
C TYR L 848 37.82 32.11 -30.77
N GLY L 849 38.01 31.93 -32.07
CA GLY L 849 39.28 31.56 -32.63
C GLY L 849 39.34 30.19 -33.24
N ASN L 850 38.47 29.27 -32.84
CA ASN L 850 38.55 27.91 -33.36
C ASN L 850 37.68 27.71 -34.59
N GLU L 851 37.29 28.81 -35.24
CA GLU L 851 36.31 28.74 -36.33
C GLU L 851 36.89 28.15 -37.60
N ASN L 852 38.21 28.11 -37.73
CA ASN L 852 38.81 27.60 -38.96
C ASN L 852 38.80 26.08 -39.03
N GLU L 853 39.04 25.40 -37.90
CA GLU L 853 39.17 23.95 -37.95
C GLU L 853 37.83 23.26 -38.09
N VAL L 854 36.76 23.83 -37.53
CA VAL L 854 35.43 23.28 -37.73
C VAL L 854 34.97 23.51 -39.15
N LEU L 855 35.44 24.59 -39.77
CA LEU L 855 35.23 24.80 -41.20
C LEU L 855 35.93 23.73 -42.02
N ALA L 856 37.15 23.36 -41.62
CA ALA L 856 37.91 22.36 -42.36
C ALA L 856 37.29 20.98 -42.24
N ALA L 857 36.85 20.60 -41.04
CA ALA L 857 36.25 19.30 -40.85
C ALA L 857 34.84 19.22 -41.41
N LEU L 858 34.23 20.38 -41.69
CA LEU L 858 32.91 20.36 -42.31
C LEU L 858 33.00 20.07 -43.80
N ASN L 859 34.09 20.49 -44.44
CA ASN L 859 34.32 20.10 -45.82
C ASN L 859 34.61 18.62 -45.94
N GLY L 860 35.25 18.03 -44.92
CA GLY L 860 35.54 16.61 -44.95
C GLY L 860 34.30 15.75 -44.81
N ALA L 861 33.25 16.30 -44.22
CA ALA L 861 31.98 15.60 -44.23
C ALA L 861 31.21 15.83 -45.52
N TYR L 862 31.62 16.82 -46.30
CA TYR L 862 30.88 17.18 -47.50
C TYR L 862 31.22 16.25 -48.65
N ASP L 863 32.52 16.04 -48.90
CA ASP L 863 32.92 15.16 -49.99
C ASP L 863 32.70 13.71 -49.66
N LYS L 864 32.85 13.34 -48.38
CA LYS L 864 32.70 11.94 -47.97
C LYS L 864 31.26 11.48 -48.11
N ALA L 865 30.31 12.35 -47.77
CA ALA L 865 28.91 11.97 -47.85
C ALA L 865 28.41 11.92 -49.29
N LEU L 866 29.15 12.54 -50.21
CA LEU L 866 28.79 12.44 -51.61
C LEU L 866 29.19 11.08 -52.19
N LEU L 867 30.24 10.47 -51.63
CA LEU L 867 30.77 9.25 -52.22
C LEU L 867 29.96 8.02 -51.85
N ARG L 868 29.04 8.12 -50.89
CA ARG L 868 28.10 7.04 -50.69
C ARG L 868 27.05 7.04 -51.79
N LEU L 869 26.79 8.22 -52.35
CA LEU L 869 25.86 8.35 -53.47
C LEU L 869 26.52 8.15 -54.82
N PHE L 870 27.78 8.56 -54.96
CA PHE L 870 28.47 8.46 -56.24
C PHE L 870 28.73 7.02 -56.61
N ALA L 871 28.99 6.17 -55.63
CA ALA L 871 29.16 4.75 -55.87
C ALA L 871 27.86 4.07 -56.25
N SER L 872 26.72 4.52 -55.73
CA SER L 872 25.45 3.91 -56.09
C SER L 872 25.03 4.32 -57.49
N ALA L 873 25.56 5.45 -57.99
CA ALA L 873 25.26 5.86 -59.36
C ALA L 873 26.00 5.02 -60.38
N CYS L 874 27.18 4.51 -60.01
CA CYS L 874 27.89 3.60 -60.90
C CYS L 874 27.36 2.17 -60.78
N SER L 875 26.70 1.86 -59.67
CA SER L 875 26.19 0.50 -59.46
C SER L 875 25.06 0.13 -60.41
N ASP L 876 24.27 1.12 -60.85
CA ASP L 876 23.16 0.85 -61.74
C ASP L 876 23.44 1.23 -63.18
N GLN L 877 24.72 1.29 -63.58
CA GLN L 877 25.18 1.54 -64.95
C GLN L 877 24.65 2.88 -65.47
N ASN L 878 25.11 3.94 -64.83
CA ASN L 878 24.71 5.29 -65.20
C ASN L 878 25.97 6.15 -65.22
N VAL L 879 26.29 6.68 -66.40
CA VAL L 879 27.50 7.48 -66.52
C VAL L 879 27.20 8.97 -66.43
N GLU L 880 26.02 9.41 -66.88
CA GLU L 880 25.74 10.83 -66.91
C GLU L 880 25.37 11.35 -65.53
N LYS L 881 24.67 10.55 -64.72
CA LYS L 881 24.31 10.97 -63.38
C LYS L 881 25.54 11.05 -62.49
N ALA L 882 26.44 10.08 -62.62
CA ALA L 882 27.68 10.09 -61.86
C ALA L 882 28.70 11.08 -62.41
N LEU L 883 28.49 11.61 -63.61
CA LEU L 883 29.44 12.59 -64.13
C LEU L 883 29.27 13.93 -63.43
N SER L 884 28.04 14.45 -63.37
CA SER L 884 27.80 15.80 -62.88
C SER L 884 28.12 15.96 -61.40
N LEU L 885 28.11 14.86 -60.64
CA LEU L 885 28.43 14.90 -59.22
C LEU L 885 29.89 15.24 -58.96
N ALA L 886 30.77 15.07 -59.93
CA ALA L 886 32.18 15.34 -59.74
C ALA L 886 32.58 16.77 -60.10
N HIS L 887 31.62 17.69 -60.15
CA HIS L 887 31.92 19.09 -60.38
C HIS L 887 31.78 19.93 -59.12
N GLU L 888 31.48 19.30 -57.99
CA GLU L 888 31.18 20.03 -56.77
C GLU L 888 32.22 19.81 -55.70
N LEU L 889 33.10 18.82 -55.88
CA LEU L 889 34.11 18.50 -54.88
C LEU L 889 35.20 19.55 -54.93
N LYS L 890 35.09 20.55 -54.04
CA LYS L 890 36.15 21.55 -53.94
C LYS L 890 37.39 20.97 -53.29
N GLN L 891 37.26 19.88 -52.54
CA GLN L 891 38.43 19.13 -52.11
C GLN L 891 39.01 18.36 -53.29
N ASP L 892 40.30 18.60 -53.56
CA ASP L 892 40.94 18.02 -54.73
C ASP L 892 41.50 16.64 -54.47
N ARG L 893 41.76 16.30 -53.21
CA ARG L 893 42.29 14.98 -52.88
C ARG L 893 41.25 13.87 -52.97
N ALA L 894 39.97 14.22 -53.09
CA ALA L 894 38.94 13.21 -53.31
C ALA L 894 38.64 13.02 -54.79
N LEU L 895 39.18 13.88 -55.65
CA LEU L 895 39.01 13.72 -57.09
C LEU L 895 39.72 12.48 -57.62
N THR L 896 40.99 12.27 -57.26
CA THR L 896 41.68 11.07 -57.67
C THR L 896 41.19 9.86 -56.88
N ALA L 897 40.53 10.10 -55.75
CA ALA L 897 39.91 9.01 -55.00
C ALA L 897 38.69 8.46 -55.73
N ALA L 898 38.01 9.29 -56.53
CA ALA L 898 36.86 8.81 -57.28
C ALA L 898 37.26 7.96 -58.47
N VAL L 899 38.47 8.16 -59.00
CA VAL L 899 38.94 7.42 -60.16
C VAL L 899 39.10 5.94 -59.84
N LYS L 900 39.55 5.63 -58.63
CA LYS L 900 39.68 4.25 -58.21
C LYS L 900 38.33 3.60 -57.92
N ILE L 901 37.27 4.39 -57.78
CA ILE L 901 35.93 3.80 -57.68
C ILE L 901 35.35 3.62 -59.07
N SER L 902 35.86 4.36 -60.06
CA SER L 902 35.37 4.23 -61.42
C SER L 902 35.83 2.93 -62.06
N GLU L 903 37.06 2.50 -61.78
CA GLU L 903 37.56 1.26 -62.35
C GLU L 903 36.93 0.04 -61.71
N ARG L 904 36.54 0.13 -60.44
CA ARG L 904 35.99 -1.03 -59.74
C ARG L 904 34.58 -1.35 -60.22
N ALA L 905 33.89 -0.35 -60.77
CA ALA L 905 32.57 -0.57 -61.35
C ALA L 905 32.62 -0.84 -62.84
N GLU L 906 33.78 -0.62 -63.47
CA GLU L 906 34.07 -0.89 -64.88
C GLU L 906 33.13 -0.10 -65.81
N LEU L 907 33.23 1.22 -65.68
CA LEU L 907 32.63 2.16 -66.63
C LEU L 907 33.79 2.96 -67.19
N PRO L 908 34.40 2.48 -68.26
CA PRO L 908 35.74 2.98 -68.63
C PRO L 908 35.74 4.37 -69.25
N SER L 909 34.66 4.75 -69.93
CA SER L 909 34.55 6.09 -70.49
C SER L 909 34.46 7.15 -69.41
N LEU L 910 33.85 6.81 -68.27
CA LEU L 910 33.75 7.70 -67.12
C LEU L 910 35.10 7.99 -66.48
N VAL L 911 36.06 7.08 -66.64
CA VAL L 911 37.39 7.27 -66.08
C VAL L 911 38.12 8.37 -66.83
N LYS L 912 37.83 8.53 -68.12
CA LYS L 912 38.44 9.61 -68.88
C LYS L 912 37.91 10.97 -68.44
N LYS L 913 36.61 11.05 -68.16
CA LYS L 913 35.96 12.34 -67.94
C LYS L 913 36.41 13.02 -66.66
N ILE L 914 36.71 12.23 -65.62
CA ILE L 914 37.18 12.81 -64.37
C ILE L 914 38.56 13.41 -64.55
N ASN L 915 39.42 12.75 -65.32
CA ASN L 915 40.74 13.30 -65.60
C ASN L 915 40.65 14.50 -66.53
N ASN L 916 39.57 14.62 -67.30
CA ASN L 916 39.33 15.85 -68.03
C ASN L 916 38.96 16.99 -67.10
N ILE L 917 38.35 16.70 -65.95
CA ILE L 917 38.00 17.74 -65.00
C ILE L 917 39.24 18.25 -64.27
N ARG L 918 40.17 17.34 -63.95
CA ARG L 918 41.34 17.69 -63.14
C ARG L 918 42.26 18.67 -63.85
N GLU L 919 42.35 18.57 -65.18
CA GLU L 919 43.32 19.40 -65.91
C GLU L 919 42.85 20.85 -66.02
N ALA L 920 41.54 21.07 -66.20
CA ALA L 920 41.03 22.43 -66.27
C ALA L 920 41.11 23.14 -64.93
N ARG L 921 40.96 22.40 -63.84
CA ARG L 921 41.18 23.00 -62.53
C ARG L 921 42.66 23.05 -62.18
N TYR L 922 43.50 22.37 -62.95
CA TYR L 922 44.94 22.47 -62.74
C TYR L 922 45.52 23.72 -63.40
N GLU L 923 45.03 24.07 -64.58
CA GLU L 923 45.51 25.27 -65.26
C GLU L 923 44.94 26.55 -64.66
N GLN L 924 43.84 26.42 -63.91
CA GLN L 924 43.24 27.57 -63.23
C GLN L 924 44.18 28.16 -62.20
N GLN L 925 44.98 27.32 -61.55
CA GLN L 925 45.78 27.77 -60.42
C GLN L 925 47.00 28.55 -60.86
N LEU L 926 47.49 28.29 -62.08
CA LEU L 926 48.75 28.90 -62.51
C LEU L 926 48.62 30.37 -62.86
N LYS L 927 47.43 30.82 -63.24
CA LYS L 927 47.24 32.20 -63.66
C LYS L 927 47.17 33.14 -62.46
N PHE M 474 -17.31 45.44 -51.39
CA PHE M 474 -16.94 46.80 -51.01
C PHE M 474 -17.07 47.74 -52.20
N ARG M 475 -17.60 48.94 -51.95
CA ARG M 475 -17.85 49.88 -53.04
C ARG M 475 -16.83 51.01 -53.03
N TYR M 476 -16.28 51.31 -54.20
CA TYR M 476 -15.38 52.45 -54.35
C TYR M 476 -16.18 53.73 -54.45
N MET M 477 -15.51 54.86 -54.25
CA MET M 477 -16.08 56.19 -54.38
C MET M 477 -15.06 57.15 -54.97
N PRO M 478 -15.50 58.12 -55.77
CA PRO M 478 -14.57 59.13 -56.29
C PRO M 478 -14.07 60.07 -55.20
N PHE M 479 -12.99 60.76 -55.49
CA PHE M 479 -12.26 61.52 -54.48
C PHE M 479 -11.86 62.90 -55.00
N SER M 480 -11.79 63.86 -54.09
CA SER M 480 -11.29 65.19 -54.38
C SER M 480 -10.70 65.77 -53.09
N PRO M 481 -9.64 66.60 -53.20
CA PRO M 481 -8.99 67.12 -52.00
C PRO M 481 -9.85 68.10 -51.20
N ALA M 482 -10.23 67.70 -49.98
CA ALA M 482 -10.99 68.51 -49.03
C ALA M 482 -12.34 68.93 -49.60
N GLY M 483 -13.10 67.94 -50.08
CA GLY M 483 -14.41 68.19 -50.63
C GLY M 483 -15.50 67.71 -49.68
N THR M 484 -16.42 68.59 -49.39
CA THR M 484 -17.54 68.28 -48.54
C THR M 484 -18.64 67.63 -49.35
N PRO M 485 -19.53 66.85 -48.73
CA PRO M 485 -20.70 66.36 -49.47
C PRO M 485 -21.81 67.39 -49.50
N PHE M 486 -22.95 66.96 -50.07
CA PHE M 486 -24.14 67.79 -50.10
C PHE M 486 -24.68 68.06 -48.70
N GLY M 487 -24.61 67.07 -47.82
CA GLY M 487 -25.25 67.20 -46.53
C GLY M 487 -26.75 67.11 -46.67
N PHE M 488 -27.43 68.24 -46.51
CA PHE M 488 -28.86 68.33 -46.77
C PHE M 488 -29.22 69.48 -47.69
N THR M 489 -28.32 70.45 -47.88
CA THR M 489 -28.54 71.56 -48.76
C THR M 489 -28.01 71.23 -50.15
N ASP M 490 -28.16 72.18 -51.07
CA ASP M 490 -27.88 71.96 -52.47
C ASP M 490 -26.71 72.80 -52.97
N ARG M 491 -25.73 73.04 -52.10
CA ARG M 491 -24.48 73.63 -52.55
C ARG M 491 -23.35 73.08 -51.70
N ARG M 492 -22.23 72.79 -52.34
CA ARG M 492 -21.08 72.20 -51.67
C ARG M 492 -19.83 72.62 -52.42
N TYR M 493 -18.69 72.42 -51.77
CA TYR M 493 -17.40 72.73 -52.36
C TYR M 493 -16.85 71.52 -53.10
N LEU M 494 -15.83 71.76 -53.90
CA LEU M 494 -15.21 70.64 -54.61
C LEU M 494 -13.80 70.42 -54.11
N THR M 495 -12.92 71.42 -54.27
CA THR M 495 -11.56 71.32 -53.77
C THR M 495 -11.32 72.49 -52.84
N MET M 496 -10.17 72.46 -52.16
CA MET M 496 -9.79 73.52 -51.24
C MET M 496 -8.30 73.45 -51.00
N ASN M 497 -7.58 74.48 -51.43
CA ASN M 497 -6.15 74.56 -51.14
C ASN M 497 -5.73 76.02 -51.05
N GLU M 498 -4.44 76.29 -51.16
CA GLU M 498 -3.95 77.65 -51.03
C GLU M 498 -4.27 78.54 -52.22
N VAL M 499 -4.72 77.98 -53.34
CA VAL M 499 -5.11 78.81 -54.48
C VAL M 499 -6.48 79.39 -54.21
N GLY M 500 -7.47 78.52 -54.07
CA GLY M 500 -8.80 78.97 -53.74
C GLY M 500 -9.75 77.82 -53.67
N TYR M 501 -10.93 78.08 -53.13
CA TYR M 501 -11.94 77.05 -53.00
C TYR M 501 -12.93 77.19 -54.14
N VAL M 502 -13.28 76.07 -54.75
CA VAL M 502 -14.26 76.03 -55.81
C VAL M 502 -15.47 75.28 -55.30
N SER M 503 -16.65 75.68 -55.76
CA SER M 503 -17.89 75.15 -55.22
C SER M 503 -18.94 75.03 -56.31
N THR M 504 -19.88 74.12 -56.10
CA THR M 504 -21.03 73.96 -56.97
C THR M 504 -22.30 74.34 -56.22
N VAL M 505 -23.32 74.71 -57.00
CA VAL M 505 -24.68 74.88 -56.50
C VAL M 505 -25.59 74.05 -57.38
N LYS M 506 -26.43 73.22 -56.76
CA LYS M 506 -27.28 72.29 -57.50
C LYS M 506 -28.49 73.03 -58.06
N ASN M 507 -28.42 73.23 -59.37
CA ASN M 507 -29.60 73.60 -60.12
C ASN M 507 -30.35 72.24 -60.12
N SER M 508 -31.67 72.26 -60.12
CA SER M 508 -32.42 70.99 -60.03
C SER M 508 -32.12 69.98 -61.15
N GLU M 509 -31.83 70.50 -62.33
CA GLU M 509 -31.57 69.69 -63.53
C GLU M 509 -30.12 69.79 -63.97
N GLN M 510 -29.50 70.97 -63.86
CA GLN M 510 -28.10 71.18 -64.19
C GLN M 510 -27.29 71.34 -62.91
N TYR M 511 -26.05 71.78 -63.05
CA TYR M 511 -25.25 72.21 -61.92
C TYR M 511 -24.54 73.51 -62.27
N SER M 512 -24.17 74.27 -61.24
CA SER M 512 -23.59 75.60 -61.42
C SER M 512 -22.31 75.70 -60.60
N ILE M 513 -21.19 75.65 -61.30
CA ILE M 513 -19.86 75.72 -60.69
C ILE M 513 -19.54 77.18 -60.38
N THR M 514 -18.89 77.42 -59.25
CA THR M 514 -18.37 78.74 -58.92
C THR M 514 -16.92 78.60 -58.47
N VAL M 515 -16.02 79.25 -59.19
CA VAL M 515 -14.58 79.13 -58.97
C VAL M 515 -14.11 80.41 -58.31
N SER M 516 -13.85 80.35 -57.01
CA SER M 516 -13.40 81.50 -56.25
C SER M 516 -11.94 81.33 -55.87
N PHE M 517 -11.19 82.42 -55.84
CA PHE M 517 -9.78 82.36 -55.49
C PHE M 517 -9.53 82.98 -54.13
N PHE M 518 -8.25 83.08 -53.79
CA PHE M 518 -7.85 83.76 -52.56
C PHE M 518 -7.09 85.04 -52.84
N ASP M 519 -6.34 85.09 -53.95
CA ASP M 519 -5.61 86.28 -54.34
C ASP M 519 -6.37 87.00 -55.46
N VAL M 520 -7.02 88.09 -55.08
CA VAL M 520 -7.96 88.78 -55.95
C VAL M 520 -7.27 89.88 -56.75
N GLY M 521 -6.11 90.36 -56.28
CA GLY M 521 -5.38 91.36 -57.03
C GLY M 521 -4.71 90.82 -58.28
N ARG M 522 -4.46 89.51 -58.33
CA ARG M 522 -3.78 88.92 -59.47
C ARG M 522 -4.75 88.23 -60.41
N PHE M 523 -5.55 87.29 -59.90
CA PHE M 523 -6.48 86.55 -60.73
C PHE M 523 -7.91 86.88 -60.30
N ARG M 524 -8.91 86.36 -61.01
CA ARG M 524 -10.26 86.90 -60.90
C ARG M 524 -11.27 85.75 -60.84
N GLU M 525 -12.28 85.94 -60.00
CA GLU M 525 -13.36 84.96 -59.86
C GLU M 525 -14.20 84.92 -61.13
N TYR M 526 -14.26 83.75 -61.76
CA TYR M 526 -15.24 83.54 -62.82
C TYR M 526 -15.93 82.21 -62.58
N HIS M 527 -16.95 81.94 -63.40
CA HIS M 527 -17.80 80.78 -63.21
C HIS M 527 -18.59 80.53 -64.48
N PHE M 528 -19.27 79.38 -64.51
CA PHE M 528 -20.09 79.00 -65.65
C PHE M 528 -21.09 77.95 -65.20
N GLU M 529 -21.75 77.33 -66.18
CA GLU M 529 -22.76 76.31 -65.91
C GLU M 529 -22.24 74.93 -66.23
N ASP M 530 -22.57 73.97 -65.37
CA ASP M 530 -22.15 72.59 -65.54
C ASP M 530 -23.32 71.85 -66.16
N LEU M 531 -23.08 71.22 -67.31
CA LEU M 531 -24.07 70.42 -68.00
C LEU M 531 -23.82 68.93 -67.90
N PHE M 532 -22.71 68.51 -67.29
CA PHE M 532 -22.32 67.11 -67.26
C PHE M 532 -21.99 66.60 -65.87
N GLY M 533 -21.94 67.46 -64.86
CA GLY M 533 -21.62 67.02 -63.52
C GLY M 533 -20.15 66.85 -63.29
N TYR M 534 -19.37 67.92 -63.48
CA TYR M 534 -17.93 67.88 -63.26
C TYR M 534 -17.69 67.89 -61.75
N ASP M 535 -17.69 66.70 -61.14
CA ASP M 535 -17.54 66.64 -59.68
C ASP M 535 -16.13 66.30 -59.26
N LEU M 536 -15.27 65.90 -60.19
CA LEU M 536 -13.86 65.72 -59.91
C LEU M 536 -13.11 66.95 -60.41
N CYS M 537 -12.23 67.49 -59.55
CA CYS M 537 -11.53 68.72 -59.92
C CYS M 537 -10.18 68.76 -59.23
N PHE M 538 -9.27 69.55 -59.78
CA PHE M 538 -7.95 69.76 -59.20
C PHE M 538 -7.44 71.10 -59.70
N LEU M 539 -7.29 72.04 -58.77
CA LEU M 539 -6.94 73.42 -59.11
C LEU M 539 -5.50 73.71 -58.70
N ASN M 540 -4.74 74.32 -59.61
CA ASN M 540 -3.39 74.75 -59.29
C ASN M 540 -3.11 76.12 -59.90
N GLU M 541 -1.83 76.49 -59.96
CA GLU M 541 -1.41 77.82 -60.43
C GLU M 541 -1.57 78.01 -61.92
N LYS M 542 -1.64 76.94 -62.69
CA LYS M 542 -1.61 77.10 -64.14
C LYS M 542 -2.96 76.89 -64.80
N GLY M 543 -3.75 75.93 -64.32
CA GLY M 543 -5.03 75.64 -64.92
C GLY M 543 -6.02 75.10 -63.92
N THR M 544 -7.17 74.65 -64.37
CA THR M 544 -8.19 74.16 -63.47
C THR M 544 -8.96 73.04 -64.16
N LEU M 545 -8.62 71.80 -63.82
CA LEU M 545 -9.16 70.63 -64.50
C LEU M 545 -10.47 70.21 -63.87
N PHE M 546 -11.34 69.62 -64.68
CA PHE M 546 -12.62 69.12 -64.21
C PHE M 546 -12.82 67.70 -64.73
N GLY M 547 -13.92 67.07 -64.34
CA GLY M 547 -14.16 65.71 -64.79
C GLY M 547 -15.41 65.05 -64.27
N GLN M 548 -16.03 64.22 -65.11
CA GLN M 548 -17.21 63.45 -64.76
C GLN M 548 -16.82 61.98 -64.62
N SER M 549 -17.24 61.35 -63.52
CA SER M 549 -16.86 59.99 -63.19
C SER M 549 -17.84 58.94 -63.72
N LYS M 550 -18.64 59.27 -64.72
CA LYS M 550 -19.48 58.29 -65.39
C LYS M 550 -19.33 58.36 -66.91
N THR M 551 -19.08 59.54 -67.45
CA THR M 551 -18.82 59.68 -68.87
C THR M 551 -17.33 59.57 -69.20
N GLY M 552 -16.47 59.95 -68.27
CA GLY M 552 -15.05 59.98 -68.54
C GLY M 552 -14.69 61.08 -69.50
N GLN M 553 -15.11 62.30 -69.18
CA GLN M 553 -14.91 63.46 -70.04
C GLN M 553 -14.34 64.59 -69.23
N ILE M 554 -13.16 65.07 -69.61
CA ILE M 554 -12.48 66.13 -68.90
C ILE M 554 -12.41 67.35 -69.80
N GLN M 555 -12.04 68.49 -69.21
CA GLN M 555 -11.81 69.70 -69.96
C GLN M 555 -10.86 70.60 -69.18
N TYR M 556 -9.78 71.01 -69.83
CA TYR M 556 -8.73 71.80 -69.21
C TYR M 556 -9.00 73.27 -69.46
N ARG M 557 -9.42 73.99 -68.41
CA ARG M 557 -9.76 75.41 -68.51
C ARG M 557 -8.78 76.22 -67.69
N PRO M 558 -7.73 76.79 -68.32
CA PRO M 558 -6.80 77.61 -67.57
C PRO M 558 -7.42 78.94 -67.15
N HIS M 559 -6.72 79.62 -66.24
CA HIS M 559 -7.25 80.83 -65.64
C HIS M 559 -7.30 81.97 -66.65
N ASP M 560 -6.14 82.34 -67.20
CA ASP M 560 -6.10 83.42 -68.16
C ASP M 560 -6.51 82.93 -69.55
N SER M 561 -6.47 83.85 -70.51
CA SER M 561 -6.75 83.51 -71.90
C SER M 561 -5.41 83.29 -72.62
N ILE M 562 -4.63 82.35 -72.08
CA ILE M 562 -3.34 82.01 -72.69
C ILE M 562 -3.45 80.64 -73.34
N HIS M 563 -4.47 79.88 -72.97
CA HIS M 563 -4.75 78.60 -73.61
C HIS M 563 -6.25 78.48 -73.90
N SER M 564 -6.60 77.53 -74.75
CA SER M 564 -7.99 77.20 -75.01
C SER M 564 -8.52 76.25 -73.95
N ASN M 565 -9.78 75.86 -74.11
CA ASN M 565 -10.41 74.88 -73.22
C ASN M 565 -10.79 73.63 -74.01
N TRP M 566 -9.84 72.72 -74.18
CA TRP M 566 -10.03 71.55 -75.00
C TRP M 566 -10.62 70.42 -74.17
N THR M 567 -11.16 69.42 -74.88
CA THR M 567 -11.89 68.32 -74.24
C THR M 567 -11.45 67.01 -74.87
N LYS M 568 -11.08 66.05 -74.04
CA LYS M 568 -10.76 64.70 -74.49
C LYS M 568 -11.54 63.71 -73.65
N ILE M 569 -12.14 62.71 -74.30
CA ILE M 569 -12.98 61.75 -73.60
C ILE M 569 -12.19 60.47 -73.36
N ILE M 570 -12.17 60.01 -72.11
CA ILE M 570 -11.47 58.80 -71.71
C ILE M 570 -12.37 57.58 -71.97
N PRO M 571 -11.87 56.53 -72.60
CA PRO M 571 -12.68 55.32 -72.81
C PRO M 571 -12.96 54.61 -71.49
N LEU M 572 -14.24 54.50 -71.15
CA LEU M 572 -14.65 53.83 -69.94
C LEU M 572 -15.22 52.47 -70.30
N GLN M 573 -15.10 51.53 -69.38
CA GLN M 573 -15.59 50.17 -69.60
C GLN M 573 -16.80 49.93 -68.71
N ALA M 574 -17.33 48.71 -68.77
CA ALA M 574 -18.54 48.36 -68.04
C ALA M 574 -18.23 48.26 -66.55
N GLY M 575 -18.79 49.17 -65.76
CA GLY M 575 -18.57 49.21 -64.33
C GLY M 575 -17.40 50.06 -63.88
N GLU M 576 -16.57 50.52 -64.81
CA GLU M 576 -15.39 51.30 -64.47
C GLU M 576 -15.78 52.71 -64.05
N ARG M 577 -14.94 53.34 -63.24
CA ARG M 577 -15.05 54.75 -62.93
C ARG M 577 -13.68 55.39 -63.00
N ILE M 578 -13.65 56.72 -62.91
CA ILE M 578 -12.43 57.49 -62.74
C ILE M 578 -12.51 58.06 -61.34
N THR M 579 -11.45 57.88 -60.55
CA THR M 579 -11.51 58.30 -59.16
C THR M 579 -10.83 59.65 -58.93
N SER M 580 -9.72 59.90 -59.61
CA SER M 580 -9.05 61.17 -59.39
C SER M 580 -8.35 61.64 -60.65
N VAL M 581 -8.00 62.93 -60.66
CA VAL M 581 -7.24 63.55 -61.73
C VAL M 581 -6.01 64.20 -61.13
N ALA M 582 -5.21 64.82 -61.99
CA ALA M 582 -4.03 65.53 -61.56
C ALA M 582 -3.78 66.68 -62.51
N ALA M 583 -3.14 67.72 -62.00
CA ALA M 583 -2.85 68.90 -62.81
C ALA M 583 -1.46 69.41 -62.46
N THR M 584 -0.51 69.17 -63.36
CA THR M 584 0.85 69.63 -63.21
C THR M 584 1.14 70.69 -64.26
N PRO M 585 2.21 71.48 -64.11
CA PRO M 585 2.63 72.36 -65.21
C PRO M 585 3.12 71.63 -66.45
N VAL M 586 3.43 70.34 -66.38
CA VAL M 586 4.10 69.67 -67.48
C VAL M 586 3.20 68.60 -68.11
N ARG M 587 2.41 67.91 -67.28
CA ARG M 587 1.71 66.71 -67.72
C ARG M 587 0.28 66.74 -67.18
N VAL M 588 -0.53 65.79 -67.66
CA VAL M 588 -1.87 65.53 -67.15
C VAL M 588 -1.95 64.04 -66.85
N ILE M 589 -2.43 63.68 -65.66
CA ILE M 589 -2.54 62.30 -65.22
C ILE M 589 -3.99 62.02 -64.86
N VAL M 590 -4.56 60.97 -65.44
CA VAL M 590 -5.89 60.50 -65.08
C VAL M 590 -5.79 59.02 -64.75
N GLY M 591 -6.27 58.63 -63.57
CA GLY M 591 -6.28 57.24 -63.15
C GLY M 591 -7.71 56.74 -63.00
N THR M 592 -7.96 55.53 -63.46
CA THR M 592 -9.28 54.95 -63.34
C THR M 592 -9.36 54.09 -62.08
N SER M 593 -10.45 53.34 -61.94
CA SER M 593 -10.67 52.51 -60.78
C SER M 593 -10.19 51.08 -60.95
N LEU M 594 -9.44 50.78 -62.01
CA LEU M 594 -8.75 49.50 -62.11
C LEU M 594 -7.29 49.62 -62.49
N GLY M 595 -6.73 50.83 -62.45
CA GLY M 595 -5.29 50.98 -62.51
C GLY M 595 -4.73 51.49 -63.82
N TYR M 596 -5.55 51.83 -64.80
CA TYR M 596 -5.03 52.30 -66.09
C TYR M 596 -4.50 53.71 -65.89
N PHE M 597 -3.23 53.79 -65.54
CA PHE M 597 -2.54 55.05 -65.29
C PHE M 597 -2.29 55.74 -66.63
N ARG M 598 -3.27 56.50 -67.10
CA ARG M 598 -3.22 57.10 -68.43
C ARG M 598 -2.57 58.47 -68.31
N SER M 599 -1.44 58.65 -68.99
CA SER M 599 -0.69 59.89 -68.91
C SER M 599 -0.95 60.73 -70.16
N PHE M 600 -1.30 61.97 -69.95
CA PHE M 600 -1.39 62.98 -70.99
C PHE M 600 -0.36 64.06 -70.73
N ASN M 601 -0.38 65.10 -71.56
CA ASN M 601 0.30 66.34 -71.25
C ASN M 601 -0.69 67.48 -71.39
N GLN M 602 -0.20 68.69 -71.10
CA GLN M 602 -0.99 69.89 -71.34
C GLN M 602 -1.27 70.08 -72.84
N PHE M 603 -0.35 69.59 -73.68
CA PHE M 603 -0.53 69.70 -75.12
C PHE M 603 -1.43 68.60 -75.65
N GLY M 604 -1.82 67.66 -74.78
CA GLY M 604 -2.93 66.76 -75.06
C GLY M 604 -2.58 65.45 -75.73
N VAL M 605 -1.32 65.04 -75.75
CA VAL M 605 -1.02 63.76 -76.41
C VAL M 605 -0.95 62.66 -75.37
N PRO M 606 -1.30 61.43 -75.70
CA PRO M 606 -1.14 60.32 -74.77
C PRO M 606 0.31 59.83 -74.77
N PHE M 607 0.71 59.22 -73.65
CA PHE M 607 2.09 58.79 -73.53
C PHE M 607 2.20 57.28 -73.37
N ALA M 608 1.51 56.73 -72.37
CA ALA M 608 1.54 55.30 -72.11
C ALA M 608 0.36 54.95 -71.23
N VAL M 609 -0.33 53.86 -71.59
CA VAL M 609 -1.34 53.29 -70.70
C VAL M 609 -0.67 52.20 -69.89
N GLU M 610 -0.65 52.37 -68.58
CA GLU M 610 0.11 51.53 -67.67
C GLU M 610 -0.85 50.90 -66.68
N LYS M 611 -0.54 49.70 -66.22
CA LYS M 611 -1.45 48.93 -65.40
C LYS M 611 -0.85 48.79 -64.00
N THR M 612 -1.48 49.41 -63.01
CA THR M 612 -1.12 49.23 -61.60
C THR M 612 -2.35 48.82 -60.82
N SER M 613 -2.24 48.85 -59.49
CA SER M 613 -3.35 48.55 -58.61
C SER M 613 -4.43 49.64 -58.70
N PRO M 614 -5.64 49.38 -58.19
CA PRO M 614 -6.68 50.43 -58.19
C PRO M 614 -6.27 51.66 -57.40
N ILE M 615 -6.75 52.82 -57.85
CA ILE M 615 -6.29 54.10 -57.33
C ILE M 615 -7.46 54.84 -56.71
N VAL M 616 -7.33 55.23 -55.45
CA VAL M 616 -8.36 55.99 -54.75
C VAL M 616 -7.90 57.39 -54.40
N ALA M 617 -6.65 57.75 -54.64
CA ALA M 617 -6.19 59.09 -54.30
C ALA M 617 -5.00 59.42 -55.18
N LEU M 618 -4.77 60.72 -55.38
CA LEU M 618 -3.71 61.20 -56.24
C LEU M 618 -3.42 62.66 -55.94
N THR M 619 -2.16 63.04 -56.03
CA THR M 619 -1.74 64.43 -56.07
C THR M 619 -0.38 64.51 -56.72
N ALA M 620 0.07 65.73 -56.96
CA ALA M 620 1.31 65.91 -57.70
C ALA M 620 1.85 67.31 -57.49
N GLN M 621 3.08 67.49 -57.96
CA GLN M 621 3.75 68.78 -58.02
C GLN M 621 4.66 68.64 -59.23
N ASN M 622 5.38 69.71 -59.60
CA ASN M 622 5.88 70.09 -60.95
C ASN M 622 6.34 68.88 -61.77
N TYR M 623 7.07 67.91 -61.20
CA TYR M 623 7.38 66.70 -61.94
C TYR M 623 6.83 65.46 -61.23
N ARG M 624 6.88 65.45 -59.90
CA ARG M 624 6.64 64.24 -59.14
C ARG M 624 5.15 63.94 -59.04
N VAL M 625 4.81 62.72 -58.65
CA VAL M 625 3.42 62.36 -58.39
C VAL M 625 3.40 61.51 -57.13
N PHE M 626 2.29 61.55 -56.41
CA PHE M 626 2.14 60.80 -55.17
C PHE M 626 0.77 60.16 -55.22
N SER M 627 0.71 58.86 -55.04
CA SER M 627 -0.53 58.13 -55.19
C SER M 627 -0.77 57.26 -53.98
N VAL M 628 -2.02 56.80 -53.84
CA VAL M 628 -2.41 55.86 -52.80
C VAL M 628 -3.24 54.79 -53.47
N HIS M 629 -2.80 53.55 -53.36
CA HIS M 629 -3.52 52.43 -53.94
C HIS M 629 -4.31 51.71 -52.88
N TYR M 630 -5.32 50.96 -53.30
CA TYR M 630 -6.07 50.11 -52.42
C TYR M 630 -6.71 49.01 -53.24
N SER M 631 -6.87 47.85 -52.64
CA SER M 631 -7.57 46.74 -53.26
C SER M 631 -8.29 45.95 -52.18
N GLN M 632 -8.92 44.87 -52.59
CA GLN M 632 -9.42 43.93 -51.60
C GLN M 632 -8.36 42.88 -51.28
N PHE M 633 -7.31 42.82 -52.10
CA PHE M 633 -6.27 41.82 -51.98
C PHE M 633 -4.88 42.42 -51.83
N HIS M 634 -4.77 43.72 -51.59
CA HIS M 634 -3.46 44.35 -51.43
C HIS M 634 -3.35 45.11 -50.12
N GLY M 635 -4.36 45.86 -49.72
CA GLY M 635 -4.24 46.77 -48.60
C GLY M 635 -3.62 48.08 -49.04
N LEU M 636 -3.58 49.04 -48.10
CA LEU M 636 -3.12 50.39 -48.39
C LEU M 636 -1.66 50.37 -48.78
N SER M 637 -1.32 51.06 -49.86
CA SER M 637 0.05 51.15 -50.32
C SER M 637 0.22 52.42 -51.13
N TYR M 638 1.24 53.19 -50.82
CA TYR M 638 1.50 54.41 -51.54
C TYR M 638 2.50 54.14 -52.65
N SER M 639 2.79 55.19 -53.42
CA SER M 639 3.74 55.09 -54.51
C SER M 639 4.25 56.48 -54.86
N LEU M 640 5.56 56.67 -54.74
CA LEU M 640 6.18 57.95 -55.03
C LEU M 640 7.06 57.81 -56.25
N SER M 641 6.63 58.38 -57.37
CA SER M 641 7.41 58.30 -58.59
C SER M 641 7.59 59.70 -59.14
N GLU M 642 8.32 59.79 -60.25
CA GLU M 642 8.61 61.08 -60.85
C GLU M 642 8.56 60.96 -62.35
N LEU M 643 7.72 61.76 -62.99
CA LEU M 643 7.73 61.90 -64.44
C LEU M 643 8.85 62.84 -64.82
N GLY M 644 9.93 62.29 -65.36
CA GLY M 644 11.07 63.11 -65.74
C GLY M 644 10.87 63.76 -67.09
N THR M 645 11.88 63.69 -67.94
CA THR M 645 11.78 64.24 -69.29
C THR M 645 11.28 63.21 -70.29
N SER M 646 12.02 62.11 -70.45
CA SER M 646 11.60 61.03 -71.31
C SER M 646 11.51 59.68 -70.61
N SER M 647 11.78 59.63 -69.30
CA SER M 647 11.72 58.38 -68.57
C SER M 647 11.08 58.63 -67.20
N LYS M 648 10.30 57.66 -66.76
CA LYS M 648 9.63 57.72 -65.47
C LYS M 648 10.32 56.74 -64.52
N ARG M 649 10.76 57.24 -63.37
CA ARG M 649 11.47 56.45 -62.38
C ARG M 649 10.67 56.40 -61.10
N TYR M 650 10.85 55.33 -60.34
CA TYR M 650 10.16 55.14 -59.08
C TYR M 650 11.13 55.30 -57.94
N TYR M 651 10.61 55.63 -56.77
CA TYR M 651 11.40 55.64 -55.56
C TYR M 651 10.89 54.60 -54.57
N LYS M 652 9.62 54.68 -54.20
CA LYS M 652 9.01 53.70 -53.29
C LYS M 652 7.80 53.15 -54.03
N ARG M 653 8.01 52.11 -54.82
CA ARG M 653 6.91 51.51 -55.55
C ARG M 653 6.19 50.51 -54.65
N GLU M 654 4.95 50.85 -54.29
CA GLU M 654 4.02 49.96 -53.58
C GLU M 654 4.53 49.57 -52.20
N CYS M 655 5.14 50.50 -51.50
CA CYS M 655 5.49 50.24 -50.12
C CYS M 655 4.24 50.37 -49.24
N PRO M 656 4.17 49.61 -48.15
CA PRO M 656 2.96 49.65 -47.31
C PRO M 656 2.90 50.91 -46.46
N LEU M 657 1.69 51.21 -45.99
CA LEU M 657 1.38 52.54 -45.47
C LEU M 657 0.93 52.47 -44.03
N PRO M 658 1.47 53.30 -43.15
CA PRO M 658 0.97 53.36 -41.78
C PRO M 658 -0.15 54.37 -41.57
N MET M 659 -1.37 54.03 -41.94
CA MET M 659 -2.50 54.93 -41.70
C MET M 659 -3.68 54.13 -41.20
N SER M 660 -4.46 54.73 -40.30
CA SER M 660 -5.63 54.06 -39.78
C SER M 660 -6.77 54.14 -40.77
N LEU M 661 -7.44 53.07 -40.91
CA LEU M 661 -8.67 53.13 -41.66
C LEU M 661 -9.82 53.48 -40.73
N PRO M 662 -10.90 54.08 -41.22
CA PRO M 662 -12.00 54.43 -40.34
C PRO M 662 -12.73 53.19 -39.84
N ASN M 663 -12.49 52.87 -38.57
CA ASN M 663 -13.14 51.74 -37.92
C ASN M 663 -14.60 52.08 -37.58
N ILE M 664 -15.43 52.02 -38.63
CA ILE M 664 -16.83 52.41 -38.51
C ILE M 664 -17.57 51.37 -37.70
N ASN M 665 -18.07 51.79 -36.55
CA ASN M 665 -18.83 50.92 -35.65
C ASN M 665 -20.31 51.04 -36.01
N SER M 666 -21.19 50.50 -35.16
CA SER M 666 -22.62 50.47 -35.45
C SER M 666 -23.33 51.77 -35.10
N ASP M 667 -22.87 52.52 -34.11
CA ASP M 667 -23.53 53.75 -33.71
C ASP M 667 -23.35 54.88 -34.71
N MET M 668 -22.37 54.78 -35.60
CA MET M 668 -22.14 55.80 -36.62
C MET M 668 -23.14 55.75 -37.76
N LYS M 669 -24.01 54.72 -37.80
CA LYS M 669 -25.12 54.71 -38.75
C LYS M 669 -26.28 55.58 -38.30
N LYS M 670 -26.19 56.19 -37.12
CA LYS M 670 -27.15 57.18 -36.65
C LYS M 670 -26.51 58.55 -36.47
N ASP M 671 -25.19 58.63 -36.55
CA ASP M 671 -24.48 59.86 -36.27
C ASP M 671 -24.64 60.85 -37.42
N ALA M 672 -24.35 62.12 -37.15
CA ALA M 672 -24.36 63.15 -38.19
C ALA M 672 -23.22 62.98 -39.19
N ASN M 673 -22.23 62.16 -38.88
CA ASN M 673 -21.06 61.97 -39.72
C ASN M 673 -21.15 60.74 -40.60
N LEU M 674 -22.33 60.10 -40.67
CA LEU M 674 -22.51 59.01 -41.60
C LEU M 674 -22.40 59.47 -43.05
N ASP M 675 -22.96 60.64 -43.36
CA ASP M 675 -22.97 61.16 -44.72
C ASP M 675 -21.58 61.55 -45.18
N TYR M 676 -20.69 61.88 -44.25
CA TYR M 676 -19.29 62.00 -44.62
C TYR M 676 -18.69 60.64 -44.92
N TYR M 677 -18.97 59.65 -44.08
CA TYR M 677 -18.38 58.34 -44.28
C TYR M 677 -19.07 57.55 -45.39
N ASN M 678 -20.31 57.89 -45.73
CA ASN M 678 -20.87 57.36 -46.96
C ASN M 678 -20.24 58.03 -48.16
N PHE M 679 -19.76 59.26 -48.00
CA PHE M 679 -19.11 59.94 -49.10
C PHE M 679 -17.68 59.47 -49.29
N ASN M 680 -16.96 59.22 -48.21
CA ASN M 680 -15.54 58.87 -48.28
C ASN M 680 -15.25 57.74 -47.29
N PRO M 681 -15.06 56.52 -47.76
CA PRO M 681 -14.86 55.40 -46.83
C PRO M 681 -13.43 55.30 -46.32
N MET M 682 -12.45 55.75 -47.09
CA MET M 682 -11.07 55.73 -46.64
C MET M 682 -10.77 56.80 -45.62
N GLY M 683 -11.64 57.80 -45.47
CA GLY M 683 -11.47 58.80 -44.44
C GLY M 683 -10.35 59.78 -44.67
N ILE M 684 -9.69 59.74 -45.82
CA ILE M 684 -8.63 60.70 -46.09
C ILE M 684 -9.27 62.04 -46.40
N LYS M 685 -9.10 63.00 -45.51
CA LYS M 685 -9.76 64.27 -45.69
C LYS M 685 -8.99 65.12 -46.69
N SER M 686 -7.66 65.07 -46.64
CA SER M 686 -6.84 65.88 -47.53
C SER M 686 -5.45 65.29 -47.58
N LEU M 687 -4.84 65.27 -48.77
CA LEU M 687 -3.42 65.03 -48.88
C LEU M 687 -2.80 66.11 -49.76
N PHE M 688 -1.53 66.38 -49.53
CA PHE M 688 -0.88 67.52 -50.15
C PHE M 688 0.62 67.39 -49.99
N PHE M 689 1.34 68.26 -50.69
CA PHE M 689 2.78 68.37 -50.54
C PHE M 689 3.12 69.49 -49.57
N SER M 690 4.40 69.63 -49.30
CA SER M 690 4.87 70.69 -48.43
C SER M 690 5.15 71.95 -49.23
N SER M 691 5.57 73.00 -48.52
CA SER M 691 6.06 74.20 -49.21
C SER M 691 7.42 73.95 -49.84
N TYR M 692 8.15 72.94 -49.33
CA TYR M 692 9.46 72.64 -49.87
C TYR M 692 9.44 71.39 -50.73
N GLY M 693 8.40 70.56 -50.58
CA GLY M 693 8.24 69.43 -51.46
C GLY M 693 8.29 68.05 -50.80
N ASP M 694 7.83 67.96 -49.56
CA ASP M 694 7.78 66.68 -48.86
C ASP M 694 6.32 66.27 -48.63
N PRO M 695 6.00 64.99 -48.82
CA PRO M 695 4.60 64.58 -48.81
C PRO M 695 3.99 64.62 -47.42
N CYS M 696 2.66 64.74 -47.38
CA CYS M 696 1.93 64.71 -46.13
C CYS M 696 0.61 64.00 -46.36
N ILE M 697 -0.18 63.89 -45.30
CA ILE M 697 -1.50 63.27 -45.35
C ILE M 697 -2.25 63.71 -44.09
N PHE M 698 -3.57 63.60 -44.12
CA PHE M 698 -4.37 63.85 -42.92
C PHE M 698 -5.57 62.90 -42.97
N GLY M 699 -5.47 61.81 -42.23
CA GLY M 699 -6.48 60.77 -42.27
C GLY M 699 -7.51 60.92 -41.17
N SER M 700 -8.18 59.81 -40.87
CA SER M 700 -9.19 59.79 -39.81
C SER M 700 -8.59 59.65 -38.43
N ASP M 701 -7.28 59.47 -38.32
CA ASP M 701 -6.61 59.49 -37.03
C ASP M 701 -6.44 60.89 -36.47
N ASN M 702 -6.72 61.91 -37.29
CA ASN M 702 -6.61 63.32 -36.95
C ASN M 702 -5.18 63.70 -36.61
N THR M 703 -4.22 63.06 -37.29
CA THR M 703 -2.80 63.33 -37.12
C THR M 703 -2.23 63.70 -38.48
N LEU M 704 -1.24 64.58 -38.49
CA LEU M 704 -0.61 64.97 -39.75
C LEU M 704 0.69 64.19 -39.91
N LEU M 705 0.66 63.12 -40.69
CA LEU M 705 1.86 62.33 -40.96
C LEU M 705 2.73 63.07 -41.97
N LEU M 706 4.01 62.74 -41.97
CA LEU M 706 4.95 63.35 -42.88
C LEU M 706 6.04 62.35 -43.22
N LEU M 707 6.37 62.25 -44.50
CA LEU M 707 7.41 61.33 -44.96
C LEU M 707 8.71 62.11 -45.07
N SER M 708 9.78 61.54 -44.54
CA SER M 708 11.10 62.16 -44.64
C SER M 708 12.09 61.20 -45.27
N LYS M 709 13.16 61.78 -45.83
CA LYS M 709 14.32 61.07 -46.36
C LYS M 709 13.93 60.09 -47.45
N TRP M 710 13.00 60.52 -48.31
CA TRP M 710 12.48 59.62 -49.33
C TRP M 710 13.46 59.40 -50.47
N ARG M 711 14.49 60.23 -50.57
CA ARG M 711 15.51 60.02 -51.61
C ARG M 711 16.32 58.77 -51.35
N SER M 712 16.72 58.52 -50.11
CA SER M 712 17.30 57.23 -49.75
C SER M 712 16.20 56.18 -49.78
N PRO M 713 16.33 55.12 -50.57
CA PRO M 713 15.21 54.19 -50.73
C PRO M 713 14.97 53.27 -49.54
N GLU M 714 15.81 53.27 -48.52
CA GLU M 714 15.64 52.33 -47.42
C GLU M 714 15.55 53.01 -46.06
N GLU M 715 15.57 54.35 -46.02
CA GLU M 715 15.58 55.08 -44.75
C GLU M 715 14.43 56.08 -44.72
N SER M 716 13.26 55.62 -45.11
CA SER M 716 12.05 56.44 -45.10
C SER M 716 11.51 56.44 -43.67
N LYS M 717 10.95 57.57 -43.26
CA LYS M 717 10.42 57.72 -41.92
C LYS M 717 9.08 58.44 -41.97
N TRP M 718 8.12 57.96 -41.19
CA TRP M 718 6.81 58.58 -41.08
C TRP M 718 6.70 59.23 -39.71
N LEU M 719 6.89 60.54 -39.63
CA LEU M 719 6.93 61.24 -38.34
C LEU M 719 5.62 61.99 -38.14
N PRO M 720 4.80 61.62 -37.16
CA PRO M 720 3.62 62.43 -36.88
C PRO M 720 3.99 63.72 -36.16
N ILE M 721 3.98 64.81 -36.92
CA ILE M 721 4.43 66.10 -36.41
C ILE M 721 3.34 66.83 -35.63
N LEU M 722 2.11 66.34 -35.64
CA LEU M 722 1.01 67.09 -35.08
C LEU M 722 -0.14 66.15 -34.77
N ASP M 723 -0.82 66.43 -33.66
CA ASP M 723 -2.04 65.72 -33.31
C ASP M 723 -3.09 66.76 -33.01
N SER M 724 -4.22 66.69 -33.72
CA SER M 724 -5.31 67.61 -33.46
C SER M 724 -6.01 67.34 -32.14
N ASN M 725 -6.04 66.09 -31.69
CA ASN M 725 -6.75 65.72 -30.48
C ASN M 725 -6.06 66.21 -29.22
N MET M 726 -4.85 66.72 -29.32
CA MET M 726 -4.15 67.34 -28.20
C MET M 726 -4.37 68.84 -28.16
N GLU M 727 -4.39 69.50 -29.32
CA GLU M 727 -4.55 70.95 -29.33
C GLU M 727 -5.99 71.36 -29.08
N ILE M 728 -6.94 70.44 -29.19
CA ILE M 728 -8.29 70.71 -28.69
C ILE M 728 -8.27 70.71 -27.17
N TRP M 729 -7.63 69.72 -26.56
CA TRP M 729 -7.67 69.59 -25.11
C TRP M 729 -6.73 70.57 -24.42
N LYS M 730 -5.63 70.95 -25.08
CA LYS M 730 -4.74 71.93 -24.46
C LYS M 730 -5.30 73.33 -24.54
N MET M 731 -6.14 73.62 -25.53
CA MET M 731 -6.66 74.97 -25.70
C MET M 731 -8.04 75.16 -25.09
N SER M 732 -8.77 74.09 -24.83
CA SER M 732 -10.06 74.20 -24.16
C SER M 732 -9.94 74.22 -22.64
N GLY M 733 -8.72 74.20 -22.11
CA GLY M 733 -8.54 74.23 -20.68
C GLY M 733 -8.93 72.95 -19.98
N GLY M 734 -8.50 71.81 -20.50
CA GLY M 734 -8.83 70.55 -19.87
C GLY M 734 -10.24 70.08 -20.07
N LYS M 735 -10.97 70.67 -21.03
CA LYS M 735 -12.32 70.27 -21.35
C LYS M 735 -12.29 69.17 -22.40
N GLU M 736 -13.17 68.20 -22.25
CA GLU M 736 -13.39 67.19 -23.29
C GLU M 736 -14.55 67.60 -24.19
N THR M 737 -14.50 68.83 -24.72
CA THR M 737 -15.53 69.32 -25.62
C THR M 737 -15.24 68.82 -27.02
N THR M 738 -16.31 68.40 -27.71
CA THR M 738 -16.14 67.81 -29.03
C THR M 738 -16.74 68.69 -30.12
N ASP M 739 -17.12 69.91 -29.76
CA ASP M 739 -17.84 70.77 -30.69
C ASP M 739 -16.91 71.58 -31.58
N ILE M 740 -15.60 71.45 -31.41
CA ILE M 740 -14.62 72.12 -32.26
C ILE M 740 -13.87 71.03 -33.02
N HIS M 741 -13.56 71.30 -34.29
CA HIS M 741 -12.79 70.38 -35.09
C HIS M 741 -11.70 71.11 -35.87
N VAL M 742 -10.88 70.31 -36.56
CA VAL M 742 -9.74 70.80 -37.31
C VAL M 742 -9.91 70.36 -38.76
N TRP M 743 -9.64 71.28 -39.68
CA TRP M 743 -9.66 70.96 -41.10
C TRP M 743 -8.45 71.57 -41.79
N PRO M 744 -7.57 70.77 -42.36
CA PRO M 744 -6.35 71.34 -42.93
C PRO M 744 -6.56 71.86 -44.34
N LEU M 745 -5.74 72.83 -44.75
CA LEU M 745 -5.75 73.30 -46.11
C LEU M 745 -4.41 73.00 -46.78
N ALA M 746 -3.32 73.50 -46.17
CA ALA M 746 -1.98 73.31 -46.67
C ALA M 746 -0.99 73.60 -45.56
N LEU M 747 0.27 73.26 -45.80
CA LEU M 747 1.29 73.34 -44.76
C LEU M 747 2.30 74.42 -45.14
N ALA M 748 2.68 75.23 -44.15
CA ALA M 748 3.71 76.26 -44.31
C ALA M 748 5.05 75.65 -43.92
N TYR M 749 6.03 76.53 -43.66
CA TYR M 749 7.35 76.12 -43.19
C TYR M 749 7.28 75.33 -41.89
N ASP M 750 6.69 75.90 -40.85
CA ASP M 750 6.52 75.16 -39.61
C ASP M 750 5.11 75.25 -39.03
N THR M 751 4.37 76.30 -39.35
CA THR M 751 3.01 76.46 -38.85
C THR M 751 2.05 75.78 -39.83
N LEU M 752 0.84 75.50 -39.38
CA LEU M 752 -0.16 74.84 -40.21
C LEU M 752 -1.40 75.71 -40.34
N ASN M 753 -1.73 76.04 -41.58
N ASN M 753 -1.74 76.05 -41.58
CA ASN M 753 -2.97 76.74 -41.89
CA ASN M 753 -2.98 76.79 -41.83
C ASN M 753 -4.17 75.84 -41.64
C ASN M 753 -4.17 75.87 -41.66
N CYS M 754 -5.25 76.40 -41.10
CA CYS M 754 -6.41 75.60 -40.76
C CYS M 754 -7.70 76.37 -40.98
N ILE M 755 -8.80 75.62 -40.90
CA ILE M 755 -10.15 76.15 -40.86
C ILE M 755 -10.82 75.57 -39.61
N LEU M 756 -11.01 76.41 -38.61
CA LEU M 756 -11.59 75.94 -37.35
C LEU M 756 -13.11 75.87 -37.43
N VAL M 757 -13.64 74.72 -37.82
CA VAL M 757 -15.10 74.56 -37.84
C VAL M 757 -15.58 74.26 -36.43
N LYS M 758 -16.74 74.80 -36.07
CA LYS M 758 -17.28 74.76 -34.72
C LYS M 758 -18.76 74.45 -34.83
N GLY M 759 -19.13 73.18 -34.83
CA GLY M 759 -20.53 72.86 -34.96
C GLY M 759 -20.78 71.37 -34.91
N LYS M 760 -22.02 71.01 -35.19
CA LYS M 760 -22.40 69.60 -35.16
C LYS M 760 -21.94 68.89 -36.42
N HIS M 761 -21.68 69.64 -37.49
CA HIS M 761 -21.11 69.07 -38.69
C HIS M 761 -19.62 69.37 -38.76
N ILE M 762 -18.84 68.36 -39.09
CA ILE M 762 -17.39 68.50 -39.07
C ILE M 762 -16.84 69.10 -40.34
N TRP M 763 -17.67 69.32 -41.34
CA TRP M 763 -17.20 69.96 -42.57
C TRP M 763 -17.57 71.43 -42.55
N PRO M 764 -16.72 72.30 -43.10
CA PRO M 764 -17.08 73.72 -43.16
C PRO M 764 -18.23 73.96 -44.11
N GLU M 765 -19.01 75.00 -43.80
CA GLU M 765 -20.19 75.37 -44.57
C GLU M 765 -20.14 76.86 -44.94
N PHE M 766 -20.89 77.23 -45.96
CA PHE M 766 -20.93 78.62 -46.43
C PHE M 766 -21.46 79.60 -45.40
N PRO M 767 -20.93 80.83 -45.39
CA PRO M 767 -19.59 81.16 -45.90
C PRO M 767 -18.48 80.60 -45.04
N LEU M 768 -17.39 80.16 -45.67
CA LEU M 768 -16.26 79.59 -44.95
C LEU M 768 -15.46 80.64 -44.16
N PRO M 769 -15.05 80.27 -42.93
CA PRO M 769 -14.25 81.13 -42.04
C PRO M 769 -12.87 81.40 -42.60
N LEU M 770 -12.18 82.31 -41.94
CA LEU M 770 -10.89 82.78 -42.41
C LEU M 770 -9.82 81.73 -42.15
N PRO M 771 -8.83 81.61 -43.03
CA PRO M 771 -7.74 80.65 -42.81
C PRO M 771 -6.83 81.08 -41.67
N SER M 772 -6.92 80.37 -40.55
CA SER M 772 -6.17 80.68 -39.35
C SER M 772 -4.94 79.78 -39.25
N GLU M 773 -3.99 80.21 -38.43
CA GLU M 773 -2.71 79.52 -38.31
C GLU M 773 -2.69 78.65 -37.07
N MET M 774 -1.74 77.71 -37.03
CA MET M 774 -1.58 76.82 -35.88
C MET M 774 -0.16 76.27 -35.89
N GLU M 775 0.49 76.27 -34.72
CA GLU M 775 1.86 75.81 -34.61
C GLU M 775 1.86 74.30 -34.32
N ILE M 776 2.94 73.63 -34.72
CA ILE M 776 3.04 72.19 -34.61
C ILE M 776 3.64 71.81 -33.27
N ARG M 777 3.24 70.64 -32.77
CA ARG M 777 3.67 70.12 -31.49
C ARG M 777 3.90 68.63 -31.63
N MET M 778 5.05 68.16 -31.16
CA MET M 778 5.35 66.74 -31.16
C MET M 778 4.54 66.06 -30.07
N PRO M 779 4.16 64.79 -30.23
CA PRO M 779 3.33 64.14 -29.20
C PRO M 779 4.13 63.49 -28.10
N VAL M 780 4.65 64.29 -27.16
CA VAL M 780 5.41 63.80 -26.02
C VAL M 780 4.77 64.21 -24.69
N PHE M 781 3.56 64.74 -24.71
CA PHE M 781 2.91 65.16 -23.49
C PHE M 781 1.93 64.10 -23.00
N VAL M 782 1.84 63.99 -21.68
CA VAL M 782 0.98 63.02 -21.01
C VAL M 782 -0.26 63.75 -20.53
N LYS M 783 -1.43 63.13 -20.69
CA LYS M 783 -2.66 63.72 -20.16
C LYS M 783 -2.64 63.78 -18.63
N SER M 784 -2.20 62.70 -17.98
CA SER M 784 -2.28 62.64 -16.52
C SER M 784 -1.31 63.59 -15.84
N LYS M 785 -0.07 63.68 -16.32
CA LYS M 785 0.92 64.50 -15.63
C LYS M 785 0.71 65.99 -15.83
N LEU M 786 -0.17 66.39 -16.73
CA LEU M 786 -0.54 67.80 -16.78
C LEU M 786 -1.67 68.13 -15.81
N LEU M 787 -2.35 67.11 -15.30
CA LEU M 787 -3.45 67.36 -14.37
C LEU M 787 -2.99 67.74 -12.97
N GLU M 788 -1.81 67.27 -12.54
CA GLU M 788 -1.30 67.70 -11.25
C GLU M 788 -0.50 68.99 -11.33
N GLU M 789 -0.34 69.56 -12.53
CA GLU M 789 0.35 70.83 -12.68
C GLU M 789 -0.61 72.00 -12.64
N ASN M 790 -1.79 71.83 -12.07
CA ASN M 790 -2.77 72.89 -11.96
C ASN M 790 -3.28 72.99 -10.54
N GLU M 814 -6.43 77.68 -21.12
CA GLU M 814 -5.14 77.13 -21.51
C GLU M 814 -4.43 76.44 -20.36
N ILE M 815 -4.05 75.18 -20.59
CA ILE M 815 -3.24 74.46 -19.61
C ILE M 815 -1.80 74.90 -19.74
N GLN M 816 -1.16 75.20 -18.62
CA GLN M 816 0.22 75.64 -18.63
C GLN M 816 1.17 74.46 -18.47
N ILE M 817 2.35 74.60 -19.04
CA ILE M 817 3.35 73.54 -19.09
C ILE M 817 4.54 73.97 -18.24
N PRO M 818 5.26 73.05 -17.61
CA PRO M 818 6.45 73.44 -16.86
C PRO M 818 7.66 73.63 -17.78
N VAL M 819 8.77 74.07 -17.21
CA VAL M 819 10.00 74.16 -18.01
C VAL M 819 10.72 72.82 -18.00
N SER M 820 10.32 71.92 -17.09
CA SER M 820 10.89 70.59 -17.05
C SER M 820 10.36 69.71 -18.18
N MET M 821 9.31 70.14 -18.87
CA MET M 821 8.72 69.40 -19.99
C MET M 821 8.97 70.11 -21.31
N ALA M 822 9.03 71.44 -21.29
CA ALA M 822 9.03 72.22 -22.52
C ALA M 822 10.36 72.15 -23.25
N ALA M 823 11.44 71.79 -22.57
CA ALA M 823 12.72 71.70 -23.26
C ALA M 823 12.77 70.46 -24.14
N GLU M 824 12.13 69.39 -23.70
CA GLU M 824 12.28 68.09 -24.35
C GLU M 824 11.43 68.03 -25.62
N GLU M 825 10.23 68.59 -25.58
CA GLU M 825 9.44 68.82 -26.78
C GLU M 825 10.17 69.71 -27.76
N GLU M 826 10.77 70.81 -27.29
CA GLU M 826 11.45 71.72 -28.20
C GLU M 826 12.74 71.10 -28.74
N TYR M 827 13.35 70.19 -27.98
CA TYR M 827 14.52 69.47 -28.48
C TYR M 827 14.16 68.59 -29.66
N LEU M 828 13.02 67.90 -29.60
CA LEU M 828 12.61 67.06 -30.72
C LEU M 828 12.07 67.85 -31.89
N ARG M 829 11.21 68.84 -31.64
CA ARG M 829 10.58 69.63 -32.68
C ARG M 829 11.59 70.43 -33.48
N SER M 830 12.70 70.80 -32.87
CA SER M 830 13.78 71.43 -33.61
C SER M 830 14.74 70.42 -34.23
N LYS M 831 14.62 69.14 -33.89
CA LYS M 831 15.54 68.14 -34.42
C LYS M 831 15.13 67.64 -35.80
N VAL M 832 13.83 67.48 -36.05
CA VAL M 832 13.41 66.95 -37.34
C VAL M 832 13.34 68.05 -38.39
N LEU M 833 13.15 69.30 -37.97
CA LEU M 833 13.20 70.39 -38.94
C LEU M 833 14.63 70.70 -39.33
N SER M 834 15.59 70.33 -38.48
CA SER M 834 16.98 70.39 -38.87
C SER M 834 17.42 69.18 -39.68
N GLU M 835 16.49 68.29 -40.04
CA GLU M 835 16.85 67.16 -40.87
C GLU M 835 16.23 67.26 -42.25
N LEU M 836 14.98 67.74 -42.33
CA LEU M 836 14.34 67.96 -43.62
C LEU M 836 14.99 69.09 -44.41
N LEU M 837 15.31 70.20 -43.74
CA LEU M 837 15.73 71.40 -44.45
C LEU M 837 17.10 71.25 -45.08
N THR M 838 18.00 70.49 -44.45
CA THR M 838 19.38 70.44 -44.91
C THR M 838 19.51 69.67 -46.22
N ASP M 839 18.79 68.55 -46.35
CA ASP M 839 18.93 67.73 -47.56
C ASP M 839 18.30 68.38 -48.78
N THR M 840 17.36 69.31 -48.59
CA THR M 840 16.88 70.08 -49.73
C THR M 840 17.95 71.05 -50.23
N LEU M 841 18.82 71.52 -49.33
CA LEU M 841 19.89 72.42 -49.77
C LEU M 841 20.99 71.68 -50.53
N GLU M 842 21.46 70.56 -50.02
CA GLU M 842 22.58 69.85 -50.64
C GLU M 842 22.16 68.97 -51.80
N ASN M 843 20.89 69.01 -52.21
CA ASN M 843 20.46 68.35 -53.44
C ASN M 843 19.93 69.37 -54.43
N ASP M 844 19.07 70.28 -53.97
CA ASP M 844 18.51 71.30 -54.82
C ASP M 844 19.16 72.66 -54.58
N GLY M 845 19.12 73.15 -53.35
CA GLY M 845 19.61 74.48 -53.04
C GLY M 845 18.52 75.39 -52.51
N GLU M 846 18.67 76.69 -52.72
CA GLU M 846 17.68 77.63 -52.22
C GLU M 846 16.49 77.72 -53.17
N MET M 847 15.30 77.80 -52.58
CA MET M 847 14.05 77.92 -53.33
C MET M 847 13.43 79.30 -53.22
N TYR M 848 13.72 80.03 -52.14
CA TYR M 848 13.24 81.39 -51.97
C TYR M 848 14.32 82.37 -51.55
N GLY M 849 15.52 81.90 -51.23
CA GLY M 849 16.65 82.77 -51.01
C GLY M 849 17.07 82.98 -49.58
N ASN M 850 16.29 82.51 -48.60
CA ASN M 850 16.49 82.88 -47.20
C ASN M 850 16.68 81.64 -46.33
N GLU M 851 17.24 80.57 -46.91
CA GLU M 851 17.24 79.27 -46.24
C GLU M 851 18.35 79.11 -45.21
N ASN M 852 19.53 79.71 -45.44
CA ASN M 852 20.61 79.60 -44.45
C ASN M 852 20.28 80.36 -43.17
N GLU M 853 19.54 81.45 -43.28
CA GLU M 853 19.24 82.29 -42.13
C GLU M 853 18.25 81.63 -41.18
N VAL M 854 17.25 80.93 -41.73
CA VAL M 854 16.30 80.23 -40.87
C VAL M 854 16.94 78.94 -40.35
N LEU M 855 17.95 78.44 -41.06
CA LEU M 855 18.69 77.27 -40.63
C LEU M 855 19.50 77.54 -39.38
N ALA M 856 20.32 78.60 -39.40
CA ALA M 856 21.17 78.92 -38.27
C ALA M 856 20.38 79.49 -37.11
N ALA M 857 19.17 79.99 -37.37
CA ALA M 857 18.31 80.43 -36.28
C ALA M 857 17.71 79.27 -35.52
N LEU M 858 17.70 78.08 -36.12
CA LEU M 858 17.07 76.93 -35.48
C LEU M 858 18.06 76.13 -34.65
N ASN M 859 19.30 76.00 -35.13
CA ASN M 859 20.30 75.23 -34.40
C ASN M 859 20.74 75.91 -33.11
N GLY M 860 20.50 77.22 -32.99
CA GLY M 860 20.81 77.89 -31.75
C GLY M 860 19.81 77.59 -30.66
N ALA M 861 18.51 77.67 -30.98
CA ALA M 861 17.47 77.36 -30.02
C ALA M 861 17.41 75.87 -29.69
N TYR M 862 17.86 75.03 -30.61
CA TYR M 862 18.10 73.63 -30.29
C TYR M 862 19.14 73.48 -29.20
N ASP M 863 20.31 74.11 -29.38
CA ASP M 863 21.37 74.06 -28.39
C ASP M 863 21.04 74.87 -27.15
N LYS M 864 20.08 75.80 -27.24
CA LYS M 864 19.72 76.58 -26.06
C LYS M 864 18.84 75.78 -25.13
N ALA M 865 17.81 75.12 -25.66
CA ALA M 865 16.92 74.34 -24.81
C ALA M 865 17.56 73.05 -24.35
N LEU M 866 18.66 72.64 -24.99
CA LEU M 866 19.37 71.45 -24.55
C LEU M 866 20.08 71.68 -23.22
N LEU M 867 20.36 72.94 -22.88
CA LEU M 867 20.97 73.26 -21.61
C LEU M 867 20.01 73.08 -20.45
N ARG M 868 18.70 73.21 -20.68
CA ARG M 868 17.73 73.11 -19.60
C ARG M 868 17.68 71.70 -19.02
N LEU M 869 17.89 70.69 -19.86
CA LEU M 869 18.07 69.34 -19.36
C LEU M 869 19.37 69.18 -18.60
N PHE M 870 20.40 69.92 -18.96
CA PHE M 870 21.70 69.72 -18.32
C PHE M 870 21.70 70.27 -16.90
N ALA M 871 20.93 71.33 -16.67
CA ALA M 871 20.83 71.90 -15.33
C ALA M 871 19.89 71.12 -14.43
N SER M 872 18.90 70.44 -15.00
CA SER M 872 18.04 69.61 -14.18
C SER M 872 18.74 68.30 -13.82
N ALA M 873 19.55 67.78 -14.74
CA ALA M 873 20.20 66.49 -14.50
C ALA M 873 21.37 66.61 -13.53
N CYS M 874 22.04 67.75 -13.49
CA CYS M 874 23.14 67.92 -12.56
C CYS M 874 22.66 68.14 -11.14
N SER M 875 21.44 68.66 -10.97
CA SER M 875 20.89 68.85 -9.64
C SER M 875 20.35 67.56 -9.04
N ASP M 876 20.14 66.53 -9.86
CA ASP M 876 19.69 65.23 -9.38
C ASP M 876 20.86 64.25 -9.23
N GLN M 877 22.09 64.72 -9.48
CA GLN M 877 23.34 64.01 -9.25
C GLN M 877 23.40 62.69 -10.02
N ASN M 878 23.14 62.80 -11.33
CA ASN M 878 23.26 61.65 -12.22
C ASN M 878 24.26 62.07 -13.28
N VAL M 879 25.55 61.88 -12.98
CA VAL M 879 26.60 62.48 -13.78
C VAL M 879 26.80 61.73 -15.09
N GLU M 880 26.31 60.49 -15.17
CA GLU M 880 26.37 59.77 -16.44
C GLU M 880 25.20 60.15 -17.34
N LYS M 881 24.12 60.70 -16.77
CA LYS M 881 23.07 61.27 -17.61
C LYS M 881 23.53 62.58 -18.23
N ALA M 882 24.43 63.29 -17.55
CA ALA M 882 25.03 64.49 -18.08
C ALA M 882 25.99 64.21 -19.22
N LEU M 883 26.73 63.11 -19.16
CA LEU M 883 27.71 62.80 -20.18
C LEU M 883 27.04 62.41 -21.50
N SER M 884 25.88 61.76 -21.42
CA SER M 884 25.18 61.34 -22.62
C SER M 884 24.63 62.52 -23.40
N LEU M 885 24.33 63.63 -22.72
CA LEU M 885 23.85 64.83 -23.37
C LEU M 885 24.93 65.58 -24.14
N ALA M 886 26.19 65.32 -23.85
CA ALA M 886 27.29 66.15 -24.33
C ALA M 886 27.57 66.02 -25.81
N HIS M 887 27.43 64.83 -26.39
CA HIS M 887 27.89 64.56 -27.75
C HIS M 887 27.00 65.17 -28.82
N GLU M 888 25.84 65.71 -28.45
CA GLU M 888 24.85 66.18 -29.40
C GLU M 888 25.04 67.64 -29.79
N LEU M 889 25.84 68.37 -29.03
CA LEU M 889 25.98 69.82 -29.24
C LEU M 889 26.73 70.08 -30.53
N LYS M 890 26.03 70.63 -31.52
CA LYS M 890 26.56 70.76 -32.88
C LYS M 890 27.62 71.84 -32.99
N GLN M 891 27.29 73.07 -32.60
CA GLN M 891 28.26 74.14 -32.65
C GLN M 891 29.29 73.97 -31.54
N ASP M 892 30.50 74.48 -31.79
CA ASP M 892 31.55 74.44 -30.78
C ASP M 892 31.21 75.41 -29.65
N ARG M 893 30.54 76.52 -29.98
CA ARG M 893 30.08 77.49 -28.99
C ARG M 893 29.06 76.92 -28.01
N ALA M 894 28.39 75.82 -28.37
CA ALA M 894 27.52 75.16 -27.41
C ALA M 894 28.32 74.47 -26.31
N LEU M 895 29.51 73.94 -26.66
CA LEU M 895 30.34 73.29 -25.66
C LEU M 895 30.95 74.28 -24.68
N THR M 896 31.12 75.53 -25.11
CA THR M 896 31.80 76.51 -24.27
C THR M 896 30.93 76.93 -23.09
N ALA M 897 29.65 77.20 -23.35
CA ALA M 897 28.76 77.60 -22.28
C ALA M 897 28.43 76.45 -21.35
N ALA M 898 28.56 75.20 -21.81
CA ALA M 898 28.26 74.05 -20.98
C ALA M 898 29.32 73.82 -19.90
N VAL M 899 30.51 74.38 -20.08
CA VAL M 899 31.54 74.26 -19.06
C VAL M 899 31.17 75.09 -17.84
N LYS M 900 30.53 76.24 -18.06
CA LYS M 900 30.15 77.11 -16.96
C LYS M 900 28.98 76.56 -16.18
N ILE M 901 28.23 75.61 -16.75
CA ILE M 901 27.14 74.98 -16.03
C ILE M 901 27.69 73.97 -15.04
N SER M 902 28.83 73.34 -15.37
CA SER M 902 29.39 72.29 -14.54
C SER M 902 29.97 72.80 -13.24
N GLU M 903 30.45 74.04 -13.23
CA GLU M 903 31.13 74.56 -12.05
C GLU M 903 30.16 74.93 -10.94
N ARG M 904 28.89 75.14 -11.26
CA ARG M 904 27.90 75.40 -10.22
C ARG M 904 27.32 74.09 -9.67
N ALA M 905 27.69 72.97 -10.28
CA ALA M 905 27.26 71.66 -9.81
C ALA M 905 28.26 71.02 -8.85
N GLU M 906 29.45 71.61 -8.71
CA GLU M 906 30.53 71.16 -7.81
C GLU M 906 30.95 69.72 -8.12
N LEU M 907 31.18 69.47 -9.42
CA LEU M 907 31.66 68.18 -9.90
C LEU M 907 32.95 68.40 -10.66
N PRO M 908 34.09 68.36 -9.98
CA PRO M 908 35.37 68.49 -10.68
C PRO M 908 35.77 67.25 -11.45
N SER M 909 35.15 66.11 -11.17
CA SER M 909 35.42 64.90 -11.94
C SER M 909 34.69 64.87 -13.26
N LEU M 910 33.51 65.48 -13.34
CA LEU M 910 32.73 65.49 -14.57
C LEU M 910 33.33 66.38 -15.64
N VAL M 911 33.97 67.49 -15.24
CA VAL M 911 34.39 68.49 -16.20
C VAL M 911 35.59 68.00 -17.01
N LYS M 912 36.33 67.02 -16.48
CA LYS M 912 37.45 66.44 -17.21
C LYS M 912 36.98 65.68 -18.43
N LYS M 913 35.82 65.03 -18.33
CA LYS M 913 35.30 64.28 -19.46
C LYS M 913 34.78 65.19 -20.56
N ILE M 914 34.34 66.40 -20.21
CA ILE M 914 33.73 67.27 -21.21
C ILE M 914 34.79 67.93 -22.08
N ASN M 915 35.90 68.36 -21.47
CA ASN M 915 36.97 69.01 -22.21
C ASN M 915 37.71 68.07 -23.13
N ASN M 916 37.74 66.78 -22.81
CA ASN M 916 38.36 65.82 -23.71
C ASN M 916 37.48 65.49 -24.90
N ILE M 917 36.17 65.75 -24.81
CA ILE M 917 35.33 65.69 -26.00
C ILE M 917 35.61 66.88 -26.91
N ARG M 918 35.90 68.04 -26.31
CA ARG M 918 36.12 69.27 -27.06
C ARG M 918 37.37 69.18 -27.93
N GLU M 919 38.48 68.71 -27.36
CA GLU M 919 39.71 68.58 -28.12
C GLU M 919 39.64 67.42 -29.12
N ALA M 920 38.81 66.42 -28.86
CA ALA M 920 38.67 65.30 -29.79
C ALA M 920 37.96 65.72 -31.07
N ARG M 921 37.23 66.83 -31.03
CA ARG M 921 36.72 67.41 -32.26
C ARG M 921 37.84 67.98 -33.12
N TYR M 922 38.94 68.42 -32.49
CA TYR M 922 39.96 69.17 -33.22
C TYR M 922 40.79 68.29 -34.13
N GLU M 923 40.98 67.02 -33.76
CA GLU M 923 41.76 66.11 -34.59
C GLU M 923 41.00 65.73 -35.85
N GLN M 924 39.72 65.37 -35.72
CA GLN M 924 38.94 64.94 -36.87
C GLN M 924 38.60 66.11 -37.79
N GLN M 925 38.50 67.33 -37.24
CA GLN M 925 38.15 68.49 -38.04
C GLN M 925 39.31 68.91 -38.95
N LEU M 926 40.54 68.59 -38.56
CA LEU M 926 41.69 68.86 -39.40
C LEU M 926 41.82 67.85 -40.53
N LYS M 927 41.10 66.73 -40.46
CA LYS M 927 41.09 65.76 -41.54
C LYS M 927 39.92 66.03 -42.49
N PHE N 474 -10.71 29.01 -48.30
CA PHE N 474 -10.26 28.98 -49.68
C PHE N 474 -9.55 27.67 -50.00
N ARG N 475 -9.74 27.15 -51.20
CA ARG N 475 -9.21 25.85 -51.58
C ARG N 475 -8.07 26.05 -52.58
N TYR N 476 -6.99 25.28 -52.42
CA TYR N 476 -5.84 25.38 -53.30
C TYR N 476 -5.93 24.28 -54.35
N MET N 477 -6.04 24.68 -55.62
CA MET N 477 -6.26 23.65 -56.64
C MET N 477 -5.03 23.50 -57.54
N PRO N 478 -4.76 22.29 -58.03
CA PRO N 478 -3.54 22.05 -58.81
C PRO N 478 -3.56 22.62 -60.22
N PHE N 479 -3.13 23.87 -60.35
CA PHE N 479 -3.12 24.55 -61.63
C PHE N 479 -2.10 23.95 -62.59
N SER N 480 -2.48 23.91 -63.87
CA SER N 480 -1.68 23.43 -65.00
C SER N 480 -1.83 24.45 -66.13
N PRO N 481 -0.78 24.68 -66.92
CA PRO N 481 -0.84 25.75 -67.94
C PRO N 481 -1.80 25.43 -69.06
N ALA N 482 -2.78 26.33 -69.25
CA ALA N 482 -3.83 26.22 -70.27
C ALA N 482 -4.61 24.91 -70.15
N GLY N 483 -4.95 24.54 -68.91
CA GLY N 483 -5.63 23.29 -68.65
C GLY N 483 -7.12 23.47 -68.52
N THR N 484 -7.87 22.52 -69.07
CA THR N 484 -9.32 22.58 -69.04
C THR N 484 -9.88 21.49 -68.14
N PRO N 485 -11.02 21.73 -67.50
CA PRO N 485 -11.61 20.68 -66.66
C PRO N 485 -12.35 19.62 -67.47
N PHE N 486 -12.95 18.68 -66.73
CA PHE N 486 -13.69 17.60 -67.36
C PHE N 486 -14.97 18.10 -68.02
N GLY N 487 -15.84 18.76 -67.25
CA GLY N 487 -17.16 19.09 -67.77
C GLY N 487 -18.04 17.86 -67.78
N PHE N 488 -19.07 17.88 -68.65
CA PHE N 488 -19.94 16.73 -68.78
C PHE N 488 -19.26 15.53 -69.42
N THR N 489 -18.28 15.75 -70.31
CA THR N 489 -17.58 14.69 -70.98
C THR N 489 -16.53 14.09 -70.04
N ASP N 490 -15.95 12.97 -70.46
CA ASP N 490 -14.98 12.24 -69.65
C ASP N 490 -13.63 12.18 -70.34
N ARG N 491 -13.36 13.17 -71.19
CA ARG N 491 -12.05 13.36 -71.75
C ARG N 491 -11.75 14.85 -71.78
N ARG N 492 -10.56 15.21 -71.35
CA ARG N 492 -10.19 16.61 -71.21
C ARG N 492 -8.70 16.77 -71.50
N TYR N 493 -8.28 18.00 -71.69
CA TYR N 493 -6.86 18.30 -71.85
C TYR N 493 -6.22 18.57 -70.49
N LEU N 494 -4.90 18.58 -70.50
CA LEU N 494 -4.12 18.97 -69.33
C LEU N 494 -3.22 20.16 -69.59
N THR N 495 -2.48 20.17 -70.70
CA THR N 495 -1.63 21.29 -71.01
C THR N 495 -1.96 21.85 -72.38
N MET N 496 -1.21 22.90 -72.73
CA MET N 496 -1.10 23.42 -74.09
C MET N 496 0.05 24.40 -74.10
N ASN N 497 0.96 24.24 -75.06
CA ASN N 497 1.89 25.31 -75.39
C ASN N 497 2.25 25.21 -76.85
N GLU N 498 3.31 25.89 -77.26
CA GLU N 498 3.66 25.99 -78.66
C GLU N 498 4.24 24.71 -79.25
N VAL N 499 4.68 23.76 -78.42
CA VAL N 499 5.34 22.58 -78.97
C VAL N 499 4.45 21.36 -78.90
N GLY N 500 3.47 21.36 -78.01
CA GLY N 500 2.61 20.20 -77.92
C GLY N 500 1.45 20.43 -77.00
N TYR N 501 0.70 19.36 -76.76
CA TYR N 501 -0.40 19.35 -75.81
C TYR N 501 -0.73 17.92 -75.43
N VAL N 502 -1.55 17.78 -74.40
CA VAL N 502 -1.90 16.49 -73.83
C VAL N 502 -3.41 16.41 -73.71
N SER N 503 -3.98 15.30 -74.15
CA SER N 503 -5.34 14.95 -73.82
C SER N 503 -5.32 13.66 -73.01
N THR N 504 -6.30 13.50 -72.12
CA THR N 504 -6.44 12.28 -71.35
C THR N 504 -7.88 11.77 -71.43
N VAL N 505 -8.01 10.45 -71.49
CA VAL N 505 -9.31 9.78 -71.48
C VAL N 505 -9.30 8.78 -70.34
N LYS N 506 -10.34 8.78 -69.52
CA LYS N 506 -10.46 7.83 -68.43
C LYS N 506 -11.18 6.58 -68.90
N ASN N 507 -10.48 5.45 -68.89
CA ASN N 507 -11.11 4.17 -69.20
C ASN N 507 -11.68 3.57 -67.91
N SER N 508 -11.97 2.27 -67.97
CA SER N 508 -12.74 1.62 -66.91
C SER N 508 -11.97 1.52 -65.60
N GLU N 509 -10.64 1.47 -65.65
CA GLU N 509 -9.85 1.26 -64.44
C GLU N 509 -8.63 2.15 -64.34
N GLN N 510 -8.09 2.63 -65.47
CA GLN N 510 -6.96 3.55 -65.41
C GLN N 510 -7.16 4.76 -66.32
N TYR N 511 -6.14 5.60 -66.42
CA TYR N 511 -6.22 6.77 -67.28
C TYR N 511 -5.30 6.60 -68.48
N SER N 512 -5.72 7.16 -69.62
CA SER N 512 -4.99 7.03 -70.87
C SER N 512 -4.46 8.40 -71.27
N ILE N 513 -3.21 8.66 -70.93
CA ILE N 513 -2.57 9.92 -71.30
C ILE N 513 -2.12 9.85 -72.75
N THR N 514 -2.53 10.86 -73.52
CA THR N 514 -2.25 10.93 -74.94
C THR N 514 -1.40 12.15 -75.22
N VAL N 515 -0.09 11.98 -75.22
CA VAL N 515 0.82 13.02 -75.66
C VAL N 515 0.63 13.15 -77.15
N SER N 516 0.60 14.38 -77.66
CA SER N 516 0.40 14.61 -79.08
C SER N 516 0.95 15.98 -79.43
N PHE N 517 1.76 16.03 -80.48
CA PHE N 517 2.58 17.21 -80.74
C PHE N 517 1.94 18.09 -81.79
N PHE N 518 2.52 19.30 -81.92
CA PHE N 518 2.22 20.15 -83.06
C PHE N 518 3.28 20.01 -84.13
N ASP N 519 4.55 20.00 -83.72
CA ASP N 519 5.65 19.77 -84.64
C ASP N 519 5.79 18.26 -84.87
N VAL N 520 5.87 17.86 -86.13
CA VAL N 520 6.14 16.46 -86.44
C VAL N 520 7.53 16.30 -87.01
N GLY N 521 8.13 17.39 -87.48
CA GLY N 521 9.42 17.30 -88.14
C GLY N 521 10.58 17.10 -87.17
N ARG N 522 10.31 17.21 -85.87
CA ARG N 522 11.40 17.12 -84.90
C ARG N 522 11.27 15.89 -84.01
N PHE N 523 10.06 15.53 -83.60
CA PHE N 523 9.89 14.52 -82.57
C PHE N 523 8.84 13.49 -83.00
N ARG N 524 8.52 12.59 -82.07
CA ARG N 524 7.61 11.47 -82.28
C ARG N 524 6.64 11.35 -81.12
N GLU N 525 5.41 10.98 -81.44
CA GLU N 525 4.36 10.79 -80.46
C GLU N 525 4.53 9.44 -79.77
N TYR N 526 4.44 9.43 -78.43
CA TYR N 526 4.23 8.19 -77.70
C TYR N 526 3.17 8.41 -76.65
N HIS N 527 2.51 7.34 -76.26
CA HIS N 527 1.42 7.42 -75.30
C HIS N 527 1.20 6.06 -74.65
N PHE N 528 0.75 6.08 -73.40
CA PHE N 528 0.69 4.86 -72.59
C PHE N 528 -0.33 5.05 -71.48
N GLU N 529 -0.24 4.17 -70.48
CA GLU N 529 -1.25 4.10 -69.43
C GLU N 529 -0.74 4.76 -68.15
N ASP N 530 -1.62 5.55 -67.54
CA ASP N 530 -1.29 6.32 -66.34
C ASP N 530 -1.68 5.44 -65.16
N LEU N 531 -0.67 5.04 -64.38
CA LEU N 531 -0.88 4.08 -63.31
C LEU N 531 -1.38 4.72 -62.03
N PHE N 532 -1.34 6.04 -61.91
CA PHE N 532 -1.68 6.69 -60.65
C PHE N 532 -2.73 7.77 -60.79
N GLY N 533 -2.96 8.28 -61.99
CA GLY N 533 -3.86 9.40 -62.14
C GLY N 533 -3.13 10.72 -62.13
N TYR N 534 -2.12 10.85 -63.00
CA TYR N 534 -1.35 12.10 -63.12
C TYR N 534 -2.29 13.19 -63.62
N ASP N 535 -2.35 14.29 -62.89
CA ASP N 535 -3.19 15.41 -63.28
C ASP N 535 -2.43 16.71 -63.42
N LEU N 536 -1.12 16.70 -63.23
CA LEU N 536 -0.27 17.87 -63.44
C LEU N 536 0.74 17.52 -64.51
N CYS N 537 1.12 18.51 -65.31
CA CYS N 537 2.06 18.23 -66.39
C CYS N 537 2.73 19.52 -66.82
N PHE N 538 3.83 19.37 -67.56
CA PHE N 538 4.53 20.49 -68.16
C PHE N 538 5.30 19.96 -69.35
N LEU N 539 5.01 20.48 -70.53
CA LEU N 539 5.64 20.01 -71.76
C LEU N 539 6.55 21.09 -72.32
N ASN N 540 7.79 20.75 -72.58
CA ASN N 540 8.75 21.67 -73.15
C ASN N 540 9.37 21.05 -74.38
N GLU N 541 10.42 21.71 -74.89
CA GLU N 541 11.08 21.25 -76.10
C GLU N 541 11.89 19.98 -75.85
N LYS N 542 12.29 19.72 -74.60
CA LYS N 542 13.17 18.59 -74.35
C LYS N 542 12.38 17.35 -73.93
N GLY N 543 11.55 17.46 -72.92
CA GLY N 543 10.84 16.32 -72.39
C GLY N 543 9.50 16.70 -71.81
N THR N 544 9.14 16.02 -70.72
CA THR N 544 7.86 16.22 -70.07
C THR N 544 8.03 15.85 -68.61
N LEU N 545 7.03 16.15 -67.79
CA LEU N 545 7.12 15.94 -66.35
C LEU N 545 5.70 15.82 -65.80
N PHE N 546 5.43 14.74 -65.10
CA PHE N 546 4.10 14.50 -64.60
C PHE N 546 4.13 14.47 -63.07
N GLY N 547 2.97 14.26 -62.47
CA GLY N 547 2.90 14.16 -61.02
C GLY N 547 1.50 14.05 -60.47
N GLN N 548 1.36 13.32 -59.36
CA GLN N 548 0.08 13.17 -58.68
C GLN N 548 0.05 14.14 -57.53
N SER N 549 -1.00 14.97 -57.48
CA SER N 549 -1.07 16.05 -56.50
C SER N 549 -1.35 15.55 -55.09
N LYS N 550 -2.04 14.43 -54.93
CA LYS N 550 -2.41 13.96 -53.60
C LYS N 550 -1.27 13.15 -52.99
N THR N 551 -0.85 12.08 -53.67
CA THR N 551 0.15 11.20 -53.08
C THR N 551 1.55 11.80 -53.19
N GLY N 552 1.86 12.45 -54.30
CA GLY N 552 3.15 13.10 -54.41
C GLY N 552 4.21 12.23 -55.04
N GLN N 553 3.92 11.67 -56.21
CA GLN N 553 4.89 10.88 -56.95
C GLN N 553 5.02 11.48 -58.34
N ILE N 554 6.25 11.70 -58.79
CA ILE N 554 6.48 12.38 -60.06
C ILE N 554 7.16 11.43 -61.04
N GLN N 555 7.36 11.93 -62.26
CA GLN N 555 7.95 11.15 -63.34
C GLN N 555 8.50 12.11 -64.38
N TYR N 556 9.70 11.82 -64.89
CA TYR N 556 10.38 12.68 -65.84
C TYR N 556 10.88 11.85 -67.01
N ARG N 557 10.28 12.06 -68.18
CA ARG N 557 10.59 11.24 -69.36
C ARG N 557 11.08 12.12 -70.50
N PRO N 558 12.38 12.10 -70.81
CA PRO N 558 12.86 12.82 -71.99
C PRO N 558 12.37 12.18 -73.26
N HIS N 559 12.42 12.95 -74.34
CA HIS N 559 11.93 12.44 -75.62
C HIS N 559 12.98 11.59 -76.31
N ASP N 560 14.26 11.82 -75.99
CA ASP N 560 15.32 10.92 -76.41
C ASP N 560 15.15 9.57 -75.74
N SER N 561 15.58 8.53 -76.42
CA SER N 561 15.50 7.19 -75.84
C SER N 561 16.73 6.81 -75.04
N ILE N 562 17.83 7.55 -75.18
CA ILE N 562 19.08 7.16 -74.53
C ILE N 562 19.03 7.48 -73.04
N HIS N 563 18.61 8.69 -72.69
CA HIS N 563 18.52 9.07 -71.29
C HIS N 563 17.34 8.38 -70.63
N SER N 564 17.45 8.14 -69.33
CA SER N 564 16.51 7.28 -68.63
C SER N 564 15.35 8.09 -68.07
N ASN N 565 14.29 7.39 -67.69
CA ASN N 565 13.14 7.98 -67.03
C ASN N 565 13.11 7.55 -65.57
N TRP N 566 13.38 8.49 -64.68
CA TRP N 566 13.49 8.18 -63.27
C TRP N 566 12.24 8.64 -62.55
N THR N 567 11.95 7.98 -61.43
CA THR N 567 10.76 8.26 -60.64
C THR N 567 11.17 8.47 -59.20
N LYS N 568 10.89 9.66 -58.69
CA LYS N 568 11.23 10.03 -57.32
C LYS N 568 9.94 10.37 -56.59
N ILE N 569 9.90 10.08 -55.29
CA ILE N 569 8.72 10.39 -54.50
C ILE N 569 9.00 11.62 -53.65
N ILE N 570 8.12 12.61 -53.75
CA ILE N 570 8.28 13.90 -53.07
C ILE N 570 7.74 13.79 -51.65
N PRO N 571 8.49 14.22 -50.64
CA PRO N 571 7.99 14.15 -49.27
C PRO N 571 6.93 15.19 -49.00
N LEU N 572 5.83 14.76 -48.39
CA LEU N 572 4.69 15.62 -48.11
C LEU N 572 4.31 15.53 -46.65
N GLN N 573 3.29 16.30 -46.27
CA GLN N 573 2.81 16.35 -44.90
C GLN N 573 1.32 16.06 -44.85
N ALA N 574 0.70 16.25 -43.69
CA ALA N 574 -0.71 15.97 -43.52
C ALA N 574 -1.55 17.12 -44.06
N GLY N 575 -2.32 16.87 -45.12
CA GLY N 575 -3.16 17.89 -45.67
C GLY N 575 -2.46 18.85 -46.61
N GLU N 576 -1.71 18.33 -47.59
CA GLU N 576 -0.89 19.16 -48.44
C GLU N 576 -0.91 18.64 -49.87
N ARG N 577 -1.03 19.55 -50.81
CA ARG N 577 -1.10 19.22 -52.23
C ARG N 577 0.22 19.55 -52.89
N ILE N 578 0.27 19.37 -54.20
CA ILE N 578 1.36 19.84 -55.03
C ILE N 578 0.71 20.73 -56.08
N THR N 579 1.07 22.00 -56.09
CA THR N 579 0.31 22.94 -56.88
C THR N 579 0.76 22.94 -58.33
N SER N 580 2.06 23.06 -58.58
CA SER N 580 2.52 23.15 -59.95
C SER N 580 3.93 22.62 -60.04
N VAL N 581 4.31 22.23 -61.26
CA VAL N 581 5.62 21.66 -61.56
C VAL N 581 6.22 22.46 -62.72
N ALA N 582 7.51 22.28 -62.94
CA ALA N 582 8.20 22.99 -64.01
C ALA N 582 9.44 22.21 -64.41
N ALA N 583 9.87 22.39 -65.65
CA ALA N 583 11.00 21.65 -66.17
C ALA N 583 11.88 22.57 -67.01
N THR N 584 13.10 22.77 -66.56
CA THR N 584 14.16 23.49 -67.23
C THR N 584 15.14 22.46 -67.79
N PRO N 585 15.86 22.77 -68.88
CA PRO N 585 16.95 21.89 -69.32
C PRO N 585 18.11 21.73 -68.34
N VAL N 586 18.15 22.45 -67.21
CA VAL N 586 19.21 22.25 -66.24
C VAL N 586 18.64 21.96 -64.85
N ARG N 587 17.38 22.31 -64.60
CA ARG N 587 16.79 22.16 -63.28
C ARG N 587 15.36 21.64 -63.37
N VAL N 588 14.82 21.24 -62.23
CA VAL N 588 13.42 20.82 -62.10
C VAL N 588 12.92 21.36 -60.77
N ILE N 589 11.76 22.04 -60.79
CA ILE N 589 11.21 22.70 -59.62
C ILE N 589 9.86 22.08 -59.31
N VAL N 590 9.56 21.85 -58.04
CA VAL N 590 8.23 21.44 -57.60
C VAL N 590 7.84 22.37 -56.45
N GLY N 591 6.71 23.05 -56.58
CA GLY N 591 6.24 23.92 -55.52
C GLY N 591 4.93 23.45 -54.92
N THR N 592 4.90 23.30 -53.61
CA THR N 592 3.75 22.73 -52.91
C THR N 592 2.86 23.84 -52.36
N SER N 593 1.87 23.48 -51.53
CA SER N 593 0.91 24.42 -50.99
C SER N 593 1.16 24.78 -49.53
N LEU N 594 2.34 24.47 -49.00
CA LEU N 594 2.81 25.06 -47.75
C LEU N 594 4.01 25.96 -47.97
N GLY N 595 4.60 25.93 -49.15
CA GLY N 595 5.55 26.95 -49.51
C GLY N 595 6.90 26.42 -49.90
N TYR N 596 7.07 25.10 -49.84
CA TYR N 596 8.39 24.51 -50.09
C TYR N 596 8.72 24.64 -51.56
N PHE N 597 9.98 24.85 -51.86
CA PHE N 597 10.43 25.13 -53.20
C PHE N 597 11.59 24.18 -53.49
N ARG N 598 11.28 22.95 -53.88
CA ARG N 598 12.26 21.89 -53.99
C ARG N 598 12.87 21.92 -55.38
N SER N 599 14.19 21.89 -55.44
CA SER N 599 14.92 22.05 -56.69
C SER N 599 15.83 20.85 -56.90
N PHE N 600 15.71 20.22 -58.07
CA PHE N 600 16.56 19.11 -58.45
C PHE N 600 17.42 19.49 -59.64
N ASN N 601 18.17 18.53 -60.15
CA ASN N 601 18.70 18.58 -61.49
C ASN N 601 17.95 17.56 -62.34
N GLN N 602 18.38 17.41 -63.61
CA GLN N 602 17.64 16.55 -64.54
C GLN N 602 17.85 15.07 -64.30
N PHE N 603 18.62 14.68 -63.29
CA PHE N 603 18.81 13.27 -62.98
C PHE N 603 18.22 12.88 -61.64
N GLY N 604 17.99 13.83 -60.74
CA GLY N 604 17.40 13.50 -59.46
C GLY N 604 18.32 13.69 -58.27
N VAL N 605 19.17 14.70 -58.33
CA VAL N 605 20.01 15.09 -57.22
C VAL N 605 19.55 16.46 -56.73
N PRO N 606 19.15 16.60 -55.47
CA PRO N 606 18.61 17.88 -55.01
C PRO N 606 19.71 18.90 -54.77
N PHE N 607 19.32 20.17 -54.75
CA PHE N 607 20.21 21.28 -54.43
C PHE N 607 19.83 22.01 -53.16
N ALA N 608 18.55 22.27 -52.95
CA ALA N 608 18.11 23.00 -51.77
C ALA N 608 16.65 22.69 -51.50
N VAL N 609 16.24 22.92 -50.26
CA VAL N 609 14.83 22.97 -49.88
C VAL N 609 14.63 24.31 -49.22
N GLU N 610 13.64 25.06 -49.68
CA GLU N 610 13.50 26.46 -49.31
C GLU N 610 12.06 26.68 -48.87
N LYS N 611 11.78 27.82 -48.27
CA LYS N 611 10.47 28.13 -47.72
C LYS N 611 10.06 29.51 -48.19
N THR N 612 8.97 29.59 -48.96
CA THR N 612 8.42 30.87 -49.36
C THR N 612 6.91 30.88 -49.16
N SER N 613 6.25 31.91 -49.66
CA SER N 613 4.80 31.96 -49.65
C SER N 613 4.25 30.89 -50.59
N PRO N 614 2.99 30.42 -50.35
CA PRO N 614 2.41 29.38 -51.21
C PRO N 614 2.30 29.76 -52.68
N ILE N 615 2.49 28.78 -53.55
CA ILE N 615 2.62 29.03 -54.98
C ILE N 615 1.38 28.49 -55.67
N VAL N 616 0.95 29.15 -56.75
CA VAL N 616 -0.14 28.64 -57.56
C VAL N 616 0.22 28.50 -59.03
N ALA N 617 1.37 28.99 -59.47
CA ALA N 617 1.75 28.87 -60.87
C ALA N 617 3.26 28.93 -61.00
N LEU N 618 3.79 28.29 -62.04
CA LEU N 618 5.21 28.32 -62.32
C LEU N 618 5.42 28.34 -63.82
N THR N 619 6.59 28.83 -64.25
CA THR N 619 6.92 28.97 -65.65
C THR N 619 8.43 29.16 -65.75
N ALA N 620 9.05 28.44 -66.67
CA ALA N 620 10.50 28.52 -66.80
C ALA N 620 10.89 28.80 -68.24
N GLN N 621 12.14 29.19 -68.40
CA GLN N 621 12.80 29.25 -69.70
C GLN N 621 14.21 28.74 -69.43
N ASN N 622 15.15 29.06 -70.32
CA ASN N 622 16.53 28.53 -70.36
C ASN N 622 17.21 28.78 -69.01
N TYR N 623 17.14 29.98 -68.45
CA TYR N 623 17.83 30.27 -67.20
C TYR N 623 16.94 30.90 -66.13
N ARG N 624 15.76 31.39 -66.50
CA ARG N 624 14.97 32.23 -65.61
C ARG N 624 13.63 31.57 -65.31
N VAL N 625 13.17 31.73 -64.08
CA VAL N 625 11.93 31.13 -63.59
C VAL N 625 10.98 32.25 -63.16
N PHE N 626 9.70 32.10 -63.50
CA PHE N 626 8.65 33.03 -63.07
C PHE N 626 7.84 32.30 -62.01
N SER N 627 7.36 33.03 -61.02
CA SER N 627 6.50 32.46 -60.00
C SER N 627 5.36 33.40 -59.66
N VAL N 628 4.31 32.85 -59.07
CA VAL N 628 3.16 33.63 -58.60
C VAL N 628 2.77 33.10 -57.23
N HIS N 629 2.77 33.97 -56.24
CA HIS N 629 2.42 33.59 -54.89
C HIS N 629 1.06 34.14 -54.50
N TYR N 630 0.41 33.45 -53.57
CA TYR N 630 -0.83 33.96 -52.99
C TYR N 630 -1.01 33.32 -51.63
N SER N 631 -0.86 34.10 -50.57
CA SER N 631 -1.15 33.62 -49.23
C SER N 631 -2.65 33.62 -49.00
N GLN N 632 -3.06 33.19 -47.82
CA GLN N 632 -4.44 33.36 -47.40
C GLN N 632 -4.64 34.72 -46.74
N PHE N 633 -3.56 35.47 -46.55
CA PHE N 633 -3.65 36.77 -45.90
C PHE N 633 -3.31 37.90 -46.85
N HIS N 634 -2.13 37.87 -47.45
CA HIS N 634 -1.65 39.02 -48.19
C HIS N 634 -1.65 38.82 -49.70
N GLY N 635 -0.90 37.85 -50.22
CA GLY N 635 -1.11 37.32 -51.55
C GLY N 635 -0.99 38.22 -52.78
N LEU N 636 -1.28 37.58 -53.93
CA LEU N 636 -1.15 38.14 -55.27
C LEU N 636 0.17 38.85 -55.50
N SER N 637 1.27 38.11 -55.49
CA SER N 637 2.54 38.77 -55.75
C SER N 637 3.46 37.81 -56.47
N TYR N 638 4.02 38.27 -57.57
CA TYR N 638 4.94 37.51 -58.38
C TYR N 638 6.34 37.63 -57.80
N SER N 639 7.25 36.79 -58.29
CA SER N 639 8.65 36.86 -57.92
C SER N 639 9.49 36.30 -59.05
N LEU N 640 10.08 37.16 -59.86
CA LEU N 640 10.81 36.75 -61.04
C LEU N 640 12.23 36.43 -60.65
N SER N 641 12.57 35.15 -60.62
CA SER N 641 13.91 34.73 -60.23
C SER N 641 14.68 34.20 -61.42
N GLU N 642 15.94 33.86 -61.21
CA GLU N 642 16.70 33.11 -62.20
C GLU N 642 17.57 32.11 -61.45
N LEU N 643 17.75 30.94 -62.03
CA LEU N 643 18.56 29.91 -61.38
C LEU N 643 19.93 29.93 -62.03
N GLY N 644 20.81 30.78 -61.51
CA GLY N 644 22.17 30.84 -61.99
C GLY N 644 22.96 29.60 -61.64
N THR N 645 24.07 29.42 -62.36
CA THR N 645 24.93 28.28 -62.11
C THR N 645 25.68 28.41 -60.78
N SER N 646 25.89 29.64 -60.31
CA SER N 646 26.59 29.89 -59.06
C SER N 646 25.62 30.14 -57.89
N SER N 647 24.80 31.17 -57.98
CA SER N 647 23.90 31.51 -56.89
C SER N 647 22.61 32.07 -57.45
N LYS N 648 21.50 31.73 -56.79
CA LYS N 648 20.20 32.22 -57.23
C LYS N 648 20.05 33.70 -56.89
N ARG N 649 20.26 34.54 -57.88
CA ARG N 649 20.17 35.98 -57.70
C ARG N 649 18.83 36.47 -58.23
N TYR N 650 17.97 36.90 -57.32
CA TYR N 650 16.62 37.31 -57.66
C TYR N 650 16.63 38.66 -58.34
N TYR N 651 15.50 39.03 -58.90
CA TYR N 651 15.38 40.35 -59.51
C TYR N 651 14.19 41.09 -58.92
N LYS N 652 13.12 40.35 -58.62
CA LYS N 652 11.96 40.89 -57.92
C LYS N 652 11.63 39.89 -56.83
N ARG N 653 11.85 40.26 -55.57
CA ARG N 653 11.45 39.40 -54.47
C ARG N 653 10.12 39.90 -53.92
N GLU N 654 9.06 39.28 -54.42
CA GLU N 654 7.68 39.43 -53.94
C GLU N 654 7.22 40.89 -54.02
N CYS N 655 7.19 41.39 -55.25
CA CYS N 655 6.56 42.66 -55.55
C CYS N 655 5.07 42.45 -55.86
N PRO N 656 4.20 43.42 -55.61
CA PRO N 656 2.76 43.17 -55.77
C PRO N 656 2.34 43.09 -57.22
N LEU N 657 1.31 42.30 -57.49
CA LEU N 657 0.94 41.95 -58.85
C LEU N 657 -0.26 42.76 -59.29
N PRO N 658 -0.16 43.53 -60.36
CA PRO N 658 -1.32 44.33 -60.81
C PRO N 658 -2.30 43.52 -61.65
N MET N 659 -3.01 42.58 -61.03
CA MET N 659 -3.95 41.72 -61.73
C MET N 659 -5.15 41.50 -60.83
N SER N 660 -6.31 41.22 -61.43
CA SER N 660 -7.56 41.23 -60.68
C SER N 660 -8.15 39.83 -60.58
N LEU N 661 -8.38 39.37 -59.36
CA LEU N 661 -9.11 38.15 -59.08
C LEU N 661 -10.58 38.33 -59.48
N PRO N 662 -11.27 37.26 -59.87
CA PRO N 662 -12.66 37.39 -60.32
C PRO N 662 -13.61 37.82 -59.22
N ASN N 663 -14.74 38.40 -59.62
CA ASN N 663 -15.75 38.89 -58.68
C ASN N 663 -16.71 37.77 -58.29
N ASP N 671 -24.71 26.15 -64.81
CA ASP N 671 -23.89 27.18 -65.41
C ASP N 671 -22.60 26.57 -65.99
N ALA N 672 -22.27 26.94 -67.22
CA ALA N 672 -21.08 26.39 -67.87
C ALA N 672 -19.81 27.00 -67.29
N ASN N 673 -19.86 28.26 -66.86
CA ASN N 673 -18.69 28.87 -66.23
C ASN N 673 -18.65 28.62 -64.74
N LEU N 674 -19.56 27.82 -64.21
CA LEU N 674 -19.49 27.42 -62.81
C LEU N 674 -18.31 26.47 -62.57
N ASP N 675 -18.17 25.46 -63.42
CA ASP N 675 -17.14 24.46 -63.19
C ASP N 675 -15.76 24.94 -63.61
N TYR N 676 -15.70 26.02 -64.39
CA TYR N 676 -14.40 26.63 -64.64
C TYR N 676 -13.88 27.35 -63.39
N TYR N 677 -14.77 27.77 -62.51
CA TYR N 677 -14.33 28.44 -61.29
C TYR N 677 -14.21 27.47 -60.13
N ASN N 678 -14.84 26.30 -60.22
CA ASN N 678 -14.55 25.25 -59.26
C ASN N 678 -13.31 24.46 -59.63
N PHE N 679 -12.75 24.71 -60.80
CA PHE N 679 -11.52 24.04 -61.20
C PHE N 679 -10.31 24.95 -61.11
N ASN N 680 -10.47 26.22 -61.45
CA ASN N 680 -9.41 27.22 -61.36
C ASN N 680 -10.02 28.48 -60.78
N PRO N 681 -9.94 28.67 -59.46
CA PRO N 681 -10.62 29.82 -58.84
C PRO N 681 -9.94 31.14 -59.12
N MET N 682 -8.64 31.16 -59.34
CA MET N 682 -7.95 32.39 -59.70
C MET N 682 -8.27 32.87 -61.11
N GLY N 683 -8.71 32.00 -61.99
CA GLY N 683 -8.98 32.42 -63.34
C GLY N 683 -7.76 32.75 -64.16
N ILE N 684 -6.59 32.24 -63.78
CA ILE N 684 -5.41 32.43 -64.60
C ILE N 684 -5.42 31.39 -65.70
N LYS N 685 -5.52 31.84 -66.94
CA LYS N 685 -5.56 30.91 -68.05
C LYS N 685 -4.16 30.41 -68.39
N SER N 686 -3.27 31.31 -68.78
CA SER N 686 -1.97 30.88 -69.26
C SER N 686 -0.94 31.95 -68.96
N LEU N 687 0.14 31.57 -68.30
CA LEU N 687 1.27 32.46 -68.12
C LEU N 687 2.49 31.81 -68.75
N PHE N 688 3.37 32.64 -69.29
CA PHE N 688 4.49 32.15 -70.06
C PHE N 688 5.54 33.24 -70.16
N PHE N 689 6.59 32.96 -70.91
CA PHE N 689 7.55 33.97 -71.31
C PHE N 689 7.32 34.34 -72.76
N SER N 690 8.01 35.37 -73.20
CA SER N 690 8.06 35.70 -74.61
C SER N 690 9.17 34.88 -75.27
N SER N 691 9.48 35.22 -76.51
CA SER N 691 10.68 34.73 -77.16
C SER N 691 11.76 35.81 -77.18
N TYR N 692 11.51 36.93 -76.53
CA TYR N 692 12.59 37.88 -76.26
C TYR N 692 12.82 38.07 -74.76
N GLY N 693 12.32 37.18 -73.92
CA GLY N 693 12.65 37.19 -72.50
C GLY N 693 11.82 38.12 -71.65
N ASP N 694 10.57 38.39 -72.01
CA ASP N 694 9.70 39.26 -71.23
C ASP N 694 8.48 38.45 -70.79
N PRO N 695 8.17 38.40 -69.50
CA PRO N 695 7.04 37.60 -69.04
C PRO N 695 5.71 38.20 -69.45
N CYS N 696 4.69 37.34 -69.47
CA CYS N 696 3.32 37.75 -69.74
C CYS N 696 2.40 36.89 -68.89
N ILE N 697 1.13 37.27 -68.85
CA ILE N 697 0.10 36.51 -68.15
C ILE N 697 -1.25 36.87 -68.75
N PHE N 698 -2.08 35.84 -68.96
CA PHE N 698 -3.43 36.03 -69.45
C PHE N 698 -4.37 35.43 -68.41
N GLY N 699 -5.02 36.28 -67.64
CA GLY N 699 -5.93 35.85 -66.60
C GLY N 699 -7.38 35.92 -67.02
N SER N 700 -8.26 35.94 -66.04
CA SER N 700 -9.70 36.06 -66.28
C SER N 700 -10.14 37.49 -66.54
N ASP N 701 -9.22 38.44 -66.52
CA ASP N 701 -9.50 39.82 -66.87
C ASP N 701 -9.64 40.03 -68.37
N ASN N 702 -9.29 39.01 -69.17
CA ASN N 702 -9.39 39.02 -70.63
C ASN N 702 -8.57 40.14 -71.25
N THR N 703 -7.39 40.36 -70.70
CA THR N 703 -6.48 41.40 -71.14
C THR N 703 -5.06 40.86 -71.03
N LEU N 704 -4.26 41.06 -72.07
CA LEU N 704 -2.89 40.55 -72.07
C LEU N 704 -1.97 41.58 -71.43
N LEU N 705 -1.25 41.17 -70.39
CA LEU N 705 -0.28 42.02 -69.73
C LEU N 705 1.14 41.65 -70.17
N LEU N 706 2.06 42.58 -69.93
CA LEU N 706 3.43 42.40 -70.37
C LEU N 706 4.34 43.28 -69.53
N LEU N 707 5.43 42.72 -69.05
CA LEU N 707 6.34 43.43 -68.14
C LEU N 707 7.49 43.98 -68.96
N SER N 708 7.75 45.27 -68.82
CA SER N 708 8.82 45.91 -69.56
C SER N 708 9.96 46.34 -68.64
N LYS N 709 11.18 46.23 -69.14
CA LYS N 709 12.44 46.51 -68.43
C LYS N 709 12.51 45.76 -67.09
N TRP N 710 12.35 44.44 -67.17
CA TRP N 710 12.35 43.64 -65.95
C TRP N 710 13.70 43.58 -65.27
N ARG N 711 14.79 43.79 -66.01
CA ARG N 711 16.12 43.71 -65.41
C ARG N 711 16.40 44.85 -64.46
N SER N 712 16.09 46.09 -64.85
CA SER N 712 16.32 47.24 -63.99
C SER N 712 15.17 47.37 -63.02
N PRO N 713 15.42 47.38 -61.70
CA PRO N 713 14.32 47.54 -60.73
C PRO N 713 13.81 48.96 -60.63
N GLU N 714 14.44 49.92 -61.29
CA GLU N 714 14.00 51.30 -61.19
C GLU N 714 12.76 51.56 -62.02
N GLU N 715 12.74 51.07 -63.26
CA GLU N 715 11.67 51.41 -64.18
C GLU N 715 10.88 50.20 -64.67
N SER N 716 10.79 49.15 -63.87
CA SER N 716 10.05 47.96 -64.26
C SER N 716 8.55 48.24 -64.19
N LYS N 717 7.89 48.25 -65.34
CA LYS N 717 6.50 48.66 -65.40
C LYS N 717 5.72 47.68 -66.27
N TRP N 718 4.46 47.48 -65.92
CA TRP N 718 3.56 46.62 -66.66
C TRP N 718 2.89 47.44 -67.74
N LEU N 719 2.85 46.90 -68.97
CA LEU N 719 2.23 47.59 -70.09
C LEU N 719 1.15 46.72 -70.71
N PRO N 720 -0.12 46.96 -70.45
CA PRO N 720 -1.18 46.13 -71.04
C PRO N 720 -1.33 46.43 -72.53
N ILE N 721 -1.13 45.41 -73.33
CA ILE N 721 -0.88 45.59 -74.76
C ILE N 721 -1.96 44.97 -75.63
N LEU N 722 -2.75 44.03 -75.12
CA LEU N 722 -3.88 43.51 -75.88
C LEU N 722 -5.13 43.36 -75.02
N ASP N 723 -6.22 43.94 -75.50
CA ASP N 723 -7.57 43.62 -75.07
C ASP N 723 -8.02 42.47 -75.96
N SER N 724 -8.53 41.42 -75.34
CA SER N 724 -9.09 40.31 -76.11
C SER N 724 -10.55 40.55 -76.48
N ASN N 725 -11.29 41.29 -75.66
CA ASN N 725 -12.70 41.53 -75.93
C ASN N 725 -12.94 42.63 -76.95
N MET N 726 -11.98 43.55 -77.11
CA MET N 726 -12.15 44.64 -78.06
C MET N 726 -11.76 44.26 -79.47
N GLU N 727 -10.87 43.29 -79.65
CA GLU N 727 -10.58 42.80 -80.99
C GLU N 727 -11.74 41.99 -81.56
N ILE N 728 -12.56 41.39 -80.71
CA ILE N 728 -13.76 40.71 -81.17
C ILE N 728 -14.77 41.71 -81.72
N TRP N 729 -14.93 42.85 -81.05
CA TRP N 729 -15.86 43.86 -81.54
C TRP N 729 -15.32 44.59 -82.75
N LYS N 730 -14.01 44.54 -82.97
CA LYS N 730 -13.41 45.24 -84.10
C LYS N 730 -13.53 44.44 -85.38
N MET N 731 -13.47 43.10 -85.28
CA MET N 731 -13.56 42.29 -86.49
C MET N 731 -15.00 42.16 -86.97
N SER N 732 -15.95 42.14 -86.02
CA SER N 732 -17.35 41.92 -86.34
C SER N 732 -17.99 43.10 -87.05
N GLY N 733 -17.44 44.31 -86.94
CA GLY N 733 -17.99 45.46 -87.62
C GLY N 733 -19.28 45.96 -87.00
N GLY N 734 -19.29 46.14 -85.69
CA GLY N 734 -20.45 46.69 -85.00
C GLY N 734 -21.32 45.68 -84.31
N LYS N 735 -20.88 44.44 -84.18
CA LYS N 735 -21.67 43.39 -83.54
C LYS N 735 -20.95 42.90 -82.31
N GLU N 736 -21.67 42.82 -81.19
CA GLU N 736 -21.14 42.28 -79.94
C GLU N 736 -21.62 40.84 -79.79
N THR N 737 -20.74 39.90 -80.11
CA THR N 737 -21.07 38.48 -80.02
C THR N 737 -20.39 37.90 -78.80
N THR N 738 -21.19 37.36 -77.90
CA THR N 738 -20.71 36.92 -76.59
C THR N 738 -20.44 35.42 -76.53
N ASP N 739 -20.28 34.76 -77.69
CA ASP N 739 -19.95 33.35 -77.73
C ASP N 739 -18.60 33.09 -78.41
N ILE N 740 -17.83 34.14 -78.67
CA ILE N 740 -16.47 34.01 -79.17
C ILE N 740 -15.53 34.25 -77.99
N HIS N 741 -14.93 33.18 -77.48
CA HIS N 741 -13.97 33.27 -76.41
C HIS N 741 -12.58 33.04 -76.97
N VAL N 742 -11.61 33.70 -76.34
CA VAL N 742 -10.24 33.77 -76.84
C VAL N 742 -9.41 32.82 -75.98
N TRP N 743 -8.42 32.19 -76.58
CA TRP N 743 -7.52 31.38 -75.79
C TRP N 743 -6.11 31.53 -76.30
N PRO N 744 -5.23 32.21 -75.57
CA PRO N 744 -3.92 32.52 -76.13
C PRO N 744 -2.99 31.31 -76.05
N LEU N 745 -1.99 31.30 -76.93
CA LEU N 745 -1.04 30.20 -76.97
C LEU N 745 0.38 30.67 -76.73
N ALA N 746 0.88 31.64 -77.50
CA ALA N 746 2.27 32.08 -77.39
C ALA N 746 2.43 33.44 -78.04
N LEU N 747 3.66 33.94 -78.04
CA LEU N 747 3.99 35.28 -78.52
C LEU N 747 5.19 35.16 -79.46
N ALA N 748 5.12 35.86 -80.59
CA ALA N 748 6.17 35.79 -81.62
C ALA N 748 6.53 37.18 -82.15
N TYR N 749 6.75 38.10 -81.19
CA TYR N 749 7.31 39.46 -81.35
C TYR N 749 6.27 40.39 -81.97
N ASP N 750 5.20 39.90 -82.60
CA ASP N 750 4.20 40.81 -83.16
C ASP N 750 2.80 40.27 -82.97
N THR N 751 2.66 38.95 -82.87
CA THR N 751 1.39 38.29 -83.09
C THR N 751 1.06 37.37 -81.92
N LEU N 752 -0.24 37.16 -81.69
CA LEU N 752 -0.72 36.27 -80.65
C LEU N 752 -1.52 35.14 -81.27
N ASN N 753 -1.03 33.92 -81.13
N ASN N 753 -1.03 33.91 -81.14
CA ASN N 753 -1.72 32.74 -81.61
CA ASN N 753 -1.75 32.76 -81.67
C ASN N 753 -2.88 32.41 -80.69
C ASN N 753 -2.86 32.35 -80.72
N CYS N 754 -4.04 32.08 -81.27
CA CYS N 754 -5.23 31.93 -80.45
C CYS N 754 -6.07 30.76 -80.90
N ILE N 755 -7.03 30.42 -80.06
CA ILE N 755 -8.05 29.42 -80.35
C ILE N 755 -9.40 30.12 -80.28
N LEU N 756 -9.98 30.40 -81.45
CA LEU N 756 -11.26 31.09 -81.50
C LEU N 756 -12.38 30.16 -81.07
N VAL N 757 -12.58 30.05 -79.76
CA VAL N 757 -13.54 29.10 -79.20
C VAL N 757 -14.95 29.62 -79.44
N LYS N 758 -15.79 28.77 -80.04
CA LYS N 758 -17.19 29.09 -80.29
C LYS N 758 -18.02 28.07 -79.53
N GLY N 759 -18.89 28.55 -78.65
CA GLY N 759 -19.78 27.65 -77.94
C GLY N 759 -20.11 28.20 -76.57
N LYS N 760 -20.95 27.45 -75.86
CA LYS N 760 -21.28 27.79 -74.49
C LYS N 760 -20.07 27.65 -73.57
N HIS N 761 -19.23 26.66 -73.85
CA HIS N 761 -17.97 26.54 -73.15
C HIS N 761 -16.98 27.57 -73.68
N ILE N 762 -16.25 28.19 -72.75
CA ILE N 762 -15.19 29.12 -73.13
C ILE N 762 -13.89 28.39 -73.43
N TRP N 763 -13.82 27.09 -73.18
CA TRP N 763 -12.67 26.27 -73.46
C TRP N 763 -12.95 25.39 -74.68
N PRO N 764 -11.92 25.05 -75.46
CA PRO N 764 -12.17 24.18 -76.61
C PRO N 764 -12.31 22.73 -76.19
N GLU N 765 -12.64 21.89 -77.17
CA GLU N 765 -12.80 20.46 -76.93
C GLU N 765 -12.22 19.64 -78.08
N PHE N 766 -12.58 18.35 -78.14
CA PHE N 766 -12.17 17.35 -79.11
C PHE N 766 -12.93 17.55 -80.42
N PRO N 767 -12.24 17.63 -81.57
CA PRO N 767 -10.79 17.72 -81.72
C PRO N 767 -10.33 19.16 -81.65
N LEU N 768 -9.03 19.36 -81.49
CA LEU N 768 -8.50 20.71 -81.30
C LEU N 768 -8.53 21.47 -82.61
N PRO N 769 -9.08 22.69 -82.64
CA PRO N 769 -9.10 23.48 -83.88
C PRO N 769 -7.72 24.01 -84.26
N LEU N 770 -7.71 24.73 -85.37
CA LEU N 770 -6.47 25.20 -85.95
C LEU N 770 -5.95 26.42 -85.18
N PRO N 771 -4.66 26.68 -85.22
CA PRO N 771 -4.14 27.96 -84.71
C PRO N 771 -4.63 29.15 -85.54
N SER N 772 -5.08 30.19 -84.83
CA SER N 772 -5.49 31.44 -85.41
C SER N 772 -4.68 32.58 -84.81
N GLU N 773 -4.27 33.53 -85.64
CA GLU N 773 -3.29 34.53 -85.26
C GLU N 773 -3.88 35.94 -85.38
N MET N 774 -3.57 36.78 -84.39
CA MET N 774 -4.07 38.15 -84.32
C MET N 774 -2.92 39.12 -84.16
N GLU N 775 -2.85 40.11 -85.04
CA GLU N 775 -1.91 41.22 -84.91
C GLU N 775 -2.29 42.05 -83.68
N ILE N 776 -1.28 42.52 -82.95
CA ILE N 776 -1.52 43.12 -81.65
C ILE N 776 -1.97 44.56 -81.80
N ARG N 777 -2.81 45.00 -80.87
CA ARG N 777 -3.52 46.27 -80.98
C ARG N 777 -3.73 46.87 -79.60
N MET N 778 -3.38 48.14 -79.45
CA MET N 778 -3.58 48.87 -78.21
C MET N 778 -5.05 49.10 -77.88
N PRO N 779 -5.39 49.20 -76.58
CA PRO N 779 -6.78 49.50 -76.20
C PRO N 779 -7.06 51.00 -76.10
N VAL N 780 -6.89 51.71 -77.22
CA VAL N 780 -6.98 53.17 -77.23
C VAL N 780 -8.21 53.67 -77.98
N PHE N 781 -9.19 52.80 -78.21
CA PHE N 781 -10.40 53.18 -78.92
C PHE N 781 -11.59 53.22 -77.97
N VAL N 782 -12.59 54.02 -78.34
CA VAL N 782 -13.77 54.24 -77.52
C VAL N 782 -14.90 53.40 -78.11
N LYS N 783 -15.72 52.79 -77.25
CA LYS N 783 -16.89 52.06 -77.74
C LYS N 783 -17.92 52.99 -78.37
N SER N 784 -18.18 54.13 -77.73
CA SER N 784 -19.26 55.00 -78.21
C SER N 784 -18.81 55.80 -79.43
N LYS N 785 -17.55 56.21 -79.46
CA LYS N 785 -17.06 57.04 -80.56
C LYS N 785 -16.98 56.23 -81.85
N LEU N 786 -16.65 54.95 -81.74
CA LEU N 786 -16.68 54.09 -82.91
C LEU N 786 -18.10 53.71 -83.29
N LEU N 787 -19.03 53.79 -82.33
CA LEU N 787 -20.43 53.49 -82.62
C LEU N 787 -21.07 54.58 -83.45
N GLU N 788 -20.87 55.85 -83.06
CA GLU N 788 -21.48 56.95 -83.80
C GLU N 788 -20.74 57.21 -85.11
N GLU N 789 -19.45 56.86 -85.16
CA GLU N 789 -18.74 56.90 -86.44
C GLU N 789 -19.27 55.85 -87.39
N ASN N 790 -19.40 54.61 -86.92
CA ASN N 790 -19.94 53.55 -87.75
C ASN N 790 -21.43 53.39 -87.49
N LYS N 791 -22.15 54.50 -87.57
CA LYS N 791 -23.61 54.52 -87.45
C LYS N 791 -24.28 54.62 -88.82
N ALA N 792 -23.64 55.31 -89.76
CA ALA N 792 -24.22 55.49 -91.08
C ALA N 792 -24.21 54.18 -91.88
N ILE N 793 -23.09 53.46 -91.85
CA ILE N 793 -22.92 52.24 -92.62
C ILE N 793 -23.82 51.11 -92.12
N GLU N 814 -16.45 45.01 -91.10
CA GLU N 814 -15.31 45.45 -90.30
C GLU N 814 -15.55 46.84 -89.73
N ILE N 815 -14.83 47.17 -88.66
CA ILE N 815 -14.95 48.50 -88.06
C ILE N 815 -14.04 49.46 -88.79
N GLN N 816 -14.61 50.54 -89.32
CA GLN N 816 -13.85 51.61 -89.93
C GLN N 816 -13.52 52.65 -88.86
N ILE N 817 -12.24 52.81 -88.57
CA ILE N 817 -11.75 53.77 -87.58
C ILE N 817 -11.17 54.96 -88.32
N PRO N 818 -11.39 56.19 -87.84
CA PRO N 818 -10.81 57.35 -88.52
C PRO N 818 -9.30 57.41 -88.34
N VAL N 819 -8.65 58.21 -89.18
CA VAL N 819 -7.20 58.35 -89.13
C VAL N 819 -6.79 59.08 -87.85
N SER N 820 -7.69 59.94 -87.36
CA SER N 820 -7.48 60.63 -86.07
C SER N 820 -7.38 59.63 -84.91
N MET N 821 -8.07 58.51 -85.01
CA MET N 821 -7.91 57.44 -84.01
C MET N 821 -6.89 56.40 -84.45
N ALA N 822 -6.62 56.31 -85.75
CA ALA N 822 -5.79 55.23 -86.27
C ALA N 822 -4.32 55.41 -85.94
N ALA N 823 -3.81 56.63 -86.02
CA ALA N 823 -2.39 56.85 -85.80
C ALA N 823 -2.07 56.95 -84.32
N GLU N 824 -3.11 57.05 -83.49
CA GLU N 824 -2.92 57.01 -82.04
C GLU N 824 -2.47 55.62 -81.59
N GLU N 825 -3.06 54.56 -82.18
CA GLU N 825 -2.64 53.21 -81.86
C GLU N 825 -1.26 52.91 -82.40
N GLU N 826 -0.98 53.38 -83.62
CA GLU N 826 0.27 53.05 -84.28
C GLU N 826 1.46 53.75 -83.63
N TYR N 827 1.22 54.88 -82.97
CA TYR N 827 2.30 55.56 -82.26
C TYR N 827 2.72 54.78 -81.03
N LEU N 828 1.74 54.28 -80.26
CA LEU N 828 2.07 53.58 -79.02
C LEU N 828 2.68 52.21 -79.29
N ARG N 829 2.19 51.51 -80.32
CA ARG N 829 2.75 50.22 -80.68
C ARG N 829 4.19 50.36 -81.17
N SER N 830 4.50 51.48 -81.83
CA SER N 830 5.89 51.77 -82.17
C SER N 830 6.67 52.26 -80.96
N LYS N 831 5.97 52.67 -79.90
CA LYS N 831 6.66 53.19 -78.72
C LYS N 831 6.96 52.07 -77.72
N VAL N 832 6.02 51.15 -77.53
CA VAL N 832 6.26 50.01 -76.64
C VAL N 832 7.29 49.08 -77.26
N LEU N 833 7.07 48.69 -78.51
CA LEU N 833 7.86 47.60 -79.10
C LEU N 833 9.28 48.04 -79.42
N SER N 834 9.54 49.34 -79.43
CA SER N 834 10.89 49.82 -79.64
C SER N 834 11.77 49.49 -78.43
N GLU N 835 11.30 49.85 -77.23
CA GLU N 835 12.16 49.80 -76.05
C GLU N 835 12.42 48.37 -75.58
N LEU N 836 11.52 47.45 -75.93
CA LEU N 836 11.65 46.07 -75.50
C LEU N 836 12.82 45.37 -76.17
N LEU N 837 13.16 45.80 -77.39
CA LEU N 837 14.17 45.08 -78.15
C LEU N 837 15.57 45.66 -77.93
N THR N 838 15.68 46.95 -77.60
CA THR N 838 16.99 47.61 -77.57
C THR N 838 17.85 47.12 -76.41
N ASP N 839 17.24 46.79 -75.28
CA ASP N 839 18.03 46.26 -74.17
C ASP N 839 18.42 44.81 -74.40
N THR N 840 17.57 44.06 -75.11
CA THR N 840 17.84 42.66 -75.37
C THR N 840 19.01 42.48 -76.34
N LEU N 841 19.07 43.31 -77.38
CA LEU N 841 20.21 43.27 -78.28
C LEU N 841 21.47 43.78 -77.59
N GLU N 842 21.30 44.69 -76.63
CA GLU N 842 22.44 45.21 -75.90
C GLU N 842 22.98 44.24 -74.86
N ASN N 843 22.14 43.33 -74.35
CA ASN N 843 22.53 42.49 -73.24
C ASN N 843 22.52 41.00 -73.54
N ASP N 844 21.72 40.54 -74.50
CA ASP N 844 21.62 39.12 -74.79
C ASP N 844 22.19 38.73 -76.15
N GLY N 845 22.58 39.71 -76.97
CA GLY N 845 23.08 39.40 -78.29
C GLY N 845 21.96 39.07 -79.27
N GLU N 846 22.31 39.12 -80.55
CA GLU N 846 21.36 38.81 -81.60
C GLU N 846 21.03 37.32 -81.61
N MET N 847 19.82 36.99 -82.02
CA MET N 847 19.39 35.60 -82.11
C MET N 847 19.04 35.28 -83.54
N TYR N 848 18.38 36.22 -84.21
CA TYR N 848 17.94 36.05 -85.58
C TYR N 848 18.77 36.84 -86.59
N GLY N 849 19.65 37.74 -86.14
CA GLY N 849 20.60 38.42 -86.99
C GLY N 849 20.08 39.68 -87.65
N ASN N 850 18.80 39.70 -88.02
CA ASN N 850 18.21 40.82 -88.73
C ASN N 850 17.53 41.81 -87.79
N GLU N 851 17.95 41.85 -86.53
CA GLU N 851 17.20 42.62 -85.52
C GLU N 851 17.38 44.12 -85.71
N ASN N 852 18.54 44.55 -86.22
CA ASN N 852 18.83 45.98 -86.32
C ASN N 852 17.97 46.65 -87.40
N GLU N 853 17.51 45.89 -88.38
CA GLU N 853 16.66 46.44 -89.42
C GLU N 853 15.21 46.58 -88.95
N VAL N 854 14.80 45.73 -88.00
CA VAL N 854 13.43 45.79 -87.48
C VAL N 854 13.22 47.07 -86.70
N LEU N 855 14.27 47.55 -86.02
CA LEU N 855 14.19 48.82 -85.31
C LEU N 855 14.02 49.98 -86.27
N ALA N 856 14.58 49.87 -87.47
CA ALA N 856 14.37 50.92 -88.48
C ALA N 856 12.95 50.88 -89.00
N ALA N 857 12.33 49.70 -88.99
CA ALA N 857 10.93 49.59 -89.42
C ALA N 857 9.98 50.22 -88.41
N LEU N 858 10.25 50.04 -87.12
CA LEU N 858 9.43 50.70 -86.11
C LEU N 858 9.71 52.20 -86.05
N ASN N 859 10.99 52.58 -86.06
CA ASN N 859 11.35 54.00 -86.02
C ASN N 859 10.93 54.74 -87.27
N GLY N 860 10.83 54.05 -88.41
CA GLY N 860 10.22 54.63 -89.58
C GLY N 860 8.74 54.85 -89.36
N ALA N 861 8.07 53.80 -88.87
CA ALA N 861 6.65 53.89 -88.56
C ALA N 861 6.39 54.78 -87.35
N TYR N 862 7.41 55.01 -86.53
CA TYR N 862 7.30 55.94 -85.41
C TYR N 862 7.05 57.36 -85.91
N ASP N 863 7.67 57.73 -87.03
CA ASP N 863 7.52 59.08 -87.55
C ASP N 863 6.15 59.29 -88.19
N LYS N 864 5.73 58.34 -89.03
CA LYS N 864 4.49 58.48 -89.78
C LYS N 864 3.27 58.45 -88.87
N ALA N 865 3.33 57.64 -87.80
CA ALA N 865 2.21 57.55 -86.86
C ALA N 865 2.06 58.82 -86.03
N LEU N 866 3.15 59.56 -85.85
CA LEU N 866 3.02 60.90 -85.29
C LEU N 866 2.55 61.91 -86.32
N LEU N 867 2.97 61.74 -87.58
CA LEU N 867 2.66 62.75 -88.58
C LEU N 867 1.19 62.71 -88.98
N ARG N 868 0.56 61.54 -88.93
CA ARG N 868 -0.90 61.53 -89.15
C ARG N 868 -1.62 62.07 -87.93
N LEU N 869 -0.99 62.00 -86.76
CA LEU N 869 -1.52 62.69 -85.59
C LEU N 869 -1.12 64.17 -85.62
N PHE N 870 0.00 64.48 -86.27
CA PHE N 870 0.46 65.87 -86.32
C PHE N 870 -0.50 66.72 -87.14
N ALA N 871 -1.03 66.18 -88.23
CA ALA N 871 -2.08 66.85 -88.98
C ALA N 871 -3.41 66.75 -88.25
N SER N 872 -3.56 65.72 -87.41
CA SER N 872 -4.75 65.63 -86.56
C SER N 872 -4.67 66.62 -85.40
N ALA N 873 -3.48 67.12 -85.12
CA ALA N 873 -3.31 68.04 -83.99
C ALA N 873 -3.58 69.49 -84.41
N CYS N 874 -3.28 69.83 -85.67
CA CYS N 874 -3.34 71.23 -86.07
C CYS N 874 -4.64 71.56 -86.81
N SER N 875 -5.35 70.53 -87.30
CA SER N 875 -6.57 70.75 -88.06
C SER N 875 -7.74 71.23 -87.21
N ASP N 876 -7.65 71.13 -85.88
CA ASP N 876 -8.65 71.68 -84.98
C ASP N 876 -8.31 73.10 -84.54
N GLN N 877 -7.58 73.85 -85.39
CA GLN N 877 -7.13 75.25 -85.25
C GLN N 877 -6.53 75.60 -83.88
N ASN N 878 -6.03 74.62 -83.14
CA ASN N 878 -5.45 74.86 -81.81
C ASN N 878 -3.94 74.72 -81.97
N VAL N 879 -3.22 75.80 -81.63
CA VAL N 879 -1.77 75.81 -81.79
C VAL N 879 -1.11 74.93 -80.73
N GLU N 880 -1.76 74.79 -79.57
CA GLU N 880 -1.12 74.13 -78.45
C GLU N 880 -1.11 72.61 -78.62
N LYS N 881 -1.88 72.09 -79.57
CA LYS N 881 -2.02 70.64 -79.66
C LYS N 881 -0.87 69.97 -80.40
N ALA N 882 -0.02 70.75 -81.08
CA ALA N 882 0.85 70.13 -82.07
C ALA N 882 2.33 70.23 -81.71
N LEU N 883 2.70 71.21 -80.90
CA LEU N 883 4.11 71.58 -80.80
C LEU N 883 4.92 70.58 -79.98
N SER N 884 4.24 69.80 -79.13
CA SER N 884 4.97 68.86 -78.28
C SER N 884 5.44 67.63 -79.05
N LEU N 885 4.71 67.27 -80.11
CA LEU N 885 5.08 66.08 -80.87
C LEU N 885 6.30 66.34 -81.74
N ALA N 886 6.66 67.61 -81.93
CA ALA N 886 7.92 67.94 -82.59
C ALA N 886 9.11 67.53 -81.74
N HIS N 887 8.95 67.50 -80.42
CA HIS N 887 9.93 66.86 -79.55
C HIS N 887 9.86 65.35 -79.64
N GLU N 888 8.65 64.78 -79.68
CA GLU N 888 8.45 63.35 -79.54
C GLU N 888 8.83 62.55 -80.78
N LEU N 889 9.02 63.21 -81.92
CA LEU N 889 9.60 62.53 -83.06
C LEU N 889 11.07 62.20 -82.77
N LYS N 890 11.58 61.16 -83.42
CA LYS N 890 12.96 60.75 -83.16
C LYS N 890 13.92 61.32 -84.20
N GLN N 891 13.64 61.05 -85.47
CA GLN N 891 14.61 61.32 -86.52
C GLN N 891 14.72 62.81 -86.82
N ASP N 892 15.77 63.16 -87.58
CA ASP N 892 15.92 64.53 -88.06
C ASP N 892 15.21 64.74 -89.39
N ARG N 893 15.07 63.66 -90.19
CA ARG N 893 14.27 63.71 -91.40
C ARG N 893 12.79 63.90 -91.10
N ALA N 894 12.35 63.52 -89.89
CA ALA N 894 10.97 63.75 -89.48
C ALA N 894 10.71 65.23 -89.21
N LEU N 895 11.66 65.91 -88.54
CA LEU N 895 11.48 67.32 -88.24
C LEU N 895 11.67 68.17 -89.49
N THR N 896 12.39 67.65 -90.48
CA THR N 896 12.43 68.28 -91.80
C THR N 896 11.06 68.18 -92.47
N ALA N 897 10.39 67.04 -92.32
CA ALA N 897 9.04 66.89 -92.84
C ALA N 897 8.01 67.55 -91.93
N ALA N 898 8.41 67.95 -90.72
CA ALA N 898 7.47 68.60 -89.81
C ALA N 898 7.36 70.09 -90.10
N VAL N 899 8.27 70.65 -90.90
CA VAL N 899 8.24 72.08 -91.16
C VAL N 899 7.37 72.38 -92.39
N LYS N 900 7.20 71.39 -93.26
CA LYS N 900 6.41 71.62 -94.47
C LYS N 900 4.91 71.50 -94.19
N ILE N 901 4.55 70.71 -93.17
CA ILE N 901 3.15 70.60 -92.79
C ILE N 901 2.71 71.83 -91.99
N SER N 902 3.66 72.48 -91.31
CA SER N 902 3.32 73.67 -90.54
C SER N 902 3.17 74.90 -91.42
N GLU N 903 3.74 74.89 -92.63
CA GLU N 903 3.64 76.05 -93.50
C GLU N 903 2.28 76.12 -94.19
N ARG N 904 1.71 74.96 -94.55
CA ARG N 904 0.41 74.96 -95.22
C ARG N 904 -0.75 75.22 -94.27
N ALA N 905 -0.53 75.11 -92.96
CA ALA N 905 -1.55 75.39 -91.97
C ALA N 905 -1.58 76.84 -91.54
N GLU N 906 -0.69 77.68 -92.10
CA GLU N 906 -0.57 79.11 -91.81
C GLU N 906 -0.30 79.37 -90.32
N LEU N 907 0.73 78.71 -89.80
CA LEU N 907 1.21 78.92 -88.42
C LEU N 907 2.68 79.33 -88.50
N PRO N 908 2.96 80.63 -88.59
CA PRO N 908 4.37 81.07 -88.66
C PRO N 908 5.09 80.96 -87.33
N SER N 909 4.36 80.99 -86.20
CA SER N 909 5.01 80.89 -84.91
C SER N 909 5.36 79.44 -84.57
N LEU N 910 4.66 78.48 -85.19
CA LEU N 910 4.97 77.08 -84.91
C LEU N 910 6.13 76.60 -85.76
N VAL N 911 6.44 77.32 -86.85
CA VAL N 911 7.61 77.01 -87.67
C VAL N 911 8.90 77.22 -86.89
N LYS N 912 8.99 78.31 -86.14
CA LYS N 912 10.23 78.63 -85.45
C LYS N 912 10.42 77.79 -84.20
N LYS N 913 9.33 77.21 -83.67
CA LYS N 913 9.47 76.35 -82.50
C LYS N 913 10.07 75.01 -82.89
N ILE N 914 9.71 74.47 -84.05
CA ILE N 914 10.33 73.24 -84.55
C ILE N 914 11.79 73.50 -84.89
N ASN N 915 12.10 74.72 -85.35
CA ASN N 915 13.49 75.10 -85.60
C ASN N 915 14.31 75.17 -84.32
N ASN N 916 13.68 75.51 -83.18
CA ASN N 916 14.41 75.62 -81.92
C ASN N 916 14.83 74.26 -81.38
N ILE N 917 14.08 73.21 -81.70
CA ILE N 917 14.47 71.85 -81.28
C ILE N 917 15.70 71.40 -82.06
N ARG N 918 15.88 71.91 -83.29
CA ARG N 918 17.06 71.57 -84.08
C ARG N 918 18.35 72.12 -83.47
N GLU N 919 18.29 73.31 -82.85
CA GLU N 919 19.45 73.80 -82.11
C GLU N 919 19.70 72.96 -80.85
N ALA N 920 18.65 72.33 -80.32
CA ALA N 920 18.84 71.38 -79.23
C ALA N 920 19.31 70.03 -79.75
N ARG N 921 18.88 69.64 -80.96
CA ARG N 921 19.20 68.31 -81.46
C ARG N 921 20.51 68.25 -82.24
N TYR N 922 20.99 69.38 -82.79
CA TYR N 922 22.26 69.35 -83.51
C TYR N 922 23.44 69.22 -82.57
N GLU N 923 23.29 69.70 -81.34
CA GLU N 923 24.36 69.62 -80.35
C GLU N 923 24.42 68.22 -79.74
#